data_2KKS
#
_entry.id   2KKS
#
_entity_poly.entity_id   1
_entity_poly.type   'polypeptide(L)'
_entity_poly.pdbx_seq_one_letter_code
;MITLTKKQMEEMLAHARQALPNEACGLLGGRRDGDDRWVERVYPLNNLDQSPEHFSMDPREQLTAVKDMRKNGWVMLGNF
HSHPATPARPSAEDKRLAFDPSLSYLIISLAEPQKPVCKSFLIKKDGVDEEEIILKEELEHHHHHH
;
_entity_poly.pdbx_strand_id   A
#
# COMPACT_ATOMS: atom_id res chain seq x y z
N MET A 1 -11.30 -1.64 8.79
CA MET A 1 -11.67 -1.36 7.39
C MET A 1 -10.72 -0.36 6.77
N ILE A 2 -10.45 -0.52 5.47
CA ILE A 2 -9.63 0.44 4.74
C ILE A 2 -10.40 0.94 3.52
N THR A 3 -10.37 2.24 3.31
CA THR A 3 -11.06 2.85 2.19
C THR A 3 -10.10 3.70 1.35
N LEU A 4 -10.13 3.52 0.04
CA LEU A 4 -9.34 4.34 -0.87
C LEU A 4 -10.17 4.68 -2.10
N THR A 5 -9.73 5.67 -2.84
CA THR A 5 -10.50 6.14 -3.99
C THR A 5 -10.04 5.48 -5.28
N LYS A 6 -10.85 5.64 -6.33
CA LYS A 6 -10.51 5.14 -7.65
C LYS A 6 -9.15 5.67 -8.08
N LYS A 7 -8.96 6.96 -7.82
CA LYS A 7 -7.75 7.66 -8.19
C LYS A 7 -6.52 7.06 -7.49
N GLN A 8 -6.70 6.66 -6.22
CA GLN A 8 -5.62 6.01 -5.47
C GLN A 8 -5.32 4.64 -6.05
N MET A 9 -6.37 3.90 -6.41
CA MET A 9 -6.20 2.62 -7.07
C MET A 9 -5.40 2.79 -8.35
N GLU A 10 -5.79 3.80 -9.12
CA GLU A 10 -5.11 4.17 -10.35
C GLU A 10 -3.65 4.53 -10.08
N GLU A 11 -3.40 5.27 -9.00
CA GLU A 11 -2.06 5.66 -8.62
C GLU A 11 -1.20 4.43 -8.28
N MET A 12 -1.78 3.49 -7.54
CA MET A 12 -1.08 2.26 -7.20
C MET A 12 -0.84 1.42 -8.44
N LEU A 13 -1.87 1.32 -9.28
CA LEU A 13 -1.79 0.56 -10.53
C LEU A 13 -0.69 1.12 -11.44
N ALA A 14 -0.63 2.44 -11.54
CA ALA A 14 0.38 3.11 -12.36
C ALA A 14 1.78 2.82 -11.82
N HIS A 15 1.91 2.87 -10.50
CA HIS A 15 3.19 2.61 -9.84
C HIS A 15 3.61 1.17 -10.04
N ALA A 16 2.64 0.27 -10.04
CA ALA A 16 2.89 -1.15 -10.21
C ALA A 16 3.55 -1.43 -11.56
N ARG A 17 2.96 -0.95 -12.64
CA ARG A 17 3.51 -1.17 -13.98
C ARG A 17 4.81 -0.39 -14.14
N GLN A 18 4.86 0.77 -13.49
CA GLN A 18 6.05 1.63 -13.48
C GLN A 18 7.29 0.88 -13.02
N ALA A 19 7.14 0.10 -11.97
CA ALA A 19 8.27 -0.58 -11.35
C ALA A 19 8.72 -1.81 -12.14
N LEU A 20 7.80 -2.40 -12.90
CA LEU A 20 8.07 -3.63 -13.64
C LEU A 20 9.34 -3.51 -14.48
N PRO A 21 10.13 -4.60 -14.58
CA PRO A 21 9.79 -5.91 -14.04
C PRO A 21 10.14 -6.09 -12.57
N ASN A 22 10.51 -4.99 -11.91
CA ASN A 22 10.73 -5.02 -10.47
C ASN A 22 9.39 -4.84 -9.76
N GLU A 23 9.36 -5.15 -8.49
CA GLU A 23 8.11 -5.06 -7.74
C GLU A 23 7.93 -3.63 -7.23
N ALA A 24 6.68 -3.24 -7.02
CA ALA A 24 6.36 -1.86 -6.70
C ALA A 24 6.00 -1.68 -5.23
N CYS A 25 6.85 -0.99 -4.48
CA CYS A 25 6.61 -0.78 -3.06
C CYS A 25 6.39 0.71 -2.78
N GLY A 26 5.91 1.01 -1.57
CA GLY A 26 5.69 2.38 -1.16
C GLY A 26 4.82 2.45 0.07
N LEU A 27 4.32 3.63 0.39
CA LEU A 27 3.49 3.82 1.57
C LEU A 27 2.14 4.41 1.19
N LEU A 28 1.21 4.36 2.12
CA LEU A 28 -0.11 4.96 1.93
C LEU A 28 -0.37 6.01 3.00
N GLY A 29 -0.81 7.18 2.56
CA GLY A 29 -1.02 8.28 3.49
C GLY A 29 -2.44 8.80 3.45
N GLY A 30 -2.88 9.36 4.55
CA GLY A 30 -4.22 9.89 4.64
C GLY A 30 -4.63 10.09 6.08
N ARG A 31 -5.85 9.66 6.42
CA ARG A 31 -6.34 9.78 7.77
C ARG A 31 -6.65 8.42 8.36
N ARG A 32 -6.36 8.25 9.63
CA ARG A 32 -6.68 7.03 10.34
C ARG A 32 -7.49 7.36 11.58
N ASP A 33 -8.68 6.79 11.68
CA ASP A 33 -9.59 7.10 12.78
C ASP A 33 -10.45 5.90 13.10
N GLY A 34 -10.59 5.59 14.38
CA GLY A 34 -11.27 4.38 14.79
C GLY A 34 -10.50 3.16 14.32
N ASP A 35 -9.19 3.35 14.16
CA ASP A 35 -8.28 2.32 13.64
C ASP A 35 -8.44 2.15 12.13
N ASP A 36 -9.57 2.59 11.57
CA ASP A 36 -9.79 2.52 10.13
C ASP A 36 -8.91 3.52 9.42
N ARG A 37 -8.64 3.26 8.15
CA ARG A 37 -7.68 4.05 7.38
C ARG A 37 -8.31 4.49 6.06
N TRP A 38 -8.14 5.77 5.73
CA TRP A 38 -8.61 6.31 4.46
C TRP A 38 -7.44 6.84 3.65
N VAL A 39 -7.18 6.19 2.51
CA VAL A 39 -6.06 6.55 1.67
C VAL A 39 -6.44 7.71 0.75
N GLU A 40 -5.93 8.89 1.07
CA GLU A 40 -6.19 10.07 0.26
C GLU A 40 -5.01 10.41 -0.62
N ARG A 41 -3.88 9.76 -0.35
CA ARG A 41 -2.72 9.91 -1.21
C ARG A 41 -1.84 8.66 -1.17
N VAL A 42 -1.51 8.14 -2.34
CA VAL A 42 -0.54 7.07 -2.46
C VAL A 42 0.87 7.66 -2.45
N TYR A 43 1.77 7.03 -1.74
CA TYR A 43 3.16 7.49 -1.66
C TYR A 43 4.09 6.53 -2.39
N PRO A 44 4.27 6.71 -3.71
CA PRO A 44 5.18 5.90 -4.50
C PRO A 44 6.63 6.23 -4.16
N LEU A 45 7.24 5.42 -3.31
CA LEU A 45 8.60 5.66 -2.85
C LEU A 45 9.61 4.99 -3.78
N ASN A 46 9.09 4.12 -4.63
CA ASN A 46 9.89 3.33 -5.57
C ASN A 46 10.72 2.29 -4.82
N ASN A 47 11.09 1.22 -5.51
CA ASN A 47 11.76 0.10 -4.86
C ASN A 47 13.20 0.45 -4.49
N LEU A 48 13.45 0.66 -3.20
CA LEU A 48 14.80 0.96 -2.70
C LEU A 48 15.69 -0.27 -2.68
N ASP A 49 15.14 -1.43 -3.01
CA ASP A 49 15.94 -2.65 -3.06
C ASP A 49 16.39 -2.91 -4.50
N GLN A 50 16.83 -4.12 -4.78
CA GLN A 50 17.22 -4.51 -6.13
C GLN A 50 16.52 -5.81 -6.50
N SER A 51 15.62 -6.23 -5.61
CA SER A 51 14.90 -7.48 -5.78
C SER A 51 13.69 -7.29 -6.70
N PRO A 52 13.35 -8.32 -7.50
CA PRO A 52 12.20 -8.28 -8.39
C PRO A 52 10.90 -8.70 -7.71
N GLU A 53 10.99 -9.57 -6.72
CA GLU A 53 9.79 -10.08 -6.04
C GLU A 53 9.75 -9.64 -4.58
N HIS A 54 10.92 -9.49 -3.97
CA HIS A 54 10.99 -8.99 -2.60
C HIS A 54 11.08 -7.47 -2.60
N PHE A 55 10.57 -6.87 -1.55
CA PHE A 55 10.49 -5.41 -1.47
C PHE A 55 11.45 -4.88 -0.42
N SER A 56 11.64 -3.58 -0.45
CA SER A 56 12.35 -2.89 0.61
C SER A 56 11.33 -2.07 1.39
N MET A 57 11.73 -1.58 2.55
CA MET A 57 10.84 -0.75 3.33
C MET A 57 11.17 0.71 3.07
N ASP A 58 12.04 0.91 2.08
CA ASP A 58 12.44 2.23 1.59
C ASP A 58 12.81 3.16 2.75
N PRO A 59 13.96 2.89 3.41
CA PRO A 59 14.35 3.55 4.66
C PRO A 59 14.43 5.08 4.56
N ARG A 60 15.15 5.58 3.56
CA ARG A 60 15.32 7.02 3.40
C ARG A 60 13.99 7.66 3.03
N GLU A 61 13.26 6.97 2.18
CA GLU A 61 11.96 7.41 1.69
C GLU A 61 10.95 7.52 2.83
N GLN A 62 11.08 6.66 3.84
CA GLN A 62 10.24 6.73 5.03
C GLN A 62 10.31 8.12 5.64
N LEU A 63 11.53 8.60 5.80
CA LEU A 63 11.77 9.89 6.43
C LEU A 63 11.19 11.01 5.58
N THR A 64 11.25 10.83 4.28
CA THR A 64 10.67 11.78 3.33
C THR A 64 9.14 11.77 3.43
N ALA A 65 8.57 10.57 3.47
CA ALA A 65 7.12 10.42 3.51
C ALA A 65 6.52 10.99 4.79
N VAL A 66 7.14 10.69 5.92
CA VAL A 66 6.66 11.20 7.20
C VAL A 66 6.78 12.72 7.25
N LYS A 67 7.84 13.23 6.61
CA LYS A 67 8.08 14.66 6.54
C LYS A 67 6.97 15.34 5.73
N ASP A 68 6.48 14.63 4.72
CA ASP A 68 5.40 15.13 3.87
C ASP A 68 4.09 15.16 4.65
N MET A 69 3.81 14.06 5.33
CA MET A 69 2.60 13.91 6.14
C MET A 69 2.51 14.99 7.21
N ARG A 70 3.66 15.43 7.70
CA ARG A 70 3.69 16.48 8.72
C ARG A 70 3.38 17.85 8.11
N LYS A 71 3.64 17.99 6.82
CA LYS A 71 3.37 19.24 6.13
C LYS A 71 1.86 19.41 5.90
N ASN A 72 1.20 18.32 5.53
CA ASN A 72 -0.21 18.39 5.16
C ASN A 72 -1.14 18.04 6.33
N GLY A 73 -0.59 17.35 7.33
CA GLY A 73 -1.37 17.03 8.51
C GLY A 73 -1.98 15.64 8.47
N TRP A 74 -1.42 14.78 7.63
CA TRP A 74 -1.91 13.41 7.51
C TRP A 74 -1.03 12.44 8.30
N VAL A 75 -1.43 11.18 8.32
CA VAL A 75 -0.72 10.15 9.08
C VAL A 75 -0.41 8.94 8.21
N MET A 76 0.42 8.04 8.74
CA MET A 76 0.82 6.84 8.02
C MET A 76 -0.21 5.74 8.23
N LEU A 77 -0.77 5.24 7.13
CA LEU A 77 -1.79 4.20 7.22
C LEU A 77 -1.15 2.82 7.12
N GLY A 78 -0.15 2.72 6.27
CA GLY A 78 0.52 1.46 6.05
C GLY A 78 1.36 1.48 4.80
N ASN A 79 1.65 0.32 4.24
CA ASN A 79 2.46 0.25 3.04
C ASN A 79 1.85 -0.73 2.05
N PHE A 80 2.41 -0.73 0.85
CA PHE A 80 1.95 -1.62 -0.20
C PHE A 80 3.12 -2.06 -1.06
N HIS A 81 3.05 -3.27 -1.57
CA HIS A 81 4.04 -3.74 -2.53
C HIS A 81 3.40 -4.76 -3.46
N SER A 82 3.67 -4.59 -4.75
CA SER A 82 2.99 -5.37 -5.77
C SER A 82 3.96 -6.28 -6.51
N HIS A 83 3.54 -7.50 -6.75
CA HIS A 83 4.37 -8.47 -7.46
C HIS A 83 4.25 -8.28 -8.96
N PRO A 84 5.35 -8.47 -9.71
CA PRO A 84 5.40 -8.19 -11.15
C PRO A 84 4.33 -8.92 -11.97
N ALA A 85 4.30 -10.23 -11.86
CA ALA A 85 3.29 -11.03 -12.56
C ALA A 85 2.87 -12.20 -11.71
N THR A 86 3.16 -12.10 -10.43
CA THR A 86 2.85 -13.15 -9.47
C THR A 86 1.68 -12.73 -8.58
N PRO A 87 1.01 -13.70 -7.92
CA PRO A 87 -0.21 -13.43 -7.15
C PRO A 87 0.03 -12.64 -5.86
N ALA A 88 -1.05 -12.42 -5.12
CA ALA A 88 -1.02 -11.65 -3.89
C ALA A 88 -0.65 -12.54 -2.70
N ARG A 89 -0.90 -12.03 -1.49
CA ARG A 89 -0.55 -12.70 -0.24
C ARG A 89 0.95 -12.64 0.02
N PRO A 90 1.35 -12.51 1.29
CA PRO A 90 2.76 -12.50 1.67
C PRO A 90 3.36 -13.91 1.68
N SER A 91 4.52 -14.05 1.08
CA SER A 91 5.19 -15.34 1.03
C SER A 91 6.00 -15.54 2.31
N ALA A 92 6.54 -16.74 2.51
CA ALA A 92 7.23 -17.07 3.75
C ALA A 92 8.42 -16.16 4.01
N GLU A 93 9.28 -15.99 3.00
CA GLU A 93 10.44 -15.11 3.13
C GLU A 93 10.01 -13.66 3.05
N ASP A 94 8.99 -13.40 2.25
CA ASP A 94 8.46 -12.05 2.06
C ASP A 94 7.93 -11.49 3.38
N LYS A 95 7.26 -12.34 4.14
CA LYS A 95 6.67 -11.95 5.41
C LYS A 95 7.77 -11.69 6.47
N ARG A 96 8.90 -12.38 6.32
CA ARG A 96 10.01 -12.23 7.27
C ARG A 96 10.61 -10.81 7.20
N LEU A 97 10.31 -10.10 6.12
CA LEU A 97 10.80 -8.74 5.93
C LEU A 97 9.99 -7.75 6.76
N ALA A 98 8.93 -8.23 7.41
CA ALA A 98 8.09 -7.39 8.24
C ALA A 98 8.71 -7.23 9.62
N PHE A 99 9.39 -6.11 9.81
CA PHE A 99 9.99 -5.79 11.09
C PHE A 99 9.09 -4.86 11.91
N ASP A 100 7.80 -5.00 11.67
CA ASP A 100 6.79 -4.19 12.33
C ASP A 100 5.93 -5.08 13.23
N PRO A 101 5.12 -4.48 14.12
CA PRO A 101 4.24 -5.24 15.01
C PRO A 101 3.02 -5.84 14.29
N SER A 102 2.24 -4.99 13.63
CA SER A 102 1.01 -5.40 12.97
C SER A 102 0.49 -4.31 12.05
N LEU A 103 1.34 -3.85 11.15
CA LEU A 103 0.94 -2.80 10.22
C LEU A 103 0.15 -3.37 9.04
N SER A 104 -0.31 -2.48 8.17
CA SER A 104 -1.09 -2.88 7.01
C SER A 104 -0.20 -3.03 5.78
N TYR A 105 -0.13 -4.24 5.26
CA TYR A 105 0.65 -4.52 4.07
C TYR A 105 -0.28 -4.88 2.91
N LEU A 106 -0.39 -3.98 1.95
CA LEU A 106 -1.19 -4.24 0.77
C LEU A 106 -0.34 -4.91 -0.30
N ILE A 107 -0.75 -6.10 -0.72
CA ILE A 107 -0.06 -6.80 -1.78
C ILE A 107 -0.96 -6.87 -3.00
N ILE A 108 -0.48 -6.33 -4.11
CA ILE A 108 -1.25 -6.31 -5.35
C ILE A 108 -0.72 -7.36 -6.32
N SER A 109 -1.64 -8.10 -6.90
CA SER A 109 -1.28 -9.12 -7.88
C SER A 109 -1.39 -8.54 -9.28
N LEU A 110 -0.24 -8.38 -9.94
CA LEU A 110 -0.20 -7.83 -11.29
C LEU A 110 -0.05 -8.95 -12.30
N ALA A 111 -0.49 -10.15 -11.93
CA ALA A 111 -0.48 -11.29 -12.82
C ALA A 111 -1.24 -10.97 -14.11
N GLU A 112 -2.32 -10.20 -13.96
CA GLU A 112 -3.05 -9.69 -15.09
C GLU A 112 -3.56 -8.29 -14.77
N PRO A 113 -3.53 -7.36 -15.74
CA PRO A 113 -4.04 -6.01 -15.54
C PRO A 113 -5.56 -5.96 -15.65
N GLN A 114 -6.12 -7.02 -16.18
CA GLN A 114 -7.57 -7.14 -16.34
C GLN A 114 -8.21 -7.45 -14.99
N LYS A 115 -7.46 -8.13 -14.13
CA LYS A 115 -7.93 -8.46 -12.80
C LYS A 115 -6.77 -8.47 -11.81
N PRO A 116 -6.32 -7.29 -11.38
CA PRO A 116 -5.28 -7.14 -10.37
C PRO A 116 -5.86 -7.25 -8.97
N VAL A 117 -5.55 -8.33 -8.29
CA VAL A 117 -6.10 -8.56 -6.96
C VAL A 117 -5.48 -7.59 -5.97
N CYS A 118 -6.32 -6.77 -5.35
CA CYS A 118 -5.86 -5.81 -4.36
C CYS A 118 -6.48 -6.14 -3.00
N LYS A 119 -5.64 -6.47 -2.02
CA LYS A 119 -6.10 -6.71 -0.66
C LYS A 119 -5.16 -6.06 0.34
N SER A 120 -5.62 -5.93 1.55
CA SER A 120 -4.81 -5.38 2.62
C SER A 120 -4.57 -6.46 3.67
N PHE A 121 -3.33 -6.80 3.90
CA PHE A 121 -3.01 -7.86 4.86
C PHE A 121 -2.39 -7.28 6.11
N LEU A 122 -2.92 -7.68 7.25
CA LEU A 122 -2.38 -7.28 8.53
C LEU A 122 -1.43 -8.36 9.04
N ILE A 123 -0.15 -8.05 9.06
CA ILE A 123 0.85 -9.01 9.51
C ILE A 123 0.99 -8.91 11.01
N LYS A 124 0.48 -9.91 11.70
CA LYS A 124 0.50 -9.94 13.16
C LYS A 124 1.43 -11.04 13.63
N LYS A 125 1.69 -11.07 14.92
CA LYS A 125 2.49 -12.11 15.54
C LYS A 125 1.83 -13.46 15.32
N ASP A 126 0.57 -13.52 15.69
CA ASP A 126 -0.22 -14.75 15.63
C ASP A 126 -0.47 -15.21 14.19
N GLY A 127 -0.29 -14.33 13.23
CA GLY A 127 -0.49 -14.70 11.84
C GLY A 127 -0.88 -13.52 10.98
N VAL A 128 -1.35 -13.79 9.77
CA VAL A 128 -1.75 -12.74 8.85
C VAL A 128 -3.27 -12.66 8.75
N ASP A 129 -3.80 -11.46 8.83
CA ASP A 129 -5.25 -11.25 8.81
C ASP A 129 -5.62 -10.39 7.60
N GLU A 130 -6.79 -10.63 7.03
CA GLU A 130 -7.19 -9.92 5.83
C GLU A 130 -8.11 -8.75 6.15
N GLU A 131 -7.75 -7.60 5.61
CA GLU A 131 -8.57 -6.40 5.68
C GLU A 131 -9.16 -6.14 4.31
N GLU A 132 -10.45 -5.87 4.25
CA GLU A 132 -11.12 -5.69 2.97
C GLU A 132 -11.10 -4.22 2.56
N ILE A 133 -11.00 -4.00 1.26
CA ILE A 133 -10.87 -2.65 0.72
C ILE A 133 -12.19 -2.12 0.19
N ILE A 134 -12.62 -0.98 0.73
CA ILE A 134 -13.81 -0.30 0.26
C ILE A 134 -13.41 0.90 -0.59
N LEU A 135 -14.08 1.11 -1.71
CA LEU A 135 -13.73 2.18 -2.63
C LEU A 135 -14.53 3.45 -2.35
N LYS A 136 -13.91 4.60 -2.60
CA LYS A 136 -14.57 5.88 -2.49
C LYS A 136 -14.51 6.60 -3.84
N GLU A 137 -15.63 7.17 -4.25
CA GLU A 137 -15.76 7.78 -5.56
C GLU A 137 -15.04 9.10 -5.63
N GLU A 138 -14.89 9.71 -4.48
CA GLU A 138 -14.34 11.07 -4.38
C GLU A 138 -13.31 11.15 -3.27
N LEU A 139 -12.40 12.11 -3.35
CA LEU A 139 -11.43 12.34 -2.29
C LEU A 139 -12.13 12.90 -1.06
N GLU A 140 -11.43 12.91 0.06
CA GLU A 140 -12.00 13.40 1.31
C GLU A 140 -12.06 14.93 1.32
N HIS A 141 -12.75 15.49 0.33
CA HIS A 141 -13.02 16.93 0.25
C HIS A 141 -11.73 17.74 0.18
N HIS A 142 -10.80 17.26 -0.65
CA HIS A 142 -9.53 17.94 -0.91
C HIS A 142 -8.65 17.92 0.34
N HIS A 143 -7.59 18.74 0.35
CA HIS A 143 -6.65 18.75 1.47
C HIS A 143 -7.34 19.18 2.77
N HIS A 144 -8.36 20.01 2.62
CA HIS A 144 -9.22 20.44 3.75
C HIS A 144 -8.44 21.17 4.84
N HIS A 145 -8.51 22.49 4.82
CA HIS A 145 -7.85 23.31 5.83
C HIS A 145 -8.36 24.75 5.75
N HIS A 146 -8.94 25.23 6.83
CA HIS A 146 -9.45 26.60 6.87
C HIS A 146 -8.43 27.52 7.52
N MET A 1 -11.73 -1.69 8.32
CA MET A 1 -11.64 -1.67 6.84
C MET A 1 -10.81 -0.49 6.38
N ILE A 2 -10.33 -0.54 5.15
CA ILE A 2 -9.57 0.55 4.58
C ILE A 2 -10.36 1.21 3.45
N THR A 3 -10.31 2.52 3.37
CA THR A 3 -11.05 3.26 2.37
C THR A 3 -10.13 4.09 1.49
N LEU A 4 -10.16 3.82 0.20
CA LEU A 4 -9.41 4.58 -0.79
C LEU A 4 -10.18 4.61 -2.10
N THR A 5 -9.79 5.48 -3.01
CA THR A 5 -10.52 5.65 -4.23
C THR A 5 -9.97 4.72 -5.31
N LYS A 6 -10.80 4.43 -6.32
CA LYS A 6 -10.38 3.61 -7.44
C LYS A 6 -9.14 4.19 -8.09
N LYS A 7 -9.15 5.51 -8.20
CA LYS A 7 -8.03 6.26 -8.73
C LYS A 7 -6.74 5.96 -7.98
N GLN A 8 -6.81 6.02 -6.66
CA GLN A 8 -5.63 5.75 -5.82
C GLN A 8 -5.14 4.32 -6.03
N MET A 9 -6.07 3.38 -6.22
CA MET A 9 -5.71 2.00 -6.53
C MET A 9 -5.05 1.93 -7.90
N GLU A 10 -5.67 2.58 -8.87
CA GLU A 10 -5.15 2.64 -10.23
C GLU A 10 -3.76 3.27 -10.27
N GLU A 11 -3.56 4.28 -9.43
CA GLU A 11 -2.27 4.93 -9.29
C GLU A 11 -1.21 3.93 -8.80
N MET A 12 -1.59 3.09 -7.86
CA MET A 12 -0.70 2.04 -7.37
C MET A 12 -0.47 0.99 -8.45
N LEU A 13 -1.53 0.66 -9.19
CA LEU A 13 -1.46 -0.31 -10.27
C LEU A 13 -0.50 0.16 -11.37
N ALA A 14 -0.60 1.43 -11.73
CA ALA A 14 0.28 2.00 -12.76
C ALA A 14 1.72 1.99 -12.29
N HIS A 15 1.93 2.26 -11.01
CA HIS A 15 3.27 2.22 -10.45
C HIS A 15 3.78 0.78 -10.39
N ALA A 16 2.86 -0.15 -10.16
CA ALA A 16 3.19 -1.57 -10.13
C ALA A 16 3.63 -2.05 -11.51
N ARG A 17 2.84 -1.73 -12.53
CA ARG A 17 3.15 -2.14 -13.91
C ARG A 17 4.49 -1.53 -14.34
N GLN A 18 4.77 -0.34 -13.82
CA GLN A 18 6.02 0.36 -14.08
C GLN A 18 7.22 -0.41 -13.51
N ALA A 19 7.07 -0.88 -12.28
CA ALA A 19 8.18 -1.49 -11.55
C ALA A 19 8.36 -2.97 -11.88
N LEU A 20 7.42 -3.55 -12.64
CA LEU A 20 7.50 -4.94 -13.05
C LEU A 20 8.83 -5.22 -13.76
N PRO A 21 9.42 -6.41 -13.54
CA PRO A 21 8.85 -7.46 -12.71
C PRO A 21 9.40 -7.45 -11.28
N ASN A 22 9.73 -6.27 -10.77
CA ASN A 22 10.14 -6.13 -9.39
C ASN A 22 8.91 -5.94 -8.51
N GLU A 23 9.09 -6.04 -7.21
CA GLU A 23 7.95 -5.92 -6.29
C GLU A 23 7.67 -4.46 -5.98
N ALA A 24 6.79 -3.87 -6.78
CA ALA A 24 6.40 -2.47 -6.61
C ALA A 24 5.84 -2.22 -5.22
N CYS A 25 6.47 -1.30 -4.49
CA CYS A 25 6.07 -0.99 -3.13
C CYS A 25 6.06 0.52 -2.91
N GLY A 26 5.47 0.94 -1.80
CA GLY A 26 5.41 2.35 -1.47
C GLY A 26 4.80 2.55 -0.10
N LEU A 27 4.40 3.78 0.21
CA LEU A 27 3.81 4.08 1.50
C LEU A 27 2.43 4.69 1.33
N LEU A 28 1.58 4.53 2.33
CA LEU A 28 0.23 5.07 2.29
C LEU A 28 -0.03 5.97 3.49
N GLY A 29 -0.47 7.19 3.22
CA GLY A 29 -0.76 8.12 4.30
C GLY A 29 -2.15 8.70 4.19
N GLY A 30 -2.71 9.09 5.31
CA GLY A 30 -4.03 9.68 5.32
C GLY A 30 -4.56 9.85 6.72
N ARG A 31 -5.81 9.45 6.93
CA ARG A 31 -6.46 9.61 8.22
C ARG A 31 -6.64 8.25 8.88
N ARG A 32 -6.36 8.17 10.16
CA ARG A 32 -6.54 6.93 10.89
C ARG A 32 -7.46 7.15 12.08
N ASP A 33 -8.43 6.26 12.21
CA ASP A 33 -9.31 6.26 13.37
C ASP A 33 -8.80 5.22 14.34
N GLY A 34 -9.69 4.65 15.16
CA GLY A 34 -9.29 3.57 16.06
C GLY A 34 -8.41 2.54 15.36
N ASP A 35 -8.93 2.01 14.26
CA ASP A 35 -8.15 1.15 13.38
C ASP A 35 -8.51 1.40 11.92
N ASP A 36 -9.45 2.31 11.68
CA ASP A 36 -9.90 2.60 10.33
C ASP A 36 -8.82 3.36 9.57
N ARG A 37 -8.77 3.15 8.27
CA ARG A 37 -7.72 3.71 7.43
C ARG A 37 -8.32 4.43 6.23
N TRP A 38 -8.10 5.74 6.13
CA TRP A 38 -8.57 6.51 4.97
C TRP A 38 -7.38 7.09 4.21
N VAL A 39 -7.21 6.64 2.97
CA VAL A 39 -6.06 7.05 2.17
C VAL A 39 -6.34 8.31 1.37
N GLU A 40 -5.67 9.40 1.73
CA GLU A 40 -5.74 10.64 0.97
C GLU A 40 -4.48 10.83 0.13
N ARG A 41 -3.37 10.28 0.61
CA ARG A 41 -2.09 10.48 -0.05
C ARG A 41 -1.34 9.17 -0.22
N VAL A 42 -0.87 8.93 -1.44
CA VAL A 42 -0.05 7.77 -1.73
C VAL A 42 1.39 8.20 -1.95
N TYR A 43 2.32 7.49 -1.34
CA TYR A 43 3.75 7.79 -1.49
C TYR A 43 4.43 6.67 -2.27
N PRO A 44 4.42 6.76 -3.62
CA PRO A 44 5.01 5.75 -4.48
C PRO A 44 6.53 5.72 -4.37
N LEU A 45 7.07 4.65 -3.78
CA LEU A 45 8.49 4.51 -3.60
C LEU A 45 9.14 3.76 -4.76
N ASN A 46 10.45 3.70 -4.76
CA ASN A 46 11.19 3.05 -5.83
C ASN A 46 11.88 1.79 -5.33
N ASN A 47 12.23 0.90 -6.23
CA ASN A 47 12.90 -0.35 -5.89
C ASN A 47 14.40 -0.14 -5.73
N LEU A 48 14.87 -0.27 -4.49
CA LEU A 48 16.30 -0.20 -4.21
C LEU A 48 17.01 -1.49 -4.63
N ASP A 49 16.56 -2.61 -4.07
CA ASP A 49 17.13 -3.92 -4.38
C ASP A 49 16.24 -4.65 -5.36
N GLN A 50 16.77 -4.92 -6.56
CA GLN A 50 15.95 -5.50 -7.62
C GLN A 50 15.67 -6.97 -7.36
N SER A 51 14.55 -7.22 -6.71
CA SER A 51 14.10 -8.56 -6.43
C SER A 51 12.67 -8.75 -6.98
N PRO A 52 12.18 -9.99 -7.04
CA PRO A 52 10.78 -10.25 -7.32
C PRO A 52 9.95 -10.53 -6.06
N GLU A 53 10.59 -10.38 -4.90
CA GLU A 53 9.99 -10.81 -3.63
C GLU A 53 10.31 -9.83 -2.49
N HIS A 54 11.59 -9.60 -2.24
CA HIS A 54 12.01 -8.77 -1.10
C HIS A 54 12.16 -7.32 -1.51
N PHE A 55 11.63 -6.44 -0.69
CA PHE A 55 11.59 -5.02 -1.02
C PHE A 55 12.41 -4.20 -0.02
N SER A 56 12.98 -3.12 -0.51
CA SER A 56 13.73 -2.20 0.33
C SER A 56 13.30 -0.77 0.02
N MET A 57 13.05 0.00 1.06
CA MET A 57 12.66 1.40 0.88
C MET A 57 13.84 2.31 1.18
N ASP A 58 13.88 3.47 0.52
CA ASP A 58 14.96 4.43 0.71
C ASP A 58 14.73 5.22 2.01
N PRO A 59 15.81 5.48 2.76
CA PRO A 59 15.70 6.20 4.04
C PRO A 59 15.54 7.71 3.88
N ARG A 60 16.10 8.25 2.80
CA ARG A 60 16.10 9.69 2.58
C ARG A 60 14.71 10.15 2.12
N GLU A 61 14.16 9.40 1.16
CA GLU A 61 12.82 9.70 0.66
C GLU A 61 11.78 9.43 1.74
N GLN A 62 12.02 8.41 2.55
CA GLN A 62 11.13 8.04 3.63
C GLN A 62 11.08 9.13 4.69
N LEU A 63 12.25 9.67 5.04
CA LEU A 63 12.34 10.72 6.05
C LEU A 63 11.51 11.92 5.64
N THR A 64 11.66 12.34 4.39
CA THR A 64 10.91 13.46 3.85
C THR A 64 9.42 13.12 3.77
N ALA A 65 9.11 11.89 3.38
CA ALA A 65 7.73 11.44 3.29
C ALA A 65 7.03 11.50 4.64
N VAL A 66 7.72 11.05 5.68
CA VAL A 66 7.18 11.08 7.04
C VAL A 66 6.95 12.52 7.49
N LYS A 67 7.93 13.37 7.21
CA LYS A 67 7.85 14.78 7.57
C LYS A 67 6.73 15.47 6.80
N ASP A 68 6.61 15.12 5.52
CA ASP A 68 5.59 15.70 4.64
C ASP A 68 4.20 15.32 5.13
N MET A 69 4.05 14.05 5.41
CA MET A 69 2.79 13.49 5.90
C MET A 69 2.38 14.17 7.20
N ARG A 70 3.32 14.24 8.13
CA ARG A 70 3.08 14.89 9.42
C ARG A 70 2.76 16.36 9.24
N LYS A 71 3.46 17.00 8.32
CA LYS A 71 3.32 18.45 8.07
C LYS A 71 1.88 18.80 7.68
N ASN A 72 1.26 17.95 6.88
CA ASN A 72 -0.11 18.20 6.42
C ASN A 72 -1.12 17.74 7.48
N GLY A 73 -0.67 16.87 8.37
CA GLY A 73 -1.54 16.38 9.42
C GLY A 73 -2.03 14.96 9.16
N TRP A 74 -1.33 14.25 8.29
CA TRP A 74 -1.67 12.87 7.98
C TRP A 74 -0.84 11.91 8.82
N VAL A 75 -1.23 10.64 8.80
CA VAL A 75 -0.48 9.58 9.47
C VAL A 75 -0.26 8.42 8.53
N MET A 76 0.75 7.60 8.81
CA MET A 76 1.05 6.45 7.97
C MET A 76 0.05 5.33 8.24
N LEU A 77 -0.66 4.93 7.20
CA LEU A 77 -1.65 3.89 7.32
C LEU A 77 -1.00 2.52 7.11
N GLY A 78 0.04 2.51 6.30
CA GLY A 78 0.74 1.28 6.00
C GLY A 78 1.50 1.38 4.71
N ASN A 79 1.53 0.30 3.95
CA ASN A 79 2.25 0.27 2.68
C ASN A 79 1.60 -0.72 1.73
N PHE A 80 2.11 -0.74 0.50
CA PHE A 80 1.60 -1.67 -0.49
C PHE A 80 2.75 -2.44 -1.12
N HIS A 81 2.51 -3.71 -1.41
CA HIS A 81 3.51 -4.61 -1.95
C HIS A 81 2.90 -5.42 -3.08
N SER A 82 3.59 -5.48 -4.19
CA SER A 82 3.06 -6.12 -5.39
C SER A 82 3.85 -7.36 -5.75
N HIS A 83 3.22 -8.27 -6.46
CA HIS A 83 3.89 -9.45 -6.98
C HIS A 83 3.64 -9.57 -8.49
N PRO A 84 4.67 -10.00 -9.24
CA PRO A 84 4.59 -10.08 -10.71
C PRO A 84 3.65 -11.17 -11.23
N ALA A 85 3.87 -12.41 -10.81
CA ALA A 85 3.13 -13.54 -11.37
C ALA A 85 2.60 -14.43 -10.26
N THR A 86 2.23 -13.83 -9.16
CA THR A 86 1.73 -14.58 -8.01
C THR A 86 0.52 -13.88 -7.40
N PRO A 87 -0.35 -14.65 -6.72
CA PRO A 87 -1.59 -14.13 -6.15
C PRO A 87 -1.37 -13.13 -5.02
N ALA A 88 -2.43 -12.43 -4.64
CA ALA A 88 -2.37 -11.47 -3.56
C ALA A 88 -2.49 -12.16 -2.21
N ARG A 89 -1.40 -12.77 -1.79
CA ARG A 89 -1.32 -13.44 -0.49
C ARG A 89 0.10 -13.32 0.05
N PRO A 90 0.25 -13.17 1.37
CA PRO A 90 1.55 -13.08 2.01
C PRO A 90 2.26 -14.42 2.05
N SER A 91 3.30 -14.57 1.24
CA SER A 91 4.08 -15.79 1.22
C SER A 91 5.04 -15.80 2.41
N ALA A 92 5.76 -16.90 2.60
CA ALA A 92 6.73 -17.01 3.70
C ALA A 92 7.74 -15.87 3.64
N GLU A 93 8.07 -15.44 2.43
CA GLU A 93 8.99 -14.32 2.22
C GLU A 93 8.38 -13.03 2.77
N ASP A 94 7.12 -12.79 2.42
CA ASP A 94 6.42 -11.57 2.84
C ASP A 94 6.15 -11.61 4.34
N LYS A 95 5.87 -12.82 4.84
CA LYS A 95 5.60 -13.03 6.27
C LYS A 95 6.78 -12.60 7.12
N ARG A 96 7.99 -12.86 6.62
CA ARG A 96 9.21 -12.50 7.34
C ARG A 96 9.49 -11.00 7.23
N LEU A 97 8.87 -10.36 6.26
CA LEU A 97 9.06 -8.94 6.03
C LEU A 97 8.04 -8.11 6.82
N ALA A 98 7.18 -8.80 7.57
CA ALA A 98 6.21 -8.15 8.42
C ALA A 98 6.84 -7.78 9.75
N PHE A 99 7.31 -6.55 9.85
CA PHE A 99 8.03 -6.11 11.04
C PHE A 99 7.16 -5.26 11.97
N ASP A 100 6.10 -4.67 11.43
CA ASP A 100 5.29 -3.73 12.21
C ASP A 100 3.81 -4.00 12.02
N PRO A 101 3.23 -4.85 12.88
CA PRO A 101 1.82 -5.28 12.80
C PRO A 101 0.80 -4.13 12.90
N SER A 102 1.27 -2.91 13.13
CA SER A 102 0.38 -1.76 13.20
C SER A 102 0.14 -1.19 11.81
N LEU A 103 1.00 -1.56 10.88
CA LEU A 103 0.90 -1.10 9.51
C LEU A 103 0.05 -2.05 8.69
N SER A 104 -0.65 -1.52 7.70
CA SER A 104 -1.44 -2.33 6.79
C SER A 104 -0.59 -2.77 5.61
N TYR A 105 -0.70 -4.03 5.22
CA TYR A 105 0.06 -4.56 4.11
C TYR A 105 -0.87 -4.83 2.92
N LEU A 106 -0.97 -3.86 2.01
CA LEU A 106 -1.77 -4.05 0.82
C LEU A 106 -0.98 -4.81 -0.23
N ILE A 107 -1.59 -5.81 -0.83
CA ILE A 107 -0.89 -6.64 -1.80
C ILE A 107 -1.57 -6.57 -3.17
N ILE A 108 -0.76 -6.29 -4.19
CA ILE A 108 -1.25 -6.20 -5.55
C ILE A 108 -0.78 -7.40 -6.37
N SER A 109 -1.72 -8.08 -7.01
CA SER A 109 -1.41 -9.24 -7.83
C SER A 109 -1.61 -8.94 -9.30
N LEU A 110 -0.56 -9.13 -10.10
CA LEU A 110 -0.65 -8.94 -11.53
C LEU A 110 -0.76 -10.29 -12.25
N ALA A 111 -1.12 -11.32 -11.48
CA ALA A 111 -1.24 -12.68 -12.02
C ALA A 111 -2.40 -12.79 -13.02
N GLU A 112 -3.34 -11.86 -12.92
CA GLU A 112 -4.47 -11.80 -13.83
C GLU A 112 -4.55 -10.41 -14.45
N PRO A 113 -3.86 -10.20 -15.57
CA PRO A 113 -3.71 -8.87 -16.20
C PRO A 113 -5.03 -8.23 -16.60
N GLN A 114 -6.06 -9.04 -16.74
CA GLN A 114 -7.37 -8.53 -17.09
C GLN A 114 -8.13 -8.06 -15.85
N LYS A 115 -7.74 -8.58 -14.70
CA LYS A 115 -8.41 -8.27 -13.45
C LYS A 115 -7.41 -8.21 -12.30
N PRO A 116 -6.65 -7.11 -12.19
CA PRO A 116 -5.64 -6.95 -11.14
C PRO A 116 -6.27 -6.97 -9.75
N VAL A 117 -5.80 -7.88 -8.91
CA VAL A 117 -6.37 -8.03 -7.58
C VAL A 117 -5.57 -7.22 -6.56
N CYS A 118 -6.24 -6.32 -5.88
CA CYS A 118 -5.63 -5.58 -4.80
C CYS A 118 -6.34 -5.91 -3.48
N LYS A 119 -5.61 -6.48 -2.54
CA LYS A 119 -6.17 -6.80 -1.24
C LYS A 119 -5.37 -6.13 -0.14
N SER A 120 -5.92 -6.13 1.05
CA SER A 120 -5.25 -5.55 2.20
C SER A 120 -5.16 -6.59 3.31
N PHE A 121 -3.95 -6.90 3.72
CA PHE A 121 -3.74 -7.88 4.77
C PHE A 121 -3.10 -7.25 6.00
N LEU A 122 -3.66 -7.57 7.14
CA LEU A 122 -3.12 -7.12 8.40
C LEU A 122 -2.35 -8.25 9.06
N ILE A 123 -1.04 -8.16 9.04
CA ILE A 123 -0.21 -9.21 9.61
C ILE A 123 0.08 -8.89 11.08
N LYS A 124 -0.52 -9.64 11.96
CA LYS A 124 -0.37 -9.42 13.38
C LYS A 124 0.62 -10.42 13.98
N LYS A 125 0.71 -10.43 15.30
CA LYS A 125 1.61 -11.34 15.98
C LYS A 125 1.20 -12.79 15.74
N ASP A 126 -0.05 -13.09 16.04
CA ASP A 126 -0.58 -14.44 15.90
C ASP A 126 -0.65 -14.87 14.44
N GLY A 127 -1.43 -14.15 13.64
CA GLY A 127 -1.61 -14.51 12.25
C GLY A 127 -1.98 -13.32 11.39
N VAL A 128 -2.33 -13.60 10.14
CA VAL A 128 -2.69 -12.55 9.21
C VAL A 128 -4.21 -12.45 9.05
N ASP A 129 -4.73 -11.24 9.15
CA ASP A 129 -6.15 -11.00 9.00
C ASP A 129 -6.42 -10.25 7.71
N GLU A 130 -7.29 -10.79 6.88
CA GLU A 130 -7.60 -10.17 5.61
C GLU A 130 -8.62 -9.04 5.80
N GLU A 131 -8.34 -7.92 5.18
CA GLU A 131 -9.19 -6.75 5.29
C GLU A 131 -9.75 -6.38 3.91
N GLU A 132 -10.95 -5.79 3.89
CA GLU A 132 -11.60 -5.46 2.65
C GLU A 132 -11.46 -3.96 2.36
N ILE A 133 -11.36 -3.63 1.09
CA ILE A 133 -11.16 -2.25 0.67
C ILE A 133 -12.49 -1.63 0.25
N ILE A 134 -12.73 -0.41 0.71
CA ILE A 134 -13.90 0.33 0.29
C ILE A 134 -13.51 1.32 -0.80
N LEU A 135 -14.00 1.07 -2.01
CA LEU A 135 -13.60 1.85 -3.17
C LEU A 135 -14.59 2.96 -3.47
N LYS A 136 -14.11 4.19 -3.38
CA LYS A 136 -14.91 5.34 -3.77
C LYS A 136 -14.56 5.73 -5.21
N GLU A 137 -15.47 6.44 -5.85
CA GLU A 137 -15.27 6.82 -7.24
C GLU A 137 -14.52 8.13 -7.33
N GLU A 138 -14.66 8.93 -6.29
CA GLU A 138 -14.05 10.24 -6.22
C GLU A 138 -13.42 10.45 -4.84
N LEU A 139 -12.71 11.56 -4.68
CA LEU A 139 -12.12 11.90 -3.39
C LEU A 139 -13.18 12.54 -2.49
N GLU A 140 -12.76 13.07 -1.35
CA GLU A 140 -13.69 13.70 -0.42
C GLU A 140 -14.23 14.99 -1.03
N HIS A 141 -15.56 15.06 -1.15
CA HIS A 141 -16.22 16.23 -1.71
C HIS A 141 -17.66 16.28 -1.22
N HIS A 142 -18.36 17.36 -1.55
CA HIS A 142 -19.76 17.51 -1.18
C HIS A 142 -20.59 16.38 -1.74
N HIS A 143 -21.63 15.99 -1.00
CA HIS A 143 -22.49 14.90 -1.43
C HIS A 143 -23.47 15.39 -2.47
N HIS A 144 -23.92 14.46 -3.33
CA HIS A 144 -24.74 14.77 -4.50
C HIS A 144 -23.89 15.42 -5.59
N HIS A 145 -24.50 15.62 -6.77
CA HIS A 145 -23.79 16.12 -7.96
C HIS A 145 -22.85 15.06 -8.52
N HIS A 146 -23.14 14.63 -9.74
CA HIS A 146 -22.27 13.66 -10.40
C HIS A 146 -21.48 14.35 -11.48
N MET A 1 -11.86 -1.62 8.07
CA MET A 1 -11.77 -1.56 6.59
C MET A 1 -10.78 -0.49 6.16
N ILE A 2 -10.24 -0.63 4.96
CA ILE A 2 -9.38 0.40 4.38
C ILE A 2 -9.98 0.89 3.07
N THR A 3 -10.20 2.18 2.99
CA THR A 3 -10.88 2.77 1.84
C THR A 3 -9.93 3.61 1.01
N LEU A 4 -9.93 3.36 -0.29
CA LEU A 4 -9.20 4.20 -1.22
C LEU A 4 -10.02 4.37 -2.48
N THR A 5 -9.69 5.37 -3.27
CA THR A 5 -10.52 5.72 -4.41
C THR A 5 -10.04 5.01 -5.68
N LYS A 6 -10.87 5.06 -6.71
CA LYS A 6 -10.49 4.55 -8.03
C LYS A 6 -9.20 5.26 -8.46
N LYS A 7 -9.13 6.54 -8.15
CA LYS A 7 -7.98 7.38 -8.44
C LYS A 7 -6.74 6.86 -7.73
N GLN A 8 -6.87 6.52 -6.46
CA GLN A 8 -5.75 6.01 -5.66
C GLN A 8 -5.29 4.66 -6.19
N MET A 9 -6.25 3.86 -6.69
CA MET A 9 -5.90 2.60 -7.33
C MET A 9 -5.14 2.89 -8.63
N GLU A 10 -5.62 3.87 -9.38
CA GLU A 10 -4.95 4.33 -10.58
C GLU A 10 -3.52 4.79 -10.27
N GLU A 11 -3.38 5.47 -9.14
CA GLU A 11 -2.07 5.91 -8.66
C GLU A 11 -1.13 4.72 -8.47
N MET A 12 -1.62 3.67 -7.83
CA MET A 12 -0.83 2.47 -7.61
C MET A 12 -0.59 1.72 -8.92
N LEU A 13 -1.62 1.67 -9.75
CA LEU A 13 -1.55 0.99 -11.04
C LEU A 13 -0.54 1.65 -11.98
N ALA A 14 -0.57 2.97 -12.04
CA ALA A 14 0.36 3.71 -12.88
C ALA A 14 1.80 3.46 -12.44
N HIS A 15 2.02 3.53 -11.14
CA HIS A 15 3.35 3.28 -10.59
C HIS A 15 3.75 1.83 -10.80
N ALA A 16 2.76 0.95 -10.77
CA ALA A 16 3.00 -0.47 -11.02
C ALA A 16 3.56 -0.67 -12.43
N ARG A 17 2.87 -0.13 -13.42
CA ARG A 17 3.31 -0.26 -14.81
C ARG A 17 4.64 0.44 -15.03
N GLN A 18 4.83 1.54 -14.31
CA GLN A 18 6.07 2.30 -14.35
C GLN A 18 7.24 1.47 -13.81
N ALA A 19 7.00 0.79 -12.71
CA ALA A 19 8.06 0.07 -12.01
C ALA A 19 8.34 -1.31 -12.62
N LEU A 20 7.27 -2.07 -12.89
CA LEU A 20 7.42 -3.46 -13.34
C LEU A 20 8.31 -3.56 -14.58
N PRO A 21 9.25 -4.51 -14.59
CA PRO A 21 9.48 -5.43 -13.47
C PRO A 21 10.41 -4.83 -12.40
N ASN A 22 9.94 -4.82 -11.15
CA ASN A 22 10.66 -4.21 -10.04
C ASN A 22 9.86 -4.33 -8.75
N GLU A 23 8.54 -4.45 -8.92
CA GLU A 23 7.57 -4.43 -7.82
C GLU A 23 7.37 -3.02 -7.31
N ALA A 24 6.24 -2.43 -7.67
CA ALA A 24 5.90 -1.09 -7.25
C ALA A 24 5.63 -1.06 -5.76
N CYS A 25 6.48 -0.36 -5.03
CA CYS A 25 6.38 -0.29 -3.59
C CYS A 25 6.08 1.15 -3.17
N GLY A 26 5.75 1.35 -1.92
CA GLY A 26 5.52 2.69 -1.42
C GLY A 26 4.88 2.69 -0.06
N LEU A 27 4.40 3.86 0.35
CA LEU A 27 3.78 4.01 1.66
C LEU A 27 2.38 4.57 1.51
N LEU A 28 1.53 4.33 2.50
CA LEU A 28 0.17 4.83 2.48
C LEU A 28 -0.02 5.88 3.56
N GLY A 29 -0.51 7.04 3.16
CA GLY A 29 -0.75 8.10 4.10
C GLY A 29 -2.19 8.57 4.07
N GLY A 30 -2.77 8.76 5.23
CA GLY A 30 -4.14 9.20 5.33
C GLY A 30 -4.56 9.35 6.76
N ARG A 31 -5.86 9.33 7.01
CA ARG A 31 -6.36 9.48 8.36
C ARG A 31 -7.30 8.34 8.73
N ARG A 32 -7.31 8.00 10.01
CA ARG A 32 -8.14 6.90 10.49
C ARG A 32 -9.20 7.42 11.45
N ASP A 33 -10.42 6.95 11.27
CA ASP A 33 -11.54 7.36 12.11
C ASP A 33 -12.39 6.14 12.43
N GLY A 34 -12.45 5.78 13.69
CA GLY A 34 -13.08 4.53 14.06
C GLY A 34 -12.18 3.37 13.73
N ASP A 35 -10.88 3.67 13.71
CA ASP A 35 -9.81 2.72 13.37
C ASP A 35 -9.76 2.48 11.86
N ASP A 36 -10.86 2.72 11.16
CA ASP A 36 -10.88 2.60 9.70
C ASP A 36 -9.95 3.63 9.08
N ARG A 37 -9.51 3.33 7.88
CA ARG A 37 -8.43 4.07 7.25
C ARG A 37 -8.82 4.54 5.86
N TRP A 38 -8.62 5.82 5.59
CA TRP A 38 -8.82 6.36 4.26
C TRP A 38 -7.49 6.79 3.66
N VAL A 39 -7.14 6.21 2.53
CA VAL A 39 -5.90 6.56 1.85
C VAL A 39 -6.06 7.87 1.09
N GLU A 40 -5.73 8.96 1.74
CA GLU A 40 -5.86 10.28 1.15
C GLU A 40 -4.71 10.57 0.19
N ARG A 41 -3.56 9.97 0.45
CA ARG A 41 -2.40 10.13 -0.42
C ARG A 41 -1.58 8.86 -0.50
N VAL A 42 -1.17 8.51 -1.71
CA VAL A 42 -0.29 7.39 -1.94
C VAL A 42 1.13 7.91 -2.15
N TYR A 43 2.09 7.31 -1.46
CA TYR A 43 3.49 7.70 -1.59
C TYR A 43 4.26 6.63 -2.35
N PRO A 44 4.28 6.71 -3.69
CA PRO A 44 4.92 5.71 -4.54
C PRO A 44 6.44 5.76 -4.46
N LEU A 45 7.02 4.70 -3.94
CA LEU A 45 8.47 4.61 -3.76
C LEU A 45 9.04 3.51 -4.65
N ASN A 46 10.31 3.17 -4.45
CA ASN A 46 10.94 2.13 -5.26
C ASN A 46 11.54 1.06 -4.36
N ASN A 47 11.56 -0.18 -4.86
CA ASN A 47 12.16 -1.27 -4.11
C ASN A 47 13.65 -1.32 -4.43
N LEU A 48 14.47 -1.00 -3.43
CA LEU A 48 15.90 -0.87 -3.61
C LEU A 48 16.56 -2.20 -3.97
N ASP A 49 15.87 -3.29 -3.71
CA ASP A 49 16.38 -4.60 -4.07
C ASP A 49 15.75 -5.07 -5.35
N GLN A 50 16.58 -5.45 -6.32
CA GLN A 50 16.11 -5.98 -7.58
C GLN A 50 15.71 -7.44 -7.42
N SER A 51 14.74 -7.67 -6.55
CA SER A 51 14.31 -9.01 -6.22
C SER A 51 12.90 -9.00 -5.63
N PRO A 52 12.08 -10.01 -5.96
CA PRO A 52 10.70 -10.12 -5.46
C PRO A 52 10.64 -10.84 -4.12
N GLU A 53 11.81 -11.17 -3.58
CA GLU A 53 11.89 -11.87 -2.30
C GLU A 53 12.42 -10.93 -1.23
N HIS A 54 12.83 -9.75 -1.66
CA HIS A 54 13.35 -8.75 -0.74
C HIS A 54 12.53 -7.48 -0.89
N PHE A 55 12.14 -6.89 0.22
CA PHE A 55 11.29 -5.71 0.21
C PHE A 55 11.87 -4.63 1.10
N SER A 56 12.43 -3.60 0.49
CA SER A 56 13.00 -2.48 1.24
C SER A 56 13.11 -1.24 0.37
N MET A 57 12.68 -0.12 0.93
CA MET A 57 12.88 1.17 0.30
C MET A 57 14.02 1.89 1.02
N ASP A 58 14.37 3.07 0.58
CA ASP A 58 15.44 3.81 1.25
C ASP A 58 14.86 4.62 2.41
N PRO A 59 15.57 4.68 3.54
CA PRO A 59 15.12 5.44 4.71
C PRO A 59 14.92 6.92 4.42
N ARG A 60 15.67 7.45 3.46
CA ARG A 60 15.60 8.86 3.15
C ARG A 60 14.33 9.20 2.37
N GLU A 61 13.95 8.34 1.44
CA GLU A 61 12.72 8.57 0.67
C GLU A 61 11.50 8.36 1.56
N GLN A 62 11.59 7.39 2.46
CA GLN A 62 10.51 7.12 3.40
C GLN A 62 10.34 8.26 4.38
N LEU A 63 11.46 8.75 4.91
CA LEU A 63 11.43 9.85 5.88
C LEU A 63 10.77 11.08 5.27
N THR A 64 11.14 11.40 4.04
CA THR A 64 10.57 12.55 3.35
C THR A 64 9.07 12.37 3.12
N ALA A 65 8.67 11.11 2.91
CA ALA A 65 7.25 10.79 2.73
C ALA A 65 6.49 11.03 4.04
N VAL A 66 7.07 10.60 5.15
CA VAL A 66 6.46 10.82 6.46
C VAL A 66 6.46 12.30 6.81
N LYS A 67 7.51 13.00 6.41
CA LYS A 67 7.62 14.43 6.64
C LYS A 67 6.50 15.19 5.92
N ASP A 68 6.16 14.73 4.73
CA ASP A 68 5.05 15.31 3.97
C ASP A 68 3.72 14.92 4.62
N MET A 69 3.64 13.66 4.99
CA MET A 69 2.45 13.08 5.61
C MET A 69 2.07 13.85 6.87
N ARG A 70 3.06 14.07 7.73
CA ARG A 70 2.84 14.75 9.00
C ARG A 70 2.50 16.22 8.78
N LYS A 71 3.03 16.80 7.70
CA LYS A 71 2.76 18.20 7.38
C LYS A 71 1.27 18.43 7.16
N ASN A 72 0.63 17.48 6.50
CA ASN A 72 -0.80 17.58 6.20
C ASN A 72 -1.62 17.10 7.38
N GLY A 73 -1.00 16.33 8.27
CA GLY A 73 -1.69 15.83 9.44
C GLY A 73 -2.11 14.38 9.28
N TRP A 74 -1.58 13.73 8.25
CA TRP A 74 -1.91 12.34 7.99
C TRP A 74 -1.06 11.42 8.87
N VAL A 75 -1.48 10.17 8.96
CA VAL A 75 -0.75 9.16 9.71
C VAL A 75 -0.39 8.01 8.79
N MET A 76 0.62 7.25 9.19
CA MET A 76 1.07 6.11 8.41
C MET A 76 0.05 4.99 8.48
N LEU A 77 -0.58 4.68 7.36
CA LEU A 77 -1.57 3.62 7.31
C LEU A 77 -0.90 2.28 7.06
N GLY A 78 0.22 2.31 6.36
CA GLY A 78 0.96 1.10 6.06
C GLY A 78 1.79 1.26 4.80
N ASN A 79 2.03 0.17 4.11
CA ASN A 79 2.81 0.18 2.88
C ASN A 79 2.31 -0.89 1.93
N PHE A 80 2.81 -0.88 0.71
CA PHE A 80 2.36 -1.81 -0.30
C PHE A 80 3.48 -2.20 -1.25
N HIS A 81 3.32 -3.34 -1.90
CA HIS A 81 4.18 -3.74 -3.00
C HIS A 81 3.40 -4.62 -3.97
N SER A 82 3.61 -4.39 -5.26
CA SER A 82 2.78 -5.01 -6.28
C SER A 82 3.57 -6.00 -7.13
N HIS A 83 2.96 -7.14 -7.42
CA HIS A 83 3.61 -8.19 -8.20
C HIS A 83 3.13 -8.17 -9.65
N PRO A 84 4.04 -8.44 -10.61
CA PRO A 84 3.71 -8.47 -12.03
C PRO A 84 3.00 -9.76 -12.44
N ALA A 85 3.46 -10.88 -11.91
CA ALA A 85 2.87 -12.17 -12.24
C ALA A 85 3.07 -13.14 -11.09
N THR A 86 2.35 -12.90 -10.00
CA THR A 86 2.39 -13.75 -8.82
C THR A 86 1.11 -13.56 -8.02
N PRO A 87 0.69 -14.57 -7.24
CA PRO A 87 -0.57 -14.55 -6.49
C PRO A 87 -0.57 -13.51 -5.38
N ALA A 88 -1.76 -13.04 -4.99
CA ALA A 88 -1.88 -12.05 -3.94
C ALA A 88 -2.09 -12.70 -2.59
N ARG A 89 -0.99 -13.08 -1.96
CA ARG A 89 -1.03 -13.68 -0.63
C ARG A 89 0.26 -13.33 0.12
N PRO A 90 0.21 -13.30 1.46
CA PRO A 90 1.40 -13.01 2.28
C PRO A 90 2.41 -14.16 2.22
N SER A 91 3.59 -13.87 1.69
CA SER A 91 4.64 -14.87 1.56
C SER A 91 5.32 -15.10 2.90
N ALA A 92 6.13 -16.15 2.98
CA ALA A 92 6.88 -16.44 4.19
C ALA A 92 7.85 -15.31 4.50
N GLU A 93 8.51 -14.80 3.45
CA GLU A 93 9.42 -13.68 3.59
C GLU A 93 8.68 -12.42 4.01
N ASP A 94 7.52 -12.18 3.40
CA ASP A 94 6.69 -11.02 3.74
C ASP A 94 6.29 -11.07 5.21
N LYS A 95 5.93 -12.26 5.68
CA LYS A 95 5.46 -12.44 7.05
C LYS A 95 6.58 -12.15 8.05
N ARG A 96 7.82 -12.41 7.66
CA ARG A 96 8.96 -12.13 8.52
C ARG A 96 9.26 -10.63 8.54
N LEU A 97 9.09 -10.00 7.38
CA LEU A 97 9.42 -8.59 7.21
C LEU A 97 8.31 -7.68 7.75
N ALA A 98 7.37 -8.26 8.47
CA ALA A 98 6.29 -7.49 9.07
C ALA A 98 6.80 -6.77 10.31
N PHE A 99 7.15 -5.51 10.13
CA PHE A 99 7.63 -4.68 11.22
C PHE A 99 6.47 -3.94 11.88
N ASP A 100 5.38 -3.82 11.15
CA ASP A 100 4.20 -3.10 11.63
C ASP A 100 3.19 -4.11 12.17
N PRO A 101 2.47 -3.76 13.24
CA PRO A 101 1.52 -4.65 13.88
C PRO A 101 0.10 -4.56 13.29
N SER A 102 -0.43 -3.35 13.22
CA SER A 102 -1.81 -3.16 12.78
C SER A 102 -1.88 -2.22 11.58
N LEU A 103 -0.76 -2.05 10.91
CA LEU A 103 -0.72 -1.22 9.72
C LEU A 103 -0.97 -2.08 8.48
N SER A 104 -1.63 -1.51 7.50
CA SER A 104 -2.11 -2.26 6.36
C SER A 104 -1.01 -2.53 5.33
N TYR A 105 -0.63 -3.79 5.20
CA TYR A 105 0.26 -4.23 4.13
C TYR A 105 -0.57 -4.59 2.91
N LEU A 106 -0.41 -3.84 1.83
CA LEU A 106 -1.17 -4.11 0.61
C LEU A 106 -0.33 -4.89 -0.40
N ILE A 107 -0.91 -5.96 -0.91
CA ILE A 107 -0.30 -6.76 -1.96
C ILE A 107 -1.18 -6.76 -3.18
N ILE A 108 -0.64 -6.32 -4.31
CA ILE A 108 -1.41 -6.22 -5.54
C ILE A 108 -0.98 -7.29 -6.53
N SER A 109 -1.94 -7.89 -7.21
CA SER A 109 -1.67 -8.91 -8.20
C SER A 109 -1.99 -8.39 -9.60
N LEU A 110 -0.94 -8.24 -10.42
CA LEU A 110 -1.13 -7.84 -11.81
C LEU A 110 -1.11 -9.05 -12.74
N ALA A 111 -1.27 -10.23 -12.15
CA ALA A 111 -1.37 -11.47 -12.94
C ALA A 111 -2.62 -11.42 -13.82
N GLU A 112 -3.61 -10.69 -13.35
CA GLU A 112 -4.81 -10.41 -14.12
C GLU A 112 -4.77 -8.95 -14.56
N PRO A 113 -4.15 -8.68 -15.72
CA PRO A 113 -3.76 -7.31 -16.12
C PRO A 113 -4.92 -6.33 -16.28
N GLN A 114 -6.08 -6.84 -16.63
CA GLN A 114 -7.23 -5.97 -16.81
C GLN A 114 -8.09 -5.97 -15.57
N LYS A 115 -7.80 -6.88 -14.64
CA LYS A 115 -8.59 -7.02 -13.43
C LYS A 115 -7.67 -7.28 -12.23
N PRO A 116 -6.85 -6.29 -11.84
CA PRO A 116 -5.87 -6.44 -10.76
C PRO A 116 -6.51 -6.53 -9.39
N VAL A 117 -6.17 -7.56 -8.63
CA VAL A 117 -6.72 -7.73 -7.30
C VAL A 117 -5.73 -7.23 -6.25
N CYS A 118 -6.16 -6.30 -5.43
CA CYS A 118 -5.36 -5.80 -4.33
C CYS A 118 -6.00 -6.16 -3.00
N LYS A 119 -5.22 -6.71 -2.08
CA LYS A 119 -5.70 -7.01 -0.75
C LYS A 119 -4.76 -6.43 0.29
N SER A 120 -5.22 -6.36 1.52
CA SER A 120 -4.41 -5.88 2.62
C SER A 120 -4.32 -6.95 3.70
N PHE A 121 -3.16 -7.09 4.31
CA PHE A 121 -2.97 -8.10 5.33
C PHE A 121 -2.35 -7.49 6.58
N LEU A 122 -2.96 -7.77 7.73
CA LEU A 122 -2.38 -7.38 9.00
C LEU A 122 -1.60 -8.55 9.56
N ILE A 123 -0.29 -8.46 9.52
CA ILE A 123 0.55 -9.57 9.91
C ILE A 123 0.98 -9.44 11.36
N LYS A 124 0.52 -10.36 12.19
CA LYS A 124 0.88 -10.39 13.58
C LYS A 124 1.96 -11.45 13.82
N LYS A 125 2.32 -11.66 15.07
CA LYS A 125 3.24 -12.71 15.43
C LYS A 125 2.63 -14.06 15.12
N ASP A 126 1.44 -14.27 15.65
CA ASP A 126 0.73 -15.53 15.51
C ASP A 126 0.25 -15.76 14.08
N GLY A 127 -0.72 -14.95 13.64
CA GLY A 127 -1.29 -15.14 12.33
C GLY A 127 -1.51 -13.85 11.58
N VAL A 128 -2.31 -13.91 10.53
CA VAL A 128 -2.58 -12.73 9.71
C VAL A 128 -4.08 -12.48 9.61
N ASP A 129 -4.47 -11.21 9.63
CA ASP A 129 -5.86 -10.82 9.44
C ASP A 129 -5.97 -9.95 8.20
N GLU A 130 -6.73 -10.39 7.22
CA GLU A 130 -6.82 -9.70 5.96
C GLU A 130 -7.83 -8.56 6.01
N GLU A 131 -7.35 -7.37 5.70
CA GLU A 131 -8.18 -6.19 5.59
C GLU A 131 -8.59 -6.01 4.14
N GLU A 132 -9.87 -5.82 3.90
CA GLU A 132 -10.37 -5.74 2.54
C GLU A 132 -10.41 -4.31 2.06
N ILE A 133 -10.28 -4.14 0.75
CA ILE A 133 -10.16 -2.81 0.15
C ILE A 133 -11.53 -2.28 -0.24
N ILE A 134 -11.85 -1.10 0.27
CA ILE A 134 -13.10 -0.43 -0.07
C ILE A 134 -12.84 0.64 -1.12
N LEU A 135 -13.50 0.52 -2.26
CA LEU A 135 -13.30 1.47 -3.34
C LEU A 135 -14.40 2.53 -3.33
N LYS A 136 -14.04 3.74 -3.75
CA LYS A 136 -15.03 4.79 -3.92
C LYS A 136 -14.67 5.63 -5.13
N GLU A 137 -15.64 6.37 -5.66
CA GLU A 137 -15.46 7.17 -6.86
C GLU A 137 -14.61 8.38 -6.58
N GLU A 138 -14.68 8.84 -5.36
CA GLU A 138 -14.00 10.04 -4.91
C GLU A 138 -13.73 9.95 -3.41
N LEU A 139 -13.21 11.03 -2.84
CA LEU A 139 -12.88 11.09 -1.43
C LEU A 139 -14.09 11.47 -0.58
N GLU A 140 -13.88 11.49 0.74
CA GLU A 140 -14.87 11.96 1.70
C GLU A 140 -16.04 11.00 1.90
N HIS A 141 -16.72 11.17 3.03
CA HIS A 141 -17.89 10.39 3.39
C HIS A 141 -18.44 10.83 4.74
N HIS A 142 -17.53 11.07 5.70
CA HIS A 142 -17.95 11.46 7.04
C HIS A 142 -16.98 12.48 7.66
N HIS A 143 -16.24 13.17 6.83
CA HIS A 143 -15.37 14.25 7.33
C HIS A 143 -15.90 15.57 6.81
N HIS A 144 -15.67 16.64 7.56
CA HIS A 144 -16.12 17.98 7.18
C HIS A 144 -17.64 18.01 7.08
N HIS A 145 -18.17 19.02 6.40
CA HIS A 145 -19.61 19.13 6.13
C HIS A 145 -20.38 19.47 7.40
N HIS A 146 -21.70 19.56 7.28
CA HIS A 146 -22.53 19.87 8.43
C HIS A 146 -22.99 18.57 9.09
N MET A 1 -11.64 -1.73 8.26
CA MET A 1 -11.46 -1.93 6.80
C MET A 1 -10.64 -0.79 6.21
N ILE A 2 -10.06 -1.01 5.03
CA ILE A 2 -9.31 0.04 4.36
C ILE A 2 -10.10 0.54 3.16
N THR A 3 -10.15 1.86 3.00
CA THR A 3 -10.93 2.45 1.93
C THR A 3 -10.07 3.38 1.07
N LEU A 4 -10.20 3.26 -0.24
CA LEU A 4 -9.53 4.13 -1.18
C LEU A 4 -10.37 4.30 -2.44
N THR A 5 -10.04 5.30 -3.24
CA THR A 5 -10.81 5.60 -4.43
C THR A 5 -10.22 4.92 -5.66
N LYS A 6 -10.89 5.06 -6.80
CA LYS A 6 -10.36 4.51 -8.05
C LYS A 6 -9.10 5.26 -8.46
N LYS A 7 -9.08 6.56 -8.19
CA LYS A 7 -7.93 7.40 -8.42
C LYS A 7 -6.71 6.85 -7.67
N GLN A 8 -6.94 6.41 -6.43
CA GLN A 8 -5.87 5.82 -5.63
C GLN A 8 -5.43 4.49 -6.23
N MET A 9 -6.40 3.71 -6.72
CA MET A 9 -6.10 2.47 -7.41
C MET A 9 -5.23 2.76 -8.62
N GLU A 10 -5.64 3.75 -9.40
CA GLU A 10 -4.93 4.19 -10.57
C GLU A 10 -3.51 4.65 -10.23
N GLU A 11 -3.38 5.37 -9.12
CA GLU A 11 -2.09 5.80 -8.63
C GLU A 11 -1.18 4.60 -8.36
N MET A 12 -1.72 3.60 -7.67
CA MET A 12 -0.96 2.38 -7.38
C MET A 12 -0.67 1.61 -8.65
N LEU A 13 -1.67 1.51 -9.52
CA LEU A 13 -1.55 0.78 -10.78
C LEU A 13 -0.46 1.38 -11.66
N ALA A 14 -0.46 2.70 -11.80
CA ALA A 14 0.53 3.38 -12.61
C ALA A 14 1.94 3.09 -12.10
N HIS A 15 2.09 3.17 -10.77
CA HIS A 15 3.36 2.86 -10.14
C HIS A 15 3.74 1.40 -10.35
N ALA A 16 2.76 0.52 -10.20
CA ALA A 16 2.98 -0.91 -10.35
C ALA A 16 3.48 -1.25 -11.75
N ARG A 17 2.76 -0.78 -12.76
CA ARG A 17 3.10 -1.08 -14.15
C ARG A 17 4.46 -0.51 -14.51
N GLN A 18 4.78 0.65 -13.96
CA GLN A 18 6.06 1.31 -14.17
C GLN A 18 7.22 0.40 -13.78
N ALA A 19 7.06 -0.30 -12.67
CA ALA A 19 8.13 -1.10 -12.11
C ALA A 19 8.02 -2.59 -12.50
N LEU A 20 7.01 -2.92 -13.30
CA LEU A 20 6.86 -4.30 -13.77
C LEU A 20 7.96 -4.64 -14.76
N PRO A 21 8.50 -5.87 -14.70
CA PRO A 21 8.11 -6.90 -13.74
C PRO A 21 9.11 -7.04 -12.58
N ASN A 22 9.76 -5.95 -12.22
CA ASN A 22 10.78 -5.96 -11.17
C ASN A 22 10.13 -5.66 -9.82
N GLU A 23 8.80 -5.57 -9.85
CA GLU A 23 7.98 -5.34 -8.66
C GLU A 23 8.05 -3.89 -8.22
N ALA A 24 6.99 -3.45 -7.55
CA ALA A 24 6.88 -2.05 -7.14
C ALA A 24 6.53 -1.95 -5.66
N CYS A 25 6.98 -0.88 -5.02
CA CYS A 25 6.71 -0.66 -3.61
C CYS A 25 6.36 0.82 -3.37
N GLY A 26 5.61 1.08 -2.32
CA GLY A 26 5.23 2.45 -2.00
C GLY A 26 4.55 2.56 -0.65
N LEU A 27 4.12 3.76 -0.30
CA LEU A 27 3.48 4.00 0.99
C LEU A 27 2.10 4.63 0.78
N LEU A 28 1.28 4.57 1.83
CA LEU A 28 -0.05 5.16 1.78
C LEU A 28 -0.19 6.22 2.87
N GLY A 29 -0.74 7.37 2.51
CA GLY A 29 -0.92 8.44 3.46
C GLY A 29 -2.37 8.87 3.57
N GLY A 30 -2.76 9.32 4.76
CA GLY A 30 -4.11 9.79 4.96
C GLY A 30 -4.54 9.71 6.41
N ARG A 31 -5.76 9.26 6.63
CA ARG A 31 -6.30 9.15 7.97
C ARG A 31 -6.44 7.69 8.34
N ARG A 32 -5.99 7.30 9.52
CA ARG A 32 -6.14 5.94 9.96
C ARG A 32 -6.71 5.86 11.36
N ASP A 33 -7.47 4.81 11.61
CA ASP A 33 -8.06 4.57 12.91
C ASP A 33 -7.46 3.30 13.49
N GLY A 34 -8.16 2.65 14.40
CA GLY A 34 -7.70 1.40 14.94
C GLY A 34 -8.09 0.23 14.07
N ASP A 35 -9.20 0.38 13.36
CA ASP A 35 -9.72 -0.68 12.51
C ASP A 35 -9.71 -0.26 11.05
N ASP A 36 -9.93 1.03 10.78
CA ASP A 36 -10.08 1.49 9.40
C ASP A 36 -8.91 2.34 8.94
N ARG A 37 -8.72 2.34 7.64
CA ARG A 37 -7.68 3.13 6.98
C ARG A 37 -8.29 3.91 5.81
N TRP A 38 -8.01 5.21 5.74
CA TRP A 38 -8.54 6.03 4.64
C TRP A 38 -7.38 6.70 3.89
N VAL A 39 -7.19 6.29 2.64
CA VAL A 39 -6.09 6.82 1.83
C VAL A 39 -6.49 8.11 1.13
N GLU A 40 -5.76 9.20 1.42
CA GLU A 40 -6.02 10.48 0.75
C GLU A 40 -5.06 10.65 -0.42
N ARG A 41 -3.87 10.08 -0.30
CA ARG A 41 -2.89 10.12 -1.38
C ARG A 41 -2.03 8.85 -1.37
N VAL A 42 -1.80 8.32 -2.57
CA VAL A 42 -0.87 7.23 -2.74
C VAL A 42 0.52 7.79 -2.98
N TYR A 43 1.51 7.24 -2.26
CA TYR A 43 2.88 7.70 -2.34
C TYR A 43 3.78 6.67 -3.00
N PRO A 44 3.91 6.72 -4.34
CA PRO A 44 4.80 5.82 -5.08
C PRO A 44 6.27 6.05 -4.73
N LEU A 45 6.84 5.11 -3.99
CA LEU A 45 8.25 5.20 -3.58
C LEU A 45 9.17 4.67 -4.68
N ASN A 46 10.43 4.45 -4.33
CA ASN A 46 11.46 4.09 -5.29
C ASN A 46 11.76 2.59 -5.19
N ASN A 47 12.98 2.23 -5.57
CA ASN A 47 13.47 0.87 -5.43
C ASN A 47 14.98 0.92 -5.12
N LEU A 48 15.32 0.85 -3.84
CA LEU A 48 16.72 0.83 -3.44
C LEU A 48 17.33 -0.54 -3.72
N ASP A 49 16.73 -1.58 -3.14
CA ASP A 49 17.19 -2.93 -3.40
C ASP A 49 16.40 -3.49 -4.56
N GLN A 50 17.00 -3.42 -5.75
CA GLN A 50 16.33 -3.83 -6.97
C GLN A 50 15.75 -5.23 -6.84
N SER A 51 16.58 -6.14 -6.37
CA SER A 51 16.21 -7.54 -6.13
C SER A 51 15.65 -8.24 -7.38
N PRO A 52 15.63 -9.58 -7.37
CA PRO A 52 14.94 -10.36 -8.38
C PRO A 52 13.48 -10.62 -8.02
N GLU A 53 13.24 -11.10 -6.79
CA GLU A 53 11.90 -11.48 -6.35
C GLU A 53 11.39 -10.54 -5.25
N HIS A 54 12.18 -9.54 -4.90
CA HIS A 54 11.89 -8.74 -3.72
C HIS A 54 11.94 -7.25 -4.03
N PHE A 55 11.80 -6.45 -2.98
CA PHE A 55 11.77 -5.00 -3.11
C PHE A 55 12.37 -4.36 -1.86
N SER A 56 12.30 -3.05 -1.76
CA SER A 56 12.81 -2.35 -0.61
C SER A 56 11.73 -1.42 -0.04
N MET A 57 11.98 -0.89 1.14
CA MET A 57 11.07 0.07 1.75
C MET A 57 11.63 1.47 1.59
N ASP A 58 12.82 1.54 1.00
CA ASP A 58 13.56 2.78 0.82
C ASP A 58 13.53 3.63 2.09
N PRO A 59 14.25 3.20 3.14
CA PRO A 59 14.22 3.84 4.46
C PRO A 59 14.41 5.36 4.39
N ARG A 60 15.29 5.80 3.50
CA ARG A 60 15.60 7.21 3.36
C ARG A 60 14.40 7.96 2.78
N GLU A 61 13.82 7.39 1.74
CA GLU A 61 12.67 7.98 1.08
C GLU A 61 11.45 7.89 1.99
N GLN A 62 11.37 6.78 2.72
CA GLN A 62 10.29 6.53 3.65
C GLN A 62 10.24 7.60 4.73
N LEU A 63 11.40 7.89 5.34
CA LEU A 63 11.45 8.87 6.42
C LEU A 63 11.15 10.27 5.89
N THR A 64 11.51 10.50 4.63
CA THR A 64 11.25 11.77 3.99
C THR A 64 9.75 11.96 3.73
N ALA A 65 9.09 10.90 3.28
CA ALA A 65 7.68 10.95 2.94
C ALA A 65 6.81 11.13 4.19
N VAL A 66 7.10 10.36 5.23
CA VAL A 66 6.32 10.44 6.47
C VAL A 66 6.43 11.82 7.10
N LYS A 67 7.61 12.43 6.95
CA LYS A 67 7.85 13.77 7.49
C LYS A 67 6.89 14.77 6.88
N ASP A 68 6.68 14.66 5.58
CA ASP A 68 5.80 15.58 4.88
C ASP A 68 4.35 15.33 5.27
N MET A 69 4.02 14.05 5.42
CA MET A 69 2.65 13.65 5.77
C MET A 69 2.18 14.31 7.06
N ARG A 70 3.02 14.27 8.10
CA ARG A 70 2.61 14.81 9.40
C ARG A 70 2.58 16.33 9.36
N LYS A 71 3.33 16.91 8.43
CA LYS A 71 3.33 18.36 8.24
C LYS A 71 2.00 18.80 7.62
N ASN A 72 1.45 17.93 6.77
CA ASN A 72 0.19 18.22 6.08
C ASN A 72 -1.01 17.89 6.96
N GLY A 73 -0.76 17.12 8.02
CA GLY A 73 -1.83 16.77 8.94
C GLY A 73 -2.36 15.37 8.71
N TRP A 74 -1.55 14.52 8.10
CA TRP A 74 -1.93 13.14 7.82
C TRP A 74 -0.91 12.17 8.37
N VAL A 75 -1.23 10.89 8.34
CA VAL A 75 -0.32 9.87 8.85
C VAL A 75 -0.15 8.74 7.85
N MET A 76 0.85 7.89 8.08
CA MET A 76 1.12 6.75 7.22
C MET A 76 0.19 5.60 7.57
N LEU A 77 -0.49 5.06 6.57
CA LEU A 77 -1.46 3.98 6.77
C LEU A 77 -0.76 2.64 6.68
N GLY A 78 0.34 2.62 5.94
CA GLY A 78 1.07 1.40 5.71
C GLY A 78 1.79 1.45 4.39
N ASN A 79 1.98 0.30 3.75
CA ASN A 79 2.68 0.25 2.48
C ASN A 79 1.94 -0.62 1.50
N PHE A 80 2.34 -0.52 0.25
CA PHE A 80 1.80 -1.36 -0.79
C PHE A 80 2.92 -1.88 -1.67
N HIS A 81 2.83 -3.13 -2.08
CA HIS A 81 3.83 -3.72 -2.94
C HIS A 81 3.17 -4.64 -3.96
N SER A 82 3.66 -4.59 -5.19
CA SER A 82 3.01 -5.27 -6.30
C SER A 82 3.89 -6.40 -6.83
N HIS A 83 3.27 -7.53 -7.14
CA HIS A 83 3.97 -8.69 -7.67
C HIS A 83 3.50 -8.99 -9.09
N PRO A 84 4.41 -9.46 -9.97
CA PRO A 84 4.15 -9.63 -11.40
C PRO A 84 2.95 -10.52 -11.69
N ALA A 85 2.96 -11.75 -11.19
CA ALA A 85 1.88 -12.67 -11.46
C ALA A 85 1.82 -13.78 -10.42
N THR A 86 1.42 -13.41 -9.23
CA THR A 86 1.22 -14.37 -8.15
C THR A 86 -0.04 -14.02 -7.37
N PRO A 87 -0.56 -14.96 -6.56
CA PRO A 87 -1.74 -14.71 -5.71
C PRO A 87 -1.48 -13.60 -4.69
N ALA A 88 -2.52 -12.82 -4.38
CA ALA A 88 -2.40 -11.70 -3.46
C ALA A 88 -2.45 -12.19 -2.01
N ARG A 89 -1.43 -12.91 -1.61
CA ARG A 89 -1.32 -13.41 -0.24
C ARG A 89 0.13 -13.33 0.22
N PRO A 90 0.33 -13.04 1.52
CA PRO A 90 1.68 -12.79 2.07
C PRO A 90 2.58 -14.02 2.05
N SER A 91 3.87 -13.78 1.87
CA SER A 91 4.86 -14.84 1.93
C SER A 91 5.68 -14.71 3.21
N ALA A 92 6.70 -15.55 3.36
CA ALA A 92 7.57 -15.50 4.53
C ALA A 92 8.27 -14.15 4.65
N GLU A 93 8.68 -13.62 3.51
CA GLU A 93 9.34 -12.31 3.47
C GLU A 93 8.41 -11.22 3.96
N ASP A 94 7.14 -11.30 3.56
CA ASP A 94 6.14 -10.31 3.99
C ASP A 94 6.01 -10.32 5.51
N LYS A 95 6.01 -11.52 6.09
CA LYS A 95 5.88 -11.68 7.54
C LYS A 95 7.13 -11.16 8.24
N ARG A 96 8.28 -11.29 7.58
CA ARG A 96 9.54 -10.79 8.12
C ARG A 96 9.58 -9.26 8.11
N LEU A 97 8.92 -8.67 7.13
CA LEU A 97 8.90 -7.22 6.99
C LEU A 97 7.86 -6.60 7.92
N ALA A 98 7.11 -7.45 8.61
CA ALA A 98 6.12 -6.99 9.56
C ALA A 98 6.77 -6.70 10.89
N PHE A 99 7.14 -5.44 11.10
CA PHE A 99 7.78 -5.03 12.33
C PHE A 99 6.75 -4.68 13.40
N ASP A 100 5.61 -4.16 12.98
CA ASP A 100 4.52 -3.90 13.89
C ASP A 100 3.22 -4.46 13.31
N PRO A 101 2.24 -4.76 14.18
CA PRO A 101 0.98 -5.38 13.78
C PRO A 101 -0.10 -4.36 13.40
N SER A 102 0.20 -3.08 13.54
CA SER A 102 -0.83 -2.05 13.37
C SER A 102 -0.87 -1.51 11.94
N LEU A 103 0.29 -1.42 11.30
CA LEU A 103 0.37 -0.95 9.93
C LEU A 103 -0.26 -1.95 8.96
N SER A 104 -0.73 -1.44 7.83
CA SER A 104 -1.35 -2.29 6.83
C SER A 104 -0.37 -2.59 5.70
N TYR A 105 -0.29 -3.86 5.33
CA TYR A 105 0.60 -4.29 4.26
C TYR A 105 -0.21 -4.71 3.06
N LEU A 106 -0.26 -3.87 2.03
CA LEU A 106 -1.06 -4.15 0.85
C LEU A 106 -0.24 -4.87 -0.22
N ILE A 107 -0.84 -5.89 -0.81
CA ILE A 107 -0.21 -6.64 -1.88
C ILE A 107 -1.03 -6.53 -3.15
N ILE A 108 -0.41 -6.02 -4.21
CA ILE A 108 -1.08 -5.87 -5.49
C ILE A 108 -0.60 -6.94 -6.46
N SER A 109 -1.52 -7.71 -7.00
CA SER A 109 -1.18 -8.78 -7.92
C SER A 109 -1.59 -8.44 -9.35
N LEU A 110 -0.61 -8.45 -10.26
CA LEU A 110 -0.87 -8.18 -11.66
C LEU A 110 -1.08 -9.48 -12.43
N ALA A 111 -1.41 -10.54 -11.70
CA ALA A 111 -1.71 -11.84 -12.30
C ALA A 111 -2.86 -11.72 -13.29
N GLU A 112 -3.77 -10.80 -13.00
CA GLU A 112 -4.90 -10.51 -13.85
C GLU A 112 -4.91 -9.02 -14.20
N PRO A 113 -4.20 -8.64 -15.28
CA PRO A 113 -4.02 -7.22 -15.66
C PRO A 113 -5.32 -6.50 -15.98
N GLN A 114 -6.36 -7.26 -16.29
CA GLN A 114 -7.65 -6.68 -16.60
C GLN A 114 -8.46 -6.48 -15.34
N LYS A 115 -8.08 -7.19 -14.29
CA LYS A 115 -8.73 -7.10 -12.99
C LYS A 115 -7.69 -7.20 -11.88
N PRO A 116 -6.91 -6.13 -11.69
CA PRO A 116 -5.80 -6.14 -10.73
C PRO A 116 -6.27 -6.35 -9.30
N VAL A 117 -5.90 -7.47 -8.72
CA VAL A 117 -6.34 -7.79 -7.37
C VAL A 117 -5.34 -7.29 -6.35
N CYS A 118 -5.79 -6.40 -5.49
CA CYS A 118 -5.00 -5.94 -4.37
C CYS A 118 -5.68 -6.32 -3.07
N LYS A 119 -4.90 -6.76 -2.08
CA LYS A 119 -5.45 -7.01 -0.76
C LYS A 119 -4.54 -6.42 0.30
N SER A 120 -5.08 -6.28 1.49
CA SER A 120 -4.33 -5.74 2.61
C SER A 120 -4.25 -6.76 3.71
N PHE A 121 -3.07 -6.93 4.27
CA PHE A 121 -2.88 -7.89 5.34
C PHE A 121 -2.24 -7.26 6.55
N LEU A 122 -2.81 -7.53 7.71
CA LEU A 122 -2.21 -7.12 8.96
C LEU A 122 -1.44 -8.31 9.53
N ILE A 123 -0.13 -8.26 9.45
CA ILE A 123 0.68 -9.39 9.86
C ILE A 123 1.13 -9.23 11.30
N LYS A 124 0.57 -10.05 12.17
CA LYS A 124 0.88 -9.99 13.58
C LYS A 124 1.72 -11.17 14.00
N LYS A 125 2.06 -11.19 15.27
CA LYS A 125 2.86 -12.25 15.87
C LYS A 125 2.12 -13.58 15.79
N ASP A 126 0.95 -13.60 16.39
CA ASP A 126 0.11 -14.80 16.44
C ASP A 126 -0.30 -15.27 15.04
N GLY A 127 -0.67 -14.31 14.19
CA GLY A 127 -1.09 -14.65 12.85
C GLY A 127 -1.37 -13.43 12.01
N VAL A 128 -1.69 -13.65 10.75
CA VAL A 128 -1.98 -12.58 9.83
C VAL A 128 -3.51 -12.42 9.68
N ASP A 129 -3.96 -11.17 9.63
CA ASP A 129 -5.37 -10.88 9.46
C ASP A 129 -5.61 -10.19 8.13
N GLU A 130 -6.58 -10.67 7.37
CA GLU A 130 -6.86 -10.12 6.06
C GLU A 130 -7.79 -8.93 6.18
N GLU A 131 -7.37 -7.81 5.62
CA GLU A 131 -8.15 -6.58 5.64
C GLU A 131 -8.89 -6.43 4.32
N GLU A 132 -10.15 -6.03 4.39
CA GLU A 132 -10.98 -5.85 3.20
C GLU A 132 -10.84 -4.42 2.68
N ILE A 133 -10.86 -4.29 1.36
CA ILE A 133 -10.66 -3.01 0.72
C ILE A 133 -11.96 -2.49 0.12
N ILE A 134 -12.27 -1.23 0.40
CA ILE A 134 -13.49 -0.61 -0.10
C ILE A 134 -13.14 0.49 -1.10
N LEU A 135 -13.81 0.47 -2.25
CA LEU A 135 -13.63 1.51 -3.25
C LEU A 135 -14.65 2.62 -3.05
N LYS A 136 -14.17 3.85 -2.97
CA LYS A 136 -15.04 5.00 -2.80
C LYS A 136 -14.86 6.00 -3.94
N GLU A 137 -15.82 6.92 -4.06
CA GLU A 137 -15.74 7.96 -5.07
C GLU A 137 -15.41 9.30 -4.43
N GLU A 138 -15.47 9.31 -3.11
CA GLU A 138 -15.21 10.51 -2.33
C GLU A 138 -13.76 10.53 -1.84
N LEU A 139 -13.20 11.71 -1.76
CA LEU A 139 -11.81 11.88 -1.33
C LEU A 139 -11.75 12.43 0.09
N GLU A 140 -10.55 12.73 0.54
CA GLU A 140 -10.34 13.38 1.82
C GLU A 140 -11.08 14.71 1.85
N HIS A 141 -11.62 15.06 3.01
CA HIS A 141 -12.41 16.28 3.17
C HIS A 141 -11.51 17.52 3.09
N HIS A 142 -10.20 17.29 3.12
CA HIS A 142 -9.23 18.36 2.95
C HIS A 142 -8.92 18.56 1.47
N HIS A 143 -9.52 17.71 0.64
CA HIS A 143 -9.42 17.84 -0.79
C HIS A 143 -10.79 18.23 -1.34
N HIS A 144 -10.98 19.52 -1.60
CA HIS A 144 -12.29 20.05 -1.99
C HIS A 144 -12.65 19.72 -3.45
N HIS A 145 -12.04 18.67 -3.98
CA HIS A 145 -12.29 18.19 -5.34
C HIS A 145 -11.77 19.18 -6.39
N HIS A 146 -10.98 18.68 -7.31
CA HIS A 146 -10.46 19.48 -8.41
C HIS A 146 -11.05 18.96 -9.71
N MET A 1 -12.02 -1.57 8.51
CA MET A 1 -11.93 -1.76 7.05
C MET A 1 -11.08 -0.67 6.41
N ILE A 2 -10.62 -0.90 5.18
CA ILE A 2 -9.83 0.08 4.47
C ILE A 2 -10.58 0.57 3.23
N THR A 3 -10.60 1.88 3.05
CA THR A 3 -11.23 2.48 1.89
C THR A 3 -10.23 3.35 1.14
N LEU A 4 -10.18 3.19 -0.17
CA LEU A 4 -9.37 4.02 -1.02
C LEU A 4 -10.10 4.26 -2.33
N THR A 5 -9.66 5.25 -3.08
CA THR A 5 -10.38 5.65 -4.27
C THR A 5 -9.79 5.01 -5.51
N LYS A 6 -10.50 5.09 -6.62
CA LYS A 6 -10.00 4.60 -7.89
C LYS A 6 -8.74 5.35 -8.29
N LYS A 7 -8.70 6.64 -7.95
CA LYS A 7 -7.51 7.45 -8.13
C LYS A 7 -6.32 6.87 -7.40
N GLN A 8 -6.52 6.53 -6.13
CA GLN A 8 -5.47 5.92 -5.33
C GLN A 8 -5.06 4.57 -5.93
N MET A 9 -6.05 3.80 -6.36
CA MET A 9 -5.79 2.54 -7.03
C MET A 9 -4.95 2.77 -8.28
N GLU A 10 -5.37 3.76 -9.07
CA GLU A 10 -4.67 4.14 -10.28
C GLU A 10 -3.24 4.61 -9.98
N GLU A 11 -3.09 5.37 -8.90
CA GLU A 11 -1.79 5.84 -8.47
C GLU A 11 -0.87 4.68 -8.09
N MET A 12 -1.42 3.71 -7.38
CA MET A 12 -0.66 2.51 -7.01
C MET A 12 -0.36 1.66 -8.24
N LEU A 13 -1.38 1.48 -9.09
CA LEU A 13 -1.24 0.72 -10.32
C LEU A 13 -0.20 1.35 -11.25
N ALA A 14 -0.22 2.68 -11.32
CA ALA A 14 0.73 3.39 -12.16
C ALA A 14 2.15 3.15 -11.68
N HIS A 15 2.37 3.22 -10.37
CA HIS A 15 3.68 2.98 -9.79
C HIS A 15 4.13 1.54 -10.07
N ALA A 16 3.21 0.61 -9.94
CA ALA A 16 3.48 -0.80 -10.18
C ALA A 16 3.96 -1.02 -11.62
N ARG A 17 3.18 -0.52 -12.57
CA ARG A 17 3.49 -0.68 -13.99
C ARG A 17 4.76 0.08 -14.35
N GLN A 18 4.98 1.20 -13.67
CA GLN A 18 6.17 2.03 -13.88
C GLN A 18 7.44 1.29 -13.49
N ALA A 19 7.37 0.57 -12.38
CA ALA A 19 8.56 -0.08 -11.81
C ALA A 19 8.66 -1.55 -12.19
N LEU A 20 7.88 -1.98 -13.18
CA LEU A 20 7.94 -3.36 -13.65
C LEU A 20 9.32 -3.67 -14.21
N PRO A 21 9.78 -4.93 -14.09
CA PRO A 21 9.00 -6.03 -13.54
C PRO A 21 9.23 -6.24 -12.03
N ASN A 22 9.46 -5.16 -11.30
CA ASN A 22 9.61 -5.24 -9.85
C ASN A 22 8.23 -5.27 -9.20
N GLU A 23 8.20 -5.22 -7.87
CA GLU A 23 6.94 -5.26 -7.15
C GLU A 23 6.38 -3.87 -6.92
N ALA A 24 7.27 -2.88 -6.98
CA ALA A 24 6.91 -1.48 -6.81
C ALA A 24 6.34 -1.21 -5.42
N CYS A 25 7.16 -0.68 -4.54
CA CYS A 25 6.75 -0.45 -3.17
C CYS A 25 6.72 1.06 -2.87
N GLY A 26 6.10 1.42 -1.77
CA GLY A 26 5.99 2.80 -1.37
C GLY A 26 5.34 2.91 -0.01
N LEU A 27 4.79 4.06 0.31
CA LEU A 27 4.09 4.25 1.56
C LEU A 27 2.66 4.73 1.31
N LEU A 28 1.78 4.45 2.25
CA LEU A 28 0.40 4.89 2.15
C LEU A 28 0.08 5.90 3.23
N GLY A 29 -0.65 6.92 2.86
CA GLY A 29 -1.01 7.95 3.81
C GLY A 29 -2.48 8.29 3.76
N GLY A 30 -2.98 8.86 4.84
CA GLY A 30 -4.37 9.24 4.89
C GLY A 30 -4.82 9.49 6.31
N ARG A 31 -6.07 9.19 6.58
CA ARG A 31 -6.64 9.43 7.89
C ARG A 31 -6.98 8.11 8.58
N ARG A 32 -6.55 7.98 9.82
CA ARG A 32 -6.89 6.82 10.61
C ARG A 32 -7.72 7.25 11.82
N ASP A 33 -8.92 6.72 11.93
CA ASP A 33 -9.85 7.12 12.98
C ASP A 33 -10.41 5.89 13.66
N GLY A 34 -10.43 5.91 14.98
CA GLY A 34 -10.67 4.69 15.72
C GLY A 34 -9.47 3.78 15.58
N ASP A 35 -9.59 2.77 14.73
CA ASP A 35 -8.42 2.04 14.29
C ASP A 35 -8.45 1.89 12.77
N ASP A 36 -9.56 2.33 12.15
CA ASP A 36 -9.72 2.22 10.70
C ASP A 36 -8.87 3.26 10.01
N ARG A 37 -8.38 2.89 8.85
CA ARG A 37 -7.44 3.69 8.10
C ARG A 37 -7.87 3.86 6.65
N TRP A 38 -8.05 5.09 6.22
CA TRP A 38 -8.51 5.37 4.86
C TRP A 38 -7.44 6.08 4.06
N VAL A 39 -7.17 5.59 2.85
CA VAL A 39 -6.08 6.09 2.05
C VAL A 39 -6.51 7.31 1.23
N GLU A 40 -5.95 8.46 1.55
CA GLU A 40 -6.25 9.68 0.82
C GLU A 40 -4.97 10.24 0.17
N ARG A 41 -3.87 9.51 0.34
CA ARG A 41 -2.62 9.86 -0.34
C ARG A 41 -1.76 8.62 -0.59
N VAL A 42 -1.20 8.53 -1.79
CA VAL A 42 -0.27 7.47 -2.13
C VAL A 42 1.14 8.06 -2.28
N TYR A 43 2.14 7.38 -1.75
CA TYR A 43 3.51 7.88 -1.82
C TYR A 43 4.47 6.81 -2.31
N PRO A 44 4.69 6.72 -3.63
CA PRO A 44 5.64 5.78 -4.23
C PRO A 44 7.09 6.03 -3.79
N LEU A 45 7.72 5.00 -3.21
CA LEU A 45 9.12 5.08 -2.80
C LEU A 45 9.98 4.15 -3.65
N ASN A 46 11.24 3.96 -3.24
CA ASN A 46 12.19 3.16 -4.00
C ASN A 46 12.48 1.84 -3.30
N ASN A 47 12.75 0.79 -4.09
CA ASN A 47 13.07 -0.52 -3.55
C ASN A 47 14.57 -0.79 -3.65
N LEU A 48 15.21 -1.00 -2.50
CA LEU A 48 16.64 -1.24 -2.44
C LEU A 48 17.00 -2.65 -2.89
N ASP A 49 16.09 -3.59 -2.68
CA ASP A 49 16.34 -4.99 -3.06
C ASP A 49 16.23 -5.11 -4.57
N GLN A 50 15.25 -4.40 -5.13
CA GLN A 50 15.02 -4.35 -6.57
C GLN A 50 14.64 -5.75 -7.08
N SER A 51 13.87 -6.46 -6.27
CA SER A 51 13.46 -7.82 -6.59
C SER A 51 11.95 -7.90 -6.67
N PRO A 52 11.42 -8.74 -7.57
CA PRO A 52 9.97 -8.92 -7.76
C PRO A 52 9.32 -9.68 -6.59
N GLU A 53 10.15 -10.34 -5.80
CA GLU A 53 9.66 -11.13 -4.66
C GLU A 53 9.99 -10.45 -3.34
N HIS A 54 10.75 -9.36 -3.40
CA HIS A 54 11.18 -8.69 -2.18
C HIS A 54 10.82 -7.22 -2.20
N PHE A 55 10.40 -6.73 -1.06
CA PHE A 55 10.13 -5.31 -0.92
C PHE A 55 10.93 -4.76 0.25
N SER A 56 11.87 -3.89 -0.05
CA SER A 56 12.71 -3.29 0.97
C SER A 56 13.03 -1.86 0.60
N MET A 57 12.85 -0.97 1.55
CA MET A 57 12.98 0.46 1.30
C MET A 57 13.90 1.09 2.33
N ASP A 58 14.42 2.27 2.02
CA ASP A 58 15.38 2.93 2.88
C ASP A 58 14.70 3.74 3.98
N PRO A 59 15.30 3.75 5.19
CA PRO A 59 14.75 4.48 6.34
C PRO A 59 14.62 5.99 6.12
N ARG A 60 15.65 6.63 5.55
CA ARG A 60 15.64 8.07 5.44
C ARG A 60 14.71 8.55 4.31
N GLU A 61 14.51 7.72 3.28
CA GLU A 61 13.54 8.08 2.25
C GLU A 61 12.13 7.92 2.81
N GLN A 62 11.94 6.93 3.68
CA GLN A 62 10.67 6.74 4.39
C GLN A 62 10.38 7.95 5.26
N LEU A 63 11.38 8.37 6.03
CA LEU A 63 11.25 9.50 6.94
C LEU A 63 10.83 10.76 6.18
N THR A 64 11.46 11.01 5.05
CA THR A 64 11.15 12.17 4.24
C THR A 64 9.71 12.12 3.73
N ALA A 65 9.24 10.92 3.41
CA ALA A 65 7.87 10.73 2.94
C ALA A 65 6.86 10.97 4.06
N VAL A 66 7.15 10.41 5.23
CA VAL A 66 6.26 10.57 6.39
C VAL A 66 6.21 12.03 6.82
N LYS A 67 7.34 12.72 6.70
CA LYS A 67 7.43 14.13 7.02
C LYS A 67 6.47 14.94 6.15
N ASP A 68 6.40 14.56 4.88
CA ASP A 68 5.51 15.23 3.93
C ASP A 68 4.06 14.85 4.20
N MET A 69 3.85 13.61 4.61
CA MET A 69 2.52 13.12 4.90
C MET A 69 1.88 13.93 6.02
N ARG A 70 2.64 14.14 7.10
CA ARG A 70 2.16 14.90 8.25
C ARG A 70 2.04 16.38 7.89
N LYS A 71 2.81 16.79 6.88
CA LYS A 71 2.85 18.16 6.42
C LYS A 71 1.47 18.63 5.96
N ASN A 72 0.73 17.73 5.32
CA ASN A 72 -0.62 18.06 4.88
C ASN A 72 -1.63 17.74 5.98
N GLY A 73 -1.23 16.89 6.91
CA GLY A 73 -2.09 16.57 8.03
C GLY A 73 -2.38 15.09 8.14
N TRP A 74 -2.01 14.33 7.12
CA TRP A 74 -2.26 12.90 7.10
C TRP A 74 -1.23 12.14 7.92
N VAL A 75 -1.51 10.86 8.17
CA VAL A 75 -0.58 9.98 8.83
C VAL A 75 -0.30 8.78 7.93
N MET A 76 0.75 8.01 8.23
CA MET A 76 1.05 6.84 7.44
C MET A 76 0.13 5.70 7.84
N LEU A 77 -0.30 4.93 6.86
CA LEU A 77 -1.23 3.84 7.10
C LEU A 77 -0.61 2.51 6.71
N GLY A 78 0.70 2.53 6.52
CA GLY A 78 1.40 1.33 6.10
C GLY A 78 2.05 1.50 4.74
N ASN A 79 2.15 0.42 3.99
CA ASN A 79 2.79 0.45 2.68
C ASN A 79 2.07 -0.46 1.69
N PHE A 80 2.53 -0.46 0.46
CA PHE A 80 1.91 -1.24 -0.59
C PHE A 80 2.96 -1.79 -1.54
N HIS A 81 2.69 -2.96 -2.11
CA HIS A 81 3.56 -3.53 -3.14
C HIS A 81 2.77 -4.57 -3.93
N SER A 82 3.06 -4.68 -5.21
CA SER A 82 2.30 -5.57 -6.09
C SER A 82 3.19 -6.71 -6.59
N HIS A 83 2.64 -7.92 -6.62
CA HIS A 83 3.37 -9.03 -7.19
C HIS A 83 3.15 -9.05 -8.70
N PRO A 84 4.19 -9.35 -9.49
CA PRO A 84 4.12 -9.31 -10.95
C PRO A 84 3.42 -10.53 -11.53
N ALA A 85 3.92 -11.71 -11.20
CA ALA A 85 3.39 -12.94 -11.74
C ALA A 85 3.12 -13.93 -10.62
N THR A 86 2.58 -13.42 -9.53
CA THR A 86 2.28 -14.23 -8.36
C THR A 86 1.00 -13.74 -7.67
N PRO A 87 0.32 -14.62 -6.92
CA PRO A 87 -0.94 -14.30 -6.25
C PRO A 87 -0.79 -13.21 -5.19
N ALA A 88 -1.90 -12.85 -4.55
CA ALA A 88 -1.91 -11.78 -3.57
C ALA A 88 -1.63 -12.31 -2.16
N ARG A 89 -1.45 -13.61 -2.06
CA ARG A 89 -1.15 -14.23 -0.78
C ARG A 89 0.30 -13.94 -0.40
N PRO A 90 0.57 -13.76 0.90
CA PRO A 90 1.92 -13.46 1.37
C PRO A 90 2.87 -14.65 1.22
N SER A 91 3.98 -14.42 0.54
CA SER A 91 5.01 -15.45 0.41
C SER A 91 5.83 -15.51 1.69
N ALA A 92 6.74 -16.49 1.77
CA ALA A 92 7.57 -16.65 2.94
C ALA A 92 8.38 -15.38 3.22
N GLU A 93 8.76 -14.70 2.15
CA GLU A 93 9.51 -13.47 2.26
C GLU A 93 8.63 -12.32 2.75
N ASP A 94 7.45 -12.18 2.14
CA ASP A 94 6.49 -11.13 2.56
C ASP A 94 6.12 -11.31 4.02
N LYS A 95 5.95 -12.58 4.40
CA LYS A 95 5.54 -12.94 5.76
C LYS A 95 6.53 -12.44 6.81
N ARG A 96 7.81 -12.68 6.59
CA ARG A 96 8.81 -12.38 7.57
C ARG A 96 9.10 -10.87 7.64
N LEU A 97 8.90 -10.18 6.53
CA LEU A 97 9.21 -8.75 6.46
C LEU A 97 8.17 -7.91 7.22
N ALA A 98 7.15 -8.56 7.74
CA ALA A 98 6.14 -7.87 8.53
C ALA A 98 6.59 -7.76 9.98
N PHE A 99 7.26 -6.66 10.31
CA PHE A 99 7.76 -6.43 11.65
C PHE A 99 6.88 -5.44 12.41
N ASP A 100 5.92 -4.86 11.71
CA ASP A 100 5.06 -3.84 12.31
C ASP A 100 3.59 -4.18 12.08
N PRO A 101 2.99 -4.96 12.99
CA PRO A 101 1.59 -5.39 12.86
C PRO A 101 0.58 -4.24 12.98
N SER A 102 1.07 -3.04 13.30
CA SER A 102 0.21 -1.88 13.42
C SER A 102 0.04 -1.19 12.08
N LEU A 103 0.99 -1.44 11.18
CA LEU A 103 0.93 -0.91 9.84
C LEU A 103 0.27 -1.90 8.90
N SER A 104 -0.47 -1.40 7.93
CA SER A 104 -1.16 -2.26 6.98
C SER A 104 -0.26 -2.57 5.78
N TYR A 105 0.00 -3.84 5.57
CA TYR A 105 0.79 -4.28 4.42
C TYR A 105 -0.14 -4.64 3.28
N LEU A 106 -0.22 -3.78 2.27
CA LEU A 106 -1.07 -4.06 1.12
C LEU A 106 -0.32 -4.85 0.06
N ILE A 107 -0.96 -5.90 -0.41
CA ILE A 107 -0.40 -6.73 -1.46
C ILE A 107 -1.34 -6.75 -2.66
N ILE A 108 -0.83 -6.29 -3.79
CA ILE A 108 -1.58 -6.29 -5.03
C ILE A 108 -1.08 -7.41 -5.93
N SER A 109 -1.98 -8.03 -6.68
CA SER A 109 -1.59 -9.08 -7.59
C SER A 109 -1.80 -8.62 -9.03
N LEU A 110 -0.70 -8.39 -9.74
CA LEU A 110 -0.75 -7.97 -11.14
C LEU A 110 -0.79 -9.19 -12.05
N ALA A 111 -0.95 -10.37 -11.44
CA ALA A 111 -1.07 -11.62 -12.18
C ALA A 111 -2.36 -11.64 -13.02
N GLU A 112 -3.29 -10.77 -12.65
CA GLU A 112 -4.54 -10.62 -13.38
C GLU A 112 -4.77 -9.15 -13.69
N PRO A 113 -4.21 -8.66 -14.81
CA PRO A 113 -4.23 -7.23 -15.15
C PRO A 113 -5.62 -6.71 -15.54
N GLN A 114 -6.53 -7.63 -15.81
CA GLN A 114 -7.90 -7.25 -16.16
C GLN A 114 -8.71 -6.99 -14.89
N LYS A 115 -8.26 -7.59 -13.80
CA LYS A 115 -8.87 -7.38 -12.49
C LYS A 115 -7.83 -7.58 -11.40
N PRO A 116 -6.97 -6.57 -11.19
CA PRO A 116 -5.89 -6.64 -10.20
C PRO A 116 -6.46 -6.82 -8.79
N VAL A 117 -6.12 -7.94 -8.17
CA VAL A 117 -6.61 -8.21 -6.82
C VAL A 117 -5.79 -7.40 -5.82
N CYS A 118 -6.46 -6.55 -5.10
CA CYS A 118 -5.83 -5.73 -4.08
C CYS A 118 -6.40 -6.06 -2.71
N LYS A 119 -5.53 -6.32 -1.76
CA LYS A 119 -5.96 -6.54 -0.38
C LYS A 119 -5.01 -5.84 0.57
N SER A 120 -5.47 -5.68 1.80
CA SER A 120 -4.65 -5.14 2.85
C SER A 120 -4.50 -6.20 3.93
N PHE A 121 -3.28 -6.55 4.26
CA PHE A 121 -3.07 -7.63 5.20
C PHE A 121 -2.40 -7.14 6.47
N LEU A 122 -2.98 -7.52 7.58
CA LEU A 122 -2.34 -7.33 8.87
C LEU A 122 -1.66 -8.64 9.23
N ILE A 123 -0.33 -8.65 9.15
CA ILE A 123 0.40 -9.88 9.33
C ILE A 123 0.76 -10.08 10.80
N LYS A 124 0.08 -11.04 11.41
CA LYS A 124 0.32 -11.41 12.79
C LYS A 124 1.56 -12.30 12.86
N LYS A 125 1.97 -12.68 14.07
CA LYS A 125 3.17 -13.49 14.28
C LYS A 125 3.22 -14.64 13.30
N ASP A 126 2.16 -15.43 13.29
CA ASP A 126 2.02 -16.47 12.30
C ASP A 126 0.56 -16.57 11.83
N GLY A 127 0.15 -15.56 11.10
CA GLY A 127 -1.16 -15.57 10.50
C GLY A 127 -1.43 -14.27 9.79
N VAL A 128 -1.98 -14.36 8.59
CA VAL A 128 -2.27 -13.17 7.81
C VAL A 128 -3.75 -12.84 7.90
N ASP A 129 -4.06 -11.62 8.30
CA ASP A 129 -5.45 -11.21 8.44
C ASP A 129 -5.81 -10.23 7.34
N GLU A 130 -6.76 -10.63 6.51
CA GLU A 130 -7.12 -9.85 5.35
C GLU A 130 -8.14 -8.77 5.69
N GLU A 131 -7.81 -7.54 5.34
CA GLU A 131 -8.73 -6.44 5.46
C GLU A 131 -9.31 -6.11 4.09
N GLU A 132 -10.60 -5.88 4.02
CA GLU A 132 -11.28 -5.76 2.73
C GLU A 132 -11.12 -4.36 2.15
N ILE A 133 -10.91 -4.31 0.84
CA ILE A 133 -10.68 -3.06 0.14
C ILE A 133 -11.98 -2.49 -0.39
N ILE A 134 -12.35 -1.31 0.10
CA ILE A 134 -13.52 -0.61 -0.39
C ILE A 134 -13.10 0.49 -1.34
N LEU A 135 -13.63 0.45 -2.56
CA LEU A 135 -13.29 1.46 -3.56
C LEU A 135 -14.26 2.63 -3.49
N LYS A 136 -13.72 3.83 -3.38
CA LYS A 136 -14.55 5.02 -3.31
C LYS A 136 -14.43 5.83 -4.60
N GLU A 137 -15.38 6.74 -4.79
CA GLU A 137 -15.48 7.48 -6.04
C GLU A 137 -14.40 8.53 -6.19
N GLU A 138 -13.98 9.04 -5.06
CA GLU A 138 -13.03 10.15 -5.01
C GLU A 138 -12.68 10.49 -3.57
N LEU A 139 -11.59 11.23 -3.38
CA LEU A 139 -11.12 11.61 -2.06
C LEU A 139 -12.20 12.37 -1.29
N GLU A 140 -12.19 12.16 0.03
CA GLU A 140 -13.19 12.72 0.97
C GLU A 140 -14.64 12.58 0.48
N HIS A 141 -14.88 11.65 -0.44
CA HIS A 141 -16.24 11.42 -0.94
C HIS A 141 -16.66 9.98 -0.72
N HIS A 142 -17.20 9.70 0.45
CA HIS A 142 -17.58 8.33 0.81
C HIS A 142 -19.08 8.14 0.62
N HIS A 143 -19.58 8.60 -0.53
CA HIS A 143 -21.02 8.72 -0.78
C HIS A 143 -21.65 9.69 0.20
N HIS A 144 -21.61 10.96 -0.15
CA HIS A 144 -22.13 12.02 0.69
C HIS A 144 -22.39 13.26 -0.17
N HIS A 145 -23.50 13.20 -0.92
CA HIS A 145 -23.92 14.28 -1.81
C HIS A 145 -22.95 14.44 -2.99
N HIS A 146 -23.45 14.95 -4.11
CA HIS A 146 -22.61 15.18 -5.28
C HIS A 146 -22.25 16.66 -5.39
N MET A 1 -11.87 -2.12 7.41
CA MET A 1 -12.14 -1.75 6.01
C MET A 1 -11.27 -0.58 5.59
N ILE A 2 -10.63 -0.72 4.46
CA ILE A 2 -9.81 0.35 3.93
C ILE A 2 -10.51 0.98 2.73
N THR A 3 -10.46 2.30 2.64
CA THR A 3 -11.11 3.02 1.57
C THR A 3 -10.10 3.88 0.81
N LEU A 4 -10.03 3.65 -0.48
CA LEU A 4 -9.24 4.47 -1.37
C LEU A 4 -9.99 4.66 -2.67
N THR A 5 -9.57 5.62 -3.46
CA THR A 5 -10.30 5.98 -4.66
C THR A 5 -9.78 5.21 -5.86
N LYS A 6 -10.58 5.20 -6.92
CA LYS A 6 -10.17 4.59 -8.19
C LYS A 6 -8.87 5.22 -8.67
N LYS A 7 -8.79 6.53 -8.50
CA LYS A 7 -7.61 7.31 -8.81
C LYS A 7 -6.38 6.80 -8.03
N GLN A 8 -6.53 6.61 -6.73
CA GLN A 8 -5.44 6.07 -5.90
C GLN A 8 -5.02 4.69 -6.41
N MET A 9 -6.02 3.88 -6.74
CA MET A 9 -5.78 2.55 -7.29
C MET A 9 -5.00 2.65 -8.59
N GLU A 10 -5.42 3.57 -9.46
CA GLU A 10 -4.75 3.82 -10.71
C GLU A 10 -3.31 4.27 -10.50
N GLU A 11 -3.10 5.11 -9.48
CA GLU A 11 -1.77 5.57 -9.12
C GLU A 11 -0.86 4.41 -8.75
N MET A 12 -1.41 3.47 -7.98
CA MET A 12 -0.67 2.28 -7.60
C MET A 12 -0.47 1.36 -8.79
N LEU A 13 -1.55 1.13 -9.54
CA LEU A 13 -1.53 0.25 -10.70
C LEU A 13 -0.52 0.73 -11.76
N ALA A 14 -0.52 2.03 -12.02
CA ALA A 14 0.39 2.61 -12.98
C ALA A 14 1.84 2.41 -12.56
N HIS A 15 2.10 2.60 -11.26
CA HIS A 15 3.44 2.42 -10.73
C HIS A 15 3.84 0.95 -10.78
N ALA A 16 2.88 0.08 -10.47
CA ALA A 16 3.13 -1.36 -10.49
C ALA A 16 3.57 -1.83 -11.87
N ARG A 17 2.79 -1.48 -12.90
CA ARG A 17 3.11 -1.89 -14.26
C ARG A 17 4.40 -1.23 -14.74
N GLN A 18 4.63 -0.02 -14.25
CA GLN A 18 5.84 0.74 -14.55
C GLN A 18 7.10 -0.03 -14.12
N ALA A 19 7.05 -0.61 -12.94
CA ALA A 19 8.22 -1.23 -12.35
C ALA A 19 8.22 -2.75 -12.49
N LEU A 20 7.42 -3.28 -13.42
CA LEU A 20 7.38 -4.72 -13.64
C LEU A 20 8.64 -5.19 -14.34
N PRO A 21 9.20 -6.33 -13.90
CA PRO A 21 8.67 -7.12 -12.80
C PRO A 21 9.42 -6.89 -11.48
N ASN A 22 8.78 -6.16 -10.57
CA ASN A 22 9.30 -5.96 -9.23
C ASN A 22 8.15 -5.96 -8.23
N GLU A 23 8.45 -5.68 -6.97
CA GLU A 23 7.43 -5.59 -5.95
C GLU A 23 6.69 -4.26 -6.07
N ALA A 24 7.38 -3.29 -6.68
CA ALA A 24 6.79 -2.00 -7.04
C ALA A 24 5.96 -1.39 -5.92
N CYS A 25 6.52 -1.36 -4.73
CA CYS A 25 5.77 -1.01 -3.54
C CYS A 25 6.24 0.30 -2.92
N GLY A 26 5.44 0.81 -1.99
CA GLY A 26 5.74 2.08 -1.34
C GLY A 26 4.95 2.24 -0.07
N LEU A 27 4.56 3.47 0.24
CA LEU A 27 3.85 3.76 1.48
C LEU A 27 2.51 4.45 1.22
N LEU A 28 1.61 4.37 2.19
CA LEU A 28 0.30 5.00 2.08
C LEU A 28 0.05 5.92 3.27
N GLY A 29 -0.47 7.11 2.98
CA GLY A 29 -0.74 8.08 4.03
C GLY A 29 -2.19 8.51 4.04
N GLY A 30 -2.63 9.05 5.17
CA GLY A 30 -4.00 9.52 5.29
C GLY A 30 -4.47 9.48 6.73
N ARG A 31 -5.69 9.02 6.92
CA ARG A 31 -6.27 8.93 8.26
C ARG A 31 -6.65 7.49 8.58
N ARG A 32 -6.23 7.02 9.74
CA ARG A 32 -6.53 5.66 10.13
C ARG A 32 -7.34 5.62 11.40
N ASP A 33 -8.39 4.81 11.36
CA ASP A 33 -9.20 4.52 12.52
C ASP A 33 -9.05 3.04 12.84
N GLY A 34 -9.51 2.61 14.00
CA GLY A 34 -9.41 1.22 14.35
C GLY A 34 -10.17 0.32 13.40
N ASP A 35 -11.27 0.83 12.88
CA ASP A 35 -12.12 0.07 11.97
C ASP A 35 -11.85 0.41 10.52
N ASP A 36 -11.63 1.69 10.23
CA ASP A 36 -11.49 2.11 8.83
C ASP A 36 -10.14 2.75 8.56
N ARG A 37 -9.77 2.73 7.30
CA ARG A 37 -8.53 3.33 6.82
C ARG A 37 -8.85 4.22 5.62
N TRP A 38 -8.50 5.50 5.69
CA TRP A 38 -8.80 6.41 4.59
C TRP A 38 -7.52 6.90 3.93
N VAL A 39 -7.31 6.49 2.68
CA VAL A 39 -6.09 6.79 1.95
C VAL A 39 -6.26 8.02 1.06
N GLU A 40 -5.45 9.04 1.29
CA GLU A 40 -5.46 10.23 0.43
C GLU A 40 -4.08 10.46 -0.20
N ARG A 41 -3.03 9.97 0.45
CA ARG A 41 -1.66 10.20 -0.01
C ARG A 41 -0.98 8.90 -0.40
N VAL A 42 -0.37 8.88 -1.57
CA VAL A 42 0.35 7.71 -2.04
C VAL A 42 1.85 8.03 -2.15
N TYR A 43 2.68 7.13 -1.64
CA TYR A 43 4.13 7.27 -1.76
C TYR A 43 4.72 6.12 -2.54
N PRO A 44 4.75 6.22 -3.88
CA PRO A 44 5.29 5.15 -4.73
C PRO A 44 6.82 5.12 -4.72
N LEU A 45 7.38 4.03 -4.20
CA LEU A 45 8.82 3.91 -4.08
C LEU A 45 9.37 2.86 -5.06
N ASN A 46 10.68 2.66 -5.02
CA ASN A 46 11.34 1.70 -5.91
C ASN A 46 12.10 0.67 -5.08
N ASN A 47 12.30 -0.51 -5.64
CA ASN A 47 12.97 -1.60 -4.93
C ASN A 47 14.48 -1.40 -4.91
N LEU A 48 14.98 -0.98 -3.75
CA LEU A 48 16.42 -0.80 -3.55
C LEU A 48 17.17 -2.10 -3.79
N ASP A 49 16.54 -3.20 -3.39
CA ASP A 49 17.12 -4.53 -3.48
C ASP A 49 17.30 -4.97 -4.93
N GLN A 50 16.54 -4.34 -5.83
CA GLN A 50 16.51 -4.71 -7.25
C GLN A 50 15.94 -6.12 -7.42
N SER A 51 15.37 -6.65 -6.35
CA SER A 51 14.79 -7.97 -6.35
C SER A 51 13.26 -7.87 -6.38
N PRO A 52 12.59 -8.80 -7.09
CA PRO A 52 11.14 -8.75 -7.28
C PRO A 52 10.35 -9.12 -6.02
N GLU A 53 10.94 -9.94 -5.16
CA GLU A 53 10.25 -10.40 -3.96
C GLU A 53 10.81 -9.73 -2.70
N HIS A 54 11.73 -8.78 -2.90
CA HIS A 54 12.41 -8.14 -1.76
C HIS A 54 12.28 -6.64 -1.84
N PHE A 55 12.18 -6.02 -0.68
CA PHE A 55 12.03 -4.57 -0.57
C PHE A 55 12.47 -4.08 0.81
N SER A 56 13.67 -3.52 0.89
CA SER A 56 14.20 -3.03 2.15
C SER A 56 13.88 -1.57 2.36
N MET A 57 13.17 -1.01 1.41
CA MET A 57 12.74 0.39 1.42
C MET A 57 13.95 1.32 1.60
N ASP A 58 13.71 2.60 1.83
CA ASP A 58 14.79 3.54 2.08
C ASP A 58 14.41 4.46 3.24
N PRO A 59 15.35 4.77 4.14
CA PRO A 59 15.10 5.61 5.32
C PRO A 59 14.98 7.08 4.96
N ARG A 60 15.73 7.49 3.94
CA ARG A 60 15.73 8.88 3.50
C ARG A 60 14.40 9.21 2.86
N GLU A 61 13.85 8.27 2.10
CA GLU A 61 12.53 8.43 1.50
C GLU A 61 11.47 8.47 2.58
N GLN A 62 11.63 7.65 3.62
CA GLN A 62 10.70 7.65 4.75
C GLN A 62 10.69 9.01 5.43
N LEU A 63 11.88 9.53 5.72
CA LEU A 63 12.01 10.83 6.39
C LEU A 63 11.33 11.92 5.56
N THR A 64 11.49 11.86 4.25
CA THR A 64 10.86 12.81 3.35
C THR A 64 9.33 12.65 3.40
N ALA A 65 8.89 11.41 3.45
CA ALA A 65 7.46 11.10 3.51
C ALA A 65 6.85 11.60 4.80
N VAL A 66 7.58 11.44 5.91
CA VAL A 66 7.11 11.92 7.20
C VAL A 66 6.90 13.43 7.16
N LYS A 67 7.82 14.14 6.53
CA LYS A 67 7.71 15.60 6.42
C LYS A 67 6.47 15.98 5.61
N ASP A 68 6.27 15.28 4.49
CA ASP A 68 5.11 15.50 3.63
C ASP A 68 3.82 15.22 4.40
N MET A 69 3.81 14.07 5.05
CA MET A 69 2.66 13.62 5.82
C MET A 69 2.30 14.61 6.92
N ARG A 70 3.31 15.03 7.67
CA ARG A 70 3.11 15.95 8.80
C ARG A 70 2.80 17.35 8.29
N LYS A 71 3.26 17.65 7.08
CA LYS A 71 2.99 18.93 6.44
C LYS A 71 1.50 19.09 6.18
N ASN A 72 0.88 18.01 5.76
CA ASN A 72 -0.54 18.02 5.43
C ASN A 72 -1.39 17.73 6.67
N GLY A 73 -0.77 17.14 7.67
CA GLY A 73 -1.48 16.86 8.91
C GLY A 73 -2.13 15.49 8.92
N TRP A 74 -1.50 14.55 8.25
CA TRP A 74 -2.01 13.20 8.16
C TRP A 74 -1.04 12.20 8.81
N VAL A 75 -1.42 10.93 8.81
CA VAL A 75 -0.63 9.90 9.47
C VAL A 75 -0.40 8.70 8.55
N MET A 76 0.49 7.81 8.97
CA MET A 76 0.88 6.65 8.15
C MET A 76 -0.10 5.49 8.34
N LEU A 77 -0.73 5.09 7.24
CA LEU A 77 -1.71 4.02 7.27
C LEU A 77 -1.04 2.66 7.15
N GLY A 78 0.04 2.64 6.39
CA GLY A 78 0.74 1.41 6.14
C GLY A 78 1.45 1.46 4.81
N ASN A 79 1.49 0.34 4.12
CA ASN A 79 2.16 0.27 2.84
C ASN A 79 1.40 -0.61 1.87
N PHE A 80 1.74 -0.51 0.60
CA PHE A 80 1.12 -1.33 -0.42
C PHE A 80 2.19 -2.11 -1.16
N HIS A 81 1.89 -3.37 -1.43
CA HIS A 81 2.81 -4.27 -2.12
C HIS A 81 2.16 -4.79 -3.39
N SER A 82 2.97 -5.25 -4.33
CA SER A 82 2.44 -5.88 -5.53
C SER A 82 3.41 -6.96 -6.00
N HIS A 83 2.88 -8.10 -6.38
CA HIS A 83 3.72 -9.19 -6.83
C HIS A 83 3.74 -9.24 -8.35
N PRO A 84 4.90 -9.55 -8.93
CA PRO A 84 5.09 -9.52 -10.39
C PRO A 84 4.47 -10.73 -11.11
N ALA A 85 4.60 -11.91 -10.52
CA ALA A 85 4.12 -13.12 -11.15
C ALA A 85 3.63 -14.11 -10.12
N THR A 86 3.14 -13.59 -9.01
CA THR A 86 2.67 -14.41 -7.90
C THR A 86 1.36 -13.89 -7.35
N PRO A 87 0.56 -14.76 -6.72
CA PRO A 87 -0.78 -14.40 -6.21
C PRO A 87 -0.72 -13.42 -5.05
N ALA A 88 -1.89 -12.95 -4.62
CA ALA A 88 -1.99 -12.02 -3.51
C ALA A 88 -2.01 -12.77 -2.18
N ARG A 89 -0.83 -13.11 -1.70
CA ARG A 89 -0.65 -13.76 -0.41
C ARG A 89 0.80 -13.60 0.02
N PRO A 90 1.04 -13.39 1.32
CA PRO A 90 2.39 -13.27 1.86
C PRO A 90 3.07 -14.63 2.02
N SER A 91 4.19 -14.80 1.32
CA SER A 91 4.99 -16.01 1.46
C SER A 91 5.79 -15.97 2.77
N ALA A 92 6.61 -16.98 3.01
CA ALA A 92 7.37 -17.08 4.25
C ALA A 92 8.29 -15.88 4.44
N GLU A 93 9.03 -15.52 3.40
CA GLU A 93 9.96 -14.40 3.48
C GLU A 93 9.21 -13.07 3.44
N ASP A 94 8.08 -13.02 2.73
CA ASP A 94 7.22 -11.84 2.73
C ASP A 94 6.76 -11.52 4.15
N LYS A 95 6.46 -12.57 4.91
CA LYS A 95 6.01 -12.43 6.29
C LYS A 95 7.15 -11.92 7.16
N ARG A 96 8.38 -12.30 6.81
CA ARG A 96 9.56 -11.83 7.54
C ARG A 96 9.71 -10.31 7.40
N LEU A 97 9.19 -9.78 6.30
CA LEU A 97 9.32 -8.37 5.99
C LEU A 97 8.24 -7.54 6.68
N ALA A 98 7.54 -8.16 7.61
CA ALA A 98 6.53 -7.46 8.39
C ALA A 98 7.19 -6.64 9.49
N PHE A 99 7.62 -5.44 9.15
CA PHE A 99 8.27 -4.55 10.10
C PHE A 99 7.26 -3.55 10.65
N ASP A 100 6.09 -3.52 10.06
CA ASP A 100 5.02 -2.63 10.51
C ASP A 100 4.43 -3.16 11.81
N PRO A 101 4.02 -2.27 12.72
CA PRO A 101 3.50 -2.66 14.03
C PRO A 101 2.18 -3.42 13.91
N SER A 102 1.19 -2.79 13.30
CA SER A 102 -0.11 -3.41 13.10
C SER A 102 -0.82 -2.74 11.92
N LEU A 103 -0.03 -2.26 10.97
CA LEU A 103 -0.55 -1.53 9.82
C LEU A 103 -1.11 -2.49 8.79
N SER A 104 -1.83 -1.96 7.81
CA SER A 104 -2.45 -2.77 6.78
C SER A 104 -1.48 -3.04 5.64
N TYR A 105 -1.24 -4.31 5.37
CA TYR A 105 -0.38 -4.71 4.27
C TYR A 105 -1.21 -4.97 3.02
N LEU A 106 -1.33 -3.97 2.15
CA LEU A 106 -2.06 -4.14 0.91
C LEU A 106 -1.22 -4.94 -0.06
N ILE A 107 -1.79 -5.98 -0.62
CA ILE A 107 -1.07 -6.82 -1.57
C ILE A 107 -1.87 -6.97 -2.85
N ILE A 108 -1.30 -6.47 -3.94
CA ILE A 108 -1.93 -6.59 -5.24
C ILE A 108 -1.16 -7.59 -6.09
N SER A 109 -1.88 -8.45 -6.80
CA SER A 109 -1.26 -9.38 -7.71
C SER A 109 -1.27 -8.81 -9.12
N LEU A 110 -0.09 -8.47 -9.61
CA LEU A 110 0.04 -7.83 -10.92
C LEU A 110 0.49 -8.86 -11.97
N ALA A 111 0.04 -10.10 -11.78
CA ALA A 111 0.36 -11.18 -12.73
C ALA A 111 -0.14 -10.82 -14.13
N GLU A 112 -1.35 -10.26 -14.19
CA GLU A 112 -1.92 -9.79 -15.44
C GLU A 112 -2.82 -8.59 -15.15
N PRO A 113 -2.81 -7.56 -16.01
CA PRO A 113 -3.63 -6.35 -15.83
C PRO A 113 -5.10 -6.58 -16.15
N GLN A 114 -5.40 -7.76 -16.66
CA GLN A 114 -6.78 -8.14 -16.94
C GLN A 114 -7.58 -8.17 -15.64
N LYS A 115 -6.98 -8.75 -14.60
CA LYS A 115 -7.61 -8.84 -13.30
C LYS A 115 -6.55 -8.84 -12.20
N PRO A 116 -6.08 -7.64 -11.82
CA PRO A 116 -5.14 -7.48 -10.73
C PRO A 116 -5.86 -7.56 -9.38
N VAL A 117 -5.68 -8.67 -8.69
CA VAL A 117 -6.39 -8.89 -7.43
C VAL A 117 -5.76 -8.05 -6.32
N CYS A 118 -6.57 -7.20 -5.70
CA CYS A 118 -6.10 -6.35 -4.64
C CYS A 118 -6.75 -6.73 -3.31
N LYS A 119 -5.93 -7.05 -2.32
CA LYS A 119 -6.43 -7.36 -0.98
C LYS A 119 -5.58 -6.67 0.06
N SER A 120 -6.09 -6.60 1.27
CA SER A 120 -5.34 -6.03 2.37
C SER A 120 -5.15 -7.08 3.45
N PHE A 121 -3.91 -7.38 3.78
CA PHE A 121 -3.63 -8.40 4.76
C PHE A 121 -3.14 -7.79 6.06
N LEU A 122 -3.73 -8.24 7.15
CA LEU A 122 -3.31 -7.84 8.48
C LEU A 122 -2.51 -8.97 9.09
N ILE A 123 -1.21 -8.77 9.21
CA ILE A 123 -0.34 -9.81 9.74
C ILE A 123 -0.29 -9.72 11.25
N LYS A 124 -0.91 -10.67 11.93
CA LYS A 124 -0.85 -10.74 13.37
C LYS A 124 0.13 -11.81 13.80
N LYS A 125 0.41 -11.82 15.09
CA LYS A 125 1.27 -12.81 15.72
C LYS A 125 0.86 -14.23 15.33
N ASP A 126 -0.39 -14.54 15.62
CA ASP A 126 -0.90 -15.90 15.46
C ASP A 126 -1.62 -16.10 14.12
N GLY A 127 -1.20 -15.36 13.10
CA GLY A 127 -1.77 -15.59 11.76
C GLY A 127 -2.10 -14.30 11.03
N VAL A 128 -2.25 -14.40 9.72
CA VAL A 128 -2.62 -13.24 8.90
C VAL A 128 -4.12 -13.23 8.61
N ASP A 129 -4.73 -12.08 8.79
CA ASP A 129 -6.17 -11.92 8.57
C ASP A 129 -6.41 -10.94 7.44
N GLU A 130 -7.33 -11.26 6.55
CA GLU A 130 -7.55 -10.44 5.37
C GLU A 130 -8.67 -9.43 5.60
N GLU A 131 -8.39 -8.18 5.25
CA GLU A 131 -9.33 -7.09 5.41
C GLU A 131 -9.99 -6.77 4.07
N GLU A 132 -11.06 -6.01 4.08
CA GLU A 132 -11.80 -5.70 2.87
C GLU A 132 -11.45 -4.31 2.34
N ILE A 133 -11.47 -4.16 1.03
CA ILE A 133 -11.18 -2.89 0.38
C ILE A 133 -12.42 -2.33 -0.27
N ILE A 134 -12.77 -1.09 0.08
CA ILE A 134 -13.89 -0.42 -0.54
C ILE A 134 -13.40 0.78 -1.35
N LEU A 135 -13.89 0.89 -2.58
CA LEU A 135 -13.44 1.93 -3.48
C LEU A 135 -14.41 3.11 -3.45
N LYS A 136 -13.87 4.29 -3.73
CA LYS A 136 -14.68 5.49 -3.90
C LYS A 136 -14.29 6.19 -5.19
N GLU A 137 -15.21 6.97 -5.75
CA GLU A 137 -14.98 7.62 -7.04
C GLU A 137 -14.06 8.80 -6.89
N GLU A 138 -14.13 9.38 -5.73
CA GLU A 138 -13.41 10.59 -5.41
C GLU A 138 -13.14 10.64 -3.91
N LEU A 139 -12.37 11.64 -3.47
CA LEU A 139 -12.04 11.79 -2.05
C LEU A 139 -13.27 12.28 -1.27
N GLU A 140 -13.02 12.73 -0.03
CA GLU A 140 -14.09 13.16 0.87
C GLU A 140 -14.93 11.97 1.31
N HIS A 141 -16.04 12.24 1.98
CA HIS A 141 -16.97 11.20 2.36
C HIS A 141 -18.01 11.05 1.26
N HIS A 142 -17.55 10.66 0.08
CA HIS A 142 -18.39 10.59 -1.11
C HIS A 142 -19.56 9.62 -0.93
N HIS A 143 -20.72 10.05 -1.38
CA HIS A 143 -21.95 9.26 -1.28
C HIS A 143 -22.77 9.40 -2.55
N HIS A 144 -22.84 8.33 -3.34
CA HIS A 144 -23.53 8.37 -4.63
C HIS A 144 -24.18 7.03 -4.97
N HIS A 145 -25.34 7.12 -5.62
CA HIS A 145 -26.01 6.00 -6.28
C HIS A 145 -26.12 4.75 -5.40
N HIS A 146 -27.26 4.59 -4.76
CA HIS A 146 -27.56 3.38 -4.02
C HIS A 146 -28.87 2.79 -4.52
N MET A 1 -11.91 -1.77 7.88
CA MET A 1 -11.89 -1.55 6.41
C MET A 1 -10.80 -0.54 6.05
N ILE A 2 -10.44 -0.52 4.77
CA ILE A 2 -9.50 0.47 4.28
C ILE A 2 -10.09 1.17 3.05
N THR A 3 -10.19 2.48 3.11
CA THR A 3 -10.82 3.24 2.04
C THR A 3 -9.79 3.98 1.20
N LEU A 4 -9.83 3.76 -0.11
CA LEU A 4 -9.00 4.48 -1.06
C LEU A 4 -9.77 4.69 -2.35
N THR A 5 -9.28 5.58 -3.19
CA THR A 5 -10.03 5.95 -4.38
C THR A 5 -9.49 5.24 -5.61
N LYS A 6 -10.27 5.28 -6.68
CA LYS A 6 -9.86 4.74 -7.97
C LYS A 6 -8.55 5.37 -8.41
N LYS A 7 -8.45 6.67 -8.20
CA LYS A 7 -7.25 7.43 -8.52
C LYS A 7 -6.03 6.85 -7.81
N GLN A 8 -6.17 6.54 -6.51
CA GLN A 8 -5.08 5.96 -5.73
C GLN A 8 -4.71 4.57 -6.28
N MET A 9 -5.74 3.78 -6.58
CA MET A 9 -5.52 2.45 -7.14
C MET A 9 -4.80 2.55 -8.48
N GLU A 10 -5.27 3.46 -9.31
CA GLU A 10 -4.66 3.73 -10.60
C GLU A 10 -3.20 4.15 -10.45
N GLU A 11 -2.93 4.96 -9.43
CA GLU A 11 -1.59 5.42 -9.13
C GLU A 11 -0.68 4.25 -8.74
N MET A 12 -1.21 3.32 -7.96
CA MET A 12 -0.45 2.13 -7.59
C MET A 12 -0.28 1.21 -8.79
N LEU A 13 -1.36 1.00 -9.54
CA LEU A 13 -1.36 0.13 -10.71
C LEU A 13 -0.37 0.59 -11.77
N ALA A 14 -0.36 1.88 -12.06
CA ALA A 14 0.55 2.43 -13.05
C ALA A 14 2.00 2.24 -12.62
N HIS A 15 2.27 2.45 -11.33
CA HIS A 15 3.62 2.30 -10.81
C HIS A 15 4.02 0.84 -10.82
N ALA A 16 3.06 -0.04 -10.59
CA ALA A 16 3.31 -1.47 -10.57
C ALA A 16 3.68 -1.94 -11.96
N ARG A 17 2.96 -1.42 -12.95
CA ARG A 17 3.23 -1.69 -14.34
C ARG A 17 4.62 -1.21 -14.71
N GLN A 18 4.97 -0.03 -14.22
CA GLN A 18 6.27 0.56 -14.46
C GLN A 18 7.39 -0.26 -13.80
N ALA A 19 7.09 -0.78 -12.62
CA ALA A 19 8.08 -1.50 -11.82
C ALA A 19 8.39 -2.89 -12.37
N LEU A 20 7.56 -3.38 -13.29
CA LEU A 20 7.76 -4.70 -13.87
C LEU A 20 9.14 -4.80 -14.54
N PRO A 21 9.78 -5.99 -14.44
CA PRO A 21 9.22 -7.18 -13.83
C PRO A 21 9.62 -7.36 -12.37
N ASN A 22 9.80 -6.25 -11.67
CA ASN A 22 10.15 -6.29 -10.26
C ASN A 22 8.91 -6.08 -9.40
N GLU A 23 9.13 -5.94 -8.10
CA GLU A 23 8.03 -5.78 -7.16
C GLU A 23 7.74 -4.31 -6.92
N ALA A 24 6.47 -3.94 -7.08
CA ALA A 24 6.04 -2.58 -6.82
C ALA A 24 6.05 -2.29 -5.33
N CYS A 25 6.51 -1.11 -4.97
CA CYS A 25 6.62 -0.72 -3.58
C CYS A 25 6.30 0.75 -3.40
N GLY A 26 6.13 1.18 -2.16
CA GLY A 26 5.85 2.56 -1.88
C GLY A 26 5.24 2.74 -0.50
N LEU A 27 4.81 3.94 -0.19
CA LEU A 27 4.21 4.23 1.11
C LEU A 27 2.82 4.81 0.94
N LEU A 28 1.98 4.64 1.95
CA LEU A 28 0.62 5.14 1.91
C LEU A 28 0.37 6.10 3.07
N GLY A 29 -0.24 7.23 2.77
CA GLY A 29 -0.50 8.22 3.78
C GLY A 29 -1.97 8.55 3.87
N GLY A 30 -2.38 9.01 5.04
CA GLY A 30 -3.76 9.35 5.26
C GLY A 30 -4.09 9.35 6.73
N ARG A 31 -5.31 9.02 7.08
CA ARG A 31 -5.70 9.02 8.46
C ARG A 31 -6.14 7.62 8.87
N ARG A 32 -5.88 7.27 10.11
CA ARG A 32 -6.34 6.01 10.66
C ARG A 32 -7.08 6.26 11.97
N ASP A 33 -8.18 5.58 12.17
CA ASP A 33 -8.97 5.75 13.39
C ASP A 33 -9.65 4.46 13.74
N GLY A 34 -9.70 4.14 15.03
CA GLY A 34 -10.14 2.82 15.44
C GLY A 34 -9.12 1.79 15.01
N ASP A 35 -9.38 1.18 13.87
CA ASP A 35 -8.38 0.34 13.22
C ASP A 35 -8.53 0.48 11.71
N ASP A 36 -9.30 1.49 11.30
CA ASP A 36 -9.56 1.72 9.88
C ASP A 36 -8.62 2.77 9.34
N ARG A 37 -8.35 2.68 8.06
CA ARG A 37 -7.39 3.56 7.42
C ARG A 37 -7.99 4.18 6.15
N TRP A 38 -7.81 5.49 6.00
CA TRP A 38 -8.29 6.20 4.80
C TRP A 38 -7.11 6.75 4.02
N VAL A 39 -6.92 6.26 2.81
CA VAL A 39 -5.76 6.63 2.00
C VAL A 39 -6.06 7.85 1.14
N GLU A 40 -5.45 8.98 1.50
CA GLU A 40 -5.61 10.21 0.72
C GLU A 40 -4.27 10.58 0.07
N ARG A 41 -3.23 9.82 0.41
CA ARG A 41 -1.89 10.04 -0.12
C ARG A 41 -1.25 8.73 -0.55
N VAL A 42 -0.83 8.67 -1.81
CA VAL A 42 -0.09 7.52 -2.31
C VAL A 42 1.28 7.96 -2.81
N TYR A 43 2.32 7.40 -2.22
CA TYR A 43 3.68 7.70 -2.62
C TYR A 43 4.39 6.45 -3.09
N PRO A 44 4.24 6.15 -4.38
CA PRO A 44 4.84 4.95 -4.99
C PRO A 44 6.33 5.14 -5.23
N LEU A 45 7.12 4.62 -4.30
CA LEU A 45 8.57 4.76 -4.38
C LEU A 45 9.17 3.66 -5.23
N ASN A 46 10.47 3.74 -5.49
CA ASN A 46 11.14 2.75 -6.30
C ASN A 46 11.98 1.83 -5.41
N ASN A 47 12.24 0.62 -5.89
CA ASN A 47 13.09 -0.32 -5.18
C ASN A 47 14.56 0.04 -5.44
N LEU A 48 15.19 0.65 -4.44
CA LEU A 48 16.57 1.12 -4.58
C LEU A 48 17.55 -0.03 -4.81
N ASP A 49 17.13 -1.24 -4.50
CA ASP A 49 17.98 -2.41 -4.73
C ASP A 49 17.54 -3.16 -5.98
N GLN A 50 16.33 -2.84 -6.44
CA GLN A 50 15.68 -3.51 -7.60
C GLN A 50 15.88 -5.02 -7.57
N SER A 51 15.82 -5.59 -6.37
CA SER A 51 16.05 -7.01 -6.21
C SER A 51 14.99 -7.62 -5.29
N PRO A 52 14.56 -8.85 -5.59
CA PRO A 52 13.65 -9.60 -4.73
C PRO A 52 14.39 -10.21 -3.54
N GLU A 53 15.70 -10.07 -3.54
CA GLU A 53 16.53 -10.50 -2.43
C GLU A 53 16.68 -9.37 -1.42
N HIS A 54 16.19 -8.20 -1.81
CA HIS A 54 16.24 -7.01 -0.98
C HIS A 54 14.88 -6.34 -0.95
N PHE A 55 14.79 -5.21 -0.28
CA PHE A 55 13.57 -4.41 -0.27
C PHE A 55 13.86 -3.06 0.39
N SER A 56 14.20 -2.08 -0.42
CA SER A 56 14.55 -0.76 0.09
C SER A 56 13.89 0.33 -0.73
N MET A 57 13.29 1.28 -0.05
CA MET A 57 12.65 2.41 -0.72
C MET A 57 13.42 3.69 -0.41
N ASP A 58 14.58 3.50 0.22
CA ASP A 58 15.50 4.59 0.59
C ASP A 58 14.95 5.38 1.78
N PRO A 59 15.84 5.78 2.71
CA PRO A 59 15.44 6.51 3.92
C PRO A 59 14.92 7.91 3.62
N ARG A 60 15.54 8.57 2.64
CA ARG A 60 15.21 9.95 2.33
C ARG A 60 13.89 10.05 1.58
N GLU A 61 13.64 9.08 0.69
CA GLU A 61 12.36 8.99 0.00
C GLU A 61 11.24 8.83 1.02
N GLN A 62 11.45 7.91 1.96
CA GLN A 62 10.49 7.65 3.02
C GLN A 62 10.33 8.87 3.92
N LEU A 63 11.46 9.43 4.35
CA LEU A 63 11.46 10.57 5.26
C LEU A 63 10.67 11.74 4.71
N THR A 64 10.89 12.05 3.44
CA THR A 64 10.22 13.18 2.81
C THR A 64 8.71 12.95 2.75
N ALA A 65 8.31 11.71 2.45
CA ALA A 65 6.90 11.36 2.37
C ALA A 65 6.25 11.43 3.76
N VAL A 66 6.91 10.87 4.76
CA VAL A 66 6.38 10.88 6.13
C VAL A 66 6.26 12.31 6.64
N LYS A 67 7.27 13.13 6.34
CA LYS A 67 7.25 14.53 6.74
C LYS A 67 6.11 15.25 6.06
N ASP A 68 5.88 14.92 4.80
CA ASP A 68 4.79 15.50 4.02
C ASP A 68 3.44 15.23 4.67
N MET A 69 3.22 13.98 5.04
CA MET A 69 2.00 13.60 5.76
C MET A 69 1.89 14.34 7.09
N ARG A 70 2.98 14.35 7.84
CA ARG A 70 3.00 14.99 9.16
C ARG A 70 2.73 16.49 9.06
N LYS A 71 3.23 17.11 8.00
CA LYS A 71 3.08 18.54 7.80
C LYS A 71 1.61 18.95 7.78
N ASN A 72 0.79 18.14 7.15
CA ASN A 72 -0.62 18.48 6.98
C ASN A 72 -1.48 17.85 8.08
N GLY A 73 -0.84 17.15 9.02
CA GLY A 73 -1.56 16.61 10.16
C GLY A 73 -2.01 15.18 9.97
N TRP A 74 -1.44 14.48 9.00
CA TRP A 74 -1.80 13.09 8.75
C TRP A 74 -0.70 12.15 9.24
N VAL A 75 -0.92 10.85 9.00
CA VAL A 75 0.00 9.82 9.44
C VAL A 75 0.25 8.81 8.33
N MET A 76 1.23 7.93 8.54
CA MET A 76 1.50 6.85 7.59
C MET A 76 0.62 5.66 7.91
N LEU A 77 -0.11 5.18 6.92
CA LEU A 77 -1.03 4.06 7.12
C LEU A 77 -0.34 2.73 6.94
N GLY A 78 0.73 2.74 6.17
CA GLY A 78 1.46 1.53 5.88
C GLY A 78 2.15 1.62 4.55
N ASN A 79 2.19 0.51 3.84
CA ASN A 79 2.84 0.45 2.55
C ASN A 79 2.20 -0.62 1.67
N PHE A 80 2.63 -0.67 0.43
CA PHE A 80 2.12 -1.65 -0.51
C PHE A 80 3.27 -2.31 -1.24
N HIS A 81 3.15 -3.61 -1.45
CA HIS A 81 4.15 -4.35 -2.20
C HIS A 81 3.48 -5.41 -3.06
N SER A 82 3.93 -5.52 -4.29
CA SER A 82 3.29 -6.41 -5.25
C SER A 82 4.21 -7.57 -5.62
N HIS A 83 3.61 -8.67 -6.04
CA HIS A 83 4.39 -9.80 -6.53
C HIS A 83 4.32 -9.82 -8.06
N PRO A 84 5.44 -10.16 -8.72
CA PRO A 84 5.52 -10.15 -10.19
C PRO A 84 4.88 -11.36 -10.85
N ALA A 85 5.19 -12.55 -10.33
CA ALA A 85 4.68 -13.78 -10.91
C ALA A 85 4.19 -14.71 -9.81
N THR A 86 3.61 -14.13 -8.77
CA THR A 86 3.13 -14.90 -7.63
C THR A 86 1.79 -14.36 -7.13
N PRO A 87 1.00 -15.23 -6.47
CA PRO A 87 -0.34 -14.89 -5.98
C PRO A 87 -0.36 -13.68 -5.04
N ALA A 88 -1.54 -13.15 -4.80
CA ALA A 88 -1.73 -11.97 -3.97
C ALA A 88 -1.83 -12.34 -2.49
N ARG A 89 -1.18 -13.41 -2.09
CA ARG A 89 -1.11 -13.76 -0.68
C ARG A 89 0.31 -13.54 -0.19
N PRO A 90 0.47 -13.05 1.05
CA PRO A 90 1.77 -12.95 1.69
C PRO A 90 2.31 -14.32 2.07
N SER A 91 3.38 -14.73 1.39
CA SER A 91 4.03 -16.00 1.66
C SER A 91 4.69 -15.99 3.04
N ALA A 92 5.21 -17.13 3.47
CA ALA A 92 5.89 -17.21 4.76
C ALA A 92 7.08 -16.26 4.79
N GLU A 93 7.80 -16.19 3.68
CA GLU A 93 8.95 -15.32 3.55
C GLU A 93 8.52 -13.85 3.56
N ASP A 94 7.36 -13.59 2.96
CA ASP A 94 6.79 -12.25 2.90
C ASP A 94 6.36 -11.82 4.31
N LYS A 95 5.81 -12.77 5.05
CA LYS A 95 5.39 -12.54 6.43
C LYS A 95 6.61 -12.40 7.36
N ARG A 96 7.71 -13.07 7.00
CA ARG A 96 8.96 -12.95 7.74
C ARG A 96 9.43 -11.50 7.77
N LEU A 97 9.18 -10.79 6.68
CA LEU A 97 9.64 -9.41 6.53
C LEU A 97 8.60 -8.41 7.01
N ALA A 98 7.64 -8.90 7.77
CA ALA A 98 6.58 -8.04 8.30
C ALA A 98 6.96 -7.52 9.67
N PHE A 99 7.41 -6.28 9.70
CA PHE A 99 7.82 -5.64 10.95
C PHE A 99 6.91 -4.47 11.28
N ASP A 100 5.75 -4.44 10.65
CA ASP A 100 4.78 -3.37 10.85
C ASP A 100 3.55 -3.86 11.61
N PRO A 101 3.62 -3.81 12.96
CA PRO A 101 2.59 -4.40 13.82
C PRO A 101 1.28 -3.60 13.84
N SER A 102 1.32 -2.36 13.37
CA SER A 102 0.15 -1.50 13.42
C SER A 102 -0.19 -0.92 12.05
N LEU A 103 0.49 -1.39 11.03
CA LEU A 103 0.27 -0.88 9.68
C LEU A 103 -0.57 -1.87 8.87
N SER A 104 -0.57 -1.69 7.56
CA SER A 104 -1.30 -2.57 6.68
C SER A 104 -0.46 -2.93 5.47
N TYR A 105 -0.28 -4.22 5.23
CA TYR A 105 0.44 -4.68 4.06
C TYR A 105 -0.51 -4.87 2.90
N LEU A 106 -0.58 -3.88 2.03
CA LEU A 106 -1.36 -4.01 0.80
C LEU A 106 -0.60 -4.86 -0.19
N ILE A 107 -1.27 -5.88 -0.71
CA ILE A 107 -0.62 -6.84 -1.57
C ILE A 107 -1.29 -6.84 -2.95
N ILE A 108 -0.47 -6.77 -3.98
CA ILE A 108 -0.97 -6.77 -5.35
C ILE A 108 -0.29 -7.87 -6.15
N SER A 109 -1.08 -8.64 -6.88
CA SER A 109 -0.56 -9.67 -7.76
C SER A 109 -0.68 -9.22 -9.21
N LEU A 110 0.43 -8.83 -9.80
CA LEU A 110 0.42 -8.39 -11.17
C LEU A 110 0.99 -9.48 -12.07
N ALA A 111 0.44 -10.68 -11.93
CA ALA A 111 0.85 -11.81 -12.75
C ALA A 111 0.60 -11.51 -14.23
N GLU A 112 -0.46 -10.75 -14.48
CA GLU A 112 -0.77 -10.26 -15.81
C GLU A 112 -1.62 -8.99 -15.69
N PRO A 113 -1.41 -7.99 -16.57
CA PRO A 113 -2.10 -6.69 -16.49
C PRO A 113 -3.61 -6.78 -16.73
N GLN A 114 -4.08 -7.95 -17.14
CA GLN A 114 -5.50 -8.15 -17.37
C GLN A 114 -6.22 -8.47 -16.07
N LYS A 115 -5.48 -9.00 -15.10
CA LYS A 115 -6.06 -9.35 -13.80
C LYS A 115 -5.07 -9.11 -12.67
N PRO A 116 -4.87 -7.84 -12.27
CA PRO A 116 -4.07 -7.47 -11.13
C PRO A 116 -4.86 -7.55 -9.84
N VAL A 117 -4.63 -8.58 -9.05
CA VAL A 117 -5.39 -8.79 -7.83
C VAL A 117 -4.86 -7.92 -6.71
N CYS A 118 -5.71 -7.09 -6.15
CA CYS A 118 -5.34 -6.22 -5.06
C CYS A 118 -6.07 -6.60 -3.78
N LYS A 119 -5.31 -6.84 -2.72
CA LYS A 119 -5.90 -7.19 -1.43
C LYS A 119 -5.22 -6.39 -0.31
N SER A 120 -5.85 -6.40 0.84
CA SER A 120 -5.32 -5.73 2.02
C SER A 120 -5.23 -6.74 3.15
N PHE A 121 -4.08 -6.81 3.79
CA PHE A 121 -3.91 -7.72 4.91
C PHE A 121 -3.37 -6.98 6.12
N LEU A 122 -4.02 -7.21 7.25
CA LEU A 122 -3.59 -6.66 8.51
C LEU A 122 -2.59 -7.60 9.13
N ILE A 123 -1.37 -7.13 9.34
CA ILE A 123 -0.31 -7.98 9.81
C ILE A 123 -0.31 -8.06 11.32
N LYS A 124 -0.57 -9.25 11.83
CA LYS A 124 -0.50 -9.49 13.26
C LYS A 124 0.76 -10.29 13.58
N LYS A 125 1.05 -10.41 14.85
CA LYS A 125 2.22 -11.15 15.31
C LYS A 125 2.14 -12.60 14.86
N ASP A 126 1.09 -13.27 15.31
CA ASP A 126 0.94 -14.69 15.09
C ASP A 126 0.38 -15.01 13.71
N GLY A 127 -0.56 -14.21 13.23
CA GLY A 127 -1.22 -14.52 11.97
C GLY A 127 -1.50 -13.30 11.13
N VAL A 128 -2.35 -13.47 10.13
CA VAL A 128 -2.72 -12.37 9.25
C VAL A 128 -4.24 -12.26 9.16
N ASP A 129 -4.74 -11.04 9.07
CA ASP A 129 -6.18 -10.80 8.98
C ASP A 129 -6.52 -10.11 7.68
N GLU A 130 -7.49 -10.64 6.94
CA GLU A 130 -7.83 -10.09 5.63
C GLU A 130 -8.74 -8.88 5.77
N GLU A 131 -8.34 -7.79 5.15
CA GLU A 131 -9.08 -6.54 5.23
C GLU A 131 -9.82 -6.28 3.93
N GLU A 132 -11.00 -5.68 4.05
CA GLU A 132 -11.81 -5.35 2.88
C GLU A 132 -11.48 -3.96 2.37
N ILE A 133 -11.27 -3.85 1.07
CA ILE A 133 -10.92 -2.58 0.47
C ILE A 133 -12.17 -1.85 0.00
N ILE A 134 -12.35 -0.63 0.47
CA ILE A 134 -13.48 0.18 0.08
C ILE A 134 -13.04 1.19 -0.97
N LEU A 135 -13.54 1.04 -2.18
CA LEU A 135 -13.15 1.90 -3.28
C LEU A 135 -14.08 3.09 -3.40
N LYS A 136 -13.51 4.28 -3.40
CA LYS A 136 -14.26 5.50 -3.62
C LYS A 136 -13.91 6.09 -4.98
N GLU A 137 -14.83 6.85 -5.55
CA GLU A 137 -14.63 7.43 -6.85
C GLU A 137 -13.83 8.72 -6.76
N GLU A 138 -13.93 9.35 -5.60
CA GLU A 138 -13.27 10.61 -5.34
C GLU A 138 -12.99 10.75 -3.84
N LEU A 139 -12.22 11.76 -3.46
CA LEU A 139 -11.92 12.03 -2.06
C LEU A 139 -13.17 12.55 -1.34
N GLU A 140 -13.01 12.99 -0.09
CA GLU A 140 -14.16 13.41 0.69
C GLU A 140 -14.67 14.78 0.23
N HIS A 141 -15.54 14.76 -0.77
CA HIS A 141 -16.29 15.96 -1.12
C HIS A 141 -17.51 16.02 -0.21
N HIS A 142 -17.50 16.98 0.70
CA HIS A 142 -18.43 17.00 1.84
C HIS A 142 -19.88 17.26 1.43
N HIS A 143 -20.11 17.47 0.15
CA HIS A 143 -21.46 17.59 -0.40
C HIS A 143 -22.18 18.84 0.08
N HIS A 144 -23.38 19.01 -0.43
CA HIS A 144 -24.30 20.04 0.02
C HIS A 144 -25.71 19.50 -0.24
N HIS A 145 -26.46 19.27 0.84
CA HIS A 145 -27.70 18.49 0.76
C HIS A 145 -28.60 18.88 -0.41
N HIS A 146 -28.68 17.98 -1.38
CA HIS A 146 -29.59 18.11 -2.49
C HIS A 146 -29.77 16.74 -3.14
N MET A 1 -11.58 -1.42 8.72
CA MET A 1 -12.01 -0.98 7.37
C MET A 1 -10.97 -0.05 6.77
N ILE A 2 -10.74 -0.18 5.47
CA ILE A 2 -9.87 0.73 4.76
C ILE A 2 -10.57 1.23 3.50
N THR A 3 -10.51 2.53 3.28
CA THR A 3 -11.17 3.13 2.13
C THR A 3 -10.16 3.84 1.23
N LEU A 4 -10.14 3.45 -0.03
CA LEU A 4 -9.28 4.09 -1.03
C LEU A 4 -10.14 4.46 -2.23
N THR A 5 -9.63 5.29 -3.11
CA THR A 5 -10.37 5.64 -4.31
C THR A 5 -9.80 4.89 -5.51
N LYS A 6 -10.55 4.91 -6.61
CA LYS A 6 -10.10 4.29 -7.85
C LYS A 6 -8.78 4.91 -8.30
N LYS A 7 -8.68 6.21 -8.09
CA LYS A 7 -7.50 6.97 -8.43
C LYS A 7 -6.29 6.48 -7.66
N GLN A 8 -6.44 6.30 -6.35
CA GLN A 8 -5.35 5.82 -5.52
C GLN A 8 -4.92 4.43 -5.96
N MET A 9 -5.90 3.62 -6.36
CA MET A 9 -5.62 2.29 -6.89
C MET A 9 -4.82 2.40 -8.18
N GLU A 10 -5.27 3.28 -9.07
CA GLU A 10 -4.57 3.55 -10.32
C GLU A 10 -3.15 4.02 -10.07
N GLU A 11 -2.98 4.90 -9.09
CA GLU A 11 -1.68 5.41 -8.72
C GLU A 11 -0.75 4.29 -8.24
N MET A 12 -1.29 3.37 -7.46
CA MET A 12 -0.52 2.20 -7.04
C MET A 12 -0.26 1.26 -8.22
N LEU A 13 -1.32 1.00 -8.99
CA LEU A 13 -1.25 0.12 -10.15
C LEU A 13 -0.26 0.63 -11.19
N ALA A 14 -0.23 1.95 -11.38
CA ALA A 14 0.71 2.55 -12.31
C ALA A 14 2.14 2.26 -11.89
N HIS A 15 2.42 2.43 -10.61
CA HIS A 15 3.74 2.14 -10.07
C HIS A 15 4.03 0.64 -10.18
N ALA A 16 3.00 -0.17 -9.94
CA ALA A 16 3.14 -1.62 -10.01
C ALA A 16 3.48 -2.08 -11.42
N ARG A 17 2.68 -1.64 -12.39
CA ARG A 17 2.88 -2.02 -13.79
C ARG A 17 4.25 -1.57 -14.30
N GLN A 18 4.67 -0.39 -13.87
CA GLN A 18 5.96 0.16 -14.29
C GLN A 18 7.12 -0.59 -13.62
N ALA A 19 6.96 -0.89 -12.35
CA ALA A 19 8.04 -1.47 -11.54
C ALA A 19 8.39 -2.88 -12.00
N LEU A 20 7.43 -3.60 -12.59
CA LEU A 20 7.66 -4.96 -13.07
C LEU A 20 8.89 -5.02 -13.97
N PRO A 21 9.71 -6.08 -13.83
CA PRO A 21 9.52 -7.14 -12.86
C PRO A 21 10.37 -6.96 -11.60
N ASN A 22 10.56 -5.72 -11.18
CA ASN A 22 11.36 -5.41 -10.00
C ASN A 22 10.46 -5.31 -8.78
N GLU A 23 9.15 -5.36 -9.04
CA GLU A 23 8.12 -5.30 -8.01
C GLU A 23 7.98 -3.90 -7.44
N ALA A 24 6.76 -3.58 -7.01
CA ALA A 24 6.45 -2.25 -6.52
C ALA A 24 6.48 -2.20 -5.00
N CYS A 25 6.89 -1.05 -4.50
CA CYS A 25 6.87 -0.77 -3.07
C CYS A 25 6.45 0.68 -2.85
N GLY A 26 6.13 1.03 -1.62
CA GLY A 26 5.76 2.40 -1.33
C GLY A 26 5.00 2.51 -0.03
N LEU A 27 4.44 3.68 0.23
CA LEU A 27 3.68 3.91 1.44
C LEU A 27 2.32 4.53 1.12
N LEU A 28 1.36 4.30 2.00
CA LEU A 28 0.04 4.87 1.84
C LEU A 28 -0.24 5.89 2.92
N GLY A 29 -0.70 7.07 2.53
CA GLY A 29 -0.95 8.12 3.49
C GLY A 29 -2.38 8.61 3.46
N GLY A 30 -2.83 9.13 4.59
CA GLY A 30 -4.18 9.64 4.68
C GLY A 30 -4.58 9.88 6.12
N ARG A 31 -5.84 9.64 6.42
CA ARG A 31 -6.34 9.83 7.77
C ARG A 31 -6.89 8.53 8.33
N ARG A 32 -6.75 8.34 9.61
CA ARG A 32 -7.29 7.16 10.26
C ARG A 32 -8.08 7.57 11.51
N ASP A 33 -9.21 6.93 11.72
CA ASP A 33 -10.07 7.26 12.84
C ASP A 33 -10.54 5.98 13.52
N GLY A 34 -10.36 5.90 14.83
CA GLY A 34 -10.57 4.66 15.53
C GLY A 34 -9.45 3.69 15.22
N ASP A 35 -9.61 2.95 14.15
CA ASP A 35 -8.52 2.19 13.57
C ASP A 35 -8.72 2.02 12.06
N ASP A 36 -9.74 2.69 11.53
CA ASP A 36 -10.02 2.61 10.10
C ASP A 36 -9.22 3.65 9.35
N ARG A 37 -9.01 3.41 8.07
CA ARG A 37 -8.06 4.22 7.29
C ARG A 37 -8.70 4.74 6.01
N TRP A 38 -8.43 6.00 5.71
CA TRP A 38 -8.83 6.61 4.44
C TRP A 38 -7.60 7.09 3.68
N VAL A 39 -7.33 6.46 2.54
CA VAL A 39 -6.15 6.78 1.75
C VAL A 39 -6.42 7.97 0.84
N GLU A 40 -5.85 9.12 1.18
CA GLU A 40 -6.08 10.34 0.42
C GLU A 40 -4.88 10.70 -0.46
N ARG A 41 -3.73 10.11 -0.18
CA ARG A 41 -2.55 10.34 -1.01
C ARG A 41 -1.61 9.13 -0.98
N VAL A 42 -1.15 8.72 -2.15
CA VAL A 42 -0.26 7.57 -2.27
C VAL A 42 1.17 8.02 -2.54
N TYR A 43 2.12 7.38 -1.87
CA TYR A 43 3.53 7.67 -2.10
C TYR A 43 4.28 6.44 -2.56
N PRO A 44 4.26 6.19 -3.88
CA PRO A 44 4.98 5.08 -4.48
C PRO A 44 6.48 5.33 -4.52
N LEU A 45 7.21 4.66 -3.64
CA LEU A 45 8.64 4.88 -3.52
C LEU A 45 9.42 3.95 -4.43
N ASN A 46 10.70 4.25 -4.60
CA ASN A 46 11.57 3.44 -5.44
C ASN A 46 12.05 2.21 -4.69
N ASN A 47 12.31 1.13 -5.41
CA ASN A 47 12.76 -0.10 -4.80
C ASN A 47 14.28 -0.17 -4.78
N LEU A 48 14.85 -0.27 -3.59
CA LEU A 48 16.28 -0.32 -3.41
C LEU A 48 16.86 -1.68 -3.78
N ASP A 49 16.03 -2.72 -3.73
CA ASP A 49 16.50 -4.06 -4.06
C ASP A 49 16.40 -4.29 -5.56
N GLN A 50 17.45 -4.84 -6.14
CA GLN A 50 17.46 -5.11 -7.58
C GLN A 50 16.86 -6.48 -7.86
N SER A 51 16.43 -7.15 -6.80
CA SER A 51 15.78 -8.43 -6.91
C SER A 51 14.41 -8.29 -7.58
N PRO A 52 14.01 -9.29 -8.39
CA PRO A 52 12.72 -9.29 -9.07
C PRO A 52 11.57 -9.68 -8.13
N GLU A 53 11.89 -9.81 -6.86
CA GLU A 53 10.94 -10.30 -5.87
C GLU A 53 10.87 -9.38 -4.65
N HIS A 54 12.03 -9.20 -4.00
CA HIS A 54 12.10 -8.46 -2.75
C HIS A 54 11.89 -6.96 -2.98
N PHE A 55 11.28 -6.30 -2.01
CA PHE A 55 11.03 -4.87 -2.10
C PHE A 55 11.57 -4.15 -0.87
N SER A 56 12.12 -2.97 -1.09
CA SER A 56 12.56 -2.11 -0.01
C SER A 56 12.48 -0.65 -0.45
N MET A 57 11.96 0.20 0.42
CA MET A 57 11.75 1.60 0.08
C MET A 57 12.73 2.50 0.83
N ASP A 58 13.53 1.88 1.71
CA ASP A 58 14.54 2.59 2.50
C ASP A 58 13.89 3.50 3.55
N PRO A 59 14.47 3.57 4.78
CA PRO A 59 13.92 4.39 5.86
C PRO A 59 14.03 5.89 5.60
N ARG A 60 14.97 6.28 4.75
CA ARG A 60 15.17 7.69 4.44
C ARG A 60 14.07 8.20 3.51
N GLU A 61 13.72 7.39 2.53
CA GLU A 61 12.61 7.72 1.64
C GLU A 61 11.30 7.72 2.43
N GLN A 62 11.19 6.77 3.36
CA GLN A 62 10.06 6.75 4.28
C GLN A 62 10.02 8.03 5.10
N LEU A 63 11.16 8.39 5.66
CA LEU A 63 11.29 9.59 6.49
C LEU A 63 10.83 10.83 5.72
N THR A 64 11.22 10.90 4.46
CA THR A 64 10.83 12.00 3.60
C THR A 64 9.31 12.04 3.43
N ALA A 65 8.72 10.87 3.18
CA ALA A 65 7.29 10.76 2.97
C ALA A 65 6.52 11.07 4.26
N VAL A 66 7.01 10.55 5.38
CA VAL A 66 6.38 10.78 6.68
C VAL A 66 6.42 12.25 7.06
N LYS A 67 7.54 12.91 6.77
CA LYS A 67 7.70 14.33 7.08
C LYS A 67 6.63 15.15 6.35
N ASP A 68 6.47 14.87 5.07
CA ASP A 68 5.47 15.54 4.25
C ASP A 68 4.07 15.20 4.73
N MET A 69 3.87 13.92 5.00
CA MET A 69 2.60 13.40 5.46
C MET A 69 2.14 14.16 6.71
N ARG A 70 3.04 14.27 7.67
CA ARG A 70 2.73 14.89 8.95
C ARG A 70 2.51 16.40 8.77
N LYS A 71 3.20 16.97 7.79
CA LYS A 71 3.10 18.40 7.51
C LYS A 71 1.71 18.74 6.96
N ASN A 72 1.17 17.82 6.17
CA ASN A 72 -0.15 18.01 5.55
C ASN A 72 -1.27 17.60 6.51
N GLY A 73 -0.90 16.94 7.59
CA GLY A 73 -1.89 16.52 8.57
C GLY A 73 -2.33 15.08 8.36
N TRP A 74 -1.55 14.35 7.59
CA TRP A 74 -1.85 12.96 7.30
C TRP A 74 -0.95 12.03 8.10
N VAL A 75 -1.31 10.77 8.13
CA VAL A 75 -0.52 9.74 8.80
C VAL A 75 -0.28 8.56 7.88
N MET A 76 0.73 7.76 8.19
CA MET A 76 1.04 6.58 7.41
C MET A 76 0.05 5.47 7.73
N LEU A 77 -0.63 4.97 6.72
CA LEU A 77 -1.66 3.95 6.91
C LEU A 77 -1.11 2.55 6.66
N GLY A 78 -0.08 2.47 5.83
CA GLY A 78 0.52 1.18 5.53
C GLY A 78 1.42 1.23 4.31
N ASN A 79 1.61 0.08 3.69
CA ASN A 79 2.47 -0.04 2.53
C ASN A 79 1.87 -1.03 1.53
N PHE A 80 2.53 -1.20 0.39
CA PHE A 80 2.03 -2.13 -0.62
C PHE A 80 3.17 -2.86 -1.33
N HIS A 81 2.90 -4.12 -1.67
CA HIS A 81 3.83 -4.96 -2.42
C HIS A 81 3.07 -5.63 -3.56
N SER A 82 3.72 -5.80 -4.69
CA SER A 82 3.07 -6.35 -5.87
C SER A 82 3.61 -7.73 -6.21
N HIS A 83 2.85 -8.49 -6.98
CA HIS A 83 3.33 -9.72 -7.59
C HIS A 83 2.83 -9.81 -9.03
N PRO A 84 3.67 -10.31 -9.96
CA PRO A 84 3.33 -10.41 -11.37
C PRO A 84 2.69 -11.74 -11.76
N ALA A 85 3.36 -12.84 -11.46
CA ALA A 85 2.87 -14.15 -11.84
C ALA A 85 2.34 -14.93 -10.65
N THR A 86 2.16 -14.23 -9.54
CA THR A 86 1.68 -14.85 -8.31
C THR A 86 0.56 -14.03 -7.69
N PRO A 87 -0.32 -14.67 -6.91
CA PRO A 87 -1.46 -13.99 -6.27
C PRO A 87 -1.02 -13.12 -5.10
N ALA A 88 -1.99 -12.42 -4.53
CA ALA A 88 -1.73 -11.54 -3.40
C ALA A 88 -1.72 -12.34 -2.10
N ARG A 89 -0.53 -12.82 -1.74
CA ARG A 89 -0.36 -13.60 -0.53
C ARG A 89 0.95 -13.20 0.15
N PRO A 90 0.99 -13.28 1.49
CA PRO A 90 2.22 -13.07 2.24
C PRO A 90 3.23 -14.17 1.94
N SER A 91 4.25 -13.83 1.19
CA SER A 91 5.26 -14.80 0.78
C SER A 91 6.36 -14.89 1.82
N ALA A 92 7.42 -15.63 1.51
CA ALA A 92 8.52 -15.84 2.45
C ALA A 92 9.10 -14.51 2.91
N GLU A 93 9.23 -13.57 1.97
CA GLU A 93 9.76 -12.25 2.29
C GLU A 93 8.74 -11.42 3.07
N ASP A 94 7.50 -11.40 2.61
CA ASP A 94 6.45 -10.58 3.24
C ASP A 94 6.28 -10.97 4.71
N LYS A 95 6.38 -12.27 4.97
CA LYS A 95 6.26 -12.80 6.33
C LYS A 95 7.38 -12.24 7.21
N ARG A 96 8.60 -12.21 6.67
CA ARG A 96 9.76 -11.73 7.40
C ARG A 96 9.78 -10.20 7.50
N LEU A 97 9.28 -9.54 6.47
CA LEU A 97 9.31 -8.08 6.39
C LEU A 97 8.17 -7.45 7.19
N ALA A 98 7.56 -8.24 8.05
CA ALA A 98 6.53 -7.75 8.96
C ALA A 98 7.18 -6.95 10.08
N PHE A 99 7.28 -5.65 9.88
CA PHE A 99 7.97 -4.78 10.82
C PHE A 99 6.99 -3.99 11.68
N ASP A 100 5.81 -3.71 11.13
CA ASP A 100 4.84 -2.85 11.80
C ASP A 100 3.44 -3.43 11.72
N PRO A 101 3.08 -4.28 12.68
CA PRO A 101 1.76 -4.95 12.71
C PRO A 101 0.59 -3.97 12.85
N SER A 102 0.91 -2.69 13.03
CA SER A 102 -0.11 -1.66 13.14
C SER A 102 -0.36 -1.00 11.78
N LEU A 103 0.36 -1.46 10.77
CA LEU A 103 0.18 -0.96 9.42
C LEU A 103 -0.55 -1.98 8.56
N SER A 104 -1.30 -1.51 7.59
CA SER A 104 -1.97 -2.39 6.67
C SER A 104 -1.06 -2.71 5.49
N TYR A 105 -0.73 -3.99 5.34
CA TYR A 105 0.09 -4.44 4.23
C TYR A 105 -0.81 -4.78 3.04
N LEU A 106 -0.81 -3.93 2.03
CA LEU A 106 -1.60 -4.17 0.83
C LEU A 106 -0.77 -4.89 -0.20
N ILE A 107 -1.35 -5.92 -0.79
CA ILE A 107 -0.66 -6.69 -1.82
C ILE A 107 -1.44 -6.62 -3.12
N ILE A 108 -0.75 -6.26 -4.19
CA ILE A 108 -1.36 -6.12 -5.49
C ILE A 108 -1.01 -7.31 -6.37
N SER A 109 -2.02 -7.97 -6.89
CA SER A 109 -1.83 -9.12 -7.75
C SER A 109 -2.06 -8.74 -9.21
N LEU A 110 -1.00 -8.79 -10.01
CA LEU A 110 -1.11 -8.56 -11.44
C LEU A 110 -1.11 -9.90 -12.18
N ALA A 111 -1.28 -10.97 -11.40
CA ALA A 111 -1.40 -12.31 -11.97
C ALA A 111 -2.66 -12.42 -12.80
N GLU A 112 -3.63 -11.58 -12.46
CA GLU A 112 -4.88 -11.50 -13.21
C GLU A 112 -5.02 -10.10 -13.81
N PRO A 113 -4.47 -9.89 -15.01
CA PRO A 113 -4.39 -8.58 -15.64
C PRO A 113 -5.76 -8.04 -16.06
N GLN A 114 -6.73 -8.92 -16.14
CA GLN A 114 -8.08 -8.54 -16.54
C GLN A 114 -8.86 -8.00 -15.35
N LYS A 115 -8.40 -8.35 -14.16
CA LYS A 115 -9.07 -7.96 -12.94
C LYS A 115 -8.03 -7.69 -11.86
N PRO A 116 -7.48 -6.47 -11.83
CA PRO A 116 -6.44 -6.10 -10.86
C PRO A 116 -6.91 -6.23 -9.43
N VAL A 117 -6.34 -7.17 -8.71
CA VAL A 117 -6.76 -7.44 -7.34
C VAL A 117 -5.82 -6.76 -6.35
N CYS A 118 -6.38 -5.93 -5.50
CA CYS A 118 -5.64 -5.31 -4.41
C CYS A 118 -6.18 -5.83 -3.09
N LYS A 119 -5.32 -6.41 -2.28
CA LYS A 119 -5.75 -6.98 -1.01
C LYS A 119 -5.13 -6.22 0.15
N SER A 120 -5.76 -6.32 1.29
CA SER A 120 -5.25 -5.68 2.50
C SER A 120 -5.13 -6.73 3.59
N PHE A 121 -3.93 -6.90 4.10
CA PHE A 121 -3.66 -7.90 5.11
C PHE A 121 -3.08 -7.26 6.36
N LEU A 122 -3.63 -7.64 7.50
CA LEU A 122 -3.08 -7.22 8.78
C LEU A 122 -2.15 -8.31 9.27
N ILE A 123 -0.86 -8.05 9.22
CA ILE A 123 0.11 -9.06 9.60
C ILE A 123 0.41 -8.97 11.09
N LYS A 124 -0.07 -9.96 11.82
CA LYS A 124 0.15 -10.04 13.25
C LYS A 124 1.45 -10.77 13.54
N LYS A 125 1.65 -11.11 14.81
CA LYS A 125 2.87 -11.78 15.23
C LYS A 125 3.09 -13.06 14.47
N ASP A 126 2.10 -13.94 14.50
CA ASP A 126 2.23 -15.24 13.85
C ASP A 126 1.02 -15.54 12.97
N GLY A 127 0.12 -14.58 12.83
CA GLY A 127 -1.08 -14.79 12.05
C GLY A 127 -1.38 -13.63 11.15
N VAL A 128 -2.25 -13.84 10.16
CA VAL A 128 -2.61 -12.78 9.23
C VAL A 128 -4.13 -12.62 9.16
N ASP A 129 -4.60 -11.40 9.36
CA ASP A 129 -6.03 -11.11 9.27
C ASP A 129 -6.34 -10.38 7.98
N GLU A 130 -7.50 -10.67 7.40
CA GLU A 130 -7.91 -10.08 6.13
C GLU A 130 -8.78 -8.84 6.37
N GLU A 131 -8.36 -7.72 5.79
CA GLU A 131 -9.12 -6.48 5.86
C GLU A 131 -9.95 -6.31 4.59
N GLU A 132 -11.13 -5.70 4.71
CA GLU A 132 -12.03 -5.54 3.60
C GLU A 132 -11.77 -4.22 2.88
N ILE A 133 -12.05 -4.20 1.59
CA ILE A 133 -11.73 -3.05 0.75
C ILE A 133 -12.97 -2.26 0.37
N ILE A 134 -12.99 -0.99 0.72
CA ILE A 134 -14.05 -0.09 0.30
C ILE A 134 -13.49 0.96 -0.64
N LEU A 135 -14.07 1.08 -1.83
CA LEU A 135 -13.56 1.96 -2.86
C LEU A 135 -14.48 3.14 -3.13
N LYS A 136 -13.89 4.22 -3.61
CA LYS A 136 -14.64 5.40 -4.05
C LYS A 136 -14.21 5.79 -5.45
N GLU A 137 -15.14 6.25 -6.28
CA GLU A 137 -14.83 6.65 -7.63
C GLU A 137 -14.24 8.06 -7.66
N GLU A 138 -14.60 8.82 -6.65
CA GLU A 138 -14.14 10.20 -6.55
C GLU A 138 -13.46 10.40 -5.19
N LEU A 139 -12.67 11.46 -5.10
CA LEU A 139 -11.98 11.78 -3.86
C LEU A 139 -12.93 12.47 -2.88
N GLU A 140 -12.41 12.83 -1.72
CA GLU A 140 -13.18 13.56 -0.73
C GLU A 140 -13.01 15.05 -0.97
N HIS A 141 -13.89 15.85 -0.36
CA HIS A 141 -13.92 17.31 -0.55
C HIS A 141 -14.40 17.63 -1.96
N HIS A 142 -15.64 18.07 -2.08
CA HIS A 142 -16.26 18.28 -3.39
C HIS A 142 -15.84 19.60 -4.02
N HIS A 143 -14.71 20.14 -3.57
CA HIS A 143 -14.15 21.34 -4.15
C HIS A 143 -12.76 21.04 -4.71
N HIS A 144 -12.71 20.63 -5.96
CA HIS A 144 -11.45 20.35 -6.63
C HIS A 144 -11.29 21.25 -7.84
N HIS A 145 -11.89 22.45 -7.77
CA HIS A 145 -11.81 23.45 -8.83
C HIS A 145 -12.70 23.04 -10.01
N HIS A 146 -13.65 22.16 -9.73
CA HIS A 146 -14.64 21.76 -10.73
C HIS A 146 -15.87 21.21 -10.03
N MET A 1 -12.39 -1.57 7.84
CA MET A 1 -12.09 -1.82 6.42
C MET A 1 -11.20 -0.72 5.85
N ILE A 2 -10.56 -0.99 4.73
CA ILE A 2 -9.74 0.01 4.07
C ILE A 2 -10.51 0.65 2.92
N THR A 3 -10.49 1.97 2.88
CA THR A 3 -11.23 2.71 1.87
C THR A 3 -10.30 3.62 1.06
N LEU A 4 -10.37 3.47 -0.26
CA LEU A 4 -9.61 4.33 -1.15
C LEU A 4 -10.38 4.53 -2.44
N THR A 5 -9.98 5.52 -3.22
CA THR A 5 -10.72 5.88 -4.41
C THR A 5 -10.11 5.24 -5.64
N LYS A 6 -10.82 5.34 -6.77
CA LYS A 6 -10.29 4.87 -8.04
C LYS A 6 -8.94 5.51 -8.34
N LYS A 7 -8.86 6.81 -8.07
CA LYS A 7 -7.65 7.58 -8.30
C LYS A 7 -6.46 7.00 -7.51
N GLN A 8 -6.70 6.70 -6.24
CA GLN A 8 -5.65 6.14 -5.39
C GLN A 8 -5.20 4.78 -5.94
N MET A 9 -6.16 3.98 -6.39
CA MET A 9 -5.88 2.70 -7.00
C MET A 9 -5.06 2.90 -8.27
N GLU A 10 -5.50 3.86 -9.09
CA GLU A 10 -4.81 4.20 -10.32
C GLU A 10 -3.37 4.64 -10.04
N GLU A 11 -3.20 5.47 -9.02
CA GLU A 11 -1.88 5.94 -8.61
C GLU A 11 -0.97 4.77 -8.24
N MET A 12 -1.50 3.81 -7.50
CA MET A 12 -0.74 2.62 -7.13
C MET A 12 -0.51 1.73 -8.35
N LEU A 13 -1.59 1.49 -9.11
CA LEU A 13 -1.53 0.62 -10.28
C LEU A 13 -0.52 1.11 -11.31
N ALA A 14 -0.52 2.41 -11.57
CA ALA A 14 0.41 2.98 -12.54
C ALA A 14 1.85 2.76 -12.10
N HIS A 15 2.13 3.01 -10.82
CA HIS A 15 3.47 2.80 -10.28
C HIS A 15 3.81 1.32 -10.31
N ALA A 16 2.82 0.48 -10.04
CA ALA A 16 2.99 -0.97 -10.08
C ALA A 16 3.41 -1.42 -11.47
N ARG A 17 2.64 -1.01 -12.48
CA ARG A 17 2.92 -1.37 -13.86
C ARG A 17 4.28 -0.86 -14.31
N GLN A 18 4.65 0.32 -13.81
CA GLN A 18 5.91 0.93 -14.15
C GLN A 18 7.11 0.24 -13.50
N ALA A 19 6.87 -0.42 -12.36
CA ALA A 19 7.96 -1.04 -11.63
C ALA A 19 8.04 -2.55 -11.89
N LEU A 20 6.92 -3.15 -12.23
CA LEU A 20 6.88 -4.56 -12.58
C LEU A 20 7.62 -4.80 -13.89
N PRO A 21 8.06 -6.03 -14.17
CA PRO A 21 7.80 -7.21 -13.34
C PRO A 21 8.82 -7.41 -12.21
N ASN A 22 9.29 -6.32 -11.62
CA ASN A 22 10.14 -6.44 -10.43
C ASN A 22 9.27 -6.39 -9.18
N GLU A 23 8.99 -5.19 -8.71
CA GLU A 23 8.17 -4.97 -7.52
C GLU A 23 7.92 -3.48 -7.39
N ALA A 24 6.78 -3.11 -6.83
CA ALA A 24 6.41 -1.72 -6.70
C ALA A 24 6.00 -1.42 -5.27
N CYS A 25 6.88 -0.73 -4.55
CA CYS A 25 6.64 -0.46 -3.15
C CYS A 25 6.50 1.04 -2.93
N GLY A 26 6.02 1.38 -1.74
CA GLY A 26 5.84 2.77 -1.37
C GLY A 26 5.14 2.87 -0.04
N LEU A 27 4.66 4.05 0.31
CA LEU A 27 3.99 4.23 1.58
C LEU A 27 2.59 4.79 1.36
N LEU A 28 1.70 4.49 2.30
CA LEU A 28 0.33 4.95 2.23
C LEU A 28 -0.05 5.67 3.52
N GLY A 29 -0.54 6.88 3.38
CA GLY A 29 -0.88 7.66 4.55
C GLY A 29 -2.28 8.22 4.47
N GLY A 30 -2.70 8.83 5.56
CA GLY A 30 -4.02 9.40 5.64
C GLY A 30 -4.53 9.38 7.06
N ARG A 31 -5.76 8.91 7.22
CA ARG A 31 -6.37 8.84 8.53
C ARG A 31 -6.86 7.44 8.83
N ARG A 32 -6.69 7.03 10.07
CA ARG A 32 -7.15 5.73 10.54
C ARG A 32 -7.90 5.93 11.83
N ASP A 33 -9.15 5.51 11.85
CA ASP A 33 -10.02 5.75 13.02
C ASP A 33 -9.74 4.72 14.09
N GLY A 34 -8.90 3.78 13.74
CA GLY A 34 -8.58 2.68 14.62
C GLY A 34 -8.74 1.37 13.90
N ASP A 35 -9.97 1.03 13.61
CA ASP A 35 -10.29 -0.15 12.84
C ASP A 35 -10.42 0.22 11.37
N ASP A 36 -10.94 1.42 11.11
CA ASP A 36 -11.12 1.89 9.73
C ASP A 36 -9.84 2.51 9.22
N ARG A 37 -9.58 2.27 7.95
CA ARG A 37 -8.34 2.66 7.32
C ARG A 37 -8.63 3.42 6.03
N TRP A 38 -8.22 4.68 5.96
CA TRP A 38 -8.44 5.47 4.77
C TRP A 38 -7.13 5.76 4.05
N VAL A 39 -7.19 5.85 2.73
CA VAL A 39 -6.05 6.22 1.92
C VAL A 39 -6.29 7.56 1.26
N GLU A 40 -5.85 8.63 1.91
CA GLU A 40 -6.09 9.98 1.40
C GLU A 40 -4.99 10.42 0.44
N ARG A 41 -3.77 9.92 0.64
CA ARG A 41 -2.67 10.27 -0.24
C ARG A 41 -1.73 9.09 -0.43
N VAL A 42 -1.35 8.84 -1.68
CA VAL A 42 -0.44 7.77 -2.01
C VAL A 42 0.94 8.33 -2.33
N TYR A 43 1.96 7.82 -1.65
CA TYR A 43 3.34 8.21 -1.92
C TYR A 43 4.18 6.98 -2.25
N PRO A 44 4.19 6.58 -3.53
CA PRO A 44 4.95 5.44 -4.00
C PRO A 44 6.45 5.71 -4.03
N LEU A 45 7.24 4.74 -3.63
CA LEU A 45 8.68 4.92 -3.52
C LEU A 45 9.40 4.04 -4.54
N ASN A 46 10.71 3.96 -4.40
CA ASN A 46 11.53 3.15 -5.29
C ASN A 46 11.93 1.86 -4.60
N ASN A 47 12.12 0.80 -5.38
CA ASN A 47 12.55 -0.48 -4.83
C ASN A 47 14.04 -0.68 -5.12
N LEU A 48 14.81 -0.82 -4.06
CA LEU A 48 16.26 -0.90 -4.15
C LEU A 48 16.74 -2.13 -4.92
N ASP A 49 16.02 -3.25 -4.77
CA ASP A 49 16.42 -4.48 -5.42
C ASP A 49 15.43 -4.87 -6.51
N GLN A 50 15.89 -4.85 -7.76
CA GLN A 50 15.04 -5.18 -8.89
C GLN A 50 14.84 -6.69 -8.99
N SER A 51 13.95 -7.20 -8.16
CA SER A 51 13.63 -8.62 -8.15
C SER A 51 12.12 -8.82 -8.08
N PRO A 52 11.59 -9.86 -8.75
CA PRO A 52 10.14 -10.13 -8.78
C PRO A 52 9.58 -10.60 -7.44
N GLU A 53 10.40 -11.29 -6.67
CA GLU A 53 9.96 -11.85 -5.39
C GLU A 53 10.51 -11.04 -4.22
N HIS A 54 11.54 -10.23 -4.47
CA HIS A 54 12.26 -9.57 -3.39
C HIS A 54 12.21 -8.06 -3.56
N PHE A 55 11.98 -7.37 -2.45
CA PHE A 55 11.89 -5.92 -2.45
C PHE A 55 12.58 -5.35 -1.21
N SER A 56 13.10 -4.14 -1.34
CA SER A 56 13.79 -3.47 -0.24
C SER A 56 13.47 -1.99 -0.24
N MET A 57 13.23 -1.44 0.93
CA MET A 57 12.94 -0.02 1.09
C MET A 57 13.96 0.63 2.03
N ASP A 58 14.53 1.74 1.61
CA ASP A 58 15.51 2.43 2.42
C ASP A 58 14.83 3.43 3.35
N PRO A 59 15.45 3.72 4.50
CA PRO A 59 14.88 4.63 5.50
C PRO A 59 14.81 6.07 5.02
N ARG A 60 15.62 6.43 4.04
CA ARG A 60 15.66 7.81 3.57
C ARG A 60 14.43 8.11 2.72
N GLU A 61 14.11 7.21 1.80
CA GLU A 61 12.90 7.36 0.99
C GLU A 61 11.67 7.25 1.87
N GLN A 62 11.73 6.33 2.83
CA GLN A 62 10.65 6.13 3.78
C GLN A 62 10.38 7.39 4.59
N LEU A 63 11.44 7.97 5.15
CA LEU A 63 11.31 9.14 6.00
C LEU A 63 10.85 10.35 5.20
N THR A 64 11.29 10.44 3.95
CA THR A 64 10.91 11.55 3.09
C THR A 64 9.40 11.57 2.86
N ALA A 65 8.82 10.39 2.69
CA ALA A 65 7.37 10.27 2.48
C ALA A 65 6.61 10.55 3.78
N VAL A 66 7.14 10.04 4.90
CA VAL A 66 6.51 10.26 6.20
C VAL A 66 6.54 11.73 6.60
N LYS A 67 7.63 12.41 6.24
CA LYS A 67 7.78 13.83 6.54
C LYS A 67 6.66 14.64 5.89
N ASP A 68 6.41 14.37 4.62
CA ASP A 68 5.38 15.09 3.87
C ASP A 68 4.00 14.74 4.40
N MET A 69 3.87 13.48 4.79
CA MET A 69 2.62 12.97 5.35
C MET A 69 2.22 13.77 6.59
N ARG A 70 3.19 13.94 7.48
CA ARG A 70 2.95 14.66 8.74
C ARG A 70 2.75 16.14 8.48
N LYS A 71 3.35 16.63 7.40
CA LYS A 71 3.25 18.03 7.02
C LYS A 71 1.82 18.39 6.63
N ASN A 72 1.09 17.40 6.13
CA ASN A 72 -0.30 17.57 5.76
C ASN A 72 -1.22 17.26 6.95
N GLY A 73 -0.64 16.71 8.01
CA GLY A 73 -1.41 16.35 9.17
C GLY A 73 -1.90 14.92 9.10
N TRP A 74 -1.28 14.11 8.24
CA TRP A 74 -1.63 12.71 8.11
C TRP A 74 -0.59 11.84 8.80
N VAL A 75 -0.92 10.57 8.95
CA VAL A 75 0.01 9.61 9.52
C VAL A 75 0.17 8.42 8.58
N MET A 76 1.26 7.68 8.74
CA MET A 76 1.52 6.52 7.90
C MET A 76 0.74 5.33 8.45
N LEU A 77 -0.06 4.70 7.59
CA LEU A 77 -0.95 3.65 8.03
C LEU A 77 -0.51 2.29 7.51
N GLY A 78 0.51 2.29 6.67
CA GLY A 78 1.02 1.06 6.12
C GLY A 78 1.70 1.28 4.79
N ASN A 79 2.09 0.20 4.14
CA ASN A 79 2.75 0.29 2.85
C ASN A 79 2.10 -0.65 1.86
N PHE A 80 2.50 -0.55 0.61
CA PHE A 80 1.96 -1.38 -0.44
C PHE A 80 3.09 -1.93 -1.29
N HIS A 81 2.87 -3.09 -1.87
CA HIS A 81 3.81 -3.69 -2.80
C HIS A 81 3.09 -4.69 -3.69
N SER A 82 3.40 -4.66 -4.98
CA SER A 82 2.66 -5.45 -5.95
C SER A 82 3.54 -6.52 -6.57
N HIS A 83 2.99 -7.73 -6.71
CA HIS A 83 3.72 -8.84 -7.27
C HIS A 83 3.40 -8.98 -8.76
N PRO A 84 4.40 -9.38 -9.57
CA PRO A 84 4.28 -9.40 -11.03
C PRO A 84 3.29 -10.46 -11.54
N ALA A 85 3.49 -11.70 -11.16
CA ALA A 85 2.67 -12.80 -11.66
C ALA A 85 2.55 -13.89 -10.61
N THR A 86 2.02 -13.53 -9.46
CA THR A 86 1.84 -14.44 -8.34
C THR A 86 0.62 -14.04 -7.52
N PRO A 87 0.09 -14.96 -6.69
CA PRO A 87 -1.11 -14.71 -5.88
C PRO A 87 -0.94 -13.53 -4.93
N ALA A 88 -2.04 -12.87 -4.60
CA ALA A 88 -2.01 -11.71 -3.73
C ALA A 88 -2.06 -12.13 -2.26
N ARG A 89 -1.01 -12.83 -1.84
CA ARG A 89 -0.87 -13.23 -0.45
C ARG A 89 0.58 -13.11 -0.02
N PRO A 90 0.83 -12.72 1.24
CA PRO A 90 2.18 -12.52 1.76
C PRO A 90 2.98 -13.81 1.82
N SER A 91 4.09 -13.84 1.09
CA SER A 91 5.01 -14.97 1.13
C SER A 91 5.74 -14.99 2.48
N ALA A 92 6.59 -15.97 2.70
CA ALA A 92 7.26 -16.12 3.99
C ALA A 92 8.13 -14.92 4.31
N GLU A 93 8.96 -14.50 3.36
CA GLU A 93 9.81 -13.34 3.57
C GLU A 93 8.99 -12.05 3.48
N ASP A 94 7.97 -12.05 2.63
CA ASP A 94 7.05 -10.92 2.49
C ASP A 94 6.40 -10.63 3.84
N LYS A 95 5.97 -11.71 4.51
CA LYS A 95 5.37 -11.64 5.84
C LYS A 95 6.42 -11.30 6.89
N ARG A 96 7.62 -11.83 6.70
CA ARG A 96 8.70 -11.71 7.66
C ARG A 96 9.18 -10.27 7.83
N LEU A 97 8.94 -9.44 6.82
CA LEU A 97 9.39 -8.06 6.85
C LEU A 97 8.43 -7.17 7.63
N ALA A 98 7.50 -7.79 8.34
CA ALA A 98 6.55 -7.06 9.17
C ALA A 98 7.00 -7.05 10.62
N PHE A 99 7.58 -5.94 11.04
CA PHE A 99 8.01 -5.77 12.43
C PHE A 99 7.22 -4.64 13.07
N ASP A 100 6.13 -4.27 12.42
CA ASP A 100 5.26 -3.20 12.88
C ASP A 100 4.24 -3.74 13.89
N PRO A 101 3.55 -2.86 14.62
CA PRO A 101 2.52 -3.28 15.58
C PRO A 101 1.30 -3.91 14.92
N SER A 102 0.66 -3.17 14.02
CA SER A 102 -0.59 -3.59 13.38
C SER A 102 -0.94 -2.64 12.23
N LEU A 103 0.00 -2.46 11.32
CA LEU A 103 -0.23 -1.60 10.16
C LEU A 103 -0.99 -2.35 9.08
N SER A 104 -1.42 -1.61 8.06
CA SER A 104 -2.20 -2.20 6.98
C SER A 104 -1.36 -2.31 5.71
N TYR A 105 -1.03 -3.54 5.34
CA TYR A 105 -0.25 -3.80 4.14
C TYR A 105 -1.17 -4.07 2.96
N LEU A 106 -0.86 -3.47 1.82
CA LEU A 106 -1.62 -3.70 0.61
C LEU A 106 -0.81 -4.51 -0.38
N ILE A 107 -1.41 -5.56 -0.90
CA ILE A 107 -0.78 -6.41 -1.89
C ILE A 107 -1.66 -6.53 -3.13
N ILE A 108 -1.15 -6.07 -4.25
CA ILE A 108 -1.89 -6.12 -5.50
C ILE A 108 -1.15 -6.99 -6.51
N SER A 109 -1.86 -7.91 -7.13
CA SER A 109 -1.27 -8.79 -8.13
C SER A 109 -1.67 -8.37 -9.53
N LEU A 110 -0.69 -7.95 -10.31
CA LEU A 110 -0.91 -7.58 -11.69
C LEU A 110 -0.69 -8.78 -12.60
N ALA A 111 -1.33 -9.90 -12.24
CA ALA A 111 -1.23 -11.12 -13.03
C ALA A 111 -1.67 -10.84 -14.46
N GLU A 112 -2.80 -10.17 -14.60
CA GLU A 112 -3.21 -9.61 -15.88
C GLU A 112 -3.87 -8.25 -15.62
N PRO A 113 -3.64 -7.26 -16.50
CA PRO A 113 -4.12 -5.89 -16.27
C PRO A 113 -5.61 -5.71 -16.47
N GLN A 114 -6.28 -6.76 -16.92
CA GLN A 114 -7.73 -6.71 -17.08
C GLN A 114 -8.40 -6.55 -15.72
N LYS A 115 -7.91 -7.30 -14.73
CA LYS A 115 -8.49 -7.31 -13.40
C LYS A 115 -7.41 -7.65 -12.38
N PRO A 116 -6.67 -6.64 -11.90
CA PRO A 116 -5.65 -6.84 -10.88
C PRO A 116 -6.26 -7.21 -9.53
N VAL A 117 -5.72 -8.24 -8.90
CA VAL A 117 -6.22 -8.67 -7.60
C VAL A 117 -5.71 -7.73 -6.52
N CYS A 118 -6.62 -7.11 -5.80
CA CYS A 118 -6.26 -6.18 -4.76
C CYS A 118 -6.72 -6.66 -3.38
N LYS A 119 -5.77 -6.88 -2.48
CA LYS A 119 -6.10 -7.29 -1.12
C LYS A 119 -5.34 -6.43 -0.12
N SER A 120 -5.82 -6.42 1.10
CA SER A 120 -5.14 -5.76 2.20
C SER A 120 -4.95 -6.77 3.32
N PHE A 121 -3.85 -6.70 4.02
CA PHE A 121 -3.54 -7.68 5.04
C PHE A 121 -3.04 -7.05 6.33
N LEU A 122 -3.58 -7.54 7.43
CA LEU A 122 -3.04 -7.23 8.74
C LEU A 122 -2.14 -8.38 9.16
N ILE A 123 -0.85 -8.13 9.17
CA ILE A 123 0.12 -9.18 9.40
C ILE A 123 0.39 -9.36 10.89
N LYS A 124 0.07 -10.54 11.40
CA LYS A 124 0.37 -10.89 12.76
C LYS A 124 1.33 -12.08 12.82
N LYS A 125 1.78 -12.38 14.02
CA LYS A 125 2.58 -13.57 14.27
C LYS A 125 1.75 -14.82 14.01
N ASP A 126 0.62 -14.87 14.71
CA ASP A 126 -0.34 -15.97 14.62
C ASP A 126 -0.69 -16.29 13.18
N GLY A 127 -0.97 -15.25 12.41
CA GLY A 127 -1.34 -15.43 11.03
C GLY A 127 -1.60 -14.11 10.35
N VAL A 128 -2.22 -14.14 9.19
CA VAL A 128 -2.53 -12.92 8.47
C VAL A 128 -4.04 -12.78 8.28
N ASP A 129 -4.55 -11.59 8.53
CA ASP A 129 -5.97 -11.32 8.37
C ASP A 129 -6.18 -10.44 7.15
N GLU A 130 -7.14 -10.81 6.31
CA GLU A 130 -7.36 -10.10 5.06
C GLU A 130 -8.48 -9.07 5.19
N GLU A 131 -8.17 -7.86 4.77
CA GLU A 131 -9.13 -6.78 4.75
C GLU A 131 -9.54 -6.47 3.32
N GLU A 132 -10.81 -6.16 3.13
CA GLU A 132 -11.33 -5.87 1.81
C GLU A 132 -11.22 -4.39 1.50
N ILE A 133 -11.02 -4.08 0.23
CA ILE A 133 -10.84 -2.70 -0.20
C ILE A 133 -12.14 -2.13 -0.75
N ILE A 134 -12.56 -1.02 -0.17
CA ILE A 134 -13.76 -0.34 -0.62
C ILE A 134 -13.37 0.83 -1.51
N LEU A 135 -13.85 0.82 -2.74
CA LEU A 135 -13.49 1.81 -3.73
C LEU A 135 -14.55 2.91 -3.80
N LYS A 136 -14.12 4.14 -3.61
CA LYS A 136 -15.00 5.29 -3.76
C LYS A 136 -14.75 5.98 -5.08
N GLU A 137 -15.76 6.71 -5.56
CA GLU A 137 -15.67 7.41 -6.83
C GLU A 137 -14.96 8.74 -6.63
N GLU A 138 -15.10 9.25 -5.44
CA GLU A 138 -14.56 10.55 -5.10
C GLU A 138 -13.79 10.48 -3.79
N LEU A 139 -12.89 11.43 -3.59
CA LEU A 139 -12.06 11.48 -2.40
C LEU A 139 -12.90 11.76 -1.16
N GLU A 140 -12.33 11.52 0.01
CA GLU A 140 -13.00 11.82 1.26
C GLU A 140 -13.02 13.32 1.46
N HIS A 141 -14.06 13.82 2.13
CA HIS A 141 -14.34 15.27 2.22
C HIS A 141 -14.90 15.75 0.88
N HIS A 142 -15.39 16.99 0.83
CA HIS A 142 -15.95 17.60 -0.38
C HIS A 142 -17.36 17.06 -0.66
N HIS A 143 -17.47 15.75 -0.81
CA HIS A 143 -18.75 15.12 -1.11
C HIS A 143 -19.72 15.31 0.05
N HIS A 144 -20.98 15.63 -0.28
CA HIS A 144 -22.01 15.82 0.73
C HIS A 144 -23.30 15.18 0.25
N HIS A 145 -24.31 15.17 1.11
CA HIS A 145 -25.58 14.53 0.79
C HIS A 145 -26.74 15.50 0.95
N HIS A 146 -27.68 15.44 0.01
CA HIS A 146 -28.83 16.32 0.00
C HIS A 146 -29.88 15.77 -0.97
N MET A 1 -12.29 -0.62 8.51
CA MET A 1 -12.28 -0.86 7.05
C MET A 1 -11.23 0.02 6.40
N ILE A 2 -10.89 -0.26 5.15
CA ILE A 2 -9.97 0.59 4.41
C ILE A 2 -10.66 1.18 3.18
N THR A 3 -10.64 2.49 3.07
CA THR A 3 -11.30 3.15 1.97
C THR A 3 -10.30 3.94 1.11
N LEU A 4 -10.32 3.66 -0.18
CA LEU A 4 -9.48 4.38 -1.13
C LEU A 4 -10.22 4.56 -2.44
N THR A 5 -9.73 5.44 -3.27
CA THR A 5 -10.41 5.76 -4.51
C THR A 5 -9.83 4.96 -5.67
N LYS A 6 -10.51 5.00 -6.80
CA LYS A 6 -10.01 4.38 -8.03
C LYS A 6 -8.66 5.00 -8.39
N LYS A 7 -8.55 6.30 -8.14
CA LYS A 7 -7.32 7.05 -8.40
C LYS A 7 -6.20 6.56 -7.49
N GLN A 8 -6.51 6.29 -6.23
CA GLN A 8 -5.52 5.78 -5.28
C GLN A 8 -5.05 4.39 -5.71
N MET A 9 -5.99 3.57 -6.17
CA MET A 9 -5.66 2.25 -6.69
C MET A 9 -4.75 2.38 -7.91
N GLU A 10 -5.08 3.33 -8.78
CA GLU A 10 -4.28 3.62 -9.94
C GLU A 10 -2.91 4.17 -9.55
N GLU A 11 -2.85 4.95 -8.47
CA GLU A 11 -1.58 5.46 -7.95
C GLU A 11 -0.67 4.29 -7.56
N MET A 12 -1.26 3.27 -6.95
CA MET A 12 -0.52 2.06 -6.59
C MET A 12 -0.16 1.27 -7.85
N LEU A 13 -1.15 1.05 -8.70
CA LEU A 13 -0.98 0.25 -9.91
C LEU A 13 0.01 0.90 -10.88
N ALA A 14 -0.07 2.22 -11.01
CA ALA A 14 0.84 2.96 -11.90
C ALA A 14 2.27 2.77 -11.46
N HIS A 15 2.49 2.77 -10.14
CA HIS A 15 3.82 2.52 -9.59
C HIS A 15 4.30 1.14 -9.99
N ALA A 16 3.41 0.17 -9.93
CA ALA A 16 3.73 -1.20 -10.33
C ALA A 16 4.06 -1.25 -11.83
N ARG A 17 3.25 -0.58 -12.64
CA ARG A 17 3.46 -0.54 -14.08
C ARG A 17 4.79 0.14 -14.41
N GLN A 18 5.09 1.21 -13.69
CA GLN A 18 6.33 1.97 -13.90
C GLN A 18 7.55 1.20 -13.41
N ALA A 19 7.40 0.51 -12.29
CA ALA A 19 8.51 -0.17 -11.65
C ALA A 19 8.69 -1.59 -12.17
N LEU A 20 7.96 -1.95 -13.22
CA LEU A 20 8.13 -3.25 -13.84
C LEU A 20 9.57 -3.43 -14.30
N PRO A 21 10.12 -4.65 -14.20
CA PRO A 21 9.40 -5.83 -13.74
C PRO A 21 9.63 -6.16 -12.26
N ASN A 22 9.79 -5.13 -11.43
CA ASN A 22 10.02 -5.34 -10.01
C ASN A 22 8.70 -5.56 -9.28
N GLU A 23 8.76 -5.63 -7.96
CA GLU A 23 7.59 -5.86 -7.14
C GLU A 23 6.88 -4.56 -6.79
N ALA A 24 7.64 -3.47 -6.80
CA ALA A 24 7.13 -2.12 -6.60
C ALA A 24 6.55 -1.90 -5.20
N CYS A 25 7.33 -1.25 -4.35
CA CYS A 25 6.86 -0.88 -3.01
C CYS A 25 6.79 0.63 -2.84
N GLY A 26 6.13 1.05 -1.79
CA GLY A 26 6.00 2.47 -1.46
C GLY A 26 5.34 2.63 -0.12
N LEU A 27 4.78 3.80 0.17
CA LEU A 27 4.11 4.02 1.44
C LEU A 27 2.68 4.49 1.21
N LEU A 28 1.82 4.22 2.19
CA LEU A 28 0.42 4.61 2.11
C LEU A 28 0.09 5.54 3.26
N GLY A 29 -0.55 6.65 2.96
CA GLY A 29 -0.84 7.63 3.96
C GLY A 29 -2.32 7.93 4.07
N GLY A 30 -2.70 8.53 5.18
CA GLY A 30 -4.09 8.86 5.42
C GLY A 30 -4.36 9.05 6.88
N ARG A 31 -5.59 8.77 7.29
CA ARG A 31 -5.99 8.96 8.67
C ARG A 31 -6.80 7.77 9.19
N ARG A 32 -6.66 7.51 10.47
CA ARG A 32 -7.45 6.49 11.15
C ARG A 32 -8.27 7.14 12.26
N ASP A 33 -9.59 6.99 12.22
CA ASP A 33 -10.43 7.72 13.16
C ASP A 33 -11.35 6.81 13.95
N GLY A 34 -10.87 5.62 14.27
CA GLY A 34 -11.65 4.68 15.03
C GLY A 34 -11.93 3.42 14.28
N ASP A 35 -10.85 2.73 13.93
CA ASP A 35 -10.87 1.52 13.13
C ASP A 35 -11.11 1.84 11.65
N ASP A 36 -11.65 3.03 11.38
CA ASP A 36 -11.72 3.51 10.01
C ASP A 36 -10.34 3.94 9.57
N ARG A 37 -10.01 3.50 8.39
CA ARG A 37 -8.70 3.69 7.81
C ARG A 37 -8.85 4.21 6.38
N TRP A 38 -8.44 5.44 6.13
CA TRP A 38 -8.58 6.02 4.81
C TRP A 38 -7.23 6.13 4.12
N VAL A 39 -7.25 5.99 2.80
CA VAL A 39 -6.04 6.19 2.00
C VAL A 39 -6.15 7.51 1.24
N GLU A 40 -5.71 8.58 1.88
CA GLU A 40 -5.85 9.91 1.32
C GLU A 40 -4.73 10.20 0.34
N ARG A 41 -3.63 9.48 0.46
CA ARG A 41 -2.50 9.63 -0.45
C ARG A 41 -1.72 8.35 -0.59
N VAL A 42 -1.18 8.16 -1.77
CA VAL A 42 -0.27 7.06 -2.04
C VAL A 42 1.08 7.63 -2.43
N TYR A 43 2.15 7.17 -1.81
CA TYR A 43 3.46 7.70 -2.10
C TYR A 43 4.39 6.62 -2.61
N PRO A 44 4.38 6.41 -3.94
CA PRO A 44 5.28 5.46 -4.60
C PRO A 44 6.73 5.90 -4.52
N LEU A 45 7.45 5.32 -3.58
CA LEU A 45 8.84 5.69 -3.35
C LEU A 45 9.78 4.85 -4.19
N ASN A 46 11.06 5.17 -4.15
CA ASN A 46 12.07 4.47 -4.93
C ASN A 46 12.50 3.20 -4.22
N ASN A 47 12.72 2.15 -5.00
CA ASN A 47 13.15 0.85 -4.48
C ASN A 47 14.48 0.47 -5.09
N LEU A 48 15.44 0.15 -4.24
CA LEU A 48 16.82 -0.06 -4.68
C LEU A 48 16.98 -1.41 -5.38
N ASP A 49 16.18 -2.38 -4.97
CA ASP A 49 16.26 -3.73 -5.54
C ASP A 49 15.65 -3.76 -6.93
N GLN A 50 16.36 -4.36 -7.87
CA GLN A 50 15.84 -4.57 -9.22
C GLN A 50 15.35 -6.01 -9.33
N SER A 51 14.68 -6.45 -8.27
CA SER A 51 14.25 -7.83 -8.15
C SER A 51 12.72 -7.92 -8.14
N PRO A 52 12.16 -8.98 -8.73
CA PRO A 52 10.72 -9.18 -8.77
C PRO A 52 10.13 -9.61 -7.42
N GLU A 53 10.90 -10.36 -6.64
CA GLU A 53 10.40 -10.90 -5.39
C GLU A 53 11.12 -10.29 -4.19
N HIS A 54 12.10 -9.42 -4.45
CA HIS A 54 12.88 -8.81 -3.38
C HIS A 54 12.69 -7.31 -3.37
N PHE A 55 12.67 -6.72 -2.18
CA PHE A 55 12.49 -5.28 -2.06
C PHE A 55 13.50 -4.68 -1.09
N SER A 56 13.88 -3.44 -1.34
CA SER A 56 14.76 -2.68 -0.46
C SER A 56 14.50 -1.19 -0.68
N MET A 57 14.07 -0.52 0.35
CA MET A 57 13.64 0.87 0.23
C MET A 57 14.57 1.79 1.02
N ASP A 58 14.79 2.99 0.50
CA ASP A 58 15.72 3.92 1.11
C ASP A 58 15.03 4.77 2.19
N PRO A 59 15.73 5.06 3.29
CA PRO A 59 15.20 5.84 4.41
C PRO A 59 14.94 7.31 4.06
N ARG A 60 15.68 7.83 3.09
CA ARG A 60 15.50 9.22 2.68
C ARG A 60 14.23 9.36 1.86
N GLU A 61 13.89 8.32 1.11
CA GLU A 61 12.61 8.26 0.43
C GLU A 61 11.50 8.25 1.47
N GLN A 62 11.66 7.42 2.49
CA GLN A 62 10.72 7.35 3.60
C GLN A 62 10.57 8.71 4.27
N LEU A 63 11.70 9.33 4.59
CA LEU A 63 11.71 10.60 5.29
C LEU A 63 10.91 11.66 4.52
N THR A 64 11.06 11.66 3.20
CA THR A 64 10.34 12.59 2.36
C THR A 64 8.84 12.39 2.47
N ALA A 65 8.41 11.14 2.43
CA ALA A 65 6.99 10.80 2.51
C ALA A 65 6.44 11.10 3.91
N VAL A 66 7.18 10.69 4.93
CA VAL A 66 6.77 10.90 6.31
C VAL A 66 6.68 12.39 6.65
N LYS A 67 7.63 13.16 6.11
CA LYS A 67 7.65 14.60 6.33
C LYS A 67 6.38 15.24 5.79
N ASP A 68 6.02 14.87 4.57
CA ASP A 68 4.83 15.41 3.91
C ASP A 68 3.58 14.93 4.62
N MET A 69 3.62 13.67 5.04
CA MET A 69 2.50 13.03 5.72
C MET A 69 2.15 13.75 7.01
N ARG A 70 3.14 13.97 7.84
CA ARG A 70 2.94 14.57 9.16
C ARG A 70 2.68 16.07 9.04
N LYS A 71 3.17 16.65 7.96
CA LYS A 71 2.98 18.07 7.68
C LYS A 71 1.50 18.39 7.49
N ASN A 72 0.78 17.51 6.83
CA ASN A 72 -0.64 17.73 6.57
C ASN A 72 -1.50 17.20 7.71
N GLY A 73 -0.95 16.29 8.50
CA GLY A 73 -1.68 15.73 9.62
C GLY A 73 -2.03 14.27 9.41
N TRP A 74 -1.46 13.69 8.36
CA TRP A 74 -1.65 12.27 8.08
C TRP A 74 -0.66 11.44 8.89
N VAL A 75 -0.91 10.15 8.96
CA VAL A 75 -0.01 9.23 9.63
C VAL A 75 0.32 8.07 8.69
N MET A 76 1.48 7.48 8.86
CA MET A 76 1.89 6.34 8.03
C MET A 76 1.07 5.12 8.43
N LEU A 77 0.12 4.76 7.57
CA LEU A 77 -0.83 3.70 7.89
C LEU A 77 -0.38 2.36 7.32
N GLY A 78 0.76 2.35 6.64
CA GLY A 78 1.27 1.12 6.09
C GLY A 78 1.91 1.31 4.75
N ASN A 79 2.00 0.24 3.98
CA ASN A 79 2.65 0.26 2.68
C ASN A 79 1.96 -0.70 1.72
N PHE A 80 2.46 -0.74 0.50
CA PHE A 80 1.91 -1.66 -0.50
C PHE A 80 3.03 -2.42 -1.17
N HIS A 81 2.77 -3.68 -1.45
CA HIS A 81 3.75 -4.56 -2.07
C HIS A 81 3.06 -5.49 -3.04
N SER A 82 3.56 -5.51 -4.26
CA SER A 82 2.93 -6.26 -5.33
C SER A 82 3.82 -7.41 -5.77
N HIS A 83 3.22 -8.42 -6.36
CA HIS A 83 3.97 -9.49 -6.99
C HIS A 83 3.76 -9.41 -8.49
N PRO A 84 4.81 -9.66 -9.30
CA PRO A 84 4.72 -9.60 -10.75
C PRO A 84 4.29 -10.93 -11.37
N ALA A 85 5.04 -11.98 -11.09
CA ALA A 85 4.76 -13.30 -11.65
C ALA A 85 4.31 -14.24 -10.55
N THR A 86 3.80 -13.66 -9.48
CA THR A 86 3.35 -14.44 -8.33
C THR A 86 2.00 -13.91 -7.85
N PRO A 87 1.22 -14.74 -7.14
CA PRO A 87 -0.13 -14.38 -6.71
C PRO A 87 -0.16 -13.44 -5.50
N ALA A 88 -1.36 -13.17 -5.01
CA ALA A 88 -1.53 -12.28 -3.87
C ALA A 88 -1.19 -13.01 -2.57
N ARG A 89 -1.33 -12.28 -1.45
CA ARG A 89 -0.95 -12.77 -0.13
C ARG A 89 0.57 -12.81 0.00
N PRO A 90 1.11 -12.46 1.18
CA PRO A 90 2.55 -12.56 1.44
C PRO A 90 3.02 -14.00 1.58
N SER A 91 4.18 -14.30 1.01
CA SER A 91 4.79 -15.61 1.17
C SER A 91 5.47 -15.70 2.53
N ALA A 92 6.20 -16.78 2.77
CA ALA A 92 6.92 -16.95 4.04
C ALA A 92 7.87 -15.79 4.27
N GLU A 93 8.63 -15.44 3.25
CA GLU A 93 9.58 -14.34 3.34
C GLU A 93 8.87 -12.99 3.37
N ASP A 94 7.81 -12.83 2.56
CA ASP A 94 7.05 -11.57 2.55
C ASP A 94 6.50 -11.28 3.94
N LYS A 95 6.07 -12.32 4.64
CA LYS A 95 5.49 -12.17 5.97
C LYS A 95 6.56 -11.77 6.99
N ARG A 96 7.78 -12.22 6.76
CA ARG A 96 8.90 -11.86 7.63
C ARG A 96 9.35 -10.42 7.36
N LEU A 97 8.95 -9.88 6.22
CA LEU A 97 9.28 -8.52 5.84
C LEU A 97 8.32 -7.53 6.50
N ALA A 98 7.28 -8.06 7.12
CA ALA A 98 6.32 -7.25 7.83
C ALA A 98 6.77 -7.09 9.28
N PHE A 99 7.48 -6.01 9.54
CA PHE A 99 8.07 -5.78 10.85
C PHE A 99 7.09 -5.12 11.81
N ASP A 100 6.11 -4.40 11.28
CA ASP A 100 5.16 -3.67 12.11
C ASP A 100 3.72 -4.12 11.85
N PRO A 101 3.26 -5.13 12.60
CA PRO A 101 1.93 -5.75 12.42
C PRO A 101 0.76 -4.79 12.63
N SER A 102 1.04 -3.56 13.03
CA SER A 102 0.01 -2.59 13.30
C SER A 102 -0.34 -1.77 12.06
N LEU A 103 0.40 -2.01 10.98
CA LEU A 103 0.20 -1.27 9.73
C LEU A 103 -0.67 -2.06 8.76
N SER A 104 -1.14 -1.38 7.73
CA SER A 104 -1.91 -2.04 6.68
C SER A 104 -0.99 -2.44 5.53
N TYR A 105 -0.86 -3.73 5.29
CA TYR A 105 -0.02 -4.23 4.21
C TYR A 105 -0.88 -4.64 3.02
N LEU A 106 -0.93 -3.80 2.01
CA LEU A 106 -1.71 -4.08 0.83
C LEU A 106 -0.88 -4.88 -0.17
N ILE A 107 -1.41 -6.02 -0.58
CA ILE A 107 -0.71 -6.89 -1.49
C ILE A 107 -1.42 -6.92 -2.83
N ILE A 108 -0.69 -6.57 -3.89
CA ILE A 108 -1.24 -6.53 -5.22
C ILE A 108 -0.75 -7.73 -6.04
N SER A 109 -1.64 -8.32 -6.81
CA SER A 109 -1.30 -9.43 -7.67
C SER A 109 -1.28 -8.99 -9.13
N LEU A 110 -0.09 -8.81 -9.68
CA LEU A 110 0.06 -8.41 -11.07
C LEU A 110 0.13 -9.64 -11.97
N ALA A 111 -0.08 -10.80 -11.37
CA ALA A 111 -0.12 -12.06 -12.11
C ALA A 111 -1.23 -12.03 -13.14
N GLU A 112 -2.24 -11.20 -12.90
CA GLU A 112 -3.33 -11.01 -13.82
C GLU A 112 -3.44 -9.52 -14.17
N PRO A 113 -2.68 -9.06 -15.17
CA PRO A 113 -2.62 -7.64 -15.56
C PRO A 113 -3.90 -7.13 -16.18
N GLN A 114 -4.84 -8.04 -16.42
CA GLN A 114 -6.15 -7.65 -16.91
C GLN A 114 -6.95 -7.02 -15.78
N LYS A 115 -6.81 -7.60 -14.60
CA LYS A 115 -7.51 -7.15 -13.41
C LYS A 115 -6.68 -7.48 -12.16
N PRO A 116 -5.70 -6.64 -11.84
CA PRO A 116 -4.79 -6.87 -10.72
C PRO A 116 -5.51 -6.87 -9.38
N VAL A 117 -5.54 -8.03 -8.74
CA VAL A 117 -6.23 -8.16 -7.47
C VAL A 117 -5.48 -7.44 -6.36
N CYS A 118 -6.14 -6.48 -5.74
CA CYS A 118 -5.54 -5.71 -4.66
C CYS A 118 -6.32 -5.94 -3.37
N LYS A 119 -5.67 -6.48 -2.36
CA LYS A 119 -6.33 -6.68 -1.06
C LYS A 119 -5.48 -6.08 0.05
N SER A 120 -6.13 -5.83 1.17
CA SER A 120 -5.46 -5.28 2.35
C SER A 120 -5.31 -6.37 3.38
N PHE A 121 -4.08 -6.63 3.79
CA PHE A 121 -3.81 -7.67 4.75
C PHE A 121 -3.16 -7.10 6.01
N LEU A 122 -3.69 -7.49 7.15
CA LEU A 122 -3.08 -7.17 8.41
C LEU A 122 -2.19 -8.33 8.82
N ILE A 123 -0.89 -8.12 8.72
CA ILE A 123 0.06 -9.19 9.01
C ILE A 123 0.37 -9.20 10.49
N LYS A 124 -0.13 -10.20 11.19
CA LYS A 124 0.02 -10.27 12.62
C LYS A 124 1.03 -11.32 13.03
N LYS A 125 1.26 -11.39 14.33
CA LYS A 125 2.10 -12.41 14.93
C LYS A 125 1.49 -13.78 14.66
N ASP A 126 0.23 -13.90 15.02
CA ASP A 126 -0.55 -15.11 14.82
C ASP A 126 -0.64 -15.45 13.33
N GLY A 127 -1.48 -14.73 12.62
CA GLY A 127 -1.70 -14.99 11.21
C GLY A 127 -2.01 -13.73 10.43
N VAL A 128 -2.89 -13.86 9.45
CA VAL A 128 -3.22 -12.73 8.58
C VAL A 128 -4.73 -12.48 8.58
N ASP A 129 -5.11 -11.25 8.91
CA ASP A 129 -6.50 -10.82 8.83
C ASP A 129 -6.67 -9.83 7.69
N GLU A 130 -7.66 -10.02 6.84
CA GLU A 130 -7.85 -9.14 5.71
C GLU A 130 -8.83 -8.02 6.04
N GLU A 131 -8.54 -6.83 5.55
CA GLU A 131 -9.38 -5.67 5.76
C GLU A 131 -10.19 -5.38 4.50
N GLU A 132 -11.47 -5.10 4.68
CA GLU A 132 -12.37 -4.86 3.56
C GLU A 132 -12.11 -3.50 2.93
N ILE A 133 -12.15 -3.47 1.60
CA ILE A 133 -11.81 -2.27 0.85
C ILE A 133 -13.06 -1.64 0.23
N ILE A 134 -13.23 -0.35 0.49
CA ILE A 134 -14.31 0.41 -0.10
C ILE A 134 -13.75 1.37 -1.13
N LEU A 135 -14.33 1.40 -2.32
CA LEU A 135 -13.83 2.23 -3.41
C LEU A 135 -14.70 3.45 -3.63
N LYS A 136 -14.16 4.43 -4.35
CA LYS A 136 -14.86 5.66 -4.67
C LYS A 136 -14.08 6.42 -5.73
N GLU A 137 -14.71 7.38 -6.42
CA GLU A 137 -14.01 8.15 -7.44
C GLU A 137 -13.20 9.28 -6.83
N GLU A 138 -13.62 9.72 -5.66
CA GLU A 138 -12.99 10.84 -4.97
C GLU A 138 -13.13 10.69 -3.47
N LEU A 139 -12.71 11.72 -2.74
CA LEU A 139 -12.89 11.76 -1.30
C LEU A 139 -14.26 12.33 -0.98
N GLU A 140 -14.45 12.79 0.26
CA GLU A 140 -15.68 13.48 0.61
C GLU A 140 -15.62 14.92 0.15
N HIS A 141 -16.78 15.57 0.12
CA HIS A 141 -16.93 16.89 -0.48
C HIS A 141 -16.71 16.81 -1.99
N HIS A 142 -17.78 16.59 -2.73
CA HIS A 142 -17.71 16.63 -4.18
C HIS A 142 -17.25 18.01 -4.62
N HIS A 143 -15.99 18.09 -5.00
CA HIS A 143 -15.33 19.36 -5.25
C HIS A 143 -14.74 19.41 -6.65
N HIS A 144 -14.26 20.58 -7.03
CA HIS A 144 -13.52 20.74 -8.27
C HIS A 144 -12.22 19.94 -8.17
N HIS A 145 -11.97 19.12 -9.17
CA HIS A 145 -10.83 18.21 -9.13
C HIS A 145 -9.55 18.91 -9.55
N HIS A 146 -8.51 18.78 -8.73
CA HIS A 146 -7.19 19.26 -9.12
C HIS A 146 -6.26 18.07 -9.30
N MET A 1 -12.33 -2.46 7.46
CA MET A 1 -12.29 -2.19 6.01
C MET A 1 -11.26 -1.10 5.70
N ILE A 2 -10.66 -1.19 4.53
CA ILE A 2 -9.74 -0.15 4.08
C ILE A 2 -10.36 0.60 2.91
N THR A 3 -10.37 1.92 3.01
CA THR A 3 -11.00 2.72 1.99
C THR A 3 -9.98 3.57 1.24
N LEU A 4 -9.92 3.35 -0.07
CA LEU A 4 -9.11 4.17 -0.95
C LEU A 4 -9.90 4.50 -2.20
N THR A 5 -9.52 5.55 -2.87
CA THR A 5 -10.32 6.06 -3.97
C THR A 5 -9.92 5.40 -5.29
N LYS A 6 -10.77 5.57 -6.31
CA LYS A 6 -10.43 5.13 -7.66
C LYS A 6 -9.10 5.74 -8.08
N LYS A 7 -8.92 7.00 -7.74
CA LYS A 7 -7.69 7.74 -7.98
C LYS A 7 -6.50 7.05 -7.33
N GLN A 8 -6.64 6.68 -6.06
CA GLN A 8 -5.57 6.02 -5.34
C GLN A 8 -5.20 4.71 -6.02
N MET A 9 -6.21 3.98 -6.48
CA MET A 9 -5.98 2.75 -7.23
C MET A 9 -5.22 3.07 -8.51
N GLU A 10 -5.66 4.10 -9.22
CA GLU A 10 -5.03 4.54 -10.45
C GLU A 10 -3.59 4.98 -10.20
N GLU A 11 -3.36 5.68 -9.10
CA GLU A 11 -2.07 6.18 -8.74
C GLU A 11 -1.11 5.04 -8.44
N MET A 12 -1.61 4.01 -7.76
CA MET A 12 -0.82 2.81 -7.49
C MET A 12 -0.61 2.01 -8.78
N LEU A 13 -1.68 1.83 -9.54
CA LEU A 13 -1.65 1.04 -10.76
C LEU A 13 -0.69 1.63 -11.80
N ALA A 14 -0.75 2.94 -11.98
CA ALA A 14 0.13 3.60 -12.93
C ALA A 14 1.59 3.42 -12.53
N HIS A 15 1.87 3.62 -11.24
CA HIS A 15 3.22 3.46 -10.73
C HIS A 15 3.67 2.00 -10.88
N ALA A 16 2.72 1.09 -10.70
CA ALA A 16 3.00 -0.33 -10.84
C ALA A 16 3.50 -0.65 -12.25
N ARG A 17 2.76 -0.20 -13.26
CA ARG A 17 3.14 -0.47 -14.65
C ARG A 17 4.45 0.25 -14.99
N GLN A 18 4.61 1.45 -14.47
CA GLN A 18 5.81 2.23 -14.69
C GLN A 18 7.03 1.58 -14.05
N ALA A 19 6.80 0.79 -13.00
CA ALA A 19 7.89 0.14 -12.28
C ALA A 19 8.14 -1.28 -12.80
N LEU A 20 7.18 -1.81 -13.55
CA LEU A 20 7.30 -3.16 -14.10
C LEU A 20 8.53 -3.27 -14.99
N PRO A 21 9.15 -4.46 -15.02
CA PRO A 21 8.64 -5.65 -14.37
C PRO A 21 9.18 -5.86 -12.95
N ASN A 22 9.37 -4.77 -12.22
CA ASN A 22 9.85 -4.85 -10.84
C ASN A 22 8.68 -4.82 -9.88
N GLU A 23 8.83 -5.45 -8.71
CA GLU A 23 7.83 -5.39 -7.66
C GLU A 23 7.60 -3.94 -7.22
N ALA A 24 6.38 -3.46 -7.38
CA ALA A 24 6.02 -2.10 -7.02
C ALA A 24 6.02 -1.91 -5.51
N CYS A 25 6.75 -0.92 -5.02
CA CYS A 25 6.84 -0.64 -3.60
C CYS A 25 6.27 0.74 -3.28
N GLY A 26 6.04 1.03 -2.00
CA GLY A 26 5.56 2.35 -1.62
C GLY A 26 4.94 2.36 -0.24
N LEU A 27 4.50 3.53 0.21
CA LEU A 27 3.88 3.70 1.52
C LEU A 27 2.51 4.33 1.37
N LEU A 28 1.68 4.19 2.40
CA LEU A 28 0.33 4.72 2.37
C LEU A 28 0.16 5.85 3.37
N GLY A 29 -0.41 6.96 2.91
CA GLY A 29 -0.65 8.09 3.79
C GLY A 29 -2.11 8.49 3.80
N GLY A 30 -2.58 8.91 4.96
CA GLY A 30 -3.95 9.34 5.07
C GLY A 30 -4.39 9.45 6.52
N ARG A 31 -5.67 9.27 6.76
CA ARG A 31 -6.20 9.34 8.11
C ARG A 31 -6.63 7.97 8.60
N ARG A 32 -6.46 7.73 9.89
CA ARG A 32 -6.88 6.49 10.48
C ARG A 32 -7.68 6.76 11.75
N ASP A 33 -8.50 5.80 12.13
CA ASP A 33 -9.28 5.87 13.35
C ASP A 33 -8.91 4.67 14.21
N GLY A 34 -9.83 4.22 15.06
CA GLY A 34 -9.57 3.05 15.89
C GLY A 34 -9.11 1.86 15.08
N ASP A 35 -9.84 1.56 14.04
CA ASP A 35 -9.46 0.50 13.11
C ASP A 35 -9.66 0.93 11.66
N ASP A 36 -10.40 2.02 11.46
CA ASP A 36 -10.69 2.50 10.11
C ASP A 36 -9.45 3.16 9.52
N ARG A 37 -9.22 2.90 8.25
CA ARG A 37 -8.10 3.49 7.53
C ARG A 37 -8.56 4.08 6.20
N TRP A 38 -8.28 5.36 6.01
CA TRP A 38 -8.65 6.06 4.78
C TRP A 38 -7.41 6.57 4.06
N VAL A 39 -7.18 6.06 2.86
CA VAL A 39 -6.03 6.46 2.08
C VAL A 39 -6.34 7.70 1.23
N GLU A 40 -5.85 8.84 1.68
CA GLU A 40 -6.09 10.09 0.96
C GLU A 40 -4.98 10.35 -0.07
N ARG A 41 -3.79 9.83 0.18
CA ARG A 41 -2.69 9.97 -0.77
C ARG A 41 -1.73 8.80 -0.66
N VAL A 42 -1.35 8.24 -1.80
CA VAL A 42 -0.38 7.17 -1.84
C VAL A 42 0.99 7.73 -2.14
N TYR A 43 1.99 7.30 -1.39
CA TYR A 43 3.36 7.74 -1.62
C TYR A 43 4.25 6.57 -2.00
N PRO A 44 4.30 6.23 -3.28
CA PRO A 44 5.15 5.17 -3.79
C PRO A 44 6.58 5.63 -3.97
N LEU A 45 7.40 5.42 -2.97
CA LEU A 45 8.81 5.80 -3.02
C LEU A 45 9.55 4.98 -4.07
N ASN A 46 10.75 5.40 -4.39
CA ASN A 46 11.57 4.72 -5.40
C ASN A 46 11.89 3.30 -4.96
N ASN A 47 11.93 2.39 -5.93
CA ASN A 47 12.21 0.99 -5.67
C ASN A 47 13.71 0.77 -5.50
N LEU A 48 14.14 0.57 -4.26
CA LEU A 48 15.52 0.26 -3.99
C LEU A 48 15.81 -1.17 -4.43
N ASP A 49 14.97 -2.10 -4.01
CA ASP A 49 15.08 -3.48 -4.46
C ASP A 49 13.71 -3.98 -4.83
N GLN A 50 13.58 -4.56 -6.00
CA GLN A 50 12.33 -5.19 -6.40
C GLN A 50 12.00 -6.29 -5.39
N SER A 51 13.04 -7.08 -5.07
CA SER A 51 12.91 -8.23 -4.19
C SER A 51 11.93 -9.28 -4.75
N PRO A 52 12.23 -10.57 -4.59
CA PRO A 52 11.46 -11.66 -5.22
C PRO A 52 9.96 -11.60 -4.89
N GLU A 53 9.63 -11.20 -3.68
CA GLU A 53 8.25 -11.14 -3.23
C GLU A 53 8.02 -9.95 -2.33
N HIS A 54 9.07 -9.18 -2.10
CA HIS A 54 9.10 -8.21 -1.02
C HIS A 54 9.25 -6.79 -1.55
N PHE A 55 9.63 -5.88 -0.68
CA PHE A 55 9.82 -4.49 -1.04
C PHE A 55 11.02 -3.93 -0.28
N SER A 56 11.63 -2.88 -0.81
CA SER A 56 12.70 -2.20 -0.13
C SER A 56 12.76 -0.74 -0.55
N MET A 57 12.74 0.12 0.45
CA MET A 57 12.92 1.55 0.27
C MET A 57 14.03 2.02 1.18
N ASP A 58 14.61 3.17 0.87
CA ASP A 58 15.68 3.70 1.69
C ASP A 58 15.10 4.56 2.81
N PRO A 59 15.72 4.55 4.00
CA PRO A 59 15.31 5.39 5.13
C PRO A 59 15.10 6.84 4.73
N ARG A 60 15.96 7.35 3.85
CA ARG A 60 15.85 8.73 3.37
C ARG A 60 14.56 8.93 2.58
N GLU A 61 14.25 7.96 1.72
CA GLU A 61 13.04 8.01 0.92
C GLU A 61 11.80 7.98 1.80
N GLN A 62 11.83 7.13 2.82
CA GLN A 62 10.71 6.98 3.73
C GLN A 62 10.55 8.24 4.59
N LEU A 63 11.68 8.74 5.08
CA LEU A 63 11.67 9.94 5.92
C LEU A 63 11.11 11.13 5.15
N THR A 64 11.45 11.21 3.87
CA THR A 64 10.96 12.29 3.02
C THR A 64 9.45 12.17 2.81
N ALA A 65 8.97 10.94 2.66
CA ALA A 65 7.55 10.69 2.46
C ALA A 65 6.75 11.06 3.71
N VAL A 66 7.26 10.66 4.87
CA VAL A 66 6.61 10.97 6.15
C VAL A 66 6.63 12.47 6.38
N LYS A 67 7.70 13.13 5.93
CA LYS A 67 7.86 14.57 6.07
C LYS A 67 6.70 15.31 5.39
N ASP A 68 6.40 14.91 4.17
CA ASP A 68 5.33 15.52 3.40
C ASP A 68 3.98 15.13 3.97
N MET A 69 3.89 13.88 4.40
CA MET A 69 2.67 13.32 4.97
C MET A 69 2.27 14.07 6.24
N ARG A 70 3.24 14.24 7.12
CA ARG A 70 3.01 14.92 8.40
C ARG A 70 2.71 16.40 8.19
N LYS A 71 3.22 16.95 7.10
CA LYS A 71 3.04 18.35 6.76
C LYS A 71 1.56 18.69 6.58
N ASN A 72 0.83 17.77 5.95
CA ASN A 72 -0.60 17.97 5.71
C ASN A 72 -1.42 17.46 6.88
N GLY A 73 -0.82 16.61 7.69
CA GLY A 73 -1.51 16.08 8.84
C GLY A 73 -1.97 14.65 8.64
N TRP A 74 -1.33 13.95 7.71
CA TRP A 74 -1.64 12.56 7.47
C TRP A 74 -0.66 11.68 8.23
N VAL A 75 -1.05 10.44 8.44
CA VAL A 75 -0.21 9.48 9.14
C VAL A 75 0.01 8.24 8.29
N MET A 76 1.01 7.45 8.64
CA MET A 76 1.34 6.24 7.89
C MET A 76 0.33 5.15 8.17
N LEU A 77 -0.38 4.73 7.14
CA LEU A 77 -1.36 3.66 7.26
C LEU A 77 -0.68 2.31 7.06
N GLY A 78 0.40 2.32 6.31
CA GLY A 78 1.14 1.11 6.03
C GLY A 78 1.93 1.22 4.75
N ASN A 79 2.01 0.13 4.02
CA ASN A 79 2.76 0.09 2.77
C ASN A 79 2.11 -0.85 1.79
N PHE A 80 2.67 -0.92 0.60
CA PHE A 80 2.20 -1.86 -0.40
C PHE A 80 3.38 -2.43 -1.18
N HIS A 81 3.24 -3.68 -1.59
CA HIS A 81 4.25 -4.35 -2.40
C HIS A 81 3.56 -5.31 -3.34
N SER A 82 3.80 -5.13 -4.63
CA SER A 82 3.02 -5.79 -5.66
C SER A 82 3.87 -6.79 -6.44
N HIS A 83 3.21 -7.80 -7.00
CA HIS A 83 3.91 -8.84 -7.75
C HIS A 83 3.49 -8.79 -9.22
N PRO A 84 4.43 -9.05 -10.14
CA PRO A 84 4.17 -9.03 -11.58
C PRO A 84 3.58 -10.35 -12.10
N ALA A 85 4.21 -11.46 -11.75
CA ALA A 85 3.78 -12.76 -12.27
C ALA A 85 3.46 -13.73 -11.15
N THR A 86 3.03 -13.20 -10.02
CA THR A 86 2.75 -14.01 -8.84
C THR A 86 1.50 -13.50 -8.12
N PRO A 87 0.83 -14.38 -7.35
CA PRO A 87 -0.42 -14.05 -6.64
C PRO A 87 -0.22 -12.98 -5.58
N ALA A 88 -1.33 -12.52 -5.02
CA ALA A 88 -1.30 -11.49 -4.00
C ALA A 88 -1.45 -12.07 -2.60
N ARG A 89 -0.39 -12.66 -2.08
CA ARG A 89 -0.32 -13.10 -0.69
C ARG A 89 1.12 -13.17 -0.24
N PRO A 90 1.39 -12.89 1.06
CA PRO A 90 2.75 -12.86 1.59
C PRO A 90 3.35 -14.25 1.80
N SER A 91 4.67 -14.33 1.69
CA SER A 91 5.38 -15.58 1.92
C SER A 91 5.93 -15.64 3.34
N ALA A 92 6.70 -16.67 3.64
CA ALA A 92 7.24 -16.85 4.98
C ALA A 92 8.12 -15.68 5.39
N GLU A 93 9.04 -15.30 4.51
CA GLU A 93 9.97 -14.22 4.81
C GLU A 93 9.25 -12.88 4.91
N ASP A 94 8.24 -12.70 4.06
CA ASP A 94 7.48 -11.45 4.02
C ASP A 94 6.65 -11.30 5.30
N LYS A 95 6.17 -12.44 5.79
CA LYS A 95 5.36 -12.51 6.99
C LYS A 95 6.19 -12.19 8.24
N ARG A 96 7.47 -12.57 8.22
CA ARG A 96 8.32 -12.42 9.40
C ARG A 96 8.74 -10.97 9.60
N LEU A 97 8.62 -10.17 8.55
CA LEU A 97 9.06 -8.77 8.59
C LEU A 97 8.04 -7.87 9.29
N ALA A 98 6.89 -8.43 9.63
CA ALA A 98 5.83 -7.64 10.25
C ALA A 98 5.98 -7.60 11.77
N PHE A 99 6.59 -6.53 12.25
CA PHE A 99 6.73 -6.30 13.69
C PHE A 99 5.71 -5.25 14.14
N ASP A 100 4.68 -5.06 13.33
CA ASP A 100 3.69 -4.02 13.56
C ASP A 100 2.47 -4.56 14.29
N PRO A 101 1.75 -3.68 15.01
CA PRO A 101 0.49 -4.04 15.63
C PRO A 101 -0.74 -3.77 14.75
N SER A 102 -0.70 -2.72 13.92
CA SER A 102 -1.89 -2.30 13.18
C SER A 102 -1.58 -1.68 11.80
N LEU A 103 -0.48 -2.07 11.18
CA LEU A 103 -0.14 -1.52 9.87
C LEU A 103 -0.73 -2.35 8.75
N SER A 104 -1.08 -1.71 7.65
CA SER A 104 -1.67 -2.39 6.50
C SER A 104 -0.62 -2.66 5.43
N TYR A 105 -0.57 -3.91 4.97
CA TYR A 105 0.35 -4.30 3.91
C TYR A 105 -0.43 -4.68 2.67
N LEU A 106 -0.53 -3.77 1.73
CA LEU A 106 -1.28 -4.02 0.51
C LEU A 106 -0.43 -4.80 -0.49
N ILE A 107 -1.03 -5.80 -1.10
CA ILE A 107 -0.35 -6.58 -2.11
C ILE A 107 -1.20 -6.60 -3.37
N ILE A 108 -0.62 -6.09 -4.45
CA ILE A 108 -1.30 -6.05 -5.74
C ILE A 108 -0.73 -7.11 -6.66
N SER A 109 -1.60 -7.85 -7.32
CA SER A 109 -1.17 -8.87 -8.25
C SER A 109 -1.38 -8.38 -9.69
N LEU A 110 -0.27 -8.17 -10.39
CA LEU A 110 -0.32 -7.73 -11.79
C LEU A 110 -0.33 -8.95 -12.71
N ALA A 111 -0.43 -10.14 -12.12
CA ALA A 111 -0.45 -11.37 -12.89
C ALA A 111 -1.64 -11.40 -13.83
N GLU A 112 -2.73 -10.79 -13.38
CA GLU A 112 -3.95 -10.66 -14.17
C GLU A 112 -4.29 -9.18 -14.37
N PRO A 113 -3.70 -8.55 -15.41
CA PRO A 113 -3.82 -7.11 -15.65
C PRO A 113 -5.22 -6.70 -16.14
N GLN A 114 -6.06 -7.69 -16.40
CA GLN A 114 -7.42 -7.43 -16.84
C GLN A 114 -8.24 -6.89 -15.69
N LYS A 115 -7.87 -7.31 -14.49
CA LYS A 115 -8.50 -6.86 -13.26
C LYS A 115 -7.59 -7.23 -12.08
N PRO A 116 -6.51 -6.45 -11.87
CA PRO A 116 -5.49 -6.76 -10.88
C PRO A 116 -6.07 -6.88 -9.46
N VAL A 117 -5.83 -8.01 -8.83
CA VAL A 117 -6.33 -8.22 -7.49
C VAL A 117 -5.54 -7.38 -6.50
N CYS A 118 -6.25 -6.49 -5.82
CA CYS A 118 -5.65 -5.66 -4.79
C CYS A 118 -6.30 -5.94 -3.45
N LYS A 119 -5.49 -6.25 -2.44
CA LYS A 119 -6.01 -6.42 -1.09
C LYS A 119 -5.07 -5.82 -0.08
N SER A 120 -5.58 -5.65 1.12
CA SER A 120 -4.79 -5.19 2.24
C SER A 120 -4.61 -6.34 3.20
N PHE A 121 -3.38 -6.67 3.50
CA PHE A 121 -3.11 -7.80 4.36
C PHE A 121 -2.52 -7.35 5.68
N LEU A 122 -3.10 -7.85 6.75
CA LEU A 122 -2.58 -7.60 8.07
C LEU A 122 -1.78 -8.82 8.51
N ILE A 123 -0.47 -8.69 8.52
CA ILE A 123 0.38 -9.78 8.94
C ILE A 123 0.62 -9.68 10.44
N LYS A 124 0.21 -10.69 11.16
CA LYS A 124 0.25 -10.65 12.62
C LYS A 124 0.98 -11.87 13.16
N LYS A 125 0.81 -12.12 14.45
CA LYS A 125 1.49 -13.21 15.13
C LYS A 125 1.12 -14.56 14.54
N ASP A 126 -0.18 -14.82 14.47
CA ASP A 126 -0.68 -16.13 14.03
C ASP A 126 -0.54 -16.29 12.53
N GLY A 127 -0.78 -15.23 11.77
CA GLY A 127 -0.72 -15.31 10.34
C GLY A 127 -1.14 -14.02 9.67
N VAL A 128 -1.73 -14.14 8.50
CA VAL A 128 -2.13 -12.96 7.75
C VAL A 128 -3.65 -12.89 7.62
N ASP A 129 -4.19 -11.71 7.91
CA ASP A 129 -5.63 -11.47 7.79
C ASP A 129 -5.88 -10.47 6.67
N GLU A 130 -6.74 -10.83 5.72
CA GLU A 130 -7.00 -9.97 4.59
C GLU A 130 -8.16 -9.02 4.85
N GLU A 131 -7.88 -7.74 4.69
CA GLU A 131 -8.84 -6.67 4.92
C GLU A 131 -9.62 -6.39 3.63
N GLU A 132 -10.88 -6.00 3.78
CA GLU A 132 -11.75 -5.77 2.64
C GLU A 132 -11.44 -4.41 1.99
N ILE A 133 -11.48 -4.39 0.66
CA ILE A 133 -11.15 -3.21 -0.10
C ILE A 133 -12.40 -2.42 -0.45
N ILE A 134 -12.49 -1.19 0.04
CA ILE A 134 -13.59 -0.32 -0.30
C ILE A 134 -13.09 0.77 -1.26
N LEU A 135 -13.64 0.78 -2.47
CA LEU A 135 -13.23 1.76 -3.46
C LEU A 135 -14.09 3.00 -3.36
N LYS A 136 -13.48 4.09 -2.91
CA LYS A 136 -14.16 5.36 -2.78
C LYS A 136 -14.32 5.99 -4.16
N GLU A 137 -15.39 6.73 -4.35
CA GLU A 137 -15.70 7.33 -5.64
C GLU A 137 -14.65 8.33 -6.05
N GLU A 138 -14.03 8.92 -5.05
CA GLU A 138 -12.98 9.91 -5.22
C GLU A 138 -12.58 10.43 -3.85
N LEU A 139 -11.85 11.54 -3.80
CA LEU A 139 -11.33 12.08 -2.54
C LEU A 139 -12.46 12.45 -1.58
N GLU A 140 -12.10 12.75 -0.34
CA GLU A 140 -13.08 13.03 0.68
C GLU A 140 -13.79 14.35 0.43
N HIS A 141 -15.10 14.34 0.60
CA HIS A 141 -15.92 15.54 0.43
C HIS A 141 -15.96 16.30 1.74
N HIS A 142 -14.78 16.54 2.31
CA HIS A 142 -14.64 17.22 3.59
C HIS A 142 -15.22 18.63 3.55
N HIS A 143 -16.04 18.94 4.56
CA HIS A 143 -16.71 20.23 4.65
C HIS A 143 -15.70 21.37 4.68
N HIS A 144 -14.58 21.15 5.36
CA HIS A 144 -13.48 22.12 5.35
C HIS A 144 -12.92 22.23 3.93
N HIS A 145 -13.19 23.36 3.29
CA HIS A 145 -12.80 23.55 1.90
C HIS A 145 -11.60 24.50 1.80
N HIS A 146 -10.61 24.10 0.99
CA HIS A 146 -9.43 24.91 0.74
C HIS A 146 -8.56 25.04 1.98
N MET A 1 -12.55 -1.39 7.94
CA MET A 1 -12.03 -1.56 6.56
C MET A 1 -10.98 -0.50 6.26
N ILE A 2 -10.45 -0.54 5.05
CA ILE A 2 -9.58 0.52 4.57
C ILE A 2 -10.15 1.08 3.27
N THR A 3 -10.17 2.40 3.14
CA THR A 3 -10.80 3.02 1.99
C THR A 3 -9.82 3.91 1.24
N LEU A 4 -9.72 3.69 -0.06
CA LEU A 4 -8.90 4.50 -0.95
C LEU A 4 -9.66 4.77 -2.24
N THR A 5 -9.20 5.71 -3.04
CA THR A 5 -9.94 6.11 -4.22
C THR A 5 -9.55 5.29 -5.44
N LYS A 6 -10.39 5.37 -6.46
CA LYS A 6 -10.11 4.78 -7.76
C LYS A 6 -8.76 5.27 -8.27
N LYS A 7 -8.54 6.56 -8.10
CA LYS A 7 -7.31 7.22 -8.50
C LYS A 7 -6.09 6.61 -7.80
N GLN A 8 -6.20 6.37 -6.50
CA GLN A 8 -5.10 5.81 -5.72
C GLN A 8 -4.71 4.43 -6.26
N MET A 9 -5.70 3.63 -6.62
CA MET A 9 -5.45 2.32 -7.20
C MET A 9 -4.75 2.47 -8.54
N GLU A 10 -5.25 3.39 -9.36
CA GLU A 10 -4.65 3.72 -10.64
C GLU A 10 -3.19 4.16 -10.46
N GLU A 11 -2.97 5.01 -9.47
CA GLU A 11 -1.65 5.49 -9.14
C GLU A 11 -0.70 4.35 -8.78
N MET A 12 -1.18 3.43 -7.95
CA MET A 12 -0.40 2.25 -7.58
C MET A 12 -0.15 1.37 -8.80
N LEU A 13 -1.19 1.21 -9.61
CA LEU A 13 -1.11 0.40 -10.83
C LEU A 13 -0.07 0.95 -11.79
N ALA A 14 -0.02 2.26 -11.94
CA ALA A 14 0.93 2.90 -12.84
C ALA A 14 2.36 2.68 -12.36
N HIS A 15 2.58 2.87 -11.06
CA HIS A 15 3.89 2.65 -10.47
C HIS A 15 4.27 1.18 -10.55
N ALA A 16 3.27 0.32 -10.42
CA ALA A 16 3.47 -1.11 -10.55
C ALA A 16 4.07 -1.47 -11.90
N ARG A 17 3.43 -0.99 -12.96
CA ARG A 17 3.91 -1.23 -14.32
C ARG A 17 5.29 -0.60 -14.53
N GLN A 18 5.46 0.58 -13.95
CA GLN A 18 6.73 1.31 -13.99
C GLN A 18 7.88 0.47 -13.43
N ALA A 19 7.59 -0.27 -12.38
CA ALA A 19 8.62 -1.01 -11.66
C ALA A 19 8.67 -2.49 -12.06
N LEU A 20 7.76 -2.92 -12.92
CA LEU A 20 7.71 -4.32 -13.34
C LEU A 20 9.05 -4.77 -13.93
N PRO A 21 9.46 -6.03 -13.66
CA PRO A 21 8.68 -6.99 -12.88
C PRO A 21 9.07 -7.01 -11.39
N ASN A 22 9.49 -5.87 -10.86
CA ASN A 22 9.87 -5.76 -9.46
C ASN A 22 8.64 -5.55 -8.60
N GLU A 23 8.73 -5.87 -7.31
CA GLU A 23 7.65 -5.62 -6.37
C GLU A 23 7.49 -4.12 -6.16
N ALA A 24 6.41 -3.56 -6.68
CA ALA A 24 6.14 -2.15 -6.53
C ALA A 24 5.71 -1.84 -5.10
N CYS A 25 6.51 -1.06 -4.40
CA CYS A 25 6.25 -0.75 -3.01
C CYS A 25 6.01 0.74 -2.83
N GLY A 26 5.35 1.09 -1.73
CA GLY A 26 5.10 2.48 -1.42
C GLY A 26 4.50 2.64 -0.05
N LEU A 27 4.10 3.85 0.28
CA LEU A 27 3.49 4.16 1.57
C LEU A 27 2.12 4.78 1.36
N LEU A 28 1.26 4.66 2.36
CA LEU A 28 -0.11 5.15 2.26
C LEU A 28 -0.30 6.34 3.20
N GLY A 29 -0.98 7.37 2.71
CA GLY A 29 -1.24 8.52 3.53
C GLY A 29 -2.72 8.84 3.65
N GLY A 30 -3.12 9.29 4.83
CA GLY A 30 -4.51 9.61 5.08
C GLY A 30 -4.77 9.74 6.57
N ARG A 31 -5.91 9.24 7.02
CA ARG A 31 -6.21 9.24 8.44
C ARG A 31 -6.73 7.90 8.91
N ARG A 32 -6.37 7.54 10.13
CA ARG A 32 -6.94 6.38 10.79
C ARG A 32 -7.78 6.86 11.96
N ASP A 33 -9.06 6.52 11.95
CA ASP A 33 -10.00 7.09 12.93
C ASP A 33 -10.00 6.27 14.20
N GLY A 34 -9.22 5.22 14.21
CA GLY A 34 -9.09 4.38 15.38
C GLY A 34 -8.99 2.93 15.04
N ASP A 35 -9.89 2.49 14.19
CA ASP A 35 -9.90 1.12 13.72
C ASP A 35 -9.84 1.10 12.20
N ASP A 36 -10.39 2.13 11.58
CA ASP A 36 -10.46 2.22 10.12
C ASP A 36 -9.41 3.16 9.57
N ARG A 37 -9.15 3.03 8.28
CA ARG A 37 -8.14 3.84 7.60
C ARG A 37 -8.74 4.46 6.33
N TRP A 38 -8.54 5.75 6.16
CA TRP A 38 -8.95 6.43 4.94
C TRP A 38 -7.75 7.06 4.24
N VAL A 39 -7.49 6.63 3.02
CA VAL A 39 -6.33 7.08 2.26
C VAL A 39 -6.69 8.30 1.41
N GLU A 40 -5.82 9.31 1.45
CA GLU A 40 -6.02 10.51 0.64
C GLU A 40 -4.95 10.59 -0.45
N ARG A 41 -3.80 9.99 -0.18
CA ARG A 41 -2.66 10.07 -1.08
C ARG A 41 -1.76 8.85 -0.94
N VAL A 42 -1.20 8.42 -2.06
CA VAL A 42 -0.29 7.29 -2.06
C VAL A 42 1.11 7.75 -2.48
N TYR A 43 2.11 7.33 -1.73
CA TYR A 43 3.49 7.67 -2.04
C TYR A 43 4.29 6.42 -2.36
N PRO A 44 4.29 6.00 -3.63
CA PRO A 44 5.03 4.83 -4.08
C PRO A 44 6.53 5.10 -4.15
N LEU A 45 7.32 4.27 -3.49
CA LEU A 45 8.76 4.47 -3.42
C LEU A 45 9.47 3.67 -4.51
N ASN A 46 10.78 3.80 -4.55
CA ASN A 46 11.61 3.13 -5.55
C ASN A 46 12.17 1.82 -4.99
N ASN A 47 12.49 0.88 -5.87
CA ASN A 47 13.07 -0.38 -5.43
C ASN A 47 14.58 -0.32 -5.52
N LEU A 48 15.20 -0.04 -4.38
CA LEU A 48 16.65 0.11 -4.30
C LEU A 48 17.36 -1.23 -4.50
N ASP A 49 16.61 -2.32 -4.37
CA ASP A 49 17.17 -3.66 -4.44
C ASP A 49 17.57 -4.02 -5.87
N GLN A 50 16.80 -3.50 -6.83
CA GLN A 50 17.01 -3.77 -8.25
C GLN A 50 16.85 -5.25 -8.57
N SER A 51 16.18 -5.97 -7.69
CA SER A 51 15.96 -7.40 -7.89
C SER A 51 14.56 -7.64 -8.45
N PRO A 52 14.43 -8.59 -9.38
CA PRO A 52 13.14 -8.94 -9.98
C PRO A 52 12.24 -9.73 -9.04
N GLU A 53 12.82 -10.32 -7.99
CA GLU A 53 12.03 -11.09 -7.04
C GLU A 53 11.35 -10.21 -6.02
N HIS A 54 12.11 -9.37 -5.32
CA HIS A 54 11.56 -8.63 -4.20
C HIS A 54 12.12 -7.21 -4.10
N PHE A 55 11.55 -6.43 -3.20
CA PHE A 55 11.96 -5.04 -3.00
C PHE A 55 12.68 -4.87 -1.67
N SER A 56 13.31 -3.71 -1.48
CA SER A 56 13.89 -3.34 -0.19
C SER A 56 13.70 -1.86 0.12
N MET A 57 13.02 -1.17 -0.80
CA MET A 57 12.75 0.28 -0.71
C MET A 57 14.00 1.08 -0.26
N ASP A 58 13.80 2.33 0.15
CA ASP A 58 14.87 3.10 0.76
C ASP A 58 14.35 3.83 1.99
N PRO A 59 15.15 3.90 3.07
CA PRO A 59 14.75 4.56 4.32
C PRO A 59 14.69 6.09 4.20
N ARG A 60 15.47 6.66 3.29
CA ARG A 60 15.54 8.11 3.19
C ARG A 60 14.26 8.67 2.57
N GLU A 61 13.83 8.05 1.48
CA GLU A 61 12.58 8.46 0.84
C GLU A 61 11.38 8.06 1.71
N GLN A 62 11.52 6.94 2.41
CA GLN A 62 10.51 6.48 3.35
C GLN A 62 10.26 7.54 4.43
N LEU A 63 11.35 8.01 5.05
CA LEU A 63 11.26 8.99 6.12
C LEU A 63 10.68 10.30 5.60
N THR A 64 11.13 10.72 4.43
CA THR A 64 10.66 11.95 3.81
C THR A 64 9.16 11.86 3.52
N ALA A 65 8.71 10.70 3.05
CA ALA A 65 7.29 10.50 2.75
C ALA A 65 6.44 10.63 3.99
N VAL A 66 6.92 10.07 5.10
CA VAL A 66 6.21 10.14 6.37
C VAL A 66 6.15 11.59 6.86
N LYS A 67 7.25 12.31 6.71
CA LYS A 67 7.31 13.70 7.14
C LYS A 67 6.41 14.57 6.27
N ASP A 68 6.47 14.35 4.97
CA ASP A 68 5.66 15.09 4.00
C ASP A 68 4.19 14.87 4.27
N MET A 69 3.88 13.67 4.72
CA MET A 69 2.51 13.31 5.03
C MET A 69 1.93 14.25 6.09
N ARG A 70 2.68 14.47 7.16
CA ARG A 70 2.21 15.34 8.24
C ARG A 70 2.31 16.81 7.81
N LYS A 71 3.20 17.08 6.87
CA LYS A 71 3.31 18.40 6.27
C LYS A 71 2.00 18.78 5.57
N ASN A 72 1.40 17.78 4.92
CA ASN A 72 0.15 17.98 4.19
C ASN A 72 -1.03 18.00 5.17
N GLY A 73 -0.81 17.46 6.36
CA GLY A 73 -1.84 17.46 7.38
C GLY A 73 -2.48 16.10 7.56
N TRP A 74 -1.76 15.06 7.17
CA TRP A 74 -2.26 13.70 7.25
C TRP A 74 -1.22 12.77 7.85
N VAL A 75 -1.59 11.52 8.10
CA VAL A 75 -0.67 10.56 8.70
C VAL A 75 -0.44 9.38 7.76
N MET A 76 0.63 8.65 8.00
CA MET A 76 0.99 7.51 7.17
C MET A 76 0.36 6.24 7.76
N LEU A 77 -0.38 5.51 6.92
CA LEU A 77 -1.21 4.41 7.39
C LEU A 77 -0.51 3.06 7.25
N GLY A 78 0.56 3.02 6.48
CA GLY A 78 1.26 1.78 6.24
C GLY A 78 1.88 1.75 4.86
N ASN A 79 2.23 0.56 4.40
CA ASN A 79 2.87 0.41 3.10
C ASN A 79 2.09 -0.55 2.22
N PHE A 80 2.46 -0.56 0.95
CA PHE A 80 1.86 -1.49 -0.01
C PHE A 80 2.96 -2.09 -0.87
N HIS A 81 2.70 -3.27 -1.39
CA HIS A 81 3.63 -3.94 -2.28
C HIS A 81 2.90 -4.98 -3.11
N SER A 82 3.30 -5.12 -4.37
CA SER A 82 2.62 -6.00 -5.29
C SER A 82 3.53 -7.16 -5.68
N HIS A 83 2.93 -8.30 -5.97
CA HIS A 83 3.68 -9.48 -6.42
C HIS A 83 3.46 -9.70 -7.90
N PRO A 84 4.50 -10.13 -8.63
CA PRO A 84 4.44 -10.28 -10.08
C PRO A 84 3.84 -11.60 -10.56
N ALA A 85 4.08 -12.69 -9.84
CA ALA A 85 3.68 -14.01 -10.32
C ALA A 85 3.09 -14.88 -9.22
N THR A 86 2.52 -14.25 -8.21
CA THR A 86 1.98 -14.97 -7.06
C THR A 86 0.66 -14.37 -6.58
N PRO A 87 -0.18 -15.17 -5.90
CA PRO A 87 -1.49 -14.74 -5.42
C PRO A 87 -1.40 -13.58 -4.42
N ALA A 88 -2.56 -12.99 -4.11
CA ALA A 88 -2.61 -11.85 -3.22
C ALA A 88 -2.66 -12.28 -1.75
N ARG A 89 -1.56 -12.86 -1.30
CA ARG A 89 -1.38 -13.22 0.10
C ARG A 89 0.12 -13.29 0.41
N PRO A 90 0.50 -12.96 1.66
CA PRO A 90 1.90 -12.94 2.07
C PRO A 90 2.61 -14.27 1.86
N SER A 91 3.64 -14.26 1.02
CA SER A 91 4.48 -15.42 0.80
C SER A 91 5.46 -15.59 1.96
N ALA A 92 6.21 -16.68 1.96
CA ALA A 92 7.18 -16.93 3.03
C ALA A 92 8.21 -15.81 3.09
N GLU A 93 8.69 -15.39 1.92
CA GLU A 93 9.67 -14.31 1.83
C GLU A 93 9.03 -12.97 2.21
N ASP A 94 7.76 -12.79 1.83
CA ASP A 94 7.03 -11.56 2.10
C ASP A 94 6.79 -11.41 3.60
N LYS A 95 6.56 -12.55 4.25
CA LYS A 95 6.35 -12.62 5.70
C LYS A 95 7.54 -12.03 6.46
N ARG A 96 8.73 -12.17 5.89
CA ARG A 96 9.95 -11.69 6.53
C ARG A 96 10.07 -10.17 6.42
N LEU A 97 9.31 -9.58 5.51
CA LEU A 97 9.38 -8.15 5.25
C LEU A 97 8.46 -7.37 6.18
N ALA A 98 7.93 -8.03 7.20
CA ALA A 98 7.06 -7.39 8.16
C ALA A 98 7.86 -6.65 9.22
N PHE A 99 8.09 -5.36 8.99
CA PHE A 99 8.83 -4.54 9.93
C PHE A 99 7.89 -3.58 10.66
N ASP A 100 6.66 -3.48 10.19
CA ASP A 100 5.71 -2.51 10.70
C ASP A 100 5.06 -3.02 11.99
N PRO A 101 4.80 -2.14 12.95
CA PRO A 101 4.19 -2.52 14.23
C PRO A 101 2.67 -2.62 14.15
N SER A 102 2.02 -1.54 13.73
CA SER A 102 0.57 -1.50 13.69
C SER A 102 0.07 -0.88 12.39
N LEU A 103 0.94 -0.86 11.39
CA LEU A 103 0.60 -0.27 10.10
C LEU A 103 -0.08 -1.30 9.20
N SER A 104 -0.83 -0.82 8.22
CA SER A 104 -1.60 -1.71 7.36
C SER A 104 -0.86 -2.00 6.06
N TYR A 105 -0.79 -3.27 5.69
CA TYR A 105 -0.14 -3.68 4.45
C TYR A 105 -1.17 -3.84 3.33
N LEU A 106 -0.86 -3.31 2.17
CA LEU A 106 -1.67 -3.57 0.98
C LEU A 106 -0.90 -4.46 0.02
N ILE A 107 -1.47 -5.60 -0.30
CA ILE A 107 -0.83 -6.56 -1.21
C ILE A 107 -1.61 -6.66 -2.50
N ILE A 108 -0.94 -6.38 -3.60
CA ILE A 108 -1.57 -6.44 -4.91
C ILE A 108 -1.00 -7.62 -5.70
N SER A 109 -1.88 -8.40 -6.31
CA SER A 109 -1.45 -9.51 -7.14
C SER A 109 -1.49 -9.13 -8.61
N LEU A 110 -0.33 -9.17 -9.25
CA LEU A 110 -0.24 -8.88 -10.67
C LEU A 110 -0.27 -10.18 -11.47
N ALA A 111 -0.89 -11.20 -10.90
CA ALA A 111 -1.06 -12.49 -11.58
C ALA A 111 -1.87 -12.30 -12.86
N GLU A 112 -2.80 -11.36 -12.81
CA GLU A 112 -3.60 -11.00 -13.97
C GLU A 112 -3.63 -9.47 -14.10
N PRO A 113 -3.53 -8.94 -15.33
CA PRO A 113 -3.60 -7.50 -15.55
C PRO A 113 -5.00 -7.01 -15.88
N GLN A 114 -5.88 -7.95 -16.18
CA GLN A 114 -7.26 -7.62 -16.51
C GLN A 114 -8.02 -7.32 -15.22
N LYS A 115 -7.62 -7.99 -14.15
CA LYS A 115 -8.25 -7.84 -12.85
C LYS A 115 -7.24 -8.11 -11.74
N PRO A 116 -6.41 -7.11 -11.41
CA PRO A 116 -5.44 -7.24 -10.33
C PRO A 116 -6.13 -7.21 -8.97
N VAL A 117 -5.83 -8.19 -8.12
CA VAL A 117 -6.46 -8.25 -6.82
C VAL A 117 -5.66 -7.43 -5.81
N CYS A 118 -6.32 -6.45 -5.20
CA CYS A 118 -5.69 -5.63 -4.19
C CYS A 118 -6.41 -5.83 -2.86
N LYS A 119 -5.69 -6.31 -1.85
CA LYS A 119 -6.27 -6.50 -0.52
C LYS A 119 -5.35 -5.94 0.54
N SER A 120 -5.88 -5.79 1.74
CA SER A 120 -5.11 -5.31 2.87
C SER A 120 -4.94 -6.43 3.88
N PHE A 121 -3.74 -6.56 4.41
CA PHE A 121 -3.46 -7.56 5.42
C PHE A 121 -2.65 -6.95 6.54
N LEU A 122 -3.08 -7.19 7.77
CA LEU A 122 -2.30 -6.77 8.93
C LEU A 122 -1.31 -7.88 9.25
N ILE A 123 -0.05 -7.64 8.93
CA ILE A 123 0.96 -8.66 9.12
C ILE A 123 1.68 -8.45 10.44
N LYS A 124 1.41 -9.34 11.37
CA LYS A 124 2.05 -9.31 12.67
C LYS A 124 3.05 -10.45 12.75
N LYS A 125 3.61 -10.66 13.92
CA LYS A 125 4.51 -11.77 14.14
C LYS A 125 3.71 -13.02 14.44
N ASP A 126 2.81 -12.88 15.40
CA ASP A 126 2.04 -14.00 15.91
C ASP A 126 0.83 -14.33 15.03
N GLY A 127 0.67 -13.60 13.92
CA GLY A 127 -0.43 -13.90 13.01
C GLY A 127 -0.67 -12.79 11.99
N VAL A 128 -1.56 -13.07 11.04
CA VAL A 128 -1.93 -12.09 10.03
C VAL A 128 -3.45 -11.94 9.98
N ASP A 129 -3.92 -10.72 9.74
CA ASP A 129 -5.36 -10.45 9.67
C ASP A 129 -5.74 -9.88 8.32
N GLU A 130 -6.89 -10.28 7.79
CA GLU A 130 -7.32 -9.84 6.48
C GLU A 130 -8.29 -8.67 6.58
N GLU A 131 -8.03 -7.62 5.80
CA GLU A 131 -8.88 -6.44 5.78
C GLU A 131 -9.37 -6.18 4.35
N GLU A 132 -10.58 -5.66 4.23
CA GLU A 132 -11.18 -5.43 2.92
C GLU A 132 -11.01 -3.97 2.50
N ILE A 133 -10.87 -3.77 1.19
CA ILE A 133 -10.66 -2.44 0.64
C ILE A 133 -11.95 -1.88 0.06
N ILE A 134 -12.22 -0.61 0.37
CA ILE A 134 -13.37 0.09 -0.18
C ILE A 134 -12.88 1.16 -1.15
N LEU A 135 -13.40 1.13 -2.37
CA LEU A 135 -12.98 2.09 -3.38
C LEU A 135 -13.96 3.24 -3.50
N LYS A 136 -13.47 4.45 -3.28
CA LYS A 136 -14.28 5.66 -3.45
C LYS A 136 -13.76 6.47 -4.63
N GLU A 137 -14.43 7.57 -4.93
CA GLU A 137 -13.95 8.52 -5.91
C GLU A 137 -13.38 9.71 -5.18
N GLU A 138 -13.88 9.90 -3.98
CA GLU A 138 -13.49 10.99 -3.11
C GLU A 138 -12.39 10.55 -2.15
N LEU A 139 -11.52 11.48 -1.80
CA LEU A 139 -10.44 11.22 -0.85
C LEU A 139 -10.99 11.19 0.58
N GLU A 140 -10.13 11.44 1.55
CA GLU A 140 -10.59 11.68 2.90
C GLU A 140 -11.09 13.12 2.96
N HIS A 141 -12.26 13.32 2.39
CA HIS A 141 -12.84 14.64 2.26
C HIS A 141 -14.34 14.54 2.47
N HIS A 142 -14.82 15.21 3.51
CA HIS A 142 -16.23 15.10 3.88
C HIS A 142 -17.09 15.94 2.97
N HIS A 143 -17.81 15.25 2.08
CA HIS A 143 -18.65 15.87 1.04
C HIS A 143 -17.77 16.52 -0.02
N HIS A 144 -18.36 16.86 -1.17
CA HIS A 144 -17.60 17.42 -2.29
C HIS A 144 -16.66 16.35 -2.85
N HIS A 145 -17.21 15.43 -3.63
CA HIS A 145 -16.40 14.37 -4.22
C HIS A 145 -16.15 14.63 -5.70
N HIS A 146 -15.29 15.61 -5.95
CA HIS A 146 -14.83 15.97 -7.29
C HIS A 146 -14.05 17.27 -7.19
N MET A 1 -12.21 -1.14 8.40
CA MET A 1 -11.59 -1.62 7.14
C MET A 1 -10.61 -0.59 6.62
N ILE A 2 -10.23 -0.71 5.35
CA ILE A 2 -9.40 0.30 4.71
C ILE A 2 -10.16 0.96 3.58
N THR A 3 -10.17 2.28 3.58
CA THR A 3 -10.88 3.03 2.56
C THR A 3 -9.89 3.77 1.66
N LEU A 4 -9.98 3.53 0.35
CA LEU A 4 -9.15 4.24 -0.61
C LEU A 4 -9.90 4.45 -1.91
N THR A 5 -9.40 5.33 -2.76
CA THR A 5 -10.09 5.68 -3.97
C THR A 5 -9.57 4.91 -5.17
N LYS A 6 -10.32 4.91 -6.25
CA LYS A 6 -9.90 4.33 -7.50
C LYS A 6 -8.62 5.00 -7.99
N LYS A 7 -8.54 6.31 -7.79
CA LYS A 7 -7.37 7.08 -8.16
C LYS A 7 -6.13 6.59 -7.42
N GLN A 8 -6.28 6.30 -6.12
CA GLN A 8 -5.17 5.75 -5.33
C GLN A 8 -4.76 4.38 -5.87
N MET A 9 -5.76 3.56 -6.19
CA MET A 9 -5.50 2.26 -6.77
C MET A 9 -4.75 2.40 -8.09
N GLU A 10 -5.21 3.33 -8.92
CA GLU A 10 -4.58 3.64 -10.18
C GLU A 10 -3.14 4.11 -9.98
N GLU A 11 -2.92 4.92 -8.95
CA GLU A 11 -1.60 5.39 -8.60
C GLU A 11 -0.67 4.22 -8.31
N MET A 12 -1.17 3.26 -7.55
CA MET A 12 -0.40 2.07 -7.21
C MET A 12 -0.21 1.18 -8.45
N LEU A 13 -1.32 0.96 -9.17
CA LEU A 13 -1.32 0.10 -10.36
C LEU A 13 -0.37 0.62 -11.42
N ALA A 14 -0.45 1.92 -11.70
CA ALA A 14 0.40 2.53 -12.71
C ALA A 14 1.87 2.41 -12.34
N HIS A 15 2.16 2.58 -11.06
CA HIS A 15 3.54 2.47 -10.60
C HIS A 15 4.01 1.03 -10.64
N ALA A 16 3.12 0.11 -10.29
CA ALA A 16 3.44 -1.31 -10.29
C ALA A 16 3.77 -1.80 -11.70
N ARG A 17 2.91 -1.47 -12.66
CA ARG A 17 3.13 -1.86 -14.05
C ARG A 17 4.38 -1.20 -14.61
N GLN A 18 4.67 0.01 -14.12
CA GLN A 18 5.86 0.74 -14.50
C GLN A 18 7.13 0.05 -14.02
N ALA A 19 7.10 -0.39 -12.77
CA ALA A 19 8.30 -0.92 -12.11
C ALA A 19 8.56 -2.38 -12.43
N LEU A 20 7.71 -2.98 -13.26
CA LEU A 20 7.88 -4.37 -13.66
C LEU A 20 9.24 -4.58 -14.34
N PRO A 21 9.86 -5.77 -14.15
CA PRO A 21 9.29 -6.88 -13.39
C PRO A 21 9.72 -6.89 -11.92
N ASN A 22 10.13 -5.74 -11.42
CA ASN A 22 10.59 -5.63 -10.05
C ASN A 22 9.40 -5.55 -9.11
N GLU A 23 9.51 -6.20 -7.95
CA GLU A 23 8.48 -6.11 -6.93
C GLU A 23 8.38 -4.69 -6.41
N ALA A 24 7.41 -3.94 -6.91
CA ALA A 24 7.26 -2.54 -6.58
C ALA A 24 6.57 -2.36 -5.23
N CYS A 25 7.09 -1.42 -4.46
CA CYS A 25 6.52 -1.10 -3.16
C CYS A 25 6.47 0.41 -2.97
N GLY A 26 5.76 0.85 -1.95
CA GLY A 26 5.65 2.26 -1.66
C GLY A 26 4.95 2.48 -0.35
N LEU A 27 4.50 3.70 -0.11
CA LEU A 27 3.81 4.01 1.14
C LEU A 27 2.44 4.60 0.85
N LEU A 28 1.54 4.42 1.80
CA LEU A 28 0.19 4.96 1.69
C LEU A 28 -0.05 5.98 2.79
N GLY A 29 -0.52 7.15 2.40
CA GLY A 29 -0.76 8.20 3.37
C GLY A 29 -2.19 8.67 3.33
N GLY A 30 -2.62 9.29 4.41
CA GLY A 30 -3.96 9.81 4.47
C GLY A 30 -4.41 10.07 5.88
N ARG A 31 -5.64 9.77 6.17
CA ARG A 31 -6.21 9.99 7.49
C ARG A 31 -6.48 8.67 8.18
N ARG A 32 -6.28 8.63 9.48
CA ARG A 32 -6.65 7.47 10.26
C ARG A 32 -7.29 7.91 11.57
N ASP A 33 -8.42 7.31 11.91
CA ASP A 33 -9.15 7.69 13.10
C ASP A 33 -8.81 6.74 14.25
N GLY A 34 -7.99 5.76 13.94
CA GLY A 34 -7.57 4.79 14.93
C GLY A 34 -8.09 3.42 14.61
N ASP A 35 -9.38 3.34 14.37
CA ASP A 35 -10.04 2.09 14.03
C ASP A 35 -10.08 1.92 12.52
N ASP A 36 -10.28 3.02 11.81
CA ASP A 36 -10.33 2.97 10.35
C ASP A 36 -9.33 3.94 9.75
N ARG A 37 -9.06 3.71 8.48
CA ARG A 37 -8.08 4.52 7.74
C ARG A 37 -8.63 4.94 6.37
N TRP A 38 -8.29 6.14 5.94
CA TRP A 38 -8.68 6.65 4.65
C TRP A 38 -7.45 7.09 3.86
N VAL A 39 -7.15 6.38 2.79
CA VAL A 39 -5.98 6.67 1.97
C VAL A 39 -6.28 7.83 1.01
N GLU A 40 -5.72 8.99 1.29
CA GLU A 40 -5.95 10.16 0.47
C GLU A 40 -4.70 10.53 -0.34
N ARG A 41 -3.59 9.86 -0.06
CA ARG A 41 -2.35 10.16 -0.76
C ARG A 41 -1.50 8.89 -0.93
N VAL A 42 -0.89 8.74 -2.10
CA VAL A 42 -0.02 7.60 -2.37
C VAL A 42 1.41 8.07 -2.59
N TYR A 43 2.35 7.44 -1.89
CA TYR A 43 3.76 7.76 -2.04
C TYR A 43 4.52 6.56 -2.59
N PRO A 44 4.56 6.40 -3.92
CA PRO A 44 5.16 5.24 -4.55
C PRO A 44 6.65 5.40 -4.81
N LEU A 45 7.46 4.64 -4.07
CA LEU A 45 8.91 4.66 -4.26
C LEU A 45 9.31 3.65 -5.32
N ASN A 46 10.57 3.67 -5.71
CA ASN A 46 11.09 2.68 -6.63
C ASN A 46 11.66 1.51 -5.84
N ASN A 47 12.14 0.48 -6.52
CA ASN A 47 12.81 -0.62 -5.85
C ASN A 47 14.27 -0.26 -5.65
N LEU A 48 14.65 0.01 -4.40
CA LEU A 48 16.00 0.42 -4.07
C LEU A 48 17.01 -0.72 -4.11
N ASP A 49 16.55 -1.95 -4.36
CA ASP A 49 17.44 -3.10 -4.38
C ASP A 49 18.03 -3.26 -5.77
N GLN A 50 18.96 -4.19 -5.89
CA GLN A 50 19.57 -4.52 -7.17
C GLN A 50 18.91 -5.76 -7.74
N SER A 51 17.85 -6.20 -7.08
CA SER A 51 17.18 -7.44 -7.41
C SER A 51 15.72 -7.20 -7.78
N PRO A 52 15.20 -7.95 -8.76
CA PRO A 52 13.78 -7.91 -9.10
C PRO A 52 12.96 -8.79 -8.16
N GLU A 53 13.65 -9.70 -7.48
CA GLU A 53 13.02 -10.66 -6.59
C GLU A 53 13.08 -10.18 -5.15
N HIS A 54 13.67 -9.01 -4.96
CA HIS A 54 13.78 -8.40 -3.64
C HIS A 54 13.19 -7.01 -3.72
N PHE A 55 12.52 -6.59 -2.66
CA PHE A 55 11.94 -5.25 -2.61
C PHE A 55 12.57 -4.44 -1.49
N SER A 56 13.35 -3.45 -1.87
CA SER A 56 14.03 -2.60 -0.90
C SER A 56 13.44 -1.21 -0.91
N MET A 57 13.30 -0.64 0.27
CA MET A 57 12.79 0.71 0.45
C MET A 57 13.88 1.57 1.05
N ASP A 58 13.91 2.85 0.71
CA ASP A 58 14.91 3.74 1.27
C ASP A 58 14.36 4.41 2.52
N PRO A 59 15.18 4.53 3.58
CA PRO A 59 14.73 5.12 4.85
C PRO A 59 14.65 6.64 4.79
N ARG A 60 15.49 7.24 3.95
CA ARG A 60 15.57 8.69 3.86
C ARG A 60 14.38 9.23 3.09
N GLU A 61 13.97 8.53 2.04
CA GLU A 61 12.80 8.94 1.28
C GLU A 61 11.54 8.77 2.10
N GLN A 62 11.49 7.72 2.91
CA GLN A 62 10.36 7.52 3.82
C GLN A 62 10.31 8.62 4.85
N LEU A 63 11.46 8.96 5.42
CA LEU A 63 11.54 10.05 6.40
C LEU A 63 11.03 11.35 5.79
N THR A 64 11.46 11.64 4.58
CA THR A 64 11.05 12.85 3.88
C THR A 64 9.57 12.77 3.51
N ALA A 65 9.10 11.57 3.19
CA ALA A 65 7.69 11.36 2.85
C ALA A 65 6.81 11.60 4.07
N VAL A 66 7.22 11.05 5.21
CA VAL A 66 6.47 11.23 6.45
C VAL A 66 6.48 12.70 6.86
N LYS A 67 7.61 13.37 6.63
CA LYS A 67 7.72 14.80 6.88
C LYS A 67 6.71 15.58 6.05
N ASP A 68 6.50 15.13 4.82
CA ASP A 68 5.53 15.77 3.92
C ASP A 68 4.11 15.49 4.39
N MET A 69 3.83 14.23 4.69
CA MET A 69 2.51 13.82 5.19
C MET A 69 2.15 14.62 6.43
N ARG A 70 3.11 14.69 7.35
CA ARG A 70 2.92 15.35 8.63
C ARG A 70 2.60 16.83 8.41
N LYS A 71 3.32 17.43 7.47
CA LYS A 71 3.18 18.84 7.16
C LYS A 71 1.88 19.11 6.43
N ASN A 72 1.50 18.19 5.55
CA ASN A 72 0.32 18.34 4.72
C ASN A 72 -0.96 18.08 5.51
N GLY A 73 -0.82 17.36 6.62
CA GLY A 73 -1.96 17.10 7.49
C GLY A 73 -2.40 15.66 7.48
N TRP A 74 -1.61 14.81 6.84
CA TRP A 74 -1.91 13.38 6.76
C TRP A 74 -0.97 12.58 7.64
N VAL A 75 -1.18 11.27 7.66
CA VAL A 75 -0.31 10.33 8.37
C VAL A 75 -0.06 9.10 7.50
N MET A 76 0.90 8.27 7.90
CA MET A 76 1.21 7.07 7.15
C MET A 76 0.31 5.91 7.61
N LEU A 77 -0.33 5.25 6.65
CA LEU A 77 -1.30 4.21 6.95
C LEU A 77 -0.69 2.81 6.76
N GLY A 78 0.28 2.71 5.88
CA GLY A 78 0.92 1.43 5.62
C GLY A 78 1.69 1.42 4.31
N ASN A 79 1.91 0.23 3.77
CA ASN A 79 2.64 0.10 2.51
C ASN A 79 2.04 -1.02 1.66
N PHE A 80 2.33 -0.96 0.37
CA PHE A 80 1.78 -1.92 -0.58
C PHE A 80 2.90 -2.66 -1.30
N HIS A 81 2.68 -3.94 -1.56
CA HIS A 81 3.63 -4.77 -2.28
C HIS A 81 2.94 -5.36 -3.51
N SER A 82 3.60 -5.32 -4.65
CA SER A 82 3.00 -5.81 -5.88
C SER A 82 3.76 -7.02 -6.41
N HIS A 83 3.04 -7.94 -7.06
CA HIS A 83 3.66 -9.12 -7.65
C HIS A 83 3.10 -9.36 -9.05
N PRO A 84 3.95 -9.79 -10.01
CA PRO A 84 3.55 -9.95 -11.41
C PRO A 84 2.90 -11.30 -11.72
N ALA A 85 3.62 -12.38 -11.44
CA ALA A 85 3.14 -13.72 -11.78
C ALA A 85 2.57 -14.44 -10.55
N THR A 86 2.13 -13.66 -9.59
CA THR A 86 1.57 -14.21 -8.37
C THR A 86 0.37 -13.37 -7.91
N PRO A 87 -0.57 -14.00 -7.18
CA PRO A 87 -1.79 -13.34 -6.71
C PRO A 87 -1.60 -12.64 -5.38
N ALA A 88 -2.71 -12.18 -4.81
CA ALA A 88 -2.68 -11.52 -3.51
C ALA A 88 -2.53 -12.57 -2.41
N ARG A 89 -1.30 -12.89 -2.09
CA ARG A 89 -0.99 -13.91 -1.11
C ARG A 89 0.11 -13.44 -0.18
N PRO A 90 0.10 -13.90 1.08
CA PRO A 90 1.23 -13.73 1.97
C PRO A 90 2.40 -14.61 1.53
N SER A 91 3.32 -14.03 0.78
CA SER A 91 4.44 -14.78 0.23
C SER A 91 5.49 -15.03 1.32
N ALA A 92 6.47 -15.88 1.01
CA ALA A 92 7.48 -16.28 1.99
C ALA A 92 8.21 -15.08 2.57
N GLU A 93 8.57 -14.14 1.71
CA GLU A 93 9.31 -12.98 2.15
C GLU A 93 8.42 -12.03 2.93
N ASP A 94 7.23 -11.76 2.39
CA ASP A 94 6.26 -10.87 3.04
C ASP A 94 5.89 -11.41 4.43
N LYS A 95 5.75 -12.72 4.51
CA LYS A 95 5.40 -13.41 5.76
C LYS A 95 6.45 -13.14 6.83
N ARG A 96 7.72 -13.16 6.44
CA ARG A 96 8.81 -12.94 7.38
C ARG A 96 8.97 -11.47 7.74
N LEU A 97 8.73 -10.60 6.76
CA LEU A 97 9.02 -9.17 6.92
C LEU A 97 7.86 -8.42 7.60
N ALA A 98 6.98 -9.15 8.27
CA ALA A 98 5.89 -8.54 9.01
C ALA A 98 6.40 -8.01 10.35
N PHE A 99 6.86 -6.76 10.33
CA PHE A 99 7.44 -6.16 11.53
C PHE A 99 6.69 -4.90 11.94
N ASP A 100 5.81 -4.41 11.07
CA ASP A 100 5.10 -3.16 11.36
C ASP A 100 4.02 -3.38 12.40
N PRO A 101 3.80 -2.39 13.28
CA PRO A 101 2.85 -2.51 14.38
C PRO A 101 1.39 -2.26 13.96
N SER A 102 1.13 -1.10 13.37
CA SER A 102 -0.23 -0.71 13.06
C SER A 102 -0.40 -0.38 11.58
N LEU A 103 0.60 -0.74 10.78
CA LEU A 103 0.55 -0.44 9.36
C LEU A 103 -0.08 -1.58 8.60
N SER A 104 -0.91 -1.24 7.62
CA SER A 104 -1.59 -2.26 6.83
C SER A 104 -0.72 -2.70 5.66
N TYR A 105 -0.62 -4.01 5.46
CA TYR A 105 0.14 -4.57 4.35
C TYR A 105 -0.79 -4.86 3.17
N LEU A 106 -0.73 -4.02 2.15
CA LEU A 106 -1.55 -4.24 0.96
C LEU A 106 -0.75 -5.01 -0.08
N ILE A 107 -1.35 -6.06 -0.60
CA ILE A 107 -0.71 -6.86 -1.63
C ILE A 107 -1.53 -6.81 -2.92
N ILE A 108 -0.86 -6.44 -4.01
CA ILE A 108 -1.52 -6.28 -5.30
C ILE A 108 -1.19 -7.44 -6.24
N SER A 109 -2.22 -8.02 -6.82
CA SER A 109 -2.07 -9.12 -7.76
C SER A 109 -2.12 -8.61 -9.20
N LEU A 110 -1.01 -8.77 -9.92
CA LEU A 110 -0.96 -8.41 -11.33
C LEU A 110 -1.12 -9.65 -12.20
N ALA A 111 -1.30 -10.80 -11.55
CA ALA A 111 -1.46 -12.06 -12.25
C ALA A 111 -2.76 -12.07 -13.06
N GLU A 112 -3.77 -11.38 -12.52
CA GLU A 112 -5.06 -11.25 -13.18
C GLU A 112 -5.28 -9.80 -13.59
N PRO A 113 -4.80 -9.41 -14.79
CA PRO A 113 -4.84 -8.01 -15.24
C PRO A 113 -6.24 -7.53 -15.56
N GLN A 114 -7.17 -8.47 -15.65
CA GLN A 114 -8.57 -8.14 -15.93
C GLN A 114 -9.17 -7.40 -14.73
N LYS A 115 -8.71 -7.79 -13.55
CA LYS A 115 -9.13 -7.18 -12.30
C LYS A 115 -8.04 -7.40 -11.25
N PRO A 116 -7.04 -6.52 -11.20
CA PRO A 116 -5.92 -6.64 -10.26
C PRO A 116 -6.38 -6.62 -8.81
N VAL A 117 -6.36 -7.78 -8.19
CA VAL A 117 -6.87 -7.92 -6.83
C VAL A 117 -5.89 -7.31 -5.84
N CYS A 118 -6.37 -6.35 -5.07
CA CYS A 118 -5.60 -5.77 -3.99
C CYS A 118 -6.30 -6.07 -2.67
N LYS A 119 -5.57 -6.67 -1.74
CA LYS A 119 -6.13 -6.92 -0.42
C LYS A 119 -5.27 -6.29 0.65
N SER A 120 -5.87 -6.04 1.80
CA SER A 120 -5.15 -5.51 2.93
C SER A 120 -4.96 -6.61 3.96
N PHE A 121 -3.75 -6.74 4.47
CA PHE A 121 -3.47 -7.77 5.45
C PHE A 121 -2.90 -7.17 6.72
N LEU A 122 -3.48 -7.55 7.84
CA LEU A 122 -2.94 -7.20 9.14
C LEU A 122 -2.24 -8.43 9.69
N ILE A 123 -0.92 -8.39 9.74
CA ILE A 123 -0.16 -9.59 10.05
C ILE A 123 0.33 -9.59 11.49
N LYS A 124 -0.09 -10.59 12.24
CA LYS A 124 0.41 -10.83 13.58
C LYS A 124 1.74 -11.57 13.49
N LYS A 125 2.30 -11.92 14.65
CA LYS A 125 3.56 -12.67 14.69
C LYS A 125 3.44 -13.93 13.86
N ASP A 126 2.45 -14.74 14.16
CA ASP A 126 2.16 -15.91 13.35
C ASP A 126 0.66 -15.99 13.06
N GLY A 127 0.21 -15.08 12.21
CA GLY A 127 -1.16 -15.14 11.72
C GLY A 127 -1.49 -13.90 10.93
N VAL A 128 -2.22 -14.07 9.83
CA VAL A 128 -2.56 -12.94 8.99
C VAL A 128 -4.07 -12.70 8.97
N ASP A 129 -4.47 -11.45 9.21
CA ASP A 129 -5.86 -11.06 9.14
C ASP A 129 -6.15 -10.36 7.84
N GLU A 130 -7.00 -10.97 7.02
CA GLU A 130 -7.37 -10.39 5.75
C GLU A 130 -8.45 -9.33 5.92
N GLU A 131 -8.16 -8.13 5.44
CA GLU A 131 -9.07 -7.00 5.56
C GLU A 131 -9.63 -6.63 4.18
N GLU A 132 -10.86 -6.13 4.17
CA GLU A 132 -11.51 -5.75 2.94
C GLU A 132 -11.28 -4.27 2.64
N ILE A 133 -11.45 -3.91 1.38
CA ILE A 133 -11.17 -2.54 0.94
C ILE A 133 -12.43 -1.88 0.39
N ILE A 134 -12.71 -0.68 0.86
CA ILE A 134 -13.84 0.09 0.36
C ILE A 134 -13.33 1.14 -0.62
N LEU A 135 -13.95 1.21 -1.80
CA LEU A 135 -13.47 2.06 -2.87
C LEU A 135 -14.35 3.27 -3.07
N LYS A 136 -13.72 4.41 -3.34
CA LYS A 136 -14.43 5.61 -3.73
C LYS A 136 -13.88 6.12 -5.05
N GLU A 137 -14.74 6.76 -5.84
CA GLU A 137 -14.34 7.23 -7.16
C GLU A 137 -13.62 8.57 -7.07
N GLU A 138 -13.93 9.31 -6.03
CA GLU A 138 -13.31 10.61 -5.79
C GLU A 138 -12.62 10.58 -4.42
N LEU A 139 -11.77 11.58 -4.15
CA LEU A 139 -11.04 11.66 -2.89
C LEU A 139 -11.99 11.80 -1.70
N GLU A 140 -11.45 11.53 -0.51
CA GLU A 140 -12.25 11.53 0.70
C GLU A 140 -12.70 12.95 1.06
N HIS A 141 -13.77 13.04 1.84
CA HIS A 141 -14.39 14.33 2.14
C HIS A 141 -13.81 14.97 3.40
N HIS A 142 -12.68 15.65 3.23
CA HIS A 142 -12.11 16.45 4.33
C HIS A 142 -12.15 17.92 3.96
N HIS A 143 -12.60 18.17 2.74
CA HIS A 143 -12.72 19.51 2.18
C HIS A 143 -13.20 19.40 0.75
N HIS A 144 -13.89 20.41 0.26
CA HIS A 144 -14.38 20.37 -1.11
C HIS A 144 -14.34 21.76 -1.73
N HIS A 145 -13.58 21.89 -2.80
CA HIS A 145 -13.38 23.17 -3.46
C HIS A 145 -13.22 22.98 -4.96
N HIS A 146 -13.95 23.76 -5.75
CA HIS A 146 -13.79 23.74 -7.19
C HIS A 146 -12.72 24.75 -7.60
N MET A 1 -12.24 -0.59 8.42
CA MET A 1 -11.69 -1.12 7.15
C MET A 1 -10.88 -0.03 6.46
N ILE A 2 -10.23 -0.38 5.35
CA ILE A 2 -9.45 0.58 4.59
C ILE A 2 -10.25 1.07 3.38
N THR A 3 -10.21 2.37 3.15
CA THR A 3 -10.94 2.98 2.06
C THR A 3 -10.00 3.80 1.17
N LEU A 4 -10.05 3.54 -0.12
CA LEU A 4 -9.28 4.33 -1.09
C LEU A 4 -10.04 4.40 -2.40
N THR A 5 -9.65 5.32 -3.26
CA THR A 5 -10.41 5.61 -4.46
C THR A 5 -9.73 5.07 -5.71
N LYS A 6 -10.46 5.10 -6.83
CA LYS A 6 -9.94 4.66 -8.12
C LYS A 6 -8.65 5.37 -8.48
N LYS A 7 -8.60 6.67 -8.24
CA LYS A 7 -7.43 7.47 -8.57
C LYS A 7 -6.22 7.02 -7.76
N GLN A 8 -6.44 6.67 -6.50
CA GLN A 8 -5.37 6.14 -5.65
C GLN A 8 -4.93 4.78 -6.17
N MET A 9 -5.90 3.97 -6.58
CA MET A 9 -5.63 2.68 -7.19
C MET A 9 -4.79 2.86 -8.45
N GLU A 10 -5.20 3.78 -9.29
CA GLU A 10 -4.50 4.11 -10.52
C GLU A 10 -3.08 4.58 -10.22
N GLU A 11 -2.92 5.37 -9.16
CA GLU A 11 -1.61 5.85 -8.73
C GLU A 11 -0.72 4.69 -8.28
N MET A 12 -1.29 3.74 -7.55
CA MET A 12 -0.55 2.56 -7.13
C MET A 12 -0.25 1.66 -8.33
N LEU A 13 -1.27 1.45 -9.17
CA LEU A 13 -1.13 0.62 -10.37
C LEU A 13 -0.08 1.18 -11.32
N ALA A 14 -0.05 2.50 -11.45
CA ALA A 14 0.95 3.15 -12.29
C ALA A 14 2.36 2.86 -11.77
N HIS A 15 2.55 2.96 -10.47
CA HIS A 15 3.84 2.65 -9.87
C HIS A 15 4.14 1.16 -9.98
N ALA A 16 3.10 0.36 -9.86
CA ALA A 16 3.24 -1.09 -9.96
C ALA A 16 3.76 -1.50 -11.33
N ARG A 17 3.10 -1.03 -12.39
CA ARG A 17 3.50 -1.35 -13.75
C ARG A 17 4.88 -0.75 -14.04
N GLN A 18 5.17 0.38 -13.42
CA GLN A 18 6.45 1.05 -13.55
C GLN A 18 7.59 0.22 -12.94
N ALA A 19 7.31 -0.36 -11.78
CA ALA A 19 8.33 -1.07 -11.01
C ALA A 19 8.45 -2.53 -11.43
N LEU A 20 7.73 -2.92 -12.47
CA LEU A 20 7.80 -4.28 -12.99
C LEU A 20 9.20 -4.58 -13.51
N PRO A 21 9.66 -5.84 -13.38
CA PRO A 21 8.91 -6.91 -12.76
C PRO A 21 9.35 -7.18 -11.32
N ASN A 22 9.65 -6.13 -10.56
CA ASN A 22 10.10 -6.29 -9.19
C ASN A 22 8.98 -5.99 -8.21
N GLU A 23 9.32 -5.92 -6.92
CA GLU A 23 8.36 -5.58 -5.88
C GLU A 23 8.00 -4.10 -5.92
N ALA A 24 6.80 -3.83 -6.40
CA ALA A 24 6.29 -2.47 -6.42
C ALA A 24 5.86 -2.04 -5.03
N CYS A 25 6.69 -1.24 -4.38
CA CYS A 25 6.47 -0.87 -3.00
C CYS A 25 6.20 0.62 -2.85
N GLY A 26 5.73 1.02 -1.67
CA GLY A 26 5.44 2.41 -1.40
C GLY A 26 4.73 2.58 -0.08
N LEU A 27 4.33 3.79 0.23
CA LEU A 27 3.69 4.08 1.51
C LEU A 27 2.32 4.72 1.28
N LEU A 28 1.44 4.55 2.24
CA LEU A 28 0.10 5.12 2.17
C LEU A 28 -0.09 6.19 3.23
N GLY A 29 -0.62 7.33 2.82
CA GLY A 29 -0.84 8.42 3.74
C GLY A 29 -2.29 8.84 3.77
N GLY A 30 -2.77 9.14 4.96
CA GLY A 30 -4.14 9.56 5.12
C GLY A 30 -4.52 9.64 6.57
N ARG A 31 -5.72 9.16 6.89
CA ARG A 31 -6.18 9.17 8.27
C ARG A 31 -6.52 7.76 8.73
N ARG A 32 -6.00 7.37 9.88
CA ARG A 32 -6.40 6.13 10.50
C ARG A 32 -7.09 6.44 11.81
N ASP A 33 -8.32 5.98 11.95
CA ASP A 33 -9.10 6.25 13.13
C ASP A 33 -9.70 4.94 13.62
N GLY A 34 -9.24 4.48 14.76
CA GLY A 34 -9.64 3.17 15.23
C GLY A 34 -9.17 2.09 14.28
N ASP A 35 -10.11 1.44 13.62
CA ASP A 35 -9.78 0.42 12.64
C ASP A 35 -10.22 0.85 11.25
N ASP A 36 -10.49 2.13 11.06
CA ASP A 36 -10.75 2.66 9.73
C ASP A 36 -9.52 3.39 9.22
N ARG A 37 -9.25 3.19 7.96
CA ARG A 37 -8.11 3.82 7.30
C ARG A 37 -8.56 4.48 6.01
N TRP A 38 -8.24 5.74 5.83
CA TRP A 38 -8.61 6.45 4.62
C TRP A 38 -7.37 6.92 3.87
N VAL A 39 -7.15 6.36 2.69
CA VAL A 39 -5.99 6.71 1.89
C VAL A 39 -6.29 7.95 1.05
N GLU A 40 -5.89 9.11 1.56
CA GLU A 40 -6.17 10.37 0.89
C GLU A 40 -5.06 10.72 -0.08
N ARG A 41 -3.86 10.21 0.17
CA ARG A 41 -2.74 10.44 -0.72
C ARG A 41 -1.77 9.27 -0.69
N VAL A 42 -1.44 8.76 -1.88
CA VAL A 42 -0.52 7.63 -2.00
C VAL A 42 0.89 8.15 -2.27
N TYR A 43 1.87 7.58 -1.60
CA TYR A 43 3.25 7.99 -1.79
C TYR A 43 4.10 6.81 -2.29
N PRO A 44 4.13 6.61 -3.62
CA PRO A 44 4.90 5.54 -4.25
C PRO A 44 6.39 5.71 -4.00
N LEU A 45 6.95 4.78 -3.24
CA LEU A 45 8.36 4.84 -2.87
C LEU A 45 9.18 4.06 -3.89
N ASN A 46 10.38 4.54 -4.16
CA ASN A 46 11.27 3.92 -5.16
C ASN A 46 11.65 2.50 -4.74
N ASN A 47 11.87 1.64 -5.72
CA ASN A 47 12.32 0.28 -5.46
C ASN A 47 13.84 0.26 -5.25
N LEU A 48 14.25 0.29 -3.99
CA LEU A 48 15.66 0.33 -3.63
C LEU A 48 16.41 -0.94 -4.06
N ASP A 49 15.74 -2.08 -3.97
CA ASP A 49 16.38 -3.34 -4.33
C ASP A 49 16.24 -3.59 -5.83
N GLN A 50 16.92 -4.62 -6.31
CA GLN A 50 16.84 -5.01 -7.70
C GLN A 50 16.23 -6.41 -7.79
N SER A 51 15.63 -6.82 -6.68
CA SER A 51 15.02 -8.13 -6.58
C SER A 51 13.49 -8.01 -6.69
N PRO A 52 12.84 -8.98 -7.36
CA PRO A 52 11.39 -9.02 -7.48
C PRO A 52 10.70 -9.75 -6.33
N GLU A 53 11.48 -10.42 -5.50
CA GLU A 53 10.93 -11.23 -4.41
C GLU A 53 11.02 -10.49 -3.08
N HIS A 54 11.79 -9.41 -3.04
CA HIS A 54 11.97 -8.63 -1.83
C HIS A 54 11.76 -7.16 -2.11
N PHE A 55 11.14 -6.49 -1.16
CA PHE A 55 10.90 -5.06 -1.26
C PHE A 55 11.68 -4.33 -0.19
N SER A 56 12.17 -3.14 -0.52
CA SER A 56 12.93 -2.36 0.42
C SER A 56 12.62 -0.88 0.26
N MET A 57 12.40 -0.21 1.39
CA MET A 57 12.07 1.19 1.40
C MET A 57 13.09 1.96 2.22
N ASP A 58 13.81 2.86 1.56
CA ASP A 58 14.90 3.59 2.20
C ASP A 58 14.37 4.51 3.29
N PRO A 59 15.11 4.64 4.42
CA PRO A 59 14.73 5.49 5.55
C PRO A 59 14.56 6.96 5.15
N ARG A 60 15.40 7.43 4.24
CA ARG A 60 15.33 8.82 3.79
C ARG A 60 14.09 9.02 2.94
N GLU A 61 13.81 8.03 2.09
CA GLU A 61 12.60 8.05 1.27
C GLU A 61 11.36 8.07 2.16
N GLN A 62 11.41 7.29 3.24
CA GLN A 62 10.33 7.26 4.22
C GLN A 62 10.18 8.63 4.88
N LEU A 63 11.31 9.17 5.36
CA LEU A 63 11.30 10.44 6.07
C LEU A 63 10.74 11.56 5.18
N THR A 64 11.13 11.54 3.91
CA THR A 64 10.65 12.52 2.95
C THR A 64 9.13 12.43 2.81
N ALA A 65 8.62 11.21 2.69
CA ALA A 65 7.20 10.97 2.53
C ALA A 65 6.43 11.33 3.79
N VAL A 66 6.95 10.88 4.94
CA VAL A 66 6.32 11.16 6.23
C VAL A 66 6.33 12.66 6.53
N LYS A 67 7.43 13.33 6.22
CA LYS A 67 7.55 14.76 6.47
C LYS A 67 6.46 15.53 5.73
N ASP A 68 6.24 15.15 4.48
CA ASP A 68 5.21 15.77 3.66
C ASP A 68 3.83 15.37 4.16
N MET A 69 3.71 14.09 4.50
CA MET A 69 2.47 13.50 4.97
C MET A 69 1.94 14.21 6.21
N ARG A 70 2.81 14.38 7.20
CA ARG A 70 2.40 15.01 8.46
C ARG A 70 2.24 16.52 8.28
N LYS A 71 2.92 17.05 7.26
CA LYS A 71 2.88 18.48 6.98
C LYS A 71 1.47 18.97 6.68
N ASN A 72 0.74 18.16 5.91
CA ASN A 72 -0.61 18.53 5.52
C ASN A 72 -1.63 18.00 6.54
N GLY A 73 -1.20 17.01 7.31
CA GLY A 73 -2.07 16.48 8.35
C GLY A 73 -2.46 15.03 8.16
N TRP A 74 -1.57 14.26 7.56
CA TRP A 74 -1.81 12.84 7.35
C TRP A 74 -0.90 11.99 8.24
N VAL A 75 -1.30 10.75 8.44
CA VAL A 75 -0.49 9.79 9.17
C VAL A 75 -0.23 8.57 8.29
N MET A 76 0.79 7.78 8.64
CA MET A 76 1.15 6.63 7.84
C MET A 76 0.22 5.47 8.12
N LEU A 77 -0.51 5.05 7.10
CA LEU A 77 -1.48 3.97 7.22
C LEU A 77 -0.78 2.62 7.13
N GLY A 78 0.29 2.58 6.37
CA GLY A 78 1.03 1.36 6.18
C GLY A 78 1.77 1.37 4.86
N ASN A 79 2.15 0.19 4.39
CA ASN A 79 2.89 0.08 3.14
C ASN A 79 2.30 -1.02 2.27
N PHE A 80 2.73 -1.06 1.02
CA PHE A 80 2.23 -2.04 0.08
C PHE A 80 3.36 -2.61 -0.77
N HIS A 81 3.10 -3.74 -1.40
CA HIS A 81 4.02 -4.34 -2.35
C HIS A 81 3.25 -5.21 -3.34
N SER A 82 3.67 -5.19 -4.59
CA SER A 82 2.91 -5.84 -5.65
C SER A 82 3.77 -6.87 -6.39
N HIS A 83 3.18 -8.02 -6.69
CA HIS A 83 3.89 -9.07 -7.40
C HIS A 83 3.38 -9.18 -8.85
N PRO A 84 4.30 -9.44 -9.80
CA PRO A 84 3.96 -9.49 -11.23
C PRO A 84 3.50 -10.87 -11.68
N ALA A 85 4.32 -11.88 -11.47
CA ALA A 85 4.02 -13.23 -11.96
C ALA A 85 3.57 -14.13 -10.82
N THR A 86 3.18 -13.52 -9.71
CA THR A 86 2.76 -14.25 -8.53
C THR A 86 1.54 -13.61 -7.88
N PRO A 87 0.77 -14.40 -7.13
CA PRO A 87 -0.47 -13.93 -6.50
C PRO A 87 -0.21 -13.10 -5.24
N ALA A 88 -1.28 -12.87 -4.50
CA ALA A 88 -1.20 -12.10 -3.26
C ALA A 88 -0.96 -13.04 -2.07
N ARG A 89 -1.16 -12.49 -0.86
CA ARG A 89 -0.97 -13.23 0.39
C ARG A 89 0.51 -13.42 0.71
N PRO A 90 0.85 -13.36 1.99
CA PRO A 90 2.24 -13.50 2.45
C PRO A 90 2.77 -14.92 2.27
N SER A 91 3.74 -15.07 1.37
CA SER A 91 4.45 -16.32 1.19
C SER A 91 5.49 -16.46 2.32
N ALA A 92 6.39 -17.43 2.20
CA ALA A 92 7.35 -17.70 3.27
C ALA A 92 8.27 -16.51 3.51
N GLU A 93 8.83 -15.95 2.44
CA GLU A 93 9.69 -14.78 2.58
C GLU A 93 8.87 -13.55 2.89
N ASP A 94 7.72 -13.45 2.23
CA ASP A 94 6.83 -12.29 2.38
C ASP A 94 6.39 -12.15 3.84
N LYS A 95 6.02 -13.28 4.45
CA LYS A 95 5.58 -13.32 5.84
C LYS A 95 6.67 -12.77 6.78
N ARG A 96 7.91 -13.15 6.50
CA ARG A 96 9.02 -12.81 7.37
C ARG A 96 9.43 -11.35 7.21
N LEU A 97 9.00 -10.74 6.11
CA LEU A 97 9.32 -9.34 5.82
C LEU A 97 8.34 -8.39 6.52
N ALA A 98 7.57 -8.93 7.46
CA ALA A 98 6.60 -8.13 8.21
C ALA A 98 6.81 -8.30 9.70
N PHE A 99 7.17 -7.21 10.36
CA PHE A 99 7.49 -7.26 11.78
C PHE A 99 6.52 -6.42 12.62
N ASP A 100 5.75 -5.56 11.98
CA ASP A 100 4.90 -4.62 12.71
C ASP A 100 3.42 -4.87 12.44
N PRO A 101 2.78 -5.73 13.23
CA PRO A 101 1.36 -6.10 13.08
C PRO A 101 0.40 -4.93 13.30
N SER A 102 0.95 -3.79 13.69
CA SER A 102 0.14 -2.60 13.99
C SER A 102 -0.16 -1.85 12.69
N LEU A 103 0.60 -2.17 11.65
CA LEU A 103 0.42 -1.57 10.35
C LEU A 103 -0.27 -2.55 9.40
N SER A 104 -0.70 -2.06 8.26
CA SER A 104 -1.34 -2.91 7.27
C SER A 104 -0.41 -3.09 6.08
N TYR A 105 -0.27 -4.33 5.63
CA TYR A 105 0.58 -4.64 4.50
C TYR A 105 -0.28 -4.99 3.29
N LEU A 106 -0.43 -4.05 2.38
CA LEU A 106 -1.23 -4.25 1.18
C LEU A 106 -0.43 -5.03 0.15
N ILE A 107 -1.07 -6.02 -0.46
CA ILE A 107 -0.41 -6.84 -1.47
C ILE A 107 -1.25 -6.86 -2.74
N ILE A 108 -0.69 -6.38 -3.83
CA ILE A 108 -1.38 -6.37 -5.10
C ILE A 108 -0.78 -7.42 -6.04
N SER A 109 -1.64 -8.11 -6.76
CA SER A 109 -1.19 -9.13 -7.70
C SER A 109 -1.45 -8.68 -9.14
N LEU A 110 -0.38 -8.52 -9.91
CA LEU A 110 -0.49 -8.10 -11.30
C LEU A 110 -0.37 -9.33 -12.21
N ALA A 111 -0.64 -10.50 -11.64
CA ALA A 111 -0.56 -11.75 -12.38
C ALA A 111 -1.70 -11.87 -13.40
N GLU A 112 -2.65 -10.96 -13.32
CA GLU A 112 -3.81 -10.97 -14.20
C GLU A 112 -4.40 -9.56 -14.26
N PRO A 113 -3.90 -8.73 -15.19
CA PRO A 113 -4.14 -7.28 -15.20
C PRO A 113 -5.54 -6.85 -15.60
N GLN A 114 -6.38 -7.79 -15.98
CA GLN A 114 -7.76 -7.47 -16.31
C GLN A 114 -8.51 -7.02 -15.07
N LYS A 115 -8.20 -7.68 -13.96
CA LYS A 115 -8.71 -7.31 -12.65
C LYS A 115 -7.70 -7.72 -11.59
N PRO A 116 -6.67 -6.89 -11.38
CA PRO A 116 -5.61 -7.17 -10.40
C PRO A 116 -6.18 -7.29 -8.99
N VAL A 117 -5.74 -8.29 -8.24
CA VAL A 117 -6.25 -8.49 -6.90
C VAL A 117 -5.57 -7.53 -5.94
N CYS A 118 -6.36 -6.67 -5.32
CA CYS A 118 -5.86 -5.73 -4.33
C CYS A 118 -6.50 -6.00 -2.98
N LYS A 119 -5.70 -6.34 -1.99
CA LYS A 119 -6.21 -6.48 -0.63
C LYS A 119 -5.20 -5.97 0.38
N SER A 120 -5.67 -5.77 1.59
CA SER A 120 -4.84 -5.31 2.67
C SER A 120 -4.73 -6.42 3.70
N PHE A 121 -3.51 -6.88 3.94
CA PHE A 121 -3.31 -7.95 4.88
C PHE A 121 -2.64 -7.42 6.14
N LEU A 122 -3.23 -7.74 7.27
CA LEU A 122 -2.62 -7.40 8.54
C LEU A 122 -1.83 -8.59 9.02
N ILE A 123 -0.53 -8.49 8.96
CA ILE A 123 0.32 -9.58 9.36
C ILE A 123 0.64 -9.47 10.84
N LYS A 124 0.04 -10.34 11.62
CA LYS A 124 0.16 -10.31 13.06
C LYS A 124 1.24 -11.29 13.51
N LYS A 125 1.35 -11.46 14.82
CA LYS A 125 2.29 -12.40 15.41
C LYS A 125 1.90 -13.82 15.04
N ASP A 126 0.66 -14.13 15.35
CA ASP A 126 0.13 -15.48 15.16
C ASP A 126 -0.08 -15.82 13.69
N GLY A 127 -0.52 -14.83 12.91
CA GLY A 127 -0.77 -15.09 11.50
C GLY A 127 -1.25 -13.86 10.78
N VAL A 128 -1.76 -14.05 9.57
CA VAL A 128 -2.19 -12.94 8.74
C VAL A 128 -3.71 -12.84 8.68
N ASP A 129 -4.23 -11.63 8.76
CA ASP A 129 -5.66 -11.39 8.67
C ASP A 129 -5.97 -10.46 7.51
N GLU A 130 -6.86 -10.87 6.63
CA GLU A 130 -7.18 -10.10 5.46
C GLU A 130 -8.30 -9.11 5.75
N GLU A 131 -8.11 -7.86 5.34
CA GLU A 131 -9.13 -6.83 5.47
C GLU A 131 -9.66 -6.45 4.10
N GLU A 132 -10.80 -5.79 4.06
CA GLU A 132 -11.46 -5.50 2.79
C GLU A 132 -11.32 -4.02 2.45
N ILE A 133 -11.10 -3.74 1.17
CA ILE A 133 -10.92 -2.38 0.68
C ILE A 133 -12.19 -1.89 0.01
N ILE A 134 -12.65 -0.71 0.40
CA ILE A 134 -13.80 -0.09 -0.24
C ILE A 134 -13.33 0.97 -1.23
N LEU A 135 -13.73 0.81 -2.48
CA LEU A 135 -13.27 1.68 -3.56
C LEU A 135 -14.33 2.68 -3.97
N LYS A 136 -13.92 3.93 -4.12
CA LYS A 136 -14.78 4.99 -4.65
C LYS A 136 -14.23 5.48 -5.98
N GLU A 137 -15.10 5.97 -6.85
CA GLU A 137 -14.67 6.53 -8.13
C GLU A 137 -14.17 7.96 -7.96
N GLU A 138 -14.68 8.60 -6.92
CA GLU A 138 -14.32 9.98 -6.62
C GLU A 138 -13.57 10.04 -5.30
N LEU A 139 -12.76 11.08 -5.12
CA LEU A 139 -12.03 11.28 -3.88
C LEU A 139 -12.99 11.45 -2.71
N GLU A 140 -12.52 11.09 -1.53
CA GLU A 140 -13.35 11.21 -0.34
C GLU A 140 -13.65 12.67 -0.04
N HIS A 141 -14.78 12.92 0.58
CA HIS A 141 -15.34 14.25 0.67
C HIS A 141 -14.59 15.12 1.67
N HIS A 142 -13.64 15.89 1.17
CA HIS A 142 -13.03 16.95 1.95
C HIS A 142 -13.95 18.15 1.94
N HIS A 143 -14.38 18.57 3.13
CA HIS A 143 -15.33 19.64 3.25
C HIS A 143 -14.74 20.94 2.72
N HIS A 144 -15.39 21.47 1.68
CA HIS A 144 -14.94 22.68 0.99
C HIS A 144 -13.67 22.44 0.20
N HIS A 145 -13.85 22.16 -1.09
CA HIS A 145 -12.73 21.98 -2.00
C HIS A 145 -12.21 23.35 -2.40
N HIS A 146 -13.13 24.28 -2.52
CA HIS A 146 -12.81 25.68 -2.75
C HIS A 146 -14.07 26.52 -2.51
N MET A 1 -11.85 -1.95 7.57
CA MET A 1 -11.69 -1.80 6.10
C MET A 1 -10.75 -0.65 5.80
N ILE A 2 -10.06 -0.73 4.67
CA ILE A 2 -9.21 0.36 4.22
C ILE A 2 -9.86 1.04 3.02
N THR A 3 -10.05 2.34 3.13
CA THR A 3 -10.79 3.08 2.13
C THR A 3 -9.86 3.94 1.28
N LEU A 4 -9.84 3.71 -0.01
CA LEU A 4 -9.07 4.52 -0.94
C LEU A 4 -9.86 4.74 -2.21
N THR A 5 -9.45 5.71 -3.00
CA THR A 5 -10.23 6.08 -4.17
C THR A 5 -9.79 5.33 -5.41
N LYS A 6 -10.66 5.34 -6.41
CA LYS A 6 -10.35 4.75 -7.72
C LYS A 6 -9.05 5.31 -8.26
N LYS A 7 -8.89 6.61 -8.11
CA LYS A 7 -7.73 7.32 -8.58
C LYS A 7 -6.47 6.86 -7.85
N GLN A 8 -6.58 6.61 -6.54
CA GLN A 8 -5.46 6.08 -5.77
C GLN A 8 -5.06 4.71 -6.31
N MET A 9 -6.06 3.90 -6.64
CA MET A 9 -5.81 2.59 -7.22
C MET A 9 -5.08 2.74 -8.55
N GLU A 10 -5.57 3.66 -9.39
CA GLU A 10 -4.94 3.98 -10.65
C GLU A 10 -3.50 4.46 -10.45
N GLU A 11 -3.31 5.29 -9.42
CA GLU A 11 -1.99 5.77 -9.05
C GLU A 11 -1.04 4.62 -8.75
N MET A 12 -1.52 3.67 -7.95
CA MET A 12 -0.72 2.50 -7.60
C MET A 12 -0.53 1.59 -8.80
N LEU A 13 -1.61 1.36 -9.54
CA LEU A 13 -1.59 0.49 -10.71
C LEU A 13 -0.63 1.02 -11.78
N ALA A 14 -0.65 2.32 -12.00
CA ALA A 14 0.25 2.95 -12.96
C ALA A 14 1.70 2.74 -12.52
N HIS A 15 1.96 2.94 -11.24
CA HIS A 15 3.31 2.76 -10.71
C HIS A 15 3.71 1.29 -10.75
N ALA A 16 2.74 0.41 -10.54
CA ALA A 16 2.97 -1.03 -10.60
C ALA A 16 3.48 -1.42 -11.99
N ARG A 17 2.80 -0.93 -13.02
CA ARG A 17 3.21 -1.17 -14.40
C ARG A 17 4.51 -0.45 -14.70
N GLN A 18 4.69 0.70 -14.08
CA GLN A 18 5.90 1.50 -14.22
C GLN A 18 7.12 0.76 -13.67
N ALA A 19 6.93 0.05 -12.58
CA ALA A 19 8.04 -0.61 -11.88
C ALA A 19 8.15 -2.09 -12.22
N LEU A 20 7.66 -2.48 -13.39
CA LEU A 20 7.80 -3.85 -13.86
C LEU A 20 9.28 -4.20 -14.06
N PRO A 21 9.61 -5.50 -14.11
CA PRO A 21 8.67 -6.60 -14.00
C PRO A 21 8.68 -7.28 -12.62
N ASN A 22 9.01 -6.53 -11.59
CA ASN A 22 9.12 -7.10 -10.25
C ASN A 22 8.13 -6.47 -9.27
N GLU A 23 8.32 -6.78 -8.00
CA GLU A 23 7.46 -6.32 -6.94
C GLU A 23 7.51 -4.78 -6.81
N ALA A 24 6.53 -4.12 -7.40
CA ALA A 24 6.41 -2.68 -7.29
C ALA A 24 5.97 -2.30 -5.89
N CYS A 25 6.76 -1.47 -5.23
CA CYS A 25 6.49 -1.10 -3.85
C CYS A 25 6.22 0.40 -3.73
N GLY A 26 5.71 0.81 -2.58
CA GLY A 26 5.43 2.19 -2.32
C GLY A 26 4.87 2.38 -0.93
N LEU A 27 4.47 3.60 -0.60
CA LEU A 27 3.94 3.88 0.73
C LEU A 27 2.54 4.48 0.63
N LEU A 28 1.76 4.29 1.69
CA LEU A 28 0.37 4.74 1.72
C LEU A 28 0.18 5.83 2.77
N GLY A 29 -0.42 6.93 2.36
CA GLY A 29 -0.64 8.03 3.27
C GLY A 29 -2.11 8.39 3.39
N GLY A 30 -2.54 8.62 4.61
CA GLY A 30 -3.91 8.97 4.86
C GLY A 30 -4.17 9.13 6.33
N ARG A 31 -5.37 8.80 6.77
CA ARG A 31 -5.70 8.90 8.18
C ARG A 31 -6.23 7.57 8.69
N ARG A 32 -5.83 7.23 9.91
CA ARG A 32 -6.37 6.05 10.56
C ARG A 32 -6.98 6.46 11.90
N ASP A 33 -8.23 6.11 12.10
CA ASP A 33 -8.92 6.47 13.33
C ASP A 33 -9.43 5.22 13.99
N GLY A 34 -8.67 4.71 14.94
CA GLY A 34 -9.03 3.47 15.59
C GLY A 34 -8.81 2.27 14.69
N ASP A 35 -9.88 1.80 14.08
CA ASP A 35 -9.84 0.63 13.21
C ASP A 35 -10.04 1.05 11.75
N ASP A 36 -10.47 2.28 11.54
CA ASP A 36 -10.77 2.76 10.20
C ASP A 36 -9.55 3.41 9.58
N ARG A 37 -9.38 3.15 8.29
CA ARG A 37 -8.23 3.63 7.54
C ARG A 37 -8.67 4.28 6.21
N TRP A 38 -8.22 5.51 5.97
CA TRP A 38 -8.55 6.22 4.73
C TRP A 38 -7.28 6.69 4.02
N VAL A 39 -7.17 6.41 2.73
CA VAL A 39 -6.03 6.85 1.93
C VAL A 39 -6.41 7.97 0.96
N GLU A 40 -5.71 9.09 1.03
CA GLU A 40 -5.95 10.19 0.11
C GLU A 40 -4.68 10.51 -0.66
N ARG A 41 -3.53 10.18 -0.11
CA ARG A 41 -2.28 10.48 -0.79
C ARG A 41 -1.37 9.26 -0.82
N VAL A 42 -1.10 8.80 -2.02
CA VAL A 42 -0.18 7.70 -2.22
C VAL A 42 1.14 8.25 -2.71
N TYR A 43 2.23 7.76 -2.13
CA TYR A 43 3.57 8.15 -2.56
C TYR A 43 4.27 6.96 -3.22
N PRO A 44 4.08 6.80 -4.53
CA PRO A 44 4.69 5.72 -5.30
C PRO A 44 6.21 5.88 -5.35
N LEU A 45 6.89 5.22 -4.42
CA LEU A 45 8.33 5.36 -4.28
C LEU A 45 9.05 4.29 -5.09
N ASN A 46 10.37 4.37 -5.14
CA ASN A 46 11.16 3.41 -5.91
C ASN A 46 11.78 2.38 -4.98
N ASN A 47 11.87 1.15 -5.47
CA ASN A 47 12.50 0.06 -4.71
C ASN A 47 14.00 0.04 -4.98
N LEU A 48 14.77 0.23 -3.92
CA LEU A 48 16.22 0.32 -4.02
C LEU A 48 16.85 -1.03 -4.34
N ASP A 49 16.18 -2.11 -3.94
CA ASP A 49 16.71 -3.44 -4.18
C ASP A 49 16.02 -4.09 -5.37
N GLN A 50 16.67 -4.03 -6.52
CA GLN A 50 16.15 -4.69 -7.70
C GLN A 50 16.39 -6.19 -7.59
N SER A 51 15.53 -6.86 -6.83
CA SER A 51 15.65 -8.28 -6.56
C SER A 51 14.28 -8.87 -6.23
N PRO A 52 14.04 -10.13 -6.62
CA PRO A 52 12.77 -10.81 -6.31
C PRO A 52 12.71 -11.26 -4.85
N GLU A 53 13.84 -11.15 -4.16
CA GLU A 53 13.92 -11.58 -2.77
C GLU A 53 14.13 -10.40 -1.83
N HIS A 54 14.35 -9.22 -2.38
CA HIS A 54 14.63 -8.05 -1.57
C HIS A 54 13.85 -6.85 -2.09
N PHE A 55 13.43 -6.01 -1.17
CA PHE A 55 12.73 -4.78 -1.51
C PHE A 55 12.85 -3.79 -0.36
N SER A 56 13.33 -2.60 -0.69
CA SER A 56 13.54 -1.56 0.30
C SER A 56 13.22 -0.21 -0.31
N MET A 57 12.71 0.70 0.50
CA MET A 57 12.38 2.03 0.03
C MET A 57 13.41 3.03 0.55
N ASP A 58 14.46 2.50 1.17
CA ASP A 58 15.58 3.28 1.70
C ASP A 58 15.18 4.05 2.96
N PRO A 59 16.07 4.12 3.95
CA PRO A 59 15.80 4.82 5.22
C PRO A 59 15.51 6.31 5.01
N ARG A 60 16.21 6.94 4.09
CA ARG A 60 16.07 8.37 3.87
C ARG A 60 14.78 8.69 3.13
N GLU A 61 14.51 7.92 2.08
CA GLU A 61 13.33 8.12 1.27
C GLU A 61 12.07 7.84 2.09
N GLN A 62 12.14 6.81 2.95
CA GLN A 62 11.02 6.46 3.81
C GLN A 62 10.79 7.54 4.88
N LEU A 63 11.85 7.95 5.55
CA LEU A 63 11.73 8.90 6.65
C LEU A 63 11.19 10.23 6.13
N THR A 64 11.71 10.69 5.00
CA THR A 64 11.25 11.93 4.40
C THR A 64 9.78 11.82 3.98
N ALA A 65 9.36 10.63 3.57
CA ALA A 65 7.98 10.41 3.18
C ALA A 65 7.06 10.52 4.40
N VAL A 66 7.48 9.92 5.50
CA VAL A 66 6.72 10.00 6.76
C VAL A 66 6.72 11.44 7.27
N LYS A 67 7.87 12.09 7.16
CA LYS A 67 8.01 13.49 7.54
C LYS A 67 7.06 14.37 6.72
N ASP A 68 7.05 14.12 5.41
CA ASP A 68 6.21 14.88 4.49
C ASP A 68 4.75 14.61 4.78
N MET A 69 4.46 13.36 5.09
CA MET A 69 3.10 12.94 5.44
C MET A 69 2.59 13.71 6.64
N ARG A 70 3.42 13.75 7.69
CA ARG A 70 3.09 14.44 8.92
C ARG A 70 2.94 15.93 8.65
N LYS A 71 3.87 16.46 7.86
CA LYS A 71 3.86 17.86 7.45
C LYS A 71 2.57 18.20 6.72
N ASN A 72 2.14 17.28 5.88
CA ASN A 72 0.99 17.52 4.99
C ASN A 72 -0.33 17.32 5.74
N GLY A 73 -0.28 16.59 6.85
CA GLY A 73 -1.46 16.47 7.69
C GLY A 73 -1.89 15.03 7.88
N TRP A 74 -1.35 14.13 7.07
CA TRP A 74 -1.74 12.73 7.11
C TRP A 74 -0.73 11.90 7.91
N VAL A 75 -0.97 10.60 7.98
CA VAL A 75 -0.06 9.67 8.65
C VAL A 75 0.18 8.45 7.77
N MET A 76 1.21 7.68 8.08
CA MET A 76 1.51 6.48 7.33
C MET A 76 0.59 5.34 7.76
N LEU A 77 -0.16 4.81 6.80
CA LEU A 77 -1.06 3.71 7.07
C LEU A 77 -0.37 2.37 6.84
N GLY A 78 0.62 2.39 5.96
CA GLY A 78 1.35 1.19 5.63
C GLY A 78 2.02 1.30 4.29
N ASN A 79 2.09 0.20 3.58
CA ASN A 79 2.75 0.16 2.29
C ASN A 79 2.13 -0.90 1.41
N PHE A 80 2.52 -0.90 0.15
CA PHE A 80 1.97 -1.86 -0.81
C PHE A 80 3.07 -2.47 -1.65
N HIS A 81 2.81 -3.66 -2.18
CA HIS A 81 3.72 -4.31 -3.10
C HIS A 81 2.93 -5.28 -3.99
N SER A 82 3.34 -5.39 -5.25
CA SER A 82 2.59 -6.18 -6.21
C SER A 82 3.38 -7.40 -6.66
N HIS A 83 2.67 -8.42 -7.14
CA HIS A 83 3.29 -9.59 -7.72
C HIS A 83 3.08 -9.59 -9.23
N PRO A 84 4.09 -10.03 -10.00
CA PRO A 84 4.00 -10.10 -11.46
C PRO A 84 3.40 -11.42 -11.97
N ALA A 85 3.66 -12.51 -11.25
CA ALA A 85 3.21 -13.82 -11.69
C ALA A 85 2.64 -14.63 -10.51
N THR A 86 2.06 -13.92 -9.56
CA THR A 86 1.49 -14.55 -8.37
C THR A 86 0.30 -13.77 -7.85
N PRO A 87 -0.64 -14.45 -7.15
CA PRO A 87 -1.84 -13.81 -6.60
C PRO A 87 -1.56 -12.92 -5.39
N ALA A 88 -2.63 -12.43 -4.77
CA ALA A 88 -2.53 -11.53 -3.64
C ALA A 88 -2.54 -12.31 -2.33
N ARG A 89 -1.37 -12.67 -1.87
CA ARG A 89 -1.21 -13.29 -0.56
C ARG A 89 0.23 -13.10 -0.08
N PRO A 90 0.42 -12.93 1.23
CA PRO A 90 1.74 -12.70 1.80
C PRO A 90 2.67 -13.90 1.65
N SER A 91 3.96 -13.65 1.61
CA SER A 91 4.96 -14.70 1.54
C SER A 91 5.61 -14.86 2.90
N ALA A 92 6.38 -15.94 3.08
CA ALA A 92 7.08 -16.16 4.34
C ALA A 92 8.08 -15.04 4.59
N GLU A 93 8.76 -14.65 3.51
CA GLU A 93 9.75 -13.58 3.55
C GLU A 93 9.06 -12.24 3.81
N ASP A 94 7.85 -12.10 3.28
CA ASP A 94 7.06 -10.88 3.44
C ASP A 94 6.60 -10.73 4.89
N LYS A 95 6.24 -11.86 5.49
CA LYS A 95 5.85 -11.91 6.91
C LYS A 95 7.08 -11.64 7.78
N ARG A 96 8.25 -12.04 7.29
CA ARG A 96 9.51 -11.84 8.00
C ARG A 96 9.84 -10.36 8.16
N LEU A 97 9.37 -9.54 7.24
CA LEU A 97 9.68 -8.12 7.25
C LEU A 97 8.60 -7.31 7.94
N ALA A 98 7.60 -7.99 8.48
CA ALA A 98 6.53 -7.32 9.19
C ALA A 98 6.94 -7.05 10.64
N PHE A 99 7.48 -5.87 10.86
CA PHE A 99 7.98 -5.51 12.18
C PHE A 99 6.98 -4.65 12.95
N ASP A 100 5.87 -4.31 12.30
CA ASP A 100 4.87 -3.47 12.92
C ASP A 100 3.46 -3.83 12.46
N PRO A 101 2.81 -4.77 13.17
CA PRO A 101 1.48 -5.30 12.81
C PRO A 101 0.37 -4.25 12.74
N SER A 102 0.71 -3.01 13.06
CA SER A 102 -0.26 -1.92 13.02
C SER A 102 -0.30 -1.29 11.63
N LEU A 103 0.65 -1.70 10.79
CA LEU A 103 0.75 -1.19 9.43
C LEU A 103 -0.03 -2.08 8.48
N SER A 104 -0.63 -1.47 7.47
CA SER A 104 -1.39 -2.20 6.47
C SER A 104 -0.52 -2.57 5.28
N TYR A 105 -0.49 -3.84 4.94
CA TYR A 105 0.28 -4.32 3.81
C TYR A 105 -0.64 -4.69 2.65
N LEU A 106 -0.70 -3.82 1.66
CA LEU A 106 -1.54 -4.06 0.50
C LEU A 106 -0.77 -4.83 -0.56
N ILE A 107 -1.41 -5.85 -1.12
CA ILE A 107 -0.77 -6.69 -2.12
C ILE A 107 -1.59 -6.70 -3.39
N ILE A 108 -0.96 -6.31 -4.49
CA ILE A 108 -1.62 -6.24 -5.78
C ILE A 108 -1.15 -7.38 -6.69
N SER A 109 -2.10 -8.04 -7.33
CA SER A 109 -1.77 -9.06 -8.30
C SER A 109 -1.79 -8.46 -9.70
N LEU A 110 -0.61 -8.25 -10.26
CA LEU A 110 -0.51 -7.67 -11.59
C LEU A 110 -0.17 -8.76 -12.60
N ALA A 111 -0.85 -9.90 -12.46
CA ALA A 111 -0.66 -11.01 -13.37
C ALA A 111 -0.99 -10.57 -14.80
N GLU A 112 -2.06 -9.78 -14.93
CA GLU A 112 -2.43 -9.18 -16.18
C GLU A 112 -2.71 -7.69 -15.96
N PRO A 113 -2.36 -6.83 -16.93
CA PRO A 113 -2.67 -5.40 -16.85
C PRO A 113 -4.18 -5.16 -16.96
N GLN A 114 -4.86 -6.17 -17.47
CA GLN A 114 -6.30 -6.14 -17.63
C GLN A 114 -6.97 -7.03 -16.59
N LYS A 115 -6.22 -7.38 -15.55
CA LYS A 115 -6.71 -8.26 -14.50
C LYS A 115 -5.89 -8.08 -13.22
N PRO A 116 -6.06 -6.95 -12.54
CA PRO A 116 -5.38 -6.67 -11.28
C PRO A 116 -6.23 -7.03 -10.07
N VAL A 117 -5.70 -7.87 -9.19
CA VAL A 117 -6.39 -8.20 -7.96
C VAL A 117 -5.75 -7.48 -6.79
N CYS A 118 -6.51 -6.66 -6.10
CA CYS A 118 -5.99 -5.89 -4.98
C CYS A 118 -6.62 -6.32 -3.66
N LYS A 119 -5.81 -6.67 -2.69
CA LYS A 119 -6.29 -6.96 -1.35
C LYS A 119 -5.38 -6.34 -0.31
N SER A 120 -5.87 -6.25 0.90
CA SER A 120 -5.10 -5.70 2.01
C SER A 120 -4.91 -6.78 3.07
N PHE A 121 -3.70 -6.91 3.58
CA PHE A 121 -3.42 -7.89 4.60
C PHE A 121 -2.71 -7.25 5.78
N LEU A 122 -3.22 -7.54 6.96
CA LEU A 122 -2.58 -7.06 8.17
C LEU A 122 -1.72 -8.17 8.74
N ILE A 123 -0.41 -8.02 8.63
CA ILE A 123 0.48 -9.05 9.12
C ILE A 123 0.78 -8.81 10.59
N LYS A 124 0.21 -9.66 11.42
CA LYS A 124 0.30 -9.51 12.86
C LYS A 124 1.47 -10.30 13.42
N LYS A 125 1.51 -10.39 14.75
CA LYS A 125 2.55 -11.13 15.44
C LYS A 125 2.62 -12.56 14.93
N ASP A 126 1.51 -13.27 15.07
CA ASP A 126 1.45 -14.68 14.69
C ASP A 126 1.22 -14.82 13.19
N GLY A 127 0.05 -14.41 12.72
CA GLY A 127 -0.31 -14.65 11.34
C GLY A 127 -0.73 -13.40 10.61
N VAL A 128 -1.59 -13.56 9.61
CA VAL A 128 -2.05 -12.45 8.80
C VAL A 128 -3.57 -12.33 8.86
N ASP A 129 -4.05 -11.10 8.90
CA ASP A 129 -5.48 -10.84 8.96
C ASP A 129 -5.95 -10.20 7.66
N GLU A 130 -7.16 -10.56 7.23
CA GLU A 130 -7.71 -10.06 5.99
C GLU A 130 -8.33 -8.67 6.15
N GLU A 131 -7.98 -7.77 5.26
CA GLU A 131 -8.56 -6.44 5.24
C GLU A 131 -9.15 -6.15 3.87
N GLU A 132 -10.37 -5.63 3.87
CA GLU A 132 -11.08 -5.37 2.63
C GLU A 132 -10.88 -3.93 2.20
N ILE A 133 -10.71 -3.73 0.90
CA ILE A 133 -10.48 -2.41 0.35
C ILE A 133 -11.79 -1.82 -0.18
N ILE A 134 -12.13 -0.64 0.31
CA ILE A 134 -13.32 0.05 -0.16
C ILE A 134 -12.92 1.14 -1.14
N LEU A 135 -13.51 1.11 -2.33
CA LEU A 135 -13.13 2.02 -3.39
C LEU A 135 -14.05 3.23 -3.43
N LYS A 136 -13.46 4.40 -3.22
CA LYS A 136 -14.19 5.66 -3.28
C LYS A 136 -13.88 6.41 -4.57
N GLU A 137 -14.68 7.39 -4.89
CA GLU A 137 -14.38 8.31 -5.97
C GLU A 137 -14.21 9.71 -5.41
N GLU A 138 -14.65 9.85 -4.18
CA GLU A 138 -14.53 11.09 -3.44
C GLU A 138 -13.24 11.12 -2.64
N LEU A 139 -12.57 12.26 -2.67
CA LEU A 139 -11.35 12.45 -1.89
C LEU A 139 -11.72 12.87 -0.47
N GLU A 140 -10.82 12.64 0.47
CA GLU A 140 -11.09 12.97 1.85
C GLU A 140 -10.23 14.13 2.32
N HIS A 141 -10.88 15.20 2.73
CA HIS A 141 -10.22 16.32 3.38
C HIS A 141 -11.08 16.73 4.55
N HIS A 142 -10.79 16.16 5.72
CA HIS A 142 -11.65 16.27 6.89
C HIS A 142 -11.78 17.71 7.36
N HIS A 143 -12.75 18.43 6.77
CA HIS A 143 -13.07 19.82 7.13
C HIS A 143 -11.82 20.70 7.14
N HIS A 144 -10.86 20.36 6.31
CA HIS A 144 -9.63 21.13 6.18
C HIS A 144 -9.16 21.06 4.74
N HIS A 145 -9.32 22.17 4.03
CA HIS A 145 -9.12 22.24 2.58
C HIS A 145 -10.25 21.53 1.85
N HIS A 146 -10.41 21.84 0.58
CA HIS A 146 -11.48 21.27 -0.21
C HIS A 146 -10.93 20.31 -1.26
N MET A 1 -11.94 -1.19 8.53
CA MET A 1 -11.44 -1.58 7.19
C MET A 1 -10.67 -0.42 6.56
N ILE A 2 -10.15 -0.64 5.36
CA ILE A 2 -9.43 0.41 4.66
C ILE A 2 -10.21 0.87 3.43
N THR A 3 -10.22 2.17 3.20
CA THR A 3 -10.94 2.74 2.08
C THR A 3 -10.02 3.58 1.23
N LEU A 4 -10.04 3.35 -0.08
CA LEU A 4 -9.25 4.13 -1.00
C LEU A 4 -10.03 4.40 -2.27
N THR A 5 -9.55 5.35 -3.06
CA THR A 5 -10.28 5.78 -4.23
C THR A 5 -9.67 5.24 -5.51
N LYS A 6 -10.35 5.49 -6.62
CA LYS A 6 -9.87 5.11 -7.94
C LYS A 6 -8.50 5.69 -8.19
N LYS A 7 -8.34 6.95 -7.79
CA LYS A 7 -7.08 7.66 -7.92
C LYS A 7 -5.96 6.91 -7.20
N GLN A 8 -6.29 6.34 -6.04
CA GLN A 8 -5.32 5.55 -5.28
C GLN A 8 -4.97 4.28 -6.05
N MET A 9 -5.99 3.61 -6.55
CA MET A 9 -5.78 2.40 -7.34
C MET A 9 -4.89 2.70 -8.53
N GLU A 10 -5.20 3.79 -9.21
CA GLU A 10 -4.43 4.26 -10.34
C GLU A 10 -3.00 4.61 -9.94
N GLU A 11 -2.85 5.30 -8.81
CA GLU A 11 -1.54 5.66 -8.30
C GLU A 11 -0.70 4.42 -7.98
N MET A 12 -1.33 3.43 -7.37
CA MET A 12 -0.65 2.17 -7.07
C MET A 12 -0.37 1.40 -8.34
N LEU A 13 -1.37 1.32 -9.23
CA LEU A 13 -1.26 0.60 -10.49
C LEU A 13 -0.17 1.19 -11.37
N ALA A 14 -0.15 2.51 -11.49
CA ALA A 14 0.87 3.19 -12.30
C ALA A 14 2.27 2.87 -11.79
N HIS A 15 2.42 2.82 -10.47
CA HIS A 15 3.70 2.47 -9.86
C HIS A 15 3.98 0.99 -10.07
N ALA A 16 2.92 0.18 -10.02
CA ALA A 16 3.04 -1.26 -10.18
C ALA A 16 3.53 -1.61 -11.58
N ARG A 17 2.86 -1.11 -12.61
CA ARG A 17 3.26 -1.40 -14.00
C ARG A 17 4.69 -0.92 -14.26
N GLN A 18 5.00 0.25 -13.70
CA GLN A 18 6.29 0.88 -13.87
C GLN A 18 7.41 -0.01 -13.31
N ALA A 19 7.13 -0.70 -12.22
CA ALA A 19 8.15 -1.49 -11.54
C ALA A 19 8.04 -3.00 -11.84
N LEU A 20 7.10 -3.37 -12.72
CA LEU A 20 6.95 -4.75 -13.13
C LEU A 20 8.20 -5.22 -13.88
N PRO A 21 8.52 -6.51 -13.81
CA PRO A 21 7.77 -7.51 -13.05
C PRO A 21 8.38 -7.81 -11.68
N ASN A 22 8.35 -6.83 -10.78
CA ASN A 22 8.85 -7.02 -9.42
C ASN A 22 7.76 -6.63 -8.44
N GLU A 23 8.02 -6.79 -7.15
CA GLU A 23 7.08 -6.36 -6.14
C GLU A 23 7.18 -4.85 -5.93
N ALA A 24 6.46 -4.11 -6.77
CA ALA A 24 6.42 -2.65 -6.71
C ALA A 24 5.93 -2.18 -5.35
N CYS A 25 6.81 -1.57 -4.57
CA CYS A 25 6.46 -1.18 -3.22
C CYS A 25 6.51 0.33 -3.04
N GLY A 26 5.97 0.78 -1.93
CA GLY A 26 5.93 2.18 -1.59
C GLY A 26 5.24 2.38 -0.27
N LEU A 27 4.77 3.59 0.02
CA LEU A 27 4.06 3.84 1.28
C LEU A 27 2.68 4.41 1.01
N LEU A 28 1.79 4.19 1.97
CA LEU A 28 0.42 4.68 1.86
C LEU A 28 0.12 5.64 3.00
N GLY A 29 -0.54 6.74 2.68
CA GLY A 29 -0.86 7.73 3.67
C GLY A 29 -2.35 7.98 3.76
N GLY A 30 -2.77 8.56 4.86
CA GLY A 30 -4.16 8.86 5.06
C GLY A 30 -4.50 8.97 6.52
N ARG A 31 -5.77 8.90 6.86
CA ARG A 31 -6.16 8.99 8.25
C ARG A 31 -6.67 7.66 8.75
N ARG A 32 -6.34 7.36 9.99
CA ARG A 32 -6.98 6.29 10.72
C ARG A 32 -7.78 6.91 11.83
N ASP A 33 -9.07 6.66 11.83
CA ASP A 33 -9.97 7.32 12.79
C ASP A 33 -10.59 6.26 13.68
N GLY A 34 -9.84 5.19 13.85
CA GLY A 34 -10.31 4.04 14.60
C GLY A 34 -9.97 2.77 13.87
N ASP A 35 -10.98 1.99 13.52
CA ASP A 35 -10.76 0.79 12.70
C ASP A 35 -10.88 1.18 11.23
N ASP A 36 -11.34 2.40 11.00
CA ASP A 36 -11.43 2.92 9.65
C ASP A 36 -10.22 3.75 9.30
N ARG A 37 -9.70 3.47 8.12
CA ARG A 37 -8.61 4.23 7.54
C ARG A 37 -8.94 4.63 6.11
N TRP A 38 -8.76 5.90 5.78
CA TRP A 38 -9.03 6.41 4.44
C TRP A 38 -7.74 6.89 3.79
N VAL A 39 -7.38 6.28 2.68
CA VAL A 39 -6.16 6.61 1.96
C VAL A 39 -6.42 7.77 1.00
N GLU A 40 -5.71 8.88 1.18
CA GLU A 40 -5.94 10.06 0.37
C GLU A 40 -4.88 10.22 -0.72
N ARG A 41 -3.67 9.79 -0.42
CA ARG A 41 -2.58 9.92 -1.37
C ARG A 41 -1.66 8.71 -1.30
N VAL A 42 -1.21 8.25 -2.45
CA VAL A 42 -0.21 7.20 -2.52
C VAL A 42 1.17 7.83 -2.56
N TYR A 43 2.10 7.29 -1.80
CA TYR A 43 3.45 7.82 -1.71
C TYR A 43 4.44 6.86 -2.36
N PRO A 44 4.63 6.99 -3.69
CA PRO A 44 5.49 6.10 -4.46
C PRO A 44 6.97 6.32 -4.16
N LEU A 45 7.59 5.32 -3.56
CA LEU A 45 9.02 5.36 -3.28
C LEU A 45 9.76 4.63 -4.38
N ASN A 46 11.04 4.92 -4.51
CA ASN A 46 11.88 4.23 -5.50
C ASN A 46 11.89 2.73 -5.21
N ASN A 47 12.04 1.92 -6.26
CA ASN A 47 12.03 0.48 -6.09
C ASN A 47 13.46 -0.04 -6.05
N LEU A 48 13.91 -0.39 -4.85
CA LEU A 48 15.29 -0.75 -4.61
C LEU A 48 15.62 -2.14 -5.14
N ASP A 49 14.86 -3.14 -4.71
CA ASP A 49 15.20 -4.52 -5.04
C ASP A 49 14.48 -4.96 -6.30
N GLN A 50 15.25 -5.39 -7.28
CA GLN A 50 14.69 -5.93 -8.51
C GLN A 50 14.39 -7.41 -8.33
N SER A 51 13.55 -7.72 -7.35
CA SER A 51 13.21 -9.09 -7.02
C SER A 51 11.69 -9.27 -6.97
N PRO A 52 11.19 -10.45 -7.41
CA PRO A 52 9.77 -10.77 -7.38
C PRO A 52 9.32 -11.32 -6.03
N GLU A 53 10.23 -11.33 -5.06
CA GLU A 53 9.94 -11.81 -3.72
C GLU A 53 10.36 -10.79 -2.68
N HIS A 54 10.79 -9.62 -3.14
CA HIS A 54 11.29 -8.58 -2.25
C HIS A 54 10.62 -7.26 -2.56
N PHE A 55 10.48 -6.43 -1.54
CA PHE A 55 9.87 -5.13 -1.71
C PHE A 55 10.82 -4.03 -1.24
N SER A 56 10.63 -2.83 -1.76
CA SER A 56 11.54 -1.73 -1.51
C SER A 56 11.12 -0.92 -0.28
N MET A 57 12.10 -0.65 0.57
CA MET A 57 11.87 0.17 1.74
C MET A 57 13.18 0.87 2.14
N ASP A 58 13.35 2.10 1.70
CA ASP A 58 14.57 2.85 1.99
C ASP A 58 14.29 3.93 3.03
N PRO A 59 15.24 4.15 3.97
CA PRO A 59 15.07 5.12 5.06
C PRO A 59 14.84 6.56 4.57
N ARG A 60 15.58 6.96 3.55
CA ARG A 60 15.44 8.33 3.02
C ARG A 60 14.12 8.49 2.30
N GLU A 61 13.73 7.47 1.55
CA GLU A 61 12.43 7.47 0.87
C GLU A 61 11.30 7.52 1.90
N GLN A 62 11.43 6.74 2.96
CA GLN A 62 10.44 6.71 4.04
C GLN A 62 10.32 8.08 4.69
N LEU A 63 11.47 8.65 5.06
CA LEU A 63 11.49 9.93 5.77
C LEU A 63 10.85 11.03 4.93
N THR A 64 11.18 11.05 3.65
CA THR A 64 10.65 12.06 2.75
C THR A 64 9.12 11.95 2.61
N ALA A 65 8.62 10.72 2.61
CA ALA A 65 7.18 10.48 2.47
C ALA A 65 6.44 10.87 3.75
N VAL A 66 6.99 10.45 4.90
CA VAL A 66 6.38 10.77 6.19
C VAL A 66 6.42 12.27 6.46
N LYS A 67 7.48 12.91 6.00
CA LYS A 67 7.66 14.35 6.15
C LYS A 67 6.51 15.12 5.52
N ASP A 68 6.15 14.74 4.31
CA ASP A 68 5.04 15.37 3.59
C ASP A 68 3.72 14.99 4.26
N MET A 69 3.63 13.72 4.61
CA MET A 69 2.41 13.14 5.18
C MET A 69 2.02 13.84 6.49
N ARG A 70 2.99 14.00 7.38
CA ARG A 70 2.72 14.58 8.70
C ARG A 70 2.34 16.05 8.58
N LYS A 71 2.82 16.70 7.52
CA LYS A 71 2.49 18.09 7.27
C LYS A 71 1.02 18.24 6.93
N ASN A 72 0.52 17.29 6.16
CA ASN A 72 -0.87 17.30 5.71
C ASN A 72 -1.81 16.93 6.85
N GLY A 73 -1.24 16.42 7.94
CA GLY A 73 -2.02 16.09 9.11
C GLY A 73 -2.49 14.66 9.09
N TRP A 74 -1.90 13.85 8.23
CA TRP A 74 -2.27 12.45 8.12
C TRP A 74 -1.15 11.55 8.64
N VAL A 75 -1.43 10.26 8.70
CA VAL A 75 -0.49 9.30 9.25
C VAL A 75 -0.23 8.18 8.27
N MET A 76 0.77 7.36 8.57
CA MET A 76 1.13 6.26 7.70
C MET A 76 0.25 5.05 8.00
N LEU A 77 -0.59 4.70 7.04
CA LEU A 77 -1.53 3.61 7.22
C LEU A 77 -0.84 2.26 7.01
N GLY A 78 0.15 2.26 6.15
CA GLY A 78 0.86 1.05 5.84
C GLY A 78 1.64 1.17 4.55
N ASN A 79 1.72 0.09 3.80
CA ASN A 79 2.46 0.08 2.55
C ASN A 79 1.75 -0.78 1.52
N PHE A 80 2.30 -0.83 0.33
CA PHE A 80 1.74 -1.65 -0.71
C PHE A 80 2.85 -2.29 -1.52
N HIS A 81 2.58 -3.48 -2.05
CA HIS A 81 3.48 -4.14 -2.97
C HIS A 81 2.71 -5.15 -3.80
N SER A 82 2.96 -5.15 -5.10
CA SER A 82 2.16 -5.92 -6.02
C SER A 82 2.97 -7.06 -6.63
N HIS A 83 2.28 -8.11 -7.03
CA HIS A 83 2.93 -9.30 -7.58
C HIS A 83 2.79 -9.33 -9.10
N PRO A 84 3.83 -9.82 -9.79
CA PRO A 84 3.90 -9.81 -11.25
C PRO A 84 2.82 -10.66 -11.92
N ALA A 85 2.76 -11.92 -11.54
CA ALA A 85 1.79 -12.85 -12.12
C ALA A 85 1.34 -13.86 -11.07
N THR A 86 1.64 -13.58 -9.82
CA THR A 86 1.32 -14.47 -8.73
C THR A 86 0.12 -13.95 -7.93
N PRO A 87 -0.59 -14.84 -7.22
CA PRO A 87 -1.80 -14.48 -6.47
C PRO A 87 -1.51 -13.49 -5.34
N ALA A 88 -2.57 -12.86 -4.84
CA ALA A 88 -2.44 -11.89 -3.77
C ALA A 88 -2.30 -12.58 -2.43
N ARG A 89 -1.06 -12.75 -2.00
CA ARG A 89 -0.75 -13.31 -0.70
C ARG A 89 0.52 -12.67 -0.15
N PRO A 90 0.67 -12.64 1.18
CA PRO A 90 1.88 -12.12 1.83
C PRO A 90 3.11 -12.90 1.38
N SER A 91 4.11 -12.17 0.91
CA SER A 91 5.34 -12.77 0.43
C SER A 91 6.10 -13.36 1.61
N ALA A 92 6.89 -14.39 1.35
CA ALA A 92 7.61 -15.07 2.41
C ALA A 92 8.61 -14.11 3.06
N GLU A 93 9.35 -13.39 2.23
CA GLU A 93 10.30 -12.41 2.73
C GLU A 93 9.55 -11.23 3.35
N ASP A 94 8.40 -10.92 2.79
CA ASP A 94 7.54 -9.84 3.27
C ASP A 94 7.10 -10.09 4.71
N LYS A 95 6.63 -11.30 4.98
CA LYS A 95 6.21 -11.67 6.34
C LYS A 95 7.41 -11.64 7.27
N ARG A 96 8.60 -11.93 6.74
CA ARG A 96 9.82 -11.92 7.52
C ARG A 96 10.24 -10.49 7.86
N LEU A 97 10.07 -9.58 6.91
CA LEU A 97 10.47 -8.19 7.11
C LEU A 97 9.38 -7.41 7.83
N ALA A 98 8.20 -8.00 7.95
CA ALA A 98 7.09 -7.38 8.65
C ALA A 98 7.28 -7.47 10.16
N PHE A 99 8.15 -6.62 10.69
CA PHE A 99 8.38 -6.56 12.12
C PHE A 99 7.43 -5.57 12.77
N ASP A 100 6.73 -4.81 11.94
CA ASP A 100 5.71 -3.88 12.43
C ASP A 100 4.48 -4.67 12.86
N PRO A 101 3.81 -4.21 13.93
CA PRO A 101 2.76 -4.97 14.61
C PRO A 101 1.57 -5.36 13.72
N SER A 102 0.90 -4.37 13.13
CA SER A 102 -0.33 -4.62 12.40
C SER A 102 -0.66 -3.44 11.50
N LEU A 103 0.26 -3.09 10.63
CA LEU A 103 0.05 -2.05 9.65
C LEU A 103 -0.72 -2.59 8.46
N SER A 104 -1.38 -1.72 7.72
CA SER A 104 -2.17 -2.14 6.57
C SER A 104 -1.28 -2.38 5.36
N TYR A 105 -1.04 -3.65 5.06
CA TYR A 105 -0.22 -4.02 3.91
C TYR A 105 -1.11 -4.38 2.73
N LEU A 106 -1.00 -3.64 1.65
CA LEU A 106 -1.80 -3.88 0.47
C LEU A 106 -1.02 -4.68 -0.57
N ILE A 107 -1.65 -5.70 -1.12
CA ILE A 107 -1.02 -6.55 -2.11
C ILE A 107 -1.92 -6.69 -3.34
N ILE A 108 -1.40 -6.26 -4.48
CA ILE A 108 -2.15 -6.33 -5.72
C ILE A 108 -1.63 -7.49 -6.58
N SER A 109 -2.54 -8.26 -7.15
CA SER A 109 -2.16 -9.37 -7.99
C SER A 109 -2.33 -9.00 -9.46
N LEU A 110 -1.22 -8.96 -10.18
CA LEU A 110 -1.24 -8.69 -11.61
C LEU A 110 -1.28 -9.98 -12.41
N ALA A 111 -1.72 -11.06 -11.76
CA ALA A 111 -1.87 -12.36 -12.41
C ALA A 111 -2.75 -12.23 -13.65
N GLU A 112 -3.79 -11.42 -13.52
CA GLU A 112 -4.65 -11.06 -14.63
C GLU A 112 -4.53 -9.56 -14.87
N PRO A 113 -3.54 -9.12 -15.67
CA PRO A 113 -3.21 -7.71 -15.85
C PRO A 113 -4.35 -6.90 -16.44
N GLN A 114 -5.33 -7.61 -16.97
CA GLN A 114 -6.51 -6.98 -17.51
C GLN A 114 -7.39 -6.45 -16.38
N LYS A 115 -7.40 -7.19 -15.27
CA LYS A 115 -8.21 -6.85 -14.11
C LYS A 115 -7.46 -7.19 -12.82
N PRO A 116 -6.61 -6.27 -12.35
CA PRO A 116 -5.78 -6.49 -11.16
C PRO A 116 -6.61 -6.67 -9.89
N VAL A 117 -6.38 -7.77 -9.19
CA VAL A 117 -7.09 -8.06 -7.96
C VAL A 117 -6.33 -7.50 -6.77
N CYS A 118 -7.00 -6.68 -5.96
CA CYS A 118 -6.36 -6.04 -4.83
C CYS A 118 -6.88 -6.59 -3.51
N LYS A 119 -5.96 -6.91 -2.60
CA LYS A 119 -6.33 -7.29 -1.25
C LYS A 119 -5.40 -6.61 -0.25
N SER A 120 -5.82 -6.56 0.99
CA SER A 120 -5.00 -6.00 2.06
C SER A 120 -4.87 -7.03 3.18
N PHE A 121 -3.65 -7.19 3.68
CA PHE A 121 -3.40 -8.20 4.70
C PHE A 121 -2.77 -7.57 5.93
N LEU A 122 -3.21 -8.02 7.09
CA LEU A 122 -2.63 -7.62 8.35
C LEU A 122 -1.79 -8.77 8.90
N ILE A 123 -0.48 -8.59 8.90
CA ILE A 123 0.41 -9.67 9.29
C ILE A 123 0.61 -9.70 10.80
N LYS A 124 0.17 -10.80 11.40
CA LYS A 124 0.30 -11.02 12.82
C LYS A 124 1.41 -12.04 13.10
N LYS A 125 1.55 -12.41 14.35
CA LYS A 125 2.45 -13.48 14.76
C LYS A 125 1.83 -14.82 14.40
N ASP A 126 0.62 -15.00 14.90
CA ASP A 126 -0.14 -16.23 14.73
C ASP A 126 -0.36 -16.56 13.26
N GLY A 127 -0.65 -15.53 12.47
CA GLY A 127 -0.93 -15.72 11.06
C GLY A 127 -1.16 -14.41 10.36
N VAL A 128 -2.11 -14.41 9.43
CA VAL A 128 -2.44 -13.21 8.70
C VAL A 128 -3.94 -12.92 8.79
N ASP A 129 -4.29 -11.67 8.97
CA ASP A 129 -5.69 -11.27 9.03
C ASP A 129 -6.03 -10.46 7.80
N GLU A 130 -7.29 -10.50 7.39
CA GLU A 130 -7.71 -9.86 6.16
C GLU A 130 -8.28 -8.46 6.41
N GLU A 131 -7.78 -7.50 5.66
CA GLU A 131 -8.29 -6.13 5.74
C GLU A 131 -9.22 -5.88 4.55
N GLU A 132 -10.42 -5.43 4.83
CA GLU A 132 -11.42 -5.20 3.79
C GLU A 132 -11.18 -3.87 3.11
N ILE A 133 -11.29 -3.86 1.78
CA ILE A 133 -11.03 -2.66 1.00
C ILE A 133 -12.32 -2.10 0.41
N ILE A 134 -12.51 -0.80 0.60
CA ILE A 134 -13.65 -0.10 0.02
C ILE A 134 -13.16 0.82 -1.09
N LEU A 135 -13.78 0.73 -2.26
CA LEU A 135 -13.41 1.57 -3.39
C LEU A 135 -14.44 2.68 -3.59
N LYS A 136 -13.95 3.90 -3.80
CA LYS A 136 -14.81 5.05 -4.05
C LYS A 136 -14.17 6.01 -5.04
N GLU A 137 -14.99 6.89 -5.61
CA GLU A 137 -14.49 7.94 -6.49
C GLU A 137 -14.16 9.19 -5.70
N GLU A 138 -14.84 9.32 -4.58
CA GLU A 138 -14.81 10.52 -3.76
C GLU A 138 -13.86 10.38 -2.57
N LEU A 139 -13.11 11.45 -2.32
CA LEU A 139 -12.23 11.53 -1.16
C LEU A 139 -12.87 12.36 -0.05
N GLU A 140 -12.08 12.68 0.97
CA GLU A 140 -12.50 13.48 2.10
C GLU A 140 -13.54 12.78 2.98
N HIS A 141 -13.56 13.17 4.25
CA HIS A 141 -14.50 12.65 5.23
C HIS A 141 -14.74 13.69 6.33
N HIS A 142 -13.66 14.35 6.76
CA HIS A 142 -13.75 15.40 7.78
C HIS A 142 -12.38 16.04 8.04
N HIS A 143 -11.62 16.26 6.97
CA HIS A 143 -10.31 16.90 7.07
C HIS A 143 -10.44 18.39 6.77
N HIS A 144 -11.64 18.81 6.39
CA HIS A 144 -11.93 20.21 6.03
C HIS A 144 -11.25 20.58 4.72
N HIS A 145 -12.03 20.58 3.65
CA HIS A 145 -11.49 20.81 2.32
C HIS A 145 -12.02 22.11 1.70
N HIS A 146 -11.79 23.21 2.39
CA HIS A 146 -12.20 24.52 1.89
C HIS A 146 -11.41 25.62 2.58
N MET A 1 -12.28 -1.41 7.87
CA MET A 1 -12.46 -1.19 6.41
C MET A 1 -11.49 -0.13 5.92
N ILE A 2 -10.89 -0.38 4.78
CA ILE A 2 -9.99 0.59 4.18
C ILE A 2 -10.65 1.23 2.97
N THR A 3 -10.62 2.55 2.93
CA THR A 3 -11.30 3.28 1.88
C THR A 3 -10.31 4.12 1.08
N LEU A 4 -10.29 3.91 -0.23
CA LEU A 4 -9.44 4.68 -1.11
C LEU A 4 -10.16 4.95 -2.42
N THR A 5 -9.66 5.89 -3.19
CA THR A 5 -10.36 6.33 -4.38
C THR A 5 -9.85 5.64 -5.62
N LYS A 6 -10.57 5.83 -6.73
CA LYS A 6 -10.15 5.33 -8.02
C LYS A 6 -8.77 5.86 -8.38
N LYS A 7 -8.57 7.14 -8.10
CA LYS A 7 -7.29 7.81 -8.32
C LYS A 7 -6.16 7.09 -7.57
N GLN A 8 -6.38 6.78 -6.30
CA GLN A 8 -5.37 6.11 -5.48
C GLN A 8 -5.02 4.75 -6.08
N MET A 9 -6.05 4.02 -6.51
CA MET A 9 -5.84 2.74 -7.17
C MET A 9 -5.02 2.93 -8.44
N GLU A 10 -5.38 3.94 -9.21
CA GLU A 10 -4.67 4.28 -10.43
C GLU A 10 -3.22 4.67 -10.15
N GLU A 11 -3.00 5.40 -9.06
CA GLU A 11 -1.68 5.80 -8.63
C GLU A 11 -0.82 4.60 -8.26
N MET A 12 -1.42 3.66 -7.54
CA MET A 12 -0.72 2.43 -7.16
C MET A 12 -0.50 1.54 -8.38
N LEU A 13 -1.54 1.38 -9.18
CA LEU A 13 -1.50 0.52 -10.36
C LEU A 13 -0.46 1.00 -11.37
N ALA A 14 -0.39 2.31 -11.59
CA ALA A 14 0.59 2.88 -12.51
C ALA A 14 2.00 2.57 -12.04
N HIS A 15 2.23 2.76 -10.76
CA HIS A 15 3.54 2.51 -10.16
C HIS A 15 3.88 1.02 -10.22
N ALA A 16 2.87 0.19 -10.06
CA ALA A 16 3.04 -1.26 -10.09
C ALA A 16 3.42 -1.76 -11.48
N ARG A 17 2.65 -1.36 -12.49
CA ARG A 17 2.89 -1.80 -13.87
C ARG A 17 4.22 -1.27 -14.38
N GLN A 18 4.58 -0.09 -13.92
CA GLN A 18 5.82 0.57 -14.32
C GLN A 18 7.03 -0.18 -13.76
N ALA A 19 6.83 -0.86 -12.65
CA ALA A 19 7.91 -1.55 -11.97
C ALA A 19 8.17 -2.94 -12.55
N LEU A 20 7.25 -3.41 -13.39
CA LEU A 20 7.36 -4.74 -13.99
C LEU A 20 8.67 -4.89 -14.78
N PRO A 21 9.23 -6.10 -14.83
CA PRO A 21 8.63 -7.31 -14.25
C PRO A 21 8.98 -7.51 -12.76
N ASN A 22 9.39 -6.43 -12.12
CA ASN A 22 9.68 -6.45 -10.70
C ASN A 22 8.40 -6.16 -9.93
N GLU A 23 8.54 -5.78 -8.67
CA GLU A 23 7.39 -5.38 -7.89
C GLU A 23 7.54 -3.92 -7.48
N ALA A 24 6.50 -3.35 -6.91
CA ALA A 24 6.49 -1.93 -6.60
C ALA A 24 6.43 -1.67 -5.10
N CYS A 25 7.22 -0.70 -4.65
CA CYS A 25 7.23 -0.34 -3.24
C CYS A 25 6.67 1.07 -3.08
N GLY A 26 6.13 1.32 -1.90
CA GLY A 26 5.59 2.63 -1.60
C GLY A 26 4.92 2.64 -0.25
N LEU A 27 4.45 3.80 0.17
CA LEU A 27 3.79 3.93 1.46
C LEU A 27 2.41 4.54 1.26
N LEU A 28 1.50 4.26 2.19
CA LEU A 28 0.15 4.79 2.13
C LEU A 28 -0.14 5.63 3.36
N GLY A 29 -0.56 6.86 3.14
CA GLY A 29 -0.85 7.75 4.24
C GLY A 29 -2.24 8.33 4.17
N GLY A 30 -2.75 8.76 5.30
CA GLY A 30 -4.07 9.35 5.33
C GLY A 30 -4.64 9.39 6.72
N ARG A 31 -5.85 8.87 6.86
CA ARG A 31 -6.58 8.91 8.12
C ARG A 31 -6.86 7.50 8.61
N ARG A 32 -6.70 7.26 9.90
CA ARG A 32 -7.17 6.02 10.48
C ARG A 32 -7.80 6.30 11.83
N ASP A 33 -9.05 5.90 11.98
CA ASP A 33 -9.77 6.12 13.23
C ASP A 33 -9.80 4.84 14.05
N GLY A 34 -8.83 3.97 13.79
CA GLY A 34 -8.74 2.72 14.49
C GLY A 34 -9.55 1.64 13.82
N ASP A 35 -10.84 1.87 13.77
CA ASP A 35 -11.77 0.93 13.16
C ASP A 35 -11.64 0.94 11.64
N ASP A 36 -11.54 2.14 11.07
CA ASP A 36 -11.40 2.26 9.63
C ASP A 36 -10.20 3.11 9.25
N ARG A 37 -9.78 2.93 8.01
CA ARG A 37 -8.61 3.59 7.46
C ARG A 37 -8.93 4.22 6.10
N TRP A 38 -8.59 5.48 5.94
CA TRP A 38 -8.81 6.20 4.69
C TRP A 38 -7.49 6.58 4.04
N VAL A 39 -7.32 6.19 2.78
CA VAL A 39 -6.10 6.52 2.05
C VAL A 39 -6.30 7.80 1.25
N GLU A 40 -5.82 8.91 1.79
CA GLU A 40 -6.00 10.20 1.13
C GLU A 40 -4.77 10.59 0.31
N ARG A 41 -3.66 9.88 0.51
CA ARG A 41 -2.45 10.17 -0.24
C ARG A 41 -1.59 8.92 -0.42
N VAL A 42 -1.20 8.66 -1.65
CA VAL A 42 -0.28 7.57 -1.97
C VAL A 42 1.13 8.10 -2.10
N TYR A 43 2.09 7.38 -1.52
CA TYR A 43 3.50 7.78 -1.58
C TYR A 43 4.32 6.70 -2.28
N PRO A 44 4.41 6.75 -3.61
CA PRO A 44 5.18 5.78 -4.38
C PRO A 44 6.68 6.06 -4.34
N LEU A 45 7.38 5.31 -3.49
CA LEU A 45 8.84 5.42 -3.39
C LEU A 45 9.51 4.48 -4.40
N ASN A 46 10.82 4.56 -4.48
CA ASN A 46 11.57 3.70 -5.39
C ASN A 46 11.90 2.37 -4.72
N ASN A 47 11.91 1.31 -5.51
CA ASN A 47 12.20 -0.02 -4.98
C ASN A 47 13.71 -0.24 -4.89
N LEU A 48 14.23 -0.21 -3.68
CA LEU A 48 15.67 -0.37 -3.46
C LEU A 48 16.14 -1.77 -3.77
N ASP A 49 15.36 -2.78 -3.38
CA ASP A 49 15.76 -4.16 -3.63
C ASP A 49 15.53 -4.49 -5.09
N GLN A 50 14.43 -3.98 -5.63
CA GLN A 50 14.04 -4.19 -7.02
C GLN A 50 13.80 -5.68 -7.27
N SER A 51 13.43 -6.39 -6.21
CA SER A 51 13.21 -7.82 -6.29
C SER A 51 11.76 -8.14 -5.96
N PRO A 52 11.17 -9.14 -6.65
CA PRO A 52 9.76 -9.52 -6.47
C PRO A 52 9.53 -10.33 -5.19
N GLU A 53 10.60 -10.95 -4.70
CA GLU A 53 10.52 -11.76 -3.50
C GLU A 53 10.86 -10.94 -2.27
N HIS A 54 11.13 -9.67 -2.49
CA HIS A 54 11.57 -8.76 -1.44
C HIS A 54 10.76 -7.49 -1.44
N PHE A 55 11.00 -6.65 -0.44
CA PHE A 55 10.33 -5.36 -0.32
C PHE A 55 11.15 -4.47 0.60
N SER A 56 11.88 -3.54 0.02
CA SER A 56 12.73 -2.67 0.81
C SER A 56 12.91 -1.32 0.13
N MET A 57 12.87 -0.27 0.92
CA MET A 57 13.07 1.08 0.44
C MET A 57 14.10 1.77 1.33
N ASP A 58 14.67 2.85 0.83
CA ASP A 58 15.73 3.55 1.56
C ASP A 58 15.13 4.37 2.69
N PRO A 59 15.84 4.48 3.84
CA PRO A 59 15.39 5.31 4.96
C PRO A 59 15.04 6.73 4.54
N ARG A 60 15.74 7.24 3.53
CA ARG A 60 15.50 8.58 3.02
C ARG A 60 14.17 8.64 2.28
N GLU A 61 13.82 7.56 1.60
CA GLU A 61 12.53 7.44 0.94
C GLU A 61 11.42 7.48 1.98
N GLN A 62 11.60 6.70 3.04
CA GLN A 62 10.63 6.62 4.13
C GLN A 62 10.48 7.97 4.80
N LEU A 63 11.61 8.57 5.16
CA LEU A 63 11.62 9.81 5.91
C LEU A 63 10.87 10.91 5.16
N THR A 64 11.15 11.05 3.87
CA THR A 64 10.52 12.09 3.06
C THR A 64 9.01 11.86 2.94
N ALA A 65 8.60 10.60 2.83
CA ALA A 65 7.19 10.26 2.75
C ALA A 65 6.49 10.61 4.06
N VAL A 66 7.12 10.27 5.18
CA VAL A 66 6.58 10.59 6.50
C VAL A 66 6.59 12.10 6.73
N LYS A 67 7.62 12.77 6.20
CA LYS A 67 7.74 14.21 6.30
C LYS A 67 6.53 14.92 5.68
N ASP A 68 6.13 14.47 4.50
CA ASP A 68 4.98 15.07 3.82
C ASP A 68 3.70 14.79 4.60
N MET A 69 3.59 13.57 5.09
CA MET A 69 2.43 13.18 5.91
C MET A 69 2.33 14.03 7.17
N ARG A 70 3.44 14.20 7.88
CA ARG A 70 3.46 15.02 9.10
C ARG A 70 3.13 16.48 8.78
N LYS A 71 3.56 16.91 7.60
CA LYS A 71 3.32 18.28 7.16
C LYS A 71 1.83 18.53 6.92
N ASN A 72 1.16 17.53 6.39
CA ASN A 72 -0.28 17.64 6.11
C ASN A 72 -1.12 17.22 7.32
N GLY A 73 -0.51 16.49 8.23
CA GLY A 73 -1.22 16.04 9.40
C GLY A 73 -1.79 14.63 9.24
N TRP A 74 -1.29 13.91 8.24
CA TRP A 74 -1.72 12.55 7.99
C TRP A 74 -0.91 11.57 8.82
N VAL A 75 -1.40 10.34 8.91
CA VAL A 75 -0.71 9.28 9.61
C VAL A 75 -0.32 8.17 8.65
N MET A 76 0.72 7.43 9.00
CA MET A 76 1.22 6.35 8.16
C MET A 76 0.39 5.09 8.38
N LEU A 77 -0.46 4.78 7.43
CA LEU A 77 -1.34 3.62 7.52
C LEU A 77 -0.53 2.35 7.32
N GLY A 78 0.21 2.31 6.23
CA GLY A 78 0.98 1.14 5.88
C GLY A 78 1.71 1.33 4.57
N ASN A 79 1.58 0.35 3.69
CA ASN A 79 2.28 0.39 2.42
C ASN A 79 1.60 -0.54 1.42
N PHE A 80 2.10 -0.55 0.20
CA PHE A 80 1.62 -1.46 -0.81
C PHE A 80 2.78 -2.24 -1.40
N HIS A 81 2.55 -3.52 -1.61
CA HIS A 81 3.56 -4.45 -2.07
C HIS A 81 2.99 -5.29 -3.21
N SER A 82 3.75 -5.47 -4.25
CA SER A 82 3.24 -6.09 -5.45
C SER A 82 3.91 -7.44 -5.71
N HIS A 83 3.22 -8.30 -6.44
CA HIS A 83 3.82 -9.54 -6.90
C HIS A 83 3.56 -9.71 -8.39
N PRO A 84 4.56 -10.20 -9.14
CA PRO A 84 4.43 -10.46 -10.57
C PRO A 84 4.05 -11.91 -10.89
N ALA A 85 4.80 -12.84 -10.33
CA ALA A 85 4.59 -14.26 -10.61
C ALA A 85 4.20 -15.00 -9.34
N THR A 86 3.57 -14.28 -8.42
CA THR A 86 3.11 -14.85 -7.18
C THR A 86 1.77 -14.22 -6.78
N PRO A 87 0.95 -14.93 -6.00
CA PRO A 87 -0.38 -14.45 -5.61
C PRO A 87 -0.32 -13.49 -4.43
N ALA A 88 -1.48 -13.10 -3.93
CA ALA A 88 -1.56 -12.18 -2.81
C ALA A 88 -1.48 -12.93 -1.49
N ARG A 89 -0.29 -13.43 -1.18
CA ARG A 89 -0.04 -14.10 0.10
C ARG A 89 1.32 -13.69 0.63
N PRO A 90 1.45 -13.56 1.96
CA PRO A 90 2.72 -13.20 2.59
C PRO A 90 3.70 -14.38 2.58
N SER A 91 4.93 -14.11 2.16
CA SER A 91 5.98 -15.12 2.17
C SER A 91 6.63 -15.16 3.54
N ALA A 92 7.36 -16.22 3.84
CA ALA A 92 8.02 -16.37 5.14
C ALA A 92 9.05 -15.27 5.34
N GLU A 93 9.86 -15.03 4.31
CA GLU A 93 10.88 -14.00 4.36
C GLU A 93 10.25 -12.62 4.25
N ASP A 94 9.18 -12.55 3.45
CA ASP A 94 8.46 -11.29 3.20
C ASP A 94 7.76 -10.81 4.48
N LYS A 95 7.25 -11.77 5.24
CA LYS A 95 6.52 -11.49 6.48
C LYS A 95 7.41 -10.76 7.50
N ARG A 96 8.71 -11.03 7.44
CA ARG A 96 9.68 -10.48 8.40
C ARG A 96 9.78 -8.95 8.29
N LEU A 97 9.29 -8.41 7.18
CA LEU A 97 9.38 -6.98 6.90
C LEU A 97 8.30 -6.19 7.66
N ALA A 98 7.46 -6.89 8.42
CA ALA A 98 6.42 -6.25 9.20
C ALA A 98 6.97 -5.76 10.54
N PHE A 99 7.34 -4.49 10.57
CA PHE A 99 7.90 -3.89 11.78
C PHE A 99 6.82 -3.38 12.73
N ASP A 100 5.68 -2.99 12.17
CA ASP A 100 4.55 -2.54 12.98
C ASP A 100 3.57 -3.70 13.19
N PRO A 101 2.95 -3.79 14.37
CA PRO A 101 2.11 -4.94 14.75
C PRO A 101 0.81 -5.06 13.95
N SER A 102 0.53 -4.13 13.06
CA SER A 102 -0.67 -4.22 12.25
C SER A 102 -0.43 -3.71 10.84
N LEU A 103 0.07 -2.48 10.75
CA LEU A 103 0.17 -1.76 9.48
C LEU A 103 -1.13 -1.79 8.68
N SER A 104 -1.01 -1.38 7.43
CA SER A 104 -2.00 -1.63 6.41
C SER A 104 -1.27 -2.08 5.16
N TYR A 105 -1.07 -3.38 5.05
CA TYR A 105 -0.18 -3.94 4.05
C TYR A 105 -0.98 -4.43 2.85
N LEU A 106 -1.09 -3.60 1.83
CA LEU A 106 -1.85 -3.95 0.64
C LEU A 106 -0.96 -4.71 -0.33
N ILE A 107 -1.42 -5.90 -0.72
CA ILE A 107 -0.68 -6.72 -1.67
C ILE A 107 -1.43 -6.82 -2.98
N ILE A 108 -0.76 -6.43 -4.06
CA ILE A 108 -1.35 -6.48 -5.39
C ILE A 108 -0.78 -7.66 -6.17
N SER A 109 -1.65 -8.54 -6.61
CA SER A 109 -1.25 -9.69 -7.39
C SER A 109 -1.38 -9.38 -8.87
N LEU A 110 -0.24 -9.17 -9.52
CA LEU A 110 -0.20 -8.85 -10.94
C LEU A 110 0.09 -10.10 -11.75
N ALA A 111 -0.31 -11.24 -11.20
CA ALA A 111 -0.15 -12.54 -11.87
C ALA A 111 -0.89 -12.54 -13.20
N GLU A 112 -1.90 -11.69 -13.30
CA GLU A 112 -2.60 -11.48 -14.56
C GLU A 112 -2.57 -9.98 -14.89
N PRO A 113 -2.37 -9.61 -16.16
CA PRO A 113 -2.36 -8.22 -16.58
C PRO A 113 -3.76 -7.68 -16.85
N GLN A 114 -4.67 -8.60 -17.09
CA GLN A 114 -6.05 -8.25 -17.40
C GLN A 114 -6.89 -8.15 -16.14
N LYS A 115 -6.35 -8.65 -15.04
CA LYS A 115 -7.08 -8.71 -13.79
C LYS A 115 -6.13 -8.75 -12.59
N PRO A 116 -5.69 -7.58 -12.14
CA PRO A 116 -4.83 -7.45 -10.97
C PRO A 116 -5.63 -7.56 -9.68
N VAL A 117 -5.32 -8.56 -8.86
CA VAL A 117 -6.05 -8.75 -7.61
C VAL A 117 -5.44 -7.88 -6.53
N CYS A 118 -6.27 -7.03 -5.94
CA CYS A 118 -5.81 -6.12 -4.89
C CYS A 118 -6.47 -6.44 -3.56
N LYS A 119 -5.66 -6.78 -2.56
CA LYS A 119 -6.17 -6.99 -1.21
C LYS A 119 -5.36 -6.19 -0.22
N SER A 120 -5.91 -6.07 0.98
CA SER A 120 -5.23 -5.41 2.07
C SER A 120 -5.05 -6.41 3.20
N PHE A 121 -3.87 -6.48 3.76
CA PHE A 121 -3.58 -7.46 4.79
C PHE A 121 -3.10 -6.81 6.07
N LEU A 122 -3.71 -7.21 7.16
CA LEU A 122 -3.24 -6.84 8.48
C LEU A 122 -2.30 -7.93 8.98
N ILE A 123 -1.02 -7.63 9.05
CA ILE A 123 -0.04 -8.62 9.46
C ILE A 123 0.07 -8.65 10.96
N LYS A 124 -0.39 -9.75 11.54
CA LYS A 124 -0.44 -9.90 12.98
C LYS A 124 0.49 -11.01 13.43
N LYS A 125 0.49 -11.29 14.72
CA LYS A 125 1.38 -12.28 15.30
C LYS A 125 1.02 -13.69 14.86
N ASP A 126 -0.17 -14.09 15.22
CA ASP A 126 -0.61 -15.47 15.05
C ASP A 126 -1.25 -15.71 13.69
N GLY A 127 -1.11 -14.75 12.79
CA GLY A 127 -1.63 -14.93 11.44
C GLY A 127 -1.87 -13.62 10.74
N VAL A 128 -2.54 -13.68 9.60
CA VAL A 128 -2.84 -12.50 8.82
C VAL A 128 -4.36 -12.34 8.64
N ASP A 129 -4.82 -11.10 8.67
CA ASP A 129 -6.25 -10.81 8.53
C ASP A 129 -6.45 -9.79 7.41
N GLU A 130 -7.29 -10.12 6.45
CA GLU A 130 -7.48 -9.25 5.30
C GLU A 130 -8.46 -8.12 5.59
N GLU A 131 -8.14 -6.95 5.08
CA GLU A 131 -8.97 -5.76 5.22
C GLU A 131 -9.69 -5.48 3.91
N GLU A 132 -11.00 -5.35 3.97
CA GLU A 132 -11.80 -5.11 2.78
C GLU A 132 -11.53 -3.74 2.20
N ILE A 133 -11.44 -3.67 0.88
CA ILE A 133 -11.10 -2.44 0.18
C ILE A 133 -12.32 -1.88 -0.54
N ILE A 134 -12.71 -0.68 -0.17
CA ILE A 134 -13.83 0.00 -0.81
C ILE A 134 -13.31 1.17 -1.65
N LEU A 135 -13.73 1.21 -2.90
CA LEU A 135 -13.33 2.27 -3.82
C LEU A 135 -14.32 3.42 -3.77
N LYS A 136 -13.81 4.64 -3.77
CA LYS A 136 -14.66 5.81 -3.81
C LYS A 136 -14.32 6.69 -5.00
N GLU A 137 -15.31 7.40 -5.51
CA GLU A 137 -15.14 8.27 -6.66
C GLU A 137 -14.28 9.46 -6.33
N GLU A 138 -14.33 9.84 -5.07
CA GLU A 138 -13.58 10.96 -4.56
C GLU A 138 -13.40 10.82 -3.04
N LEU A 139 -12.40 11.49 -2.49
CA LEU A 139 -12.13 11.44 -1.05
C LEU A 139 -13.24 12.09 -0.26
N GLU A 140 -13.60 11.49 0.86
CA GLU A 140 -14.60 12.07 1.74
C GLU A 140 -13.91 13.00 2.74
N HIS A 141 -14.59 14.06 3.13
CA HIS A 141 -14.06 14.98 4.11
C HIS A 141 -15.06 15.24 5.22
N HIS A 142 -14.59 15.89 6.28
CA HIS A 142 -15.38 16.12 7.48
C HIS A 142 -16.65 16.95 7.20
N HIS A 143 -17.79 16.38 7.55
CA HIS A 143 -19.04 17.11 7.60
C HIS A 143 -19.63 16.96 9.00
N HIS A 144 -19.29 17.91 9.87
CA HIS A 144 -19.60 17.76 11.30
C HIS A 144 -21.09 17.94 11.60
N HIS A 145 -21.70 16.84 12.03
CA HIS A 145 -23.05 16.82 12.58
C HIS A 145 -24.12 17.14 11.53
N HIS A 146 -25.21 16.39 11.57
CA HIS A 146 -26.39 16.72 10.79
C HIS A 146 -27.31 17.58 11.65
N MET A 1 -12.70 -1.92 7.85
CA MET A 1 -12.45 -2.01 6.40
C MET A 1 -11.49 -0.90 5.98
N ILE A 2 -10.98 -1.00 4.75
CA ILE A 2 -10.12 0.04 4.21
C ILE A 2 -10.80 0.72 3.02
N THR A 3 -10.83 2.05 3.04
CA THR A 3 -11.45 2.80 1.97
C THR A 3 -10.41 3.62 1.21
N LEU A 4 -10.39 3.46 -0.11
CA LEU A 4 -9.53 4.26 -0.96
C LEU A 4 -10.24 4.55 -2.27
N THR A 5 -9.73 5.49 -3.02
CA THR A 5 -10.41 5.94 -4.22
C THR A 5 -9.84 5.26 -5.46
N LYS A 6 -10.58 5.34 -6.56
CA LYS A 6 -10.16 4.75 -7.83
C LYS A 6 -8.80 5.28 -8.24
N LYS A 7 -8.63 6.59 -8.10
CA LYS A 7 -7.41 7.27 -8.48
C LYS A 7 -6.21 6.75 -7.68
N GLN A 8 -6.42 6.47 -6.39
CA GLN A 8 -5.37 5.93 -5.53
C GLN A 8 -4.97 4.54 -6.01
N MET A 9 -5.97 3.75 -6.39
CA MET A 9 -5.73 2.42 -6.92
C MET A 9 -4.95 2.53 -8.22
N GLU A 10 -5.41 3.41 -9.11
CA GLU A 10 -4.75 3.67 -10.37
C GLU A 10 -3.30 4.10 -10.15
N GLU A 11 -3.07 4.89 -9.11
CA GLU A 11 -1.73 5.36 -8.75
C GLU A 11 -0.83 4.20 -8.33
N MET A 12 -1.35 3.31 -7.50
CA MET A 12 -0.60 2.14 -7.08
C MET A 12 -0.39 1.19 -8.25
N LEU A 13 -1.43 1.05 -9.08
CA LEU A 13 -1.37 0.21 -10.27
C LEU A 13 -0.32 0.72 -11.25
N ALA A 14 -0.28 2.03 -11.43
CA ALA A 14 0.69 2.66 -12.34
C ALA A 14 2.12 2.34 -11.91
N HIS A 15 2.39 2.48 -10.61
CA HIS A 15 3.72 2.18 -10.07
C HIS A 15 4.02 0.69 -10.21
N ALA A 16 3.04 -0.14 -9.93
CA ALA A 16 3.20 -1.59 -9.99
C ALA A 16 3.49 -2.06 -11.41
N ARG A 17 2.67 -1.65 -12.36
CA ARG A 17 2.80 -2.09 -13.74
C ARG A 17 4.11 -1.60 -14.35
N GLN A 18 4.54 -0.41 -13.93
CA GLN A 18 5.78 0.18 -14.42
C GLN A 18 6.99 -0.52 -13.84
N ALA A 19 6.86 -1.00 -12.61
CA ALA A 19 7.97 -1.66 -11.92
C ALA A 19 8.22 -3.08 -12.42
N LEU A 20 7.21 -3.67 -13.05
CA LEU A 20 7.31 -5.02 -13.59
C LEU A 20 8.52 -5.16 -14.52
N PRO A 21 9.15 -6.34 -14.57
CA PRO A 21 8.69 -7.54 -13.87
C PRO A 21 9.23 -7.66 -12.45
N ASN A 22 9.59 -6.54 -11.85
CA ASN A 22 10.04 -6.51 -10.47
C ASN A 22 8.84 -6.34 -9.55
N GLU A 23 9.08 -6.05 -8.29
CA GLU A 23 8.01 -5.77 -7.36
C GLU A 23 7.85 -4.26 -7.22
N ALA A 24 6.75 -3.83 -6.65
CA ALA A 24 6.49 -2.41 -6.49
C ALA A 24 6.04 -2.08 -5.08
N CYS A 25 6.88 -1.36 -4.36
CA CYS A 25 6.57 -0.96 -3.00
C CYS A 25 6.44 0.54 -2.87
N GLY A 26 5.93 0.98 -1.73
CA GLY A 26 5.75 2.39 -1.47
C GLY A 26 5.11 2.59 -0.11
N LEU A 27 4.59 3.78 0.13
CA LEU A 27 3.96 4.08 1.40
C LEU A 27 2.53 4.54 1.20
N LEU A 28 1.70 4.31 2.21
CA LEU A 28 0.30 4.69 2.17
C LEU A 28 0.02 5.75 3.23
N GLY A 29 -0.59 6.84 2.81
CA GLY A 29 -0.89 7.91 3.74
C GLY A 29 -2.36 8.23 3.76
N GLY A 30 -2.87 8.55 4.94
CA GLY A 30 -4.25 8.89 5.07
C GLY A 30 -4.66 9.02 6.51
N ARG A 31 -5.94 8.89 6.77
CA ARG A 31 -6.45 9.02 8.12
C ARG A 31 -7.04 7.71 8.62
N ARG A 32 -6.70 7.35 9.83
CA ARG A 32 -7.41 6.34 10.54
C ARG A 32 -8.12 7.02 11.69
N ASP A 33 -9.44 6.90 11.73
CA ASP A 33 -10.22 7.71 12.64
C ASP A 33 -11.09 6.83 13.52
N GLY A 34 -10.45 5.83 14.12
CA GLY A 34 -11.18 4.89 14.93
C GLY A 34 -12.01 3.96 14.09
N ASP A 35 -11.46 2.79 13.80
CA ASP A 35 -12.12 1.73 13.04
C ASP A 35 -12.12 2.04 11.53
N ASP A 36 -12.35 3.30 11.17
CA ASP A 36 -12.35 3.68 9.76
C ASP A 36 -10.96 4.09 9.32
N ARG A 37 -10.65 3.67 8.12
CA ARG A 37 -9.34 3.87 7.52
C ARG A 37 -9.51 4.40 6.08
N TRP A 38 -9.01 5.59 5.81
CA TRP A 38 -9.10 6.15 4.47
C TRP A 38 -7.71 6.44 3.91
N VAL A 39 -7.42 5.87 2.74
CA VAL A 39 -6.17 6.15 2.05
C VAL A 39 -6.36 7.37 1.16
N GLU A 40 -5.95 8.52 1.67
CA GLU A 40 -6.23 9.78 0.99
C GLU A 40 -5.03 10.28 0.20
N ARG A 41 -3.87 9.65 0.40
CA ARG A 41 -2.68 9.98 -0.39
C ARG A 41 -1.80 8.75 -0.54
N VAL A 42 -1.09 8.67 -1.65
CA VAL A 42 -0.26 7.53 -1.96
C VAL A 42 1.17 7.98 -2.29
N TYR A 43 2.14 7.26 -1.77
CA TYR A 43 3.54 7.56 -2.04
C TYR A 43 4.25 6.38 -2.69
N PRO A 44 4.20 6.29 -4.03
CA PRO A 44 4.96 5.28 -4.77
C PRO A 44 6.45 5.53 -4.63
N LEU A 45 7.09 4.79 -3.73
CA LEU A 45 8.46 5.07 -3.37
C LEU A 45 9.44 4.34 -4.29
N ASN A 46 10.72 4.62 -4.12
CA ASN A 46 11.77 4.07 -4.97
C ASN A 46 12.20 2.71 -4.48
N ASN A 47 12.48 1.83 -5.43
CA ASN A 47 12.99 0.49 -5.13
C ASN A 47 14.51 0.53 -5.05
N LEU A 48 15.04 0.57 -3.83
CA LEU A 48 16.48 0.60 -3.61
C LEU A 48 17.13 -0.66 -4.15
N ASP A 49 16.43 -1.78 -4.03
CA ASP A 49 16.87 -3.01 -4.67
C ASP A 49 16.03 -3.28 -5.91
N GLN A 50 16.67 -3.22 -7.06
CA GLN A 50 16.01 -3.47 -8.33
C GLN A 50 15.84 -4.97 -8.57
N SER A 51 15.37 -5.66 -7.54
CA SER A 51 15.19 -7.10 -7.60
C SER A 51 14.03 -7.51 -6.68
N PRO A 52 13.24 -8.52 -7.09
CA PRO A 52 12.07 -8.97 -6.32
C PRO A 52 12.48 -9.87 -5.15
N GLU A 53 13.77 -10.06 -4.98
CA GLU A 53 14.29 -10.90 -3.91
C GLU A 53 14.58 -10.08 -2.67
N HIS A 54 14.75 -8.77 -2.86
CA HIS A 54 15.10 -7.88 -1.77
C HIS A 54 14.04 -6.82 -1.60
N PHE A 55 13.84 -6.39 -0.36
CA PHE A 55 12.89 -5.32 -0.08
C PHE A 55 13.60 -4.23 0.72
N SER A 56 13.83 -3.10 0.07
CA SER A 56 14.51 -1.99 0.72
C SER A 56 13.94 -0.66 0.28
N MET A 57 13.55 0.14 1.27
CA MET A 57 13.16 1.52 1.04
C MET A 57 14.11 2.39 1.85
N ASP A 58 14.62 3.45 1.25
CA ASP A 58 15.66 4.23 1.90
C ASP A 58 15.08 5.12 2.99
N PRO A 59 15.81 5.25 4.13
CA PRO A 59 15.38 6.07 5.25
C PRO A 59 15.12 7.52 4.88
N ARG A 60 15.96 8.09 4.00
CA ARG A 60 15.85 9.50 3.67
C ARG A 60 14.63 9.74 2.78
N GLU A 61 14.35 8.79 1.89
CA GLU A 61 13.21 8.90 1.01
C GLU A 61 11.91 8.68 1.77
N GLN A 62 11.93 7.77 2.74
CA GLN A 62 10.76 7.52 3.57
C GLN A 62 10.48 8.73 4.46
N LEU A 63 11.52 9.22 5.12
CA LEU A 63 11.40 10.30 6.07
C LEU A 63 10.79 11.55 5.43
N THR A 64 11.29 11.89 4.25
CA THR A 64 10.82 13.07 3.53
C THR A 64 9.33 12.95 3.16
N ALA A 65 8.91 11.73 2.83
CA ALA A 65 7.51 11.49 2.49
C ALA A 65 6.62 11.68 3.71
N VAL A 66 7.08 11.16 4.85
CA VAL A 66 6.36 11.33 6.10
C VAL A 66 6.37 12.80 6.53
N LYS A 67 7.47 13.47 6.21
CA LYS A 67 7.61 14.89 6.52
C LYS A 67 6.50 15.72 5.89
N ASP A 68 6.15 15.41 4.65
CA ASP A 68 5.05 16.10 3.99
C ASP A 68 3.72 15.63 4.55
N MET A 69 3.64 14.33 4.79
CA MET A 69 2.43 13.67 5.27
C MET A 69 1.96 14.27 6.60
N ARG A 70 2.90 14.43 7.52
CA ARG A 70 2.61 14.96 8.85
C ARG A 70 2.10 16.40 8.78
N LYS A 71 2.49 17.11 7.73
CA LYS A 71 2.15 18.51 7.56
C LYS A 71 0.64 18.71 7.43
N ASN A 72 0.00 17.82 6.70
CA ASN A 72 -1.44 17.92 6.45
C ASN A 72 -2.24 17.16 7.50
N GLY A 73 -1.56 16.66 8.51
CA GLY A 73 -2.24 15.93 9.57
C GLY A 73 -2.64 14.54 9.15
N TRP A 74 -1.87 13.95 8.26
CA TRP A 74 -2.09 12.56 7.86
C TRP A 74 -1.07 11.65 8.54
N VAL A 75 -1.33 10.36 8.52
CA VAL A 75 -0.45 9.38 9.13
C VAL A 75 -0.19 8.24 8.17
N MET A 76 0.84 7.46 8.46
CA MET A 76 1.20 6.32 7.64
C MET A 76 0.27 5.14 7.94
N LEU A 77 -0.45 4.70 6.93
CA LEU A 77 -1.39 3.59 7.09
C LEU A 77 -0.72 2.27 6.78
N GLY A 78 0.57 2.33 6.50
CA GLY A 78 1.33 1.14 6.21
C GLY A 78 1.99 1.24 4.86
N ASN A 79 2.32 0.10 4.28
CA ASN A 79 2.95 0.06 2.97
C ASN A 79 2.38 -1.08 2.14
N PHE A 80 2.64 -1.05 0.85
CA PHE A 80 2.10 -2.06 -0.05
C PHE A 80 3.22 -2.78 -0.77
N HIS A 81 3.00 -4.06 -1.04
CA HIS A 81 3.95 -4.88 -1.78
C HIS A 81 3.28 -5.40 -3.04
N SER A 82 4.03 -5.50 -4.11
CA SER A 82 3.47 -6.02 -5.35
C SER A 82 4.19 -7.31 -5.75
N HIS A 83 3.44 -8.29 -6.21
CA HIS A 83 4.04 -9.53 -6.69
C HIS A 83 3.90 -9.59 -8.21
N PRO A 84 4.93 -10.07 -8.92
CA PRO A 84 4.92 -10.11 -10.38
C PRO A 84 4.23 -11.36 -10.93
N ALA A 85 4.68 -12.53 -10.51
CA ALA A 85 4.15 -13.78 -11.01
C ALA A 85 3.66 -14.65 -9.87
N THR A 86 3.27 -14.01 -8.78
CA THR A 86 2.77 -14.70 -7.62
C THR A 86 1.48 -14.04 -7.12
N PRO A 87 0.61 -14.83 -6.44
CA PRO A 87 -0.71 -14.35 -6.00
C PRO A 87 -0.62 -13.28 -4.90
N ALA A 88 -1.77 -12.70 -4.58
CA ALA A 88 -1.85 -11.70 -3.54
C ALA A 88 -2.08 -12.37 -2.19
N ARG A 89 -0.99 -12.73 -1.54
CA ARG A 89 -1.05 -13.39 -0.25
C ARG A 89 0.31 -13.21 0.43
N PRO A 90 0.33 -13.01 1.76
CA PRO A 90 1.58 -12.83 2.50
C PRO A 90 2.49 -14.06 2.41
N SER A 91 3.61 -13.90 1.74
CA SER A 91 4.58 -14.97 1.60
C SER A 91 5.39 -15.07 2.89
N ALA A 92 6.19 -16.13 3.01
CA ALA A 92 7.11 -16.26 4.13
C ALA A 92 8.03 -15.05 4.20
N GLU A 93 8.44 -14.58 3.02
CA GLU A 93 9.28 -13.39 2.91
C GLU A 93 8.53 -12.17 3.43
N ASP A 94 7.28 -12.00 2.98
CA ASP A 94 6.45 -10.86 3.38
C ASP A 94 6.20 -10.87 4.88
N LYS A 95 6.02 -12.05 5.45
CA LYS A 95 5.75 -12.20 6.87
C LYS A 95 6.96 -11.79 7.71
N ARG A 96 8.15 -12.10 7.21
CA ARG A 96 9.38 -11.72 7.90
C ARG A 96 9.69 -10.24 7.70
N LEU A 97 9.07 -9.66 6.69
CA LEU A 97 9.25 -8.24 6.40
C LEU A 97 8.12 -7.43 7.04
N ALA A 98 7.40 -8.04 7.95
CA ALA A 98 6.32 -7.38 8.66
C ALA A 98 6.82 -6.77 9.94
N PHE A 99 7.08 -5.47 9.89
CA PHE A 99 7.57 -4.75 11.04
C PHE A 99 6.45 -3.96 11.69
N ASP A 100 5.31 -3.90 11.00
CA ASP A 100 4.16 -3.15 11.47
C ASP A 100 2.96 -4.08 11.67
N PRO A 101 2.89 -4.77 12.82
CA PRO A 101 1.79 -5.70 13.12
C PRO A 101 0.47 -4.98 13.37
N SER A 102 0.54 -3.69 13.69
CA SER A 102 -0.65 -2.92 14.00
C SER A 102 -1.16 -2.21 12.75
N LEU A 103 -0.35 -2.22 11.70
CA LEU A 103 -0.72 -1.59 10.44
C LEU A 103 -1.14 -2.66 9.42
N SER A 104 -1.35 -2.24 8.18
CA SER A 104 -1.80 -3.16 7.16
C SER A 104 -0.83 -3.20 5.99
N TYR A 105 -0.56 -4.41 5.52
CA TYR A 105 0.28 -4.60 4.35
C TYR A 105 -0.58 -4.99 3.16
N LEU A 106 -0.71 -4.09 2.21
CA LEU A 106 -1.49 -4.37 1.02
C LEU A 106 -0.63 -5.08 0.00
N ILE A 107 -1.18 -6.07 -0.66
CA ILE A 107 -0.45 -6.82 -1.66
C ILE A 107 -1.17 -6.78 -2.99
N ILE A 108 -0.46 -6.32 -4.01
CA ILE A 108 -1.01 -6.26 -5.35
C ILE A 108 -0.41 -7.38 -6.20
N SER A 109 -1.27 -8.19 -6.80
CA SER A 109 -0.81 -9.28 -7.63
C SER A 109 -0.92 -8.90 -9.11
N LEU A 110 0.21 -8.90 -9.79
CA LEU A 110 0.25 -8.63 -11.22
C LEU A 110 0.32 -9.94 -12.01
N ALA A 111 0.05 -11.04 -11.32
CA ALA A 111 0.04 -12.37 -11.93
C ALA A 111 -1.00 -12.44 -13.05
N GLU A 112 -2.05 -11.63 -12.89
CA GLU A 112 -3.07 -11.49 -13.90
C GLU A 112 -3.14 -10.03 -14.33
N PRO A 113 -2.32 -9.64 -15.33
CA PRO A 113 -2.13 -8.23 -15.72
C PRO A 113 -3.40 -7.53 -16.18
N GLN A 114 -4.41 -8.31 -16.52
CA GLN A 114 -5.68 -7.75 -16.95
C GLN A 114 -6.59 -7.52 -15.75
N LYS A 115 -6.31 -8.21 -14.65
CA LYS A 115 -7.11 -8.10 -13.45
C LYS A 115 -6.21 -8.22 -12.22
N PRO A 116 -5.54 -7.12 -11.84
CA PRO A 116 -4.65 -7.11 -10.68
C PRO A 116 -5.42 -7.28 -9.37
N VAL A 117 -4.97 -8.20 -8.54
CA VAL A 117 -5.64 -8.45 -7.27
C VAL A 117 -5.07 -7.51 -6.20
N CYS A 118 -5.95 -6.69 -5.64
CA CYS A 118 -5.57 -5.76 -4.59
C CYS A 118 -6.34 -6.06 -3.30
N LYS A 119 -5.64 -6.42 -2.23
CA LYS A 119 -6.30 -6.64 -0.94
C LYS A 119 -5.42 -6.15 0.20
N SER A 120 -6.04 -5.92 1.34
CA SER A 120 -5.32 -5.47 2.52
C SER A 120 -5.12 -6.64 3.48
N PHE A 121 -3.90 -6.84 3.92
CA PHE A 121 -3.59 -7.94 4.81
C PHE A 121 -3.00 -7.45 6.11
N LEU A 122 -3.55 -7.92 7.21
CA LEU A 122 -3.01 -7.63 8.52
C LEU A 122 -2.07 -8.74 8.93
N ILE A 123 -0.78 -8.48 8.91
CA ILE A 123 0.19 -9.46 9.33
C ILE A 123 0.40 -9.32 10.83
N LYS A 124 -0.11 -10.29 11.57
CA LYS A 124 -0.15 -10.22 13.01
C LYS A 124 0.86 -11.16 13.65
N LYS A 125 0.74 -11.31 14.96
CA LYS A 125 1.58 -12.19 15.75
C LYS A 125 1.42 -13.63 15.28
N ASP A 126 0.18 -14.07 15.27
CA ASP A 126 -0.16 -15.44 14.93
C ASP A 126 -0.08 -15.67 13.42
N GLY A 127 -0.98 -15.04 12.68
CA GLY A 127 -0.99 -15.22 11.24
C GLY A 127 -1.39 -13.95 10.53
N VAL A 128 -2.15 -14.08 9.45
CA VAL A 128 -2.61 -12.93 8.71
C VAL A 128 -4.13 -12.81 8.77
N ASP A 129 -4.62 -11.59 8.85
CA ASP A 129 -6.05 -11.33 8.82
C ASP A 129 -6.38 -10.49 7.59
N GLU A 130 -7.31 -10.98 6.78
CA GLU A 130 -7.59 -10.36 5.50
C GLU A 130 -8.64 -9.25 5.63
N GLU A 131 -8.34 -8.09 5.06
CA GLU A 131 -9.25 -6.96 5.07
C GLU A 131 -9.65 -6.61 3.64
N GLU A 132 -10.93 -6.33 3.43
CA GLU A 132 -11.44 -6.01 2.10
C GLU A 132 -11.39 -4.51 1.86
N ILE A 133 -11.34 -4.13 0.58
CA ILE A 133 -11.16 -2.74 0.21
C ILE A 133 -12.43 -2.17 -0.42
N ILE A 134 -12.86 -1.02 0.07
CA ILE A 134 -14.00 -0.32 -0.49
C ILE A 134 -13.52 0.81 -1.39
N LEU A 135 -13.95 0.79 -2.64
CA LEU A 135 -13.47 1.77 -3.62
C LEU A 135 -14.42 2.96 -3.73
N LYS A 136 -13.85 4.15 -3.61
CA LYS A 136 -14.59 5.39 -3.82
C LYS A 136 -14.48 5.81 -5.28
N GLU A 137 -15.58 6.34 -5.82
CA GLU A 137 -15.65 6.72 -7.23
C GLU A 137 -14.74 7.90 -7.54
N GLU A 138 -14.55 8.71 -6.51
CA GLU A 138 -13.76 9.92 -6.61
C GLU A 138 -13.18 10.24 -5.23
N LEU A 139 -12.37 11.29 -5.13
CA LEU A 139 -11.80 11.69 -3.85
C LEU A 139 -12.89 12.17 -2.90
N GLU A 140 -12.70 11.91 -1.62
CA GLU A 140 -13.67 12.27 -0.61
C GLU A 140 -13.35 13.64 -0.02
N HIS A 141 -14.37 14.33 0.45
CA HIS A 141 -14.22 15.67 0.98
C HIS A 141 -14.14 15.67 2.50
N HIS A 142 -13.30 16.54 3.05
CA HIS A 142 -13.19 16.70 4.50
C HIS A 142 -14.17 17.75 4.99
N HIS A 143 -14.22 18.86 4.28
CA HIS A 143 -15.20 19.90 4.55
C HIS A 143 -15.92 20.25 3.25
N HIS A 144 -17.13 20.80 3.37
CA HIS A 144 -17.94 21.09 2.21
C HIS A 144 -18.92 22.22 2.49
N HIS A 145 -19.13 23.06 1.50
CA HIS A 145 -20.12 24.13 1.58
C HIS A 145 -21.06 24.08 0.39
N HIS A 146 -20.47 24.11 -0.81
CA HIS A 146 -21.25 24.17 -2.06
C HIS A 146 -22.13 25.41 -2.08
N MET A 1 -11.96 -0.89 8.81
CA MET A 1 -11.85 -1.23 7.36
C MET A 1 -10.96 -0.22 6.65
N ILE A 2 -10.65 -0.46 5.39
CA ILE A 2 -9.81 0.45 4.63
C ILE A 2 -10.57 1.01 3.42
N THR A 3 -10.46 2.30 3.21
CA THR A 3 -11.14 2.96 2.11
C THR A 3 -10.14 3.74 1.25
N LEU A 4 -10.14 3.47 -0.05
CA LEU A 4 -9.30 4.21 -0.97
C LEU A 4 -10.06 4.50 -2.25
N THR A 5 -9.54 5.42 -3.05
CA THR A 5 -10.24 5.86 -4.24
C THR A 5 -9.70 5.17 -5.49
N LYS A 6 -10.38 5.39 -6.61
CA LYS A 6 -9.95 4.86 -7.89
C LYS A 6 -8.55 5.34 -8.23
N LYS A 7 -8.30 6.62 -7.98
CA LYS A 7 -7.02 7.24 -8.25
C LYS A 7 -5.90 6.55 -7.46
N GLN A 8 -6.19 6.14 -6.23
CA GLN A 8 -5.21 5.43 -5.41
C GLN A 8 -4.90 4.08 -6.03
N MET A 9 -5.94 3.38 -6.48
CA MET A 9 -5.77 2.11 -7.16
C MET A 9 -4.89 2.29 -8.39
N GLU A 10 -5.18 3.32 -9.17
CA GLU A 10 -4.42 3.66 -10.35
C GLU A 10 -2.98 4.02 -10.00
N GLU A 11 -2.79 4.66 -8.84
CA GLU A 11 -1.46 5.01 -8.37
C GLU A 11 -0.65 3.77 -8.03
N MET A 12 -1.27 2.83 -7.32
CA MET A 12 -0.63 1.58 -6.97
C MET A 12 -0.34 0.77 -8.23
N LEU A 13 -1.30 0.75 -9.14
CA LEU A 13 -1.15 0.05 -10.41
C LEU A 13 0.00 0.63 -11.22
N ALA A 14 0.11 1.94 -11.24
CA ALA A 14 1.17 2.62 -11.99
C ALA A 14 2.55 2.25 -11.44
N HIS A 15 2.66 2.19 -10.12
CA HIS A 15 3.93 1.84 -9.49
C HIS A 15 4.26 0.36 -9.72
N ALA A 16 3.25 -0.48 -9.66
CA ALA A 16 3.43 -1.91 -9.87
C ALA A 16 3.97 -2.21 -11.27
N ARG A 17 3.29 -1.66 -12.28
CA ARG A 17 3.70 -1.87 -13.68
C ARG A 17 5.06 -1.24 -13.95
N GLN A 18 5.35 -0.15 -13.25
CA GLN A 18 6.61 0.56 -13.36
C GLN A 18 7.81 -0.34 -13.04
N ALA A 19 7.70 -1.09 -11.96
CA ALA A 19 8.82 -1.86 -11.44
C ALA A 19 8.94 -3.24 -12.08
N LEU A 20 7.96 -3.61 -12.91
CA LEU A 20 7.95 -4.93 -13.55
C LEU A 20 9.22 -5.17 -14.35
N PRO A 21 9.73 -6.43 -14.34
CA PRO A 21 9.12 -7.54 -13.64
C PRO A 21 9.69 -7.77 -12.24
N ASN A 22 10.25 -6.73 -11.64
CA ASN A 22 10.79 -6.82 -10.29
C ASN A 22 9.68 -6.53 -9.30
N GLU A 23 10.02 -6.46 -8.02
CA GLU A 23 9.03 -6.15 -7.00
C GLU A 23 8.97 -4.64 -6.77
N ALA A 24 7.80 -4.15 -6.40
CA ALA A 24 7.61 -2.73 -6.17
C ALA A 24 7.22 -2.45 -4.73
N CYS A 25 7.94 -1.55 -4.09
CA CYS A 25 7.65 -1.15 -2.73
C CYS A 25 7.27 0.33 -2.67
N GLY A 26 6.46 0.69 -1.69
CA GLY A 26 6.06 2.07 -1.50
C GLY A 26 5.34 2.27 -0.19
N LEU A 27 4.80 3.47 0.02
CA LEU A 27 4.10 3.77 1.26
C LEU A 27 2.68 4.26 0.96
N LEU A 28 1.81 4.15 1.96
CA LEU A 28 0.43 4.60 1.83
C LEU A 28 0.11 5.63 2.90
N GLY A 29 -0.50 6.73 2.49
CA GLY A 29 -0.79 7.79 3.41
C GLY A 29 -2.27 8.17 3.43
N GLY A 30 -2.69 8.73 4.54
CA GLY A 30 -4.07 9.13 4.70
C GLY A 30 -4.40 9.37 6.15
N ARG A 31 -5.64 9.15 6.54
CA ARG A 31 -6.01 9.30 7.93
C ARG A 31 -6.69 8.04 8.46
N ARG A 32 -6.42 7.72 9.71
CA ARG A 32 -7.05 6.61 10.37
C ARG A 32 -7.84 7.12 11.58
N ASP A 33 -9.08 6.69 11.69
CA ASP A 33 -9.93 7.11 12.80
C ASP A 33 -10.01 5.99 13.82
N GLY A 34 -8.97 5.19 13.85
CA GLY A 34 -8.94 4.01 14.67
C GLY A 34 -8.61 2.80 13.85
N ASP A 35 -9.60 1.95 13.61
CA ASP A 35 -9.41 0.76 12.80
C ASP A 35 -9.86 1.01 11.37
N ASP A 36 -10.37 2.22 11.13
CA ASP A 36 -10.73 2.61 9.78
C ASP A 36 -9.72 3.59 9.23
N ARG A 37 -9.37 3.36 8.01
CA ARG A 37 -8.27 4.06 7.35
C ARG A 37 -8.68 4.57 5.97
N TRP A 38 -8.51 5.85 5.72
CA TRP A 38 -8.79 6.42 4.42
C TRP A 38 -7.48 6.78 3.72
N VAL A 39 -7.24 6.18 2.57
CA VAL A 39 -6.02 6.40 1.82
C VAL A 39 -6.21 7.54 0.82
N GLU A 40 -5.66 8.69 1.13
CA GLU A 40 -5.77 9.86 0.25
C GLU A 40 -4.46 10.12 -0.49
N ARG A 41 -3.38 9.50 -0.03
CA ARG A 41 -2.08 9.74 -0.64
C ARG A 41 -1.34 8.42 -0.86
N VAL A 42 -0.74 8.26 -2.03
CA VAL A 42 0.08 7.10 -2.33
C VAL A 42 1.52 7.56 -2.57
N TYR A 43 2.48 6.82 -2.03
CA TYR A 43 3.88 7.17 -2.20
C TYR A 43 4.66 6.07 -2.91
N PRO A 44 4.69 6.12 -4.26
CA PRO A 44 5.50 5.21 -5.04
C PRO A 44 6.99 5.50 -4.87
N LEU A 45 7.55 4.95 -3.81
CA LEU A 45 8.96 5.17 -3.49
C LEU A 45 9.86 4.28 -4.33
N ASN A 46 11.15 4.34 -4.08
CA ASN A 46 12.12 3.61 -4.88
C ASN A 46 12.50 2.30 -4.20
N ASN A 47 12.76 1.28 -4.99
CA ASN A 47 13.24 0.02 -4.47
C ASN A 47 14.74 -0.07 -4.68
N LEU A 48 15.48 -0.14 -3.58
CA LEU A 48 16.94 -0.20 -3.62
C LEU A 48 17.41 -1.54 -4.19
N ASP A 49 16.51 -2.50 -4.25
CA ASP A 49 16.84 -3.82 -4.76
C ASP A 49 16.40 -3.98 -6.20
N GLN A 50 16.95 -4.99 -6.85
CA GLN A 50 16.53 -5.40 -8.18
C GLN A 50 16.36 -6.91 -8.18
N SER A 51 15.28 -7.36 -7.58
CA SER A 51 15.09 -8.76 -7.29
C SER A 51 13.73 -9.23 -7.79
N PRO A 52 13.50 -10.55 -7.84
CA PRO A 52 12.18 -11.11 -8.10
C PRO A 52 11.42 -11.44 -6.81
N GLU A 53 11.99 -11.07 -5.66
CA GLU A 53 11.45 -11.50 -4.36
C GLU A 53 11.60 -10.42 -3.29
N HIS A 54 12.79 -9.85 -3.15
CA HIS A 54 13.09 -8.97 -2.01
C HIS A 54 13.20 -7.51 -2.43
N PHE A 55 12.56 -6.67 -1.65
CA PHE A 55 12.58 -5.24 -1.88
C PHE A 55 13.19 -4.53 -0.68
N SER A 56 13.86 -3.42 -0.92
CA SER A 56 14.48 -2.65 0.13
C SER A 56 14.17 -1.17 -0.02
N MET A 57 13.89 -0.52 1.09
CA MET A 57 13.55 0.89 1.10
C MET A 57 14.54 1.66 1.94
N ASP A 58 14.73 2.93 1.65
CA ASP A 58 15.65 3.75 2.44
C ASP A 58 14.86 4.54 3.48
N PRO A 59 15.42 4.70 4.68
CA PRO A 59 14.77 5.44 5.77
C PRO A 59 14.46 6.89 5.41
N ARG A 60 15.28 7.46 4.51
CA ARG A 60 15.12 8.87 4.16
C ARG A 60 13.85 9.09 3.34
N GLU A 61 13.59 8.22 2.36
CA GLU A 61 12.43 8.37 1.52
C GLU A 61 11.16 8.07 2.30
N GLN A 62 11.26 7.13 3.23
CA GLN A 62 10.15 6.83 4.14
C GLN A 62 9.80 8.07 4.95
N LEU A 63 10.82 8.68 5.53
CA LEU A 63 10.65 9.89 6.35
C LEU A 63 10.11 11.04 5.50
N THR A 64 10.63 11.16 4.28
CA THR A 64 10.21 12.22 3.36
C THR A 64 8.70 12.14 3.09
N ALA A 65 8.19 10.92 3.00
CA ALA A 65 6.77 10.70 2.76
C ALA A 65 5.94 11.13 3.97
N VAL A 66 6.40 10.75 5.15
CA VAL A 66 5.72 11.12 6.39
C VAL A 66 5.81 12.62 6.62
N LYS A 67 6.93 13.19 6.20
CA LYS A 67 7.19 14.62 6.33
C LYS A 67 6.12 15.44 5.60
N ASP A 68 5.80 15.03 4.38
CA ASP A 68 4.77 15.71 3.59
C ASP A 68 3.40 15.50 4.22
N MET A 69 3.16 14.27 4.65
CA MET A 69 1.86 13.90 5.22
C MET A 69 1.58 14.64 6.52
N ARG A 70 2.53 14.64 7.44
CA ARG A 70 2.31 15.23 8.76
C ARG A 70 2.13 16.74 8.65
N LYS A 71 2.68 17.30 7.58
CA LYS A 71 2.53 18.71 7.29
C LYS A 71 1.08 19.05 6.94
N ASN A 72 0.44 18.15 6.20
CA ASN A 72 -0.94 18.36 5.76
C ASN A 72 -1.93 17.80 6.79
N GLY A 73 -1.48 16.89 7.63
CA GLY A 73 -2.34 16.32 8.65
C GLY A 73 -2.60 14.84 8.45
N TRP A 74 -1.88 14.24 7.53
CA TRP A 74 -2.01 12.80 7.26
C TRP A 74 -1.05 12.01 8.12
N VAL A 75 -1.29 10.71 8.21
CA VAL A 75 -0.45 9.81 8.96
C VAL A 75 -0.03 8.64 8.07
N MET A 76 1.06 7.98 8.43
CA MET A 76 1.52 6.82 7.68
C MET A 76 0.67 5.61 8.03
N LEU A 77 -0.21 5.24 7.11
CA LEU A 77 -1.10 4.11 7.32
C LEU A 77 -0.34 2.80 7.24
N GLY A 78 0.61 2.75 6.32
CA GLY A 78 1.41 1.56 6.13
C GLY A 78 2.14 1.58 4.82
N ASN A 79 2.23 0.44 4.16
CA ASN A 79 2.93 0.35 2.89
C ASN A 79 2.19 -0.58 1.95
N PHE A 80 2.67 -0.66 0.72
CA PHE A 80 2.09 -1.54 -0.27
C PHE A 80 3.19 -2.14 -1.13
N HIS A 81 2.96 -3.33 -1.64
CA HIS A 81 3.90 -3.95 -2.54
C HIS A 81 3.19 -4.98 -3.41
N SER A 82 3.70 -5.17 -4.61
CA SER A 82 3.07 -6.02 -5.59
C SER A 82 3.91 -7.25 -5.86
N HIS A 83 3.27 -8.32 -6.31
CA HIS A 83 3.99 -9.49 -6.74
C HIS A 83 4.03 -9.52 -8.27
N PRO A 84 5.17 -9.92 -8.85
CA PRO A 84 5.32 -9.99 -10.32
C PRO A 84 4.42 -11.05 -10.95
N ALA A 85 4.55 -12.28 -10.49
CA ALA A 85 3.77 -13.39 -11.03
C ALA A 85 3.30 -14.29 -9.89
N THR A 86 2.47 -13.72 -9.02
CA THR A 86 1.94 -14.45 -7.87
C THR A 86 0.67 -13.77 -7.37
N PRO A 87 -0.24 -14.52 -6.71
CA PRO A 87 -1.52 -13.99 -6.24
C PRO A 87 -1.38 -12.94 -5.14
N ALA A 88 -2.49 -12.29 -4.83
CA ALA A 88 -2.51 -11.26 -3.81
C ALA A 88 -2.68 -11.87 -2.42
N ARG A 89 -1.58 -12.35 -1.85
CA ARG A 89 -1.57 -12.89 -0.51
C ARG A 89 -0.13 -12.91 -0.01
N PRO A 90 0.10 -12.65 1.28
CA PRO A 90 1.44 -12.61 1.85
C PRO A 90 2.05 -14.00 2.03
N SER A 91 3.25 -14.19 1.51
CA SER A 91 3.98 -15.44 1.68
C SER A 91 4.92 -15.32 2.88
N ALA A 92 5.73 -16.35 3.10
CA ALA A 92 6.71 -16.34 4.19
C ALA A 92 7.62 -15.12 4.11
N GLU A 93 8.01 -14.75 2.88
CA GLU A 93 8.86 -13.59 2.68
C GLU A 93 8.14 -12.32 3.08
N ASP A 94 6.90 -12.18 2.65
CA ASP A 94 6.09 -11.01 2.98
C ASP A 94 5.86 -10.93 4.49
N LYS A 95 5.73 -12.11 5.10
CA LYS A 95 5.43 -12.21 6.53
C LYS A 95 6.59 -11.68 7.38
N ARG A 96 7.80 -12.13 7.08
CA ARG A 96 8.96 -11.74 7.89
C ARG A 96 9.41 -10.31 7.58
N LEU A 97 8.99 -9.78 6.43
CA LEU A 97 9.31 -8.41 6.07
C LEU A 97 8.37 -7.41 6.76
N ALA A 98 7.49 -7.95 7.61
CA ALA A 98 6.57 -7.12 8.37
C ALA A 98 6.92 -7.15 9.85
N PHE A 99 7.59 -6.10 10.32
CA PHE A 99 8.04 -6.04 11.70
C PHE A 99 7.09 -5.19 12.53
N ASP A 100 6.10 -4.59 11.87
CA ASP A 100 5.12 -3.77 12.55
C ASP A 100 3.71 -4.22 12.18
N PRO A 101 3.16 -5.19 12.93
CA PRO A 101 1.84 -5.77 12.67
C PRO A 101 0.70 -4.75 12.82
N SER A 102 1.04 -3.54 13.27
CA SER A 102 0.04 -2.51 13.50
C SER A 102 -0.10 -1.61 12.27
N LEU A 103 0.73 -1.83 11.26
CA LEU A 103 0.67 -1.05 10.04
C LEU A 103 -0.33 -1.66 9.05
N SER A 104 -0.60 -0.93 7.98
CA SER A 104 -1.48 -1.41 6.93
C SER A 104 -0.67 -1.92 5.75
N TYR A 105 -0.86 -3.18 5.40
CA TYR A 105 -0.13 -3.79 4.30
C TYR A 105 -1.08 -4.16 3.17
N LEU A 106 -0.82 -3.63 1.99
CA LEU A 106 -1.62 -3.95 0.81
C LEU A 106 -0.83 -4.80 -0.16
N ILE A 107 -1.48 -5.81 -0.71
CA ILE A 107 -0.85 -6.71 -1.67
C ILE A 107 -1.50 -6.54 -3.03
N ILE A 108 -0.69 -6.18 -4.03
CA ILE A 108 -1.18 -5.98 -5.37
C ILE A 108 -0.80 -7.17 -6.25
N SER A 109 -1.76 -7.71 -6.97
CA SER A 109 -1.53 -8.85 -7.84
C SER A 109 -1.62 -8.45 -9.32
N LEU A 110 -0.54 -8.66 -10.05
CA LEU A 110 -0.53 -8.42 -11.48
C LEU A 110 -0.64 -9.74 -12.25
N ALA A 111 -0.97 -10.80 -11.51
CA ALA A 111 -1.13 -12.12 -12.11
C ALA A 111 -2.30 -12.13 -13.10
N GLU A 112 -3.34 -11.39 -12.76
CA GLU A 112 -4.52 -11.28 -13.62
C GLU A 112 -4.81 -9.80 -13.87
N PRO A 113 -4.16 -9.21 -14.88
CA PRO A 113 -4.22 -7.76 -15.14
C PRO A 113 -5.52 -7.28 -15.75
N GLN A 114 -6.34 -8.19 -16.25
CA GLN A 114 -7.64 -7.80 -16.82
C GLN A 114 -8.54 -7.26 -15.72
N LYS A 115 -8.38 -7.83 -14.53
CA LYS A 115 -9.08 -7.37 -13.35
C LYS A 115 -8.13 -7.44 -12.17
N PRO A 116 -7.25 -6.44 -12.03
CA PRO A 116 -6.20 -6.44 -11.00
C PRO A 116 -6.76 -6.56 -9.60
N VAL A 117 -6.25 -7.50 -8.82
CA VAL A 117 -6.72 -7.71 -7.48
C VAL A 117 -5.89 -6.92 -6.48
N CYS A 118 -6.55 -6.03 -5.77
CA CYS A 118 -5.94 -5.29 -4.68
C CYS A 118 -6.63 -5.65 -3.36
N LYS A 119 -5.87 -6.17 -2.41
CA LYS A 119 -6.43 -6.47 -1.10
C LYS A 119 -5.45 -6.04 -0.02
N SER A 120 -5.97 -5.92 1.19
CA SER A 120 -5.16 -5.52 2.33
C SER A 120 -5.08 -6.65 3.33
N PHE A 121 -3.90 -6.90 3.84
CA PHE A 121 -3.70 -7.98 4.80
C PHE A 121 -2.95 -7.45 6.02
N LEU A 122 -3.47 -7.77 7.18
CA LEU A 122 -2.81 -7.43 8.42
C LEU A 122 -1.86 -8.54 8.81
N ILE A 123 -0.58 -8.29 8.65
CA ILE A 123 0.42 -9.29 8.96
C ILE A 123 0.78 -9.21 10.44
N LYS A 124 0.35 -10.22 11.19
CA LYS A 124 0.56 -10.23 12.63
C LYS A 124 1.68 -11.19 12.99
N LYS A 125 1.90 -11.37 14.28
CA LYS A 125 2.91 -12.29 14.75
C LYS A 125 2.52 -13.72 14.42
N ASP A 126 1.33 -14.06 14.85
CA ASP A 126 0.81 -15.42 14.71
C ASP A 126 0.46 -15.74 13.26
N GLY A 127 -0.35 -14.89 12.64
CA GLY A 127 -0.80 -15.14 11.29
C GLY A 127 -1.20 -13.88 10.56
N VAL A 128 -2.03 -14.02 9.54
CA VAL A 128 -2.44 -12.90 8.72
C VAL A 128 -3.96 -12.72 8.78
N ASP A 129 -4.40 -11.48 8.92
CA ASP A 129 -5.83 -11.17 8.95
C ASP A 129 -6.19 -10.37 7.71
N GLU A 130 -7.28 -10.74 7.06
CA GLU A 130 -7.63 -10.13 5.78
C GLU A 130 -8.63 -8.99 5.94
N GLU A 131 -8.28 -7.86 5.34
CA GLU A 131 -9.08 -6.64 5.43
C GLU A 131 -9.91 -6.45 4.15
N GLU A 132 -11.06 -5.79 4.29
CA GLU A 132 -11.92 -5.51 3.16
C GLU A 132 -11.72 -4.07 2.69
N ILE A 133 -11.71 -3.86 1.38
CA ILE A 133 -11.41 -2.55 0.83
C ILE A 133 -12.67 -1.87 0.29
N ILE A 134 -12.88 -0.64 0.72
CA ILE A 134 -13.98 0.18 0.24
C ILE A 134 -13.46 1.17 -0.79
N LEU A 135 -14.22 1.38 -1.85
CA LEU A 135 -13.82 2.31 -2.90
C LEU A 135 -14.65 3.59 -2.87
N LYS A 136 -13.97 4.71 -3.06
CA LYS A 136 -14.64 5.99 -3.21
C LYS A 136 -14.27 6.62 -4.55
N GLU A 137 -15.19 7.38 -5.13
CA GLU A 137 -14.96 8.04 -6.40
C GLU A 137 -14.03 9.24 -6.24
N GLU A 138 -14.04 9.81 -5.06
CA GLU A 138 -13.25 10.99 -4.77
C GLU A 138 -12.70 10.93 -3.34
N LEU A 139 -11.75 11.81 -3.02
CA LEU A 139 -11.07 11.77 -1.72
C LEU A 139 -11.99 12.30 -0.60
N GLU A 140 -11.43 12.39 0.61
CA GLU A 140 -12.21 12.76 1.79
C GLU A 140 -12.04 14.24 2.11
N HIS A 141 -11.19 14.91 1.35
CA HIS A 141 -10.96 16.34 1.52
C HIS A 141 -11.43 17.10 0.28
N HIS A 142 -11.55 18.41 0.39
CA HIS A 142 -12.11 19.22 -0.68
C HIS A 142 -11.05 19.66 -1.68
N HIS A 143 -10.89 18.89 -2.74
CA HIS A 143 -10.13 19.33 -3.90
C HIS A 143 -11.11 19.87 -4.92
N HIS A 144 -10.63 20.64 -5.89
CA HIS A 144 -11.50 21.27 -6.88
C HIS A 144 -12.46 22.24 -6.20
N HIS A 145 -11.98 22.96 -5.19
CA HIS A 145 -12.81 23.94 -4.51
C HIS A 145 -12.97 25.19 -5.37
N HIS A 146 -13.84 25.08 -6.36
CA HIS A 146 -14.07 26.12 -7.34
C HIS A 146 -15.38 25.84 -8.06
N MET A 1 -12.91 -1.67 7.74
CA MET A 1 -12.32 -1.81 6.38
C MET A 1 -11.32 -0.69 6.11
N ILE A 2 -10.59 -0.82 5.02
CA ILE A 2 -9.70 0.24 4.56
C ILE A 2 -10.24 0.81 3.24
N THR A 3 -10.28 2.13 3.16
CA THR A 3 -10.89 2.79 2.01
C THR A 3 -9.88 3.69 1.29
N LEU A 4 -9.85 3.58 -0.03
CA LEU A 4 -9.03 4.43 -0.87
C LEU A 4 -9.77 4.75 -2.15
N THR A 5 -9.32 5.76 -2.86
CA THR A 5 -10.04 6.19 -4.05
C THR A 5 -9.56 5.45 -5.29
N LYS A 6 -10.37 5.49 -6.35
CA LYS A 6 -10.01 4.90 -7.62
C LYS A 6 -8.70 5.47 -8.12
N LYS A 7 -8.54 6.76 -7.92
CA LYS A 7 -7.32 7.49 -8.23
C LYS A 7 -6.12 6.86 -7.50
N GLN A 8 -6.29 6.54 -6.21
CA GLN A 8 -5.22 5.91 -5.45
C GLN A 8 -4.92 4.51 -5.99
N MET A 9 -5.96 3.82 -6.46
CA MET A 9 -5.78 2.54 -7.12
C MET A 9 -4.95 2.72 -8.38
N GLU A 10 -5.27 3.76 -9.14
CA GLU A 10 -4.53 4.13 -10.32
C GLU A 10 -3.07 4.45 -9.97
N GLU A 11 -2.87 5.05 -8.80
CA GLU A 11 -1.54 5.37 -8.31
C GLU A 11 -0.73 4.10 -8.06
N MET A 12 -1.36 3.13 -7.38
CA MET A 12 -0.71 1.86 -7.11
C MET A 12 -0.49 1.08 -8.42
N LEU A 13 -1.51 1.07 -9.26
CA LEU A 13 -1.45 0.38 -10.54
C LEU A 13 -0.35 0.94 -11.44
N ALA A 14 -0.22 2.26 -11.45
CA ALA A 14 0.82 2.91 -12.23
C ALA A 14 2.20 2.49 -11.76
N HIS A 15 2.40 2.48 -10.45
CA HIS A 15 3.68 2.07 -9.88
C HIS A 15 3.92 0.59 -10.16
N ALA A 16 2.87 -0.20 -10.06
CA ALA A 16 2.96 -1.63 -10.31
C ALA A 16 3.36 -1.93 -11.74
N ARG A 17 2.63 -1.35 -12.70
CA ARG A 17 2.90 -1.61 -14.11
C ARG A 17 4.29 -1.12 -14.52
N GLN A 18 4.74 -0.04 -13.88
CA GLN A 18 6.07 0.51 -14.15
C GLN A 18 7.16 -0.43 -13.65
N ALA A 19 6.94 -1.02 -12.48
CA ALA A 19 7.95 -1.85 -11.83
C ALA A 19 7.93 -3.29 -12.34
N LEU A 20 6.91 -3.66 -13.10
CA LEU A 20 6.81 -5.00 -13.66
C LEU A 20 8.06 -5.33 -14.50
N PRO A 21 8.49 -6.59 -14.49
CA PRO A 21 7.82 -7.68 -13.77
C PRO A 21 8.43 -7.96 -12.40
N ASN A 22 8.91 -6.92 -11.73
CA ASN A 22 9.50 -7.07 -10.40
C ASN A 22 8.54 -6.53 -9.34
N GLU A 23 9.02 -6.47 -8.10
CA GLU A 23 8.22 -5.95 -6.99
C GLU A 23 7.94 -4.47 -7.16
N ALA A 24 6.79 -4.05 -6.67
CA ALA A 24 6.38 -2.67 -6.73
C ALA A 24 5.85 -2.23 -5.37
N CYS A 25 6.68 -1.55 -4.59
CA CYS A 25 6.31 -1.19 -3.25
C CYS A 25 6.24 0.33 -3.08
N GLY A 26 5.58 0.76 -2.02
CA GLY A 26 5.44 2.18 -1.73
C GLY A 26 4.84 2.40 -0.37
N LEU A 27 4.36 3.60 -0.11
CA LEU A 27 3.79 3.94 1.19
C LEU A 27 2.37 4.45 1.05
N LEU A 28 1.58 4.32 2.10
CA LEU A 28 0.20 4.79 2.09
C LEU A 28 0.00 5.88 3.13
N GLY A 29 -0.56 7.00 2.70
CA GLY A 29 -0.79 8.10 3.61
C GLY A 29 -2.26 8.49 3.64
N GLY A 30 -2.74 8.83 4.83
CA GLY A 30 -4.12 9.23 4.99
C GLY A 30 -4.49 9.36 6.45
N ARG A 31 -5.73 9.02 6.78
CA ARG A 31 -6.18 9.11 8.14
C ARG A 31 -6.70 7.77 8.63
N ARG A 32 -6.30 7.40 9.83
CA ARG A 32 -6.94 6.30 10.53
C ARG A 32 -7.66 6.88 11.73
N ASP A 33 -8.96 6.67 11.80
CA ASP A 33 -9.77 7.34 12.81
C ASP A 33 -10.24 6.34 13.85
N GLY A 34 -9.38 5.37 14.13
CA GLY A 34 -9.71 4.29 15.02
C GLY A 34 -9.38 2.97 14.39
N ASP A 35 -10.38 2.32 13.83
CA ASP A 35 -10.16 1.10 13.07
C ASP A 35 -10.27 1.39 11.58
N ASP A 36 -11.04 2.43 11.26
CA ASP A 36 -11.25 2.83 9.88
C ASP A 36 -10.08 3.65 9.38
N ARG A 37 -9.64 3.32 8.18
CA ARG A 37 -8.47 3.93 7.56
C ARG A 37 -8.79 4.41 6.15
N TRP A 38 -8.65 5.71 5.94
CA TRP A 38 -8.92 6.30 4.63
C TRP A 38 -7.63 6.81 4.00
N VAL A 39 -7.30 6.28 2.83
CA VAL A 39 -6.10 6.70 2.11
C VAL A 39 -6.42 7.87 1.19
N GLU A 40 -5.98 9.06 1.56
CA GLU A 40 -6.22 10.24 0.75
C GLU A 40 -5.05 10.51 -0.21
N ARG A 41 -3.89 9.93 0.08
CA ARG A 41 -2.73 10.11 -0.79
C ARG A 41 -1.78 8.92 -0.73
N VAL A 42 -1.62 8.23 -1.86
CA VAL A 42 -0.67 7.13 -1.98
C VAL A 42 0.71 7.68 -2.33
N TYR A 43 1.74 7.13 -1.70
CA TYR A 43 3.12 7.54 -1.95
C TYR A 43 3.91 6.45 -2.66
N PRO A 44 3.88 6.41 -4.00
CA PRO A 44 4.67 5.48 -4.79
C PRO A 44 6.17 5.77 -4.65
N LEU A 45 6.81 5.11 -3.71
CA LEU A 45 8.20 5.36 -3.40
C LEU A 45 9.10 4.59 -4.36
N ASN A 46 10.36 5.01 -4.44
CA ASN A 46 11.31 4.38 -5.34
C ASN A 46 11.73 3.01 -4.80
N ASN A 47 11.84 2.06 -5.71
CA ASN A 47 12.23 0.70 -5.38
C ASN A 47 13.75 0.59 -5.35
N LEU A 48 14.29 0.35 -4.17
CA LEU A 48 15.73 0.22 -3.99
C LEU A 48 16.27 -0.97 -4.77
N ASP A 49 15.91 -2.17 -4.33
CA ASP A 49 16.35 -3.39 -4.99
C ASP A 49 15.43 -3.73 -6.15
N GLN A 50 14.12 -3.62 -5.90
CA GLN A 50 13.10 -3.99 -6.88
C GLN A 50 13.31 -5.44 -7.30
N SER A 51 13.45 -6.30 -6.31
CA SER A 51 13.66 -7.73 -6.56
C SER A 51 12.37 -8.38 -7.02
N PRO A 52 12.45 -9.48 -7.78
CA PRO A 52 11.26 -10.19 -8.27
C PRO A 52 10.50 -10.91 -7.15
N GLU A 53 11.17 -11.09 -6.01
CA GLU A 53 10.56 -11.79 -4.89
C GLU A 53 10.22 -10.82 -3.77
N HIS A 54 11.24 -10.12 -3.28
CA HIS A 54 11.10 -9.31 -2.07
C HIS A 54 11.21 -7.83 -2.40
N PHE A 55 10.94 -6.99 -1.41
CA PHE A 55 10.92 -5.54 -1.59
C PHE A 55 11.57 -4.86 -0.39
N SER A 56 12.04 -3.64 -0.59
CA SER A 56 12.63 -2.87 0.50
C SER A 56 12.54 -1.38 0.21
N MET A 57 12.28 -0.59 1.24
CA MET A 57 12.21 0.85 1.12
C MET A 57 13.32 1.49 1.95
N ASP A 58 13.81 2.64 1.51
CA ASP A 58 14.86 3.35 2.23
C ASP A 58 14.23 4.21 3.32
N PRO A 59 14.86 4.28 4.51
CA PRO A 59 14.32 5.05 5.65
C PRO A 59 14.43 6.55 5.44
N ARG A 60 15.44 6.95 4.70
CA ARG A 60 15.66 8.36 4.38
C ARG A 60 14.67 8.81 3.33
N GLU A 61 14.47 7.97 2.32
CA GLU A 61 13.46 8.23 1.30
C GLU A 61 12.08 8.28 1.94
N GLN A 62 11.82 7.34 2.83
CA GLN A 62 10.57 7.25 3.57
C GLN A 62 10.35 8.49 4.43
N LEU A 63 11.39 8.91 5.14
CA LEU A 63 11.32 10.07 6.01
C LEU A 63 10.86 11.31 5.25
N THR A 64 11.43 11.50 4.07
CA THR A 64 11.09 12.64 3.22
C THR A 64 9.62 12.62 2.84
N ALA A 65 9.08 11.44 2.59
CA ALA A 65 7.69 11.30 2.21
C ALA A 65 6.77 11.52 3.42
N VAL A 66 7.12 10.91 4.55
CA VAL A 66 6.32 11.02 5.76
C VAL A 66 6.27 12.47 6.25
N LYS A 67 7.37 13.17 6.10
CA LYS A 67 7.45 14.56 6.54
C LYS A 67 6.45 15.42 5.79
N ASP A 68 6.34 15.19 4.48
CA ASP A 68 5.39 15.93 3.65
C ASP A 68 3.97 15.51 3.97
N MET A 69 3.83 14.21 4.20
CA MET A 69 2.54 13.61 4.57
C MET A 69 2.00 14.25 5.83
N ARG A 70 2.85 14.34 6.85
CA ARG A 70 2.46 14.91 8.13
C ARG A 70 2.29 16.42 8.02
N LYS A 71 3.04 17.01 7.09
CA LYS A 71 2.98 18.46 6.86
C LYS A 71 1.61 18.87 6.35
N ASN A 72 1.00 17.99 5.55
CA ASN A 72 -0.34 18.26 5.04
C ASN A 72 -1.40 17.82 6.05
N GLY A 73 -1.01 16.96 6.98
CA GLY A 73 -1.92 16.54 8.02
C GLY A 73 -2.41 15.11 7.84
N TRP A 74 -1.51 14.23 7.44
CA TRP A 74 -1.83 12.82 7.31
C TRP A 74 -0.84 11.97 8.09
N VAL A 75 -1.16 10.70 8.24
CA VAL A 75 -0.30 9.75 8.92
C VAL A 75 -0.10 8.51 8.06
N MET A 76 0.93 7.73 8.40
CA MET A 76 1.23 6.51 7.66
C MET A 76 0.20 5.42 7.98
N LEU A 77 -0.44 4.91 6.94
CA LEU A 77 -1.43 3.86 7.12
C LEU A 77 -0.84 2.48 6.83
N GLY A 78 0.34 2.48 6.24
CA GLY A 78 1.01 1.24 5.91
C GLY A 78 1.75 1.32 4.60
N ASN A 79 1.92 0.18 3.96
CA ASN A 79 2.64 0.11 2.70
C ASN A 79 2.00 -0.92 1.79
N PHE A 80 2.46 -0.96 0.55
CA PHE A 80 1.93 -1.91 -0.43
C PHE A 80 3.06 -2.51 -1.24
N HIS A 81 2.81 -3.70 -1.78
CA HIS A 81 3.76 -4.37 -2.65
C HIS A 81 3.02 -5.38 -3.54
N SER A 82 3.37 -5.40 -4.80
CA SER A 82 2.61 -6.15 -5.80
C SER A 82 3.50 -7.19 -6.49
N HIS A 83 2.93 -8.36 -6.75
CA HIS A 83 3.65 -9.41 -7.45
C HIS A 83 2.97 -9.71 -8.77
N PRO A 84 3.76 -9.98 -9.83
CA PRO A 84 3.22 -10.23 -11.17
C PRO A 84 2.80 -11.69 -11.39
N ALA A 85 3.71 -12.63 -11.17
CA ALA A 85 3.43 -14.03 -11.44
C ALA A 85 3.18 -14.79 -10.15
N THR A 86 2.49 -14.15 -9.21
CA THR A 86 2.25 -14.75 -7.90
C THR A 86 0.96 -14.21 -7.30
N PRO A 87 0.32 -14.98 -6.41
CA PRO A 87 -0.92 -14.59 -5.73
C PRO A 87 -0.71 -13.44 -4.73
N ALA A 88 -1.80 -12.88 -4.25
CA ALA A 88 -1.75 -11.75 -3.33
C ALA A 88 -1.88 -12.22 -1.88
N ARG A 89 -0.81 -12.83 -1.36
CA ARG A 89 -0.71 -13.19 0.04
C ARG A 89 0.75 -13.27 0.46
N PRO A 90 1.03 -12.99 1.75
CA PRO A 90 2.40 -12.97 2.27
C PRO A 90 3.09 -14.33 2.18
N SER A 91 4.30 -14.34 1.63
CA SER A 91 5.09 -15.55 1.54
C SER A 91 5.91 -15.74 2.82
N ALA A 92 6.73 -16.79 2.86
CA ALA A 92 7.52 -17.11 4.05
C ALA A 92 8.51 -16.00 4.37
N GLU A 93 9.18 -15.51 3.35
CA GLU A 93 10.14 -14.42 3.51
C GLU A 93 9.42 -13.09 3.76
N ASP A 94 8.24 -12.96 3.15
CA ASP A 94 7.42 -11.75 3.32
C ASP A 94 7.08 -11.55 4.79
N LYS A 95 6.79 -12.65 5.48
CA LYS A 95 6.57 -12.66 6.93
C LYS A 95 7.78 -12.08 7.66
N ARG A 96 8.97 -12.34 7.13
CA ARG A 96 10.21 -11.88 7.75
C ARG A 96 10.41 -10.38 7.54
N LEU A 97 9.72 -9.82 6.57
CA LEU A 97 9.85 -8.42 6.23
C LEU A 97 8.75 -7.58 6.87
N ALA A 98 7.85 -8.26 7.58
CA ALA A 98 6.72 -7.59 8.21
C ALA A 98 7.13 -6.96 9.54
N PHE A 99 7.60 -5.73 9.47
CA PHE A 99 8.06 -5.02 10.66
C PHE A 99 7.04 -3.96 11.09
N ASP A 100 5.97 -3.80 10.34
CA ASP A 100 4.94 -2.82 10.67
C ASP A 100 4.19 -3.28 11.91
N PRO A 101 3.82 -2.33 12.79
CA PRO A 101 3.15 -2.65 14.05
C PRO A 101 1.70 -3.09 13.85
N SER A 102 0.91 -2.25 13.20
CA SER A 102 -0.49 -2.56 12.92
C SER A 102 -0.91 -1.90 11.63
N LEU A 103 0.06 -1.61 10.77
CA LEU A 103 -0.20 -0.92 9.52
C LEU A 103 -0.65 -1.92 8.46
N SER A 104 -1.28 -1.42 7.41
CA SER A 104 -1.87 -2.27 6.40
C SER A 104 -0.88 -2.64 5.32
N TYR A 105 -0.76 -3.93 5.04
CA TYR A 105 0.02 -4.42 3.91
C TYR A 105 -0.89 -4.68 2.74
N LEU A 106 -0.86 -3.81 1.75
CA LEU A 106 -1.66 -4.01 0.54
C LEU A 106 -0.87 -4.81 -0.47
N ILE A 107 -1.40 -5.96 -0.85
CA ILE A 107 -0.74 -6.82 -1.82
C ILE A 107 -1.60 -6.96 -3.06
N ILE A 108 -1.03 -6.61 -4.21
CA ILE A 108 -1.73 -6.68 -5.47
C ILE A 108 -1.17 -7.82 -6.32
N SER A 109 -2.06 -8.62 -6.89
CA SER A 109 -1.66 -9.69 -7.78
C SER A 109 -1.87 -9.26 -9.23
N LEU A 110 -0.78 -9.07 -9.96
CA LEU A 110 -0.86 -8.65 -11.36
C LEU A 110 -0.84 -9.87 -12.28
N ALA A 111 -1.17 -11.03 -11.71
CA ALA A 111 -1.20 -12.28 -12.45
C ALA A 111 -2.29 -12.24 -13.52
N GLU A 112 -3.33 -11.46 -13.25
CA GLU A 112 -4.44 -11.30 -14.16
C GLU A 112 -4.63 -9.81 -14.49
N PRO A 113 -3.95 -9.32 -15.55
CA PRO A 113 -3.92 -7.89 -15.89
C PRO A 113 -5.30 -7.26 -16.14
N GLN A 114 -6.31 -8.10 -16.27
CA GLN A 114 -7.68 -7.61 -16.46
C GLN A 114 -8.38 -7.46 -15.11
N LYS A 115 -7.85 -8.15 -14.11
CA LYS A 115 -8.44 -8.14 -12.78
C LYS A 115 -7.33 -8.10 -11.73
N PRO A 116 -6.75 -6.92 -11.48
CA PRO A 116 -5.71 -6.77 -10.47
C PRO A 116 -6.29 -6.93 -9.07
N VAL A 117 -5.96 -8.04 -8.44
CA VAL A 117 -6.49 -8.34 -7.12
C VAL A 117 -5.75 -7.53 -6.07
N CYS A 118 -6.49 -6.69 -5.35
CA CYS A 118 -5.92 -5.90 -4.29
C CYS A 118 -6.54 -6.31 -2.96
N LYS A 119 -5.72 -6.79 -2.04
CA LYS A 119 -6.20 -7.14 -0.71
C LYS A 119 -5.32 -6.47 0.33
N SER A 120 -5.84 -6.37 1.54
CA SER A 120 -5.12 -5.73 2.63
C SER A 120 -4.88 -6.74 3.73
N PHE A 121 -3.65 -6.86 4.17
CA PHE A 121 -3.31 -7.80 5.23
C PHE A 121 -2.63 -7.10 6.39
N LEU A 122 -3.10 -7.39 7.59
CA LEU A 122 -2.45 -6.90 8.78
C LEU A 122 -1.64 -8.03 9.39
N ILE A 123 -0.32 -7.95 9.27
CA ILE A 123 0.53 -9.02 9.74
C ILE A 123 0.88 -8.82 11.21
N LYS A 124 0.29 -9.67 12.04
CA LYS A 124 0.46 -9.60 13.48
C LYS A 124 1.35 -10.74 13.94
N LYS A 125 1.51 -10.88 15.25
CA LYS A 125 2.26 -11.99 15.81
C LYS A 125 1.43 -13.26 15.73
N ASP A 126 0.22 -13.17 16.26
CA ASP A 126 -0.73 -14.29 16.26
C ASP A 126 -0.93 -14.87 14.87
N GLY A 127 -1.06 -13.98 13.88
CA GLY A 127 -1.26 -14.42 12.51
C GLY A 127 -1.46 -13.24 11.58
N VAL A 128 -2.13 -13.48 10.46
CA VAL A 128 -2.38 -12.42 9.50
C VAL A 128 -3.88 -12.12 9.41
N ASP A 129 -4.21 -10.84 9.47
CA ASP A 129 -5.60 -10.40 9.39
C ASP A 129 -5.93 -10.02 7.96
N GLU A 130 -7.05 -10.50 7.45
CA GLU A 130 -7.42 -10.28 6.07
C GLU A 130 -8.48 -9.18 5.95
N GLU A 131 -8.17 -8.16 5.16
CA GLU A 131 -9.08 -7.04 4.94
C GLU A 131 -9.23 -6.78 3.44
N GLU A 132 -10.36 -6.22 3.04
CA GLU A 132 -10.62 -5.93 1.65
C GLU A 132 -10.50 -4.44 1.36
N ILE A 133 -10.43 -4.10 0.08
CA ILE A 133 -10.22 -2.72 -0.35
C ILE A 133 -11.54 -2.12 -0.82
N ILE A 134 -11.93 -1.02 -0.21
CA ILE A 134 -13.11 -0.28 -0.61
C ILE A 134 -12.71 0.94 -1.42
N LEU A 135 -13.42 1.19 -2.52
CA LEU A 135 -13.08 2.27 -3.43
C LEU A 135 -13.99 3.48 -3.24
N LYS A 136 -13.45 4.65 -3.49
CA LYS A 136 -14.23 5.88 -3.46
C LYS A 136 -13.93 6.71 -4.71
N GLU A 137 -14.92 7.42 -5.20
CA GLU A 137 -14.79 8.21 -6.41
C GLU A 137 -14.03 9.50 -6.16
N GLU A 138 -14.07 9.96 -4.93
CA GLU A 138 -13.43 11.22 -4.57
C GLU A 138 -12.79 11.08 -3.20
N LEU A 139 -11.92 12.01 -2.85
CA LEU A 139 -11.17 11.93 -1.60
C LEU A 139 -12.08 12.09 -0.39
N GLU A 140 -11.49 11.96 0.79
CA GLU A 140 -12.20 12.19 2.04
C GLU A 140 -12.27 13.70 2.27
N HIS A 141 -13.07 14.13 3.24
CA HIS A 141 -13.23 15.56 3.56
C HIS A 141 -13.97 16.28 2.43
N HIS A 142 -14.53 15.51 1.51
CA HIS A 142 -15.16 16.08 0.33
C HIS A 142 -16.33 15.23 -0.14
N HIS A 143 -16.80 15.50 -1.36
CA HIS A 143 -18.02 14.91 -1.89
C HIS A 143 -18.16 15.28 -3.36
N HIS A 144 -17.87 16.55 -3.66
CA HIS A 144 -17.90 17.08 -5.02
C HIS A 144 -17.57 18.57 -4.96
N HIS A 145 -16.61 19.00 -5.78
CA HIS A 145 -16.19 20.41 -5.83
C HIS A 145 -15.42 20.78 -4.55
N HIS A 146 -14.57 21.80 -4.65
CA HIS A 146 -13.83 22.31 -3.48
C HIS A 146 -14.77 22.65 -2.34
#